data_3KFE
#
_entry.id   3KFE
#
_cell.length_a   261.450
_cell.length_b   161.920
_cell.length_c   147.370
_cell.angle_alpha   90.00
_cell.angle_beta   124.12
_cell.angle_gamma   90.00
#
_symmetry.space_group_name_H-M   'C 1 2 1'
#
loop_
_entity.id
_entity.type
_entity.pdbx_description
1 polymer Chaperonin
2 non-polymer 'MAGNESIUM ION'
3 non-polymer "ADENOSINE-5'-DIPHOSPHATE"
4 non-polymer 'SULFATE ION'
#
_entity_poly.entity_id   1
_entity_poly.type   'polypeptide(L)'
_entity_poly.pdbx_seq_one_letter_code
;MSQQPGVLPENMKRYMGRDAQRMNILAGRIIAETVRSTLGPKGMDKMLVDDLGDVVVTNDGVTILREMSVEHPAAKMLIE
VAKTQEKEVGDGTTTAVVVAGELLRKAEELLDQNVHPTIVVKGYQAAAQKAQELLKTIACEVGAQDKEILTKIAMTSITG
KGAEKAKEKLAEIIVEAVSAVVDDEGKVDKDLIKIEKKSGASIDDTELIKGVLVDKERVSAQMPKKVTDAKIALLNCAIE
ETASEMLKDMVAEIKASGANVLFCQKGIDDLAQHYLAKEGIVAARRVKKSDMEKLAKATGANVITNIKDLSAQDLGDAGL
VEERKISGDSMIFVEECKHPKAVTMLIRGTTEHVIEEVARAVDDAVGVVGCTIEDGRIVSGGGSTEVELSMKLREYAEGI
SGREQLAVRAFADALEVIPRTLAENAGLDAIEILVKVRAAHASNGNKCAGLNVFTGAVEDMCENGVVEPLRVKTQAIQSA
AESTEMLLRIDDVIAAEKLRGAPDMGDMGGMPGMGGMPGMM
;
_entity_poly.pdbx_strand_id   A,B,C,D,E,F,G,H
#
loop_
_chem_comp.id
_chem_comp.type
_chem_comp.name
_chem_comp.formula
ADP non-polymer ADENOSINE-5'-DIPHOSPHATE 'C10 H15 N5 O10 P2'
MG non-polymer 'MAGNESIUM ION' 'Mg 2'
SO4 non-polymer 'SULFATE ION' 'O4 S -2'
#
# COMPACT_ATOMS: atom_id res chain seq x y z
N ASN A 11 33.67 -12.74 -14.45
CA ASN A 11 32.38 -13.40 -14.39
C ASN A 11 32.44 -14.92 -14.65
N MET A 12 32.68 -15.73 -13.60
CA MET A 12 33.01 -15.25 -12.26
C MET A 12 34.00 -16.21 -11.59
N LYS A 13 33.69 -17.51 -11.62
CA LYS A 13 34.58 -18.55 -11.09
C LYS A 13 34.69 -19.72 -12.07
N ARG A 14 35.91 -20.08 -12.46
CA ARG A 14 36.11 -21.23 -13.32
C ARG A 14 37.32 -22.03 -12.90
N TYR A 15 37.19 -23.36 -12.91
CA TYR A 15 38.30 -24.23 -12.53
C TYR A 15 38.81 -25.09 -13.69
N MET A 16 40.12 -25.05 -13.91
CA MET A 16 40.72 -25.64 -15.10
C MET A 16 41.37 -26.99 -14.84
N GLY A 17 41.10 -27.94 -15.74
CA GLY A 17 41.84 -29.20 -15.84
C GLY A 17 42.05 -29.96 -14.54
N ARG A 18 43.30 -30.08 -14.11
CA ARG A 18 43.65 -30.82 -12.87
C ARG A 18 43.05 -30.19 -11.62
N ASP A 19 42.67 -28.90 -11.70
CA ASP A 19 42.00 -28.21 -10.61
C ASP A 19 40.52 -28.56 -10.54
N ALA A 20 39.86 -28.59 -11.70
CA ALA A 20 38.46 -28.95 -11.78
C ALA A 20 38.22 -30.41 -11.44
N GLN A 21 39.10 -31.29 -11.86
CA GLN A 21 38.99 -32.69 -11.49
C GLN A 21 39.24 -32.84 -9.98
N ARG A 22 40.32 -32.27 -9.49
CA ARG A 22 40.59 -32.40 -8.06
C ARG A 22 39.43 -31.82 -7.24
N MET A 23 38.84 -30.72 -7.73
CA MET A 23 37.70 -30.11 -7.06
C MET A 23 36.59 -31.15 -6.92
N ASN A 24 36.21 -31.77 -8.03
CA ASN A 24 35.07 -32.66 -8.05
C ASN A 24 35.35 -33.95 -7.33
N ILE A 25 36.49 -34.54 -7.61
CA ILE A 25 36.84 -35.80 -7.02
C ILE A 25 36.92 -35.61 -5.53
N LEU A 26 37.32 -34.42 -5.11
CA LEU A 26 37.41 -34.15 -3.69
C LEU A 26 36.01 -33.92 -3.10
N ALA A 27 35.24 -33.09 -3.78
CA ALA A 27 33.89 -32.78 -3.33
C ALA A 27 33.14 -34.08 -3.16
N GLY A 28 33.38 -35.01 -4.06
CA GLY A 28 32.76 -36.31 -4.01
C GLY A 28 33.18 -37.05 -2.76
N ARG A 29 34.48 -37.20 -2.58
CA ARG A 29 34.95 -38.04 -1.48
C ARG A 29 34.46 -37.49 -0.16
N ILE A 30 34.06 -36.23 -0.15
CA ILE A 30 33.69 -35.58 1.10
C ILE A 30 32.28 -35.90 1.59
N ILE A 31 31.31 -35.94 0.69
CA ILE A 31 30.00 -36.33 1.14
C ILE A 31 30.03 -37.84 1.33
N ALA A 32 31.01 -38.49 0.72
CA ALA A 32 31.16 -39.92 0.94
C ALA A 32 31.63 -40.13 2.38
N GLU A 33 32.69 -39.44 2.77
CA GLU A 33 33.27 -39.57 4.11
C GLU A 33 32.30 -39.10 5.19
N THR A 34 31.21 -38.47 4.73
CA THR A 34 30.20 -37.91 5.61
C THR A 34 29.19 -38.96 6.06
N VAL A 35 29.16 -40.09 5.37
CA VAL A 35 28.27 -41.17 5.78
C VAL A 35 29.04 -42.47 6.06
N ARG A 36 30.33 -42.47 5.76
CA ARG A 36 31.18 -43.60 6.07
C ARG A 36 30.91 -44.11 7.48
N SER A 37 30.55 -43.20 8.37
CA SER A 37 30.49 -43.54 9.78
C SER A 37 29.20 -44.27 10.19
N THR A 38 28.22 -44.34 9.29
CA THR A 38 26.95 -44.96 9.64
C THR A 38 26.90 -46.40 9.18
N LEU A 39 27.96 -46.82 8.50
CA LEU A 39 27.96 -48.09 7.80
C LEU A 39 28.13 -49.27 8.76
N GLY A 40 27.16 -50.17 8.76
CA GLY A 40 27.23 -51.33 9.62
C GLY A 40 26.44 -51.14 10.90
N PRO A 41 26.30 -52.23 11.69
CA PRO A 41 25.63 -52.25 12.98
C PRO A 41 26.41 -51.50 14.04
N LYS A 42 27.75 -51.60 14.00
CA LYS A 42 28.59 -50.85 14.92
C LYS A 42 28.87 -49.47 14.34
N GLY A 43 27.91 -48.96 13.58
CA GLY A 43 28.04 -47.64 13.01
C GLY A 43 27.23 -46.65 13.82
N MET A 44 27.56 -45.37 13.67
CA MET A 44 26.96 -44.29 14.45
C MET A 44 25.94 -43.43 13.69
N ASP A 45 25.12 -42.70 14.44
CA ASP A 45 24.09 -41.83 13.89
C ASP A 45 24.52 -40.35 13.82
N LYS A 46 23.97 -39.62 12.85
CA LYS A 46 24.19 -38.17 12.70
C LYS A 46 22.97 -37.43 13.24
N MET A 47 23.14 -36.51 14.18
CA MET A 47 22.03 -35.60 14.51
C MET A 47 22.08 -34.34 13.69
N LEU A 48 20.95 -33.95 13.16
CA LEU A 48 20.97 -33.02 12.07
C LEU A 48 19.95 -31.89 12.20
N VAL A 49 20.36 -30.80 12.85
CA VAL A 49 19.54 -29.61 13.02
C VAL A 49 19.50 -28.89 11.72
N ASP A 50 18.51 -28.00 11.56
CA ASP A 50 18.54 -27.10 10.41
C ASP A 50 18.67 -25.67 10.94
N ASP A 51 17.92 -24.73 10.37
CA ASP A 51 18.05 -23.31 10.75
C ASP A 51 16.89 -22.92 11.64
N LEU A 52 16.04 -23.89 11.92
CA LEU A 52 14.82 -23.67 12.67
C LEU A 52 14.83 -24.42 13.99
N GLY A 53 16.01 -24.76 14.48
CA GLY A 53 16.13 -25.57 15.68
C GLY A 53 15.53 -26.95 15.52
N ASP A 54 15.03 -27.25 14.31
CA ASP A 54 14.43 -28.55 13.98
C ASP A 54 15.43 -29.68 13.89
N VAL A 55 15.35 -30.64 14.80
CA VAL A 55 16.34 -31.69 14.82
C VAL A 55 15.83 -32.95 14.13
N VAL A 56 16.76 -33.76 13.64
CA VAL A 56 16.40 -35.07 13.16
C VAL A 56 17.60 -35.97 13.19
N VAL A 57 17.45 -37.07 13.91
CA VAL A 57 18.52 -38.03 14.19
C VAL A 57 18.28 -39.24 13.31
N THR A 58 19.34 -39.71 12.65
CA THR A 58 19.19 -40.89 11.80
C THR A 58 20.51 -41.54 11.43
N ASN A 59 20.43 -42.81 11.05
CA ASN A 59 21.57 -43.58 10.56
C ASN A 59 21.31 -43.87 9.08
N ASP A 60 20.13 -43.47 8.62
CA ASP A 60 19.73 -43.73 7.24
C ASP A 60 20.53 -42.81 6.32
N GLY A 61 21.37 -43.42 5.48
CA GLY A 61 22.19 -42.68 4.53
C GLY A 61 21.55 -41.54 3.78
N VAL A 62 20.56 -41.83 2.94
CA VAL A 62 19.98 -40.82 2.04
C VAL A 62 19.37 -39.63 2.75
N THR A 63 18.54 -39.86 3.76
CA THR A 63 17.93 -38.73 4.48
C THR A 63 19.03 -37.83 5.03
N ILE A 64 20.02 -38.41 5.70
CA ILE A 64 21.20 -37.63 6.04
C ILE A 64 21.65 -36.73 4.87
N LEU A 65 21.93 -37.31 3.72
CA LEU A 65 22.37 -36.52 2.56
C LEU A 65 21.33 -35.51 2.09
N ARG A 66 20.13 -36.00 1.75
CA ARG A 66 19.05 -35.10 1.35
C ARG A 66 18.96 -33.94 2.29
N GLU A 67 18.62 -34.22 3.55
CA GLU A 67 18.28 -33.14 4.48
C GLU A 67 19.48 -32.44 5.11
N MET A 68 20.51 -32.19 4.32
CA MET A 68 21.53 -31.23 4.71
C MET A 68 21.84 -30.36 3.52
N SER A 69 22.17 -29.11 3.80
CA SER A 69 22.36 -28.15 2.73
C SER A 69 23.68 -28.42 2.04
N VAL A 70 23.67 -29.28 1.04
CA VAL A 70 24.88 -29.52 0.27
C VAL A 70 24.83 -28.67 -0.98
N GLU A 71 25.89 -27.91 -1.22
CA GLU A 71 25.84 -26.86 -2.23
C GLU A 71 26.68 -27.12 -3.47
N HIS A 72 27.88 -27.61 -3.21
CA HIS A 72 28.85 -27.87 -4.26
C HIS A 72 28.22 -28.76 -5.31
N PRO A 73 28.32 -28.39 -6.58
CA PRO A 73 27.69 -29.11 -7.69
C PRO A 73 28.16 -30.55 -7.87
N ALA A 74 29.46 -30.84 -7.74
CA ALA A 74 29.93 -32.22 -7.80
C ALA A 74 29.17 -33.07 -6.80
N ALA A 75 29.26 -32.71 -5.53
CA ALA A 75 28.58 -33.45 -4.48
C ALA A 75 27.08 -33.57 -4.71
N LYS A 76 26.45 -32.51 -5.22
CA LYS A 76 25.01 -32.55 -5.50
C LYS A 76 24.66 -33.77 -6.30
N MET A 77 25.67 -34.33 -6.98
CA MET A 77 25.43 -35.45 -7.90
C MET A 77 25.78 -36.81 -7.38
N LEU A 78 26.53 -36.91 -6.30
CA LEU A 78 26.63 -38.19 -5.61
C LEU A 78 25.35 -38.40 -4.82
N ILE A 79 24.69 -37.31 -4.49
CA ILE A 79 23.46 -37.41 -3.74
C ILE A 79 22.41 -37.94 -4.68
N GLU A 80 22.68 -37.84 -5.96
CA GLU A 80 21.82 -38.44 -6.97
C GLU A 80 21.81 -39.95 -6.77
N VAL A 81 22.98 -40.52 -6.64
CA VAL A 81 23.15 -41.96 -6.52
C VAL A 81 22.34 -42.50 -5.35
N ALA A 82 22.50 -41.86 -4.17
CA ALA A 82 21.77 -42.24 -2.95
C ALA A 82 20.27 -42.06 -3.12
N LYS A 83 19.90 -41.05 -3.89
CA LYS A 83 18.50 -40.67 -4.00
C LYS A 83 17.76 -41.69 -4.84
N THR A 84 18.47 -42.38 -5.75
CA THR A 84 17.85 -43.37 -6.62
C THR A 84 18.05 -44.77 -6.08
N GLN A 85 19.03 -44.92 -5.23
CA GLN A 85 19.17 -46.19 -4.55
C GLN A 85 17.94 -46.36 -3.70
N GLU A 86 17.60 -45.34 -2.92
CA GLU A 86 16.44 -45.40 -2.06
C GLU A 86 15.17 -45.63 -2.87
N LYS A 87 15.17 -45.10 -4.08
CA LYS A 87 14.02 -45.18 -4.97
C LYS A 87 13.83 -46.60 -5.52
N GLU A 88 14.94 -47.27 -5.83
CA GLU A 88 14.88 -48.56 -6.50
C GLU A 88 15.17 -49.73 -5.60
N VAL A 89 15.43 -49.49 -4.32
CA VAL A 89 15.72 -50.57 -3.39
C VAL A 89 15.12 -50.28 -2.02
N GLY A 90 15.80 -49.48 -1.22
CA GLY A 90 15.27 -49.06 0.07
C GLY A 90 16.40 -49.04 1.08
N ASP A 91 17.23 -50.07 1.00
CA ASP A 91 18.43 -50.18 1.83
C ASP A 91 19.65 -49.99 0.94
N GLY A 92 20.80 -49.86 1.57
CA GLY A 92 22.05 -49.74 0.86
C GLY A 92 22.18 -48.42 0.14
N THR A 93 21.67 -47.36 0.75
CA THR A 93 21.87 -46.00 0.25
C THR A 93 23.27 -45.50 0.63
N THR A 94 23.67 -45.71 1.88
CA THR A 94 25.03 -45.39 2.30
C THR A 94 26.09 -46.12 1.45
N THR A 95 25.93 -47.42 1.22
CA THR A 95 26.95 -48.17 0.45
C THR A 95 27.10 -47.74 -1.00
N ALA A 96 26.03 -47.27 -1.62
CA ALA A 96 26.11 -46.86 -3.01
C ALA A 96 26.93 -45.60 -3.09
N VAL A 97 26.67 -44.69 -2.15
CA VAL A 97 27.40 -43.43 -2.05
C VAL A 97 28.84 -43.69 -1.68
N VAL A 98 29.04 -44.57 -0.70
CA VAL A 98 30.38 -44.86 -0.17
C VAL A 98 31.33 -45.42 -1.22
N VAL A 99 30.88 -46.42 -1.97
CA VAL A 99 31.61 -46.96 -3.11
C VAL A 99 31.89 -45.90 -4.15
N ALA A 100 30.89 -45.06 -4.41
CA ALA A 100 31.00 -43.98 -5.40
C ALA A 100 32.15 -43.07 -5.02
N GLY A 101 32.36 -42.90 -3.73
CA GLY A 101 33.41 -42.04 -3.27
C GLY A 101 34.71 -42.74 -3.55
N GLU A 102 34.76 -44.02 -3.22
CA GLU A 102 35.99 -44.78 -3.28
C GLU A 102 36.40 -45.06 -4.71
N LEU A 103 35.48 -44.93 -5.66
CA LEU A 103 35.87 -45.04 -7.05
C LEU A 103 36.56 -43.76 -7.48
N LEU A 104 36.07 -42.63 -6.96
CA LEU A 104 36.72 -41.34 -7.19
C LEU A 104 38.09 -41.31 -6.54
N ARG A 105 38.22 -41.88 -5.34
CA ARG A 105 39.52 -41.90 -4.69
C ARG A 105 40.51 -42.65 -5.55
N LYS A 106 40.18 -43.88 -5.92
CA LYS A 106 41.09 -44.67 -6.74
C LYS A 106 41.27 -44.05 -8.13
N ALA A 107 40.27 -43.33 -8.59
CA ALA A 107 40.38 -42.77 -9.91
C ALA A 107 41.51 -41.75 -10.03
N GLU A 108 41.82 -41.02 -8.96
CA GLU A 108 42.85 -39.97 -9.07
C GLU A 108 44.25 -40.52 -8.87
N GLU A 109 44.35 -41.74 -8.38
CA GLU A 109 45.64 -42.40 -8.31
C GLU A 109 46.14 -42.71 -9.73
N LEU A 110 45.20 -42.85 -10.67
CA LEU A 110 45.53 -43.12 -12.06
C LEU A 110 45.69 -41.84 -12.83
N LEU A 111 44.97 -40.80 -12.42
CA LEU A 111 45.01 -39.53 -13.12
C LEU A 111 46.32 -38.84 -12.79
N ASP A 112 46.78 -39.07 -11.57
CA ASP A 112 48.02 -38.49 -11.11
C ASP A 112 49.18 -39.33 -11.62
N GLN A 113 48.84 -40.34 -12.42
CA GLN A 113 49.83 -41.14 -13.15
C GLN A 113 49.65 -40.91 -14.65
N ASN A 114 48.91 -39.84 -14.98
CA ASN A 114 48.72 -39.39 -16.36
C ASN A 114 47.95 -40.35 -17.24
N VAL A 115 47.11 -41.19 -16.63
CA VAL A 115 46.15 -41.95 -17.40
C VAL A 115 45.06 -40.97 -17.86
N HIS A 116 44.63 -41.09 -19.11
CA HIS A 116 43.63 -40.18 -19.65
C HIS A 116 42.31 -40.46 -18.97
N PRO A 117 41.53 -39.41 -18.63
CA PRO A 117 40.25 -39.68 -18.01
C PRO A 117 39.42 -40.65 -18.81
N THR A 118 39.44 -40.52 -20.13
CA THR A 118 38.57 -41.37 -20.98
C THR A 118 38.98 -42.83 -20.97
N ILE A 119 40.22 -43.10 -20.60
CA ILE A 119 40.69 -44.47 -20.45
C ILE A 119 40.21 -45.04 -19.12
N VAL A 120 40.30 -44.22 -18.07
CA VAL A 120 39.80 -44.61 -16.76
C VAL A 120 38.33 -44.95 -16.88
N VAL A 121 37.56 -44.01 -17.43
CA VAL A 121 36.11 -44.21 -17.54
C VAL A 121 35.74 -45.36 -18.48
N LYS A 122 36.66 -45.74 -19.36
CA LYS A 122 36.44 -46.87 -20.24
C LYS A 122 36.51 -48.13 -19.42
N GLY A 123 37.59 -48.24 -18.64
CA GLY A 123 37.86 -49.43 -17.86
C GLY A 123 36.99 -49.61 -16.63
N TYR A 124 36.50 -48.50 -16.08
CA TYR A 124 35.50 -48.52 -15.02
C TYR A 124 34.22 -49.08 -15.56
N GLN A 125 33.84 -48.62 -16.74
CA GLN A 125 32.64 -49.14 -17.37
C GLN A 125 32.80 -50.63 -17.58
N ALA A 126 33.97 -51.03 -18.09
CA ALA A 126 34.25 -52.43 -18.39
C ALA A 126 34.02 -53.31 -17.19
N ALA A 127 34.46 -52.84 -16.03
CA ALA A 127 34.42 -53.62 -14.81
C ALA A 127 33.02 -53.59 -14.21
N ALA A 128 32.35 -52.46 -14.32
CA ALA A 128 30.97 -52.37 -13.88
C ALA A 128 30.14 -53.37 -14.67
N GLN A 129 30.48 -53.54 -15.95
CA GLN A 129 29.78 -54.46 -16.86
C GLN A 129 29.95 -55.86 -16.31
N LYS A 130 31.21 -56.21 -16.06
CA LYS A 130 31.57 -57.53 -15.57
C LYS A 130 30.95 -57.85 -14.23
N ALA A 131 31.08 -56.92 -13.30
CA ALA A 131 30.61 -57.17 -11.95
C ALA A 131 29.11 -57.40 -11.96
N GLN A 132 28.44 -56.97 -13.02
CA GLN A 132 27.00 -57.11 -13.09
C GLN A 132 26.58 -58.53 -13.41
N GLU A 133 27.34 -59.21 -14.27
CA GLU A 133 27.02 -60.60 -14.60
C GLU A 133 27.75 -61.56 -13.66
N LEU A 134 28.77 -61.01 -12.99
CA LEU A 134 29.51 -61.72 -11.94
C LEU A 134 28.69 -61.87 -10.67
N LEU A 135 27.74 -60.97 -10.48
CA LEU A 135 26.84 -61.05 -9.37
C LEU A 135 25.71 -61.99 -9.71
N LYS A 136 25.17 -61.84 -10.92
CA LYS A 136 24.08 -62.68 -11.39
C LYS A 136 24.31 -64.14 -11.01
N THR A 137 25.54 -64.59 -11.21
CA THR A 137 25.91 -65.99 -10.99
C THR A 137 26.18 -66.37 -9.53
N ILE A 138 26.54 -65.40 -8.71
CA ILE A 138 26.86 -65.74 -7.32
C ILE A 138 25.74 -65.34 -6.38
N ALA A 139 24.54 -65.28 -6.90
CA ALA A 139 23.37 -64.96 -6.11
C ALA A 139 22.48 -66.17 -5.94
N CYS A 140 22.32 -66.60 -4.69
CA CYS A 140 21.48 -67.76 -4.35
C CYS A 140 20.02 -67.51 -4.72
N GLU A 141 19.32 -68.55 -5.13
CA GLU A 141 17.89 -68.39 -5.42
C GLU A 141 17.08 -68.52 -4.15
N VAL A 142 15.87 -67.98 -4.13
CA VAL A 142 15.01 -68.07 -2.95
C VAL A 142 13.54 -68.04 -3.36
N GLY A 143 12.70 -68.68 -2.57
CA GLY A 143 11.29 -68.73 -2.86
C GLY A 143 10.62 -67.47 -2.41
N ALA A 144 9.80 -66.90 -3.28
CA ALA A 144 9.07 -65.68 -2.98
C ALA A 144 8.30 -65.75 -1.65
N GLN A 145 8.14 -66.94 -1.04
CA GLN A 145 7.39 -67.08 0.23
C GLN A 145 8.16 -67.87 1.16
N ASP A 146 9.43 -68.09 0.85
CA ASP A 146 10.34 -68.70 1.81
C ASP A 146 10.31 -67.81 3.03
N LYS A 147 9.21 -67.86 3.77
CA LYS A 147 8.90 -66.88 4.80
C LYS A 147 9.93 -66.91 5.92
N GLU A 148 10.88 -67.82 5.84
CA GLU A 148 11.92 -67.90 6.85
C GLU A 148 13.08 -67.03 6.41
N ILE A 149 13.45 -67.16 5.15
CA ILE A 149 14.55 -66.41 4.55
C ILE A 149 14.17 -64.97 4.43
N LEU A 150 12.94 -64.70 4.06
CA LEU A 150 12.44 -63.33 4.02
C LEU A 150 12.68 -62.61 5.34
N THR A 151 12.67 -63.38 6.43
CA THR A 151 12.81 -62.78 7.76
C THR A 151 14.27 -62.62 8.16
N LYS A 152 15.14 -63.43 7.57
CA LYS A 152 16.57 -63.24 7.76
C LYS A 152 16.97 -62.01 6.98
N ILE A 153 16.27 -61.74 5.88
CA ILE A 153 16.58 -60.57 5.08
C ILE A 153 16.11 -59.30 5.75
N ALA A 154 14.92 -59.35 6.34
CA ALA A 154 14.35 -58.18 7.00
C ALA A 154 15.02 -57.90 8.31
N MET A 155 15.74 -58.89 8.82
CA MET A 155 16.43 -58.74 10.08
C MET A 155 17.83 -58.23 9.80
N THR A 156 18.39 -58.55 8.65
CA THR A 156 19.73 -58.07 8.31
C THR A 156 19.67 -56.60 7.97
N SER A 157 18.48 -56.16 7.56
CA SER A 157 18.25 -54.77 7.18
C SER A 157 18.16 -53.86 8.40
N ILE A 158 17.30 -54.22 9.35
CA ILE A 158 17.15 -53.47 10.59
C ILE A 158 18.43 -53.34 11.41
N THR A 159 19.16 -54.43 11.59
CA THR A 159 20.54 -54.34 12.08
C THR A 159 21.27 -53.44 11.08
N GLY A 160 22.40 -52.87 11.48
CA GLY A 160 23.07 -51.93 10.58
C GLY A 160 22.51 -50.54 10.80
N LYS A 161 21.26 -50.49 11.24
CA LYS A 161 20.70 -49.34 11.93
C LYS A 161 20.85 -49.57 13.43
N GLY A 162 21.84 -50.36 13.79
CA GLY A 162 22.04 -50.78 15.17
C GLY A 162 21.46 -52.14 15.45
N ALA A 163 22.27 -53.01 16.06
CA ALA A 163 21.80 -54.33 16.39
C ALA A 163 20.63 -54.29 17.36
N GLU A 164 20.45 -53.15 18.04
CA GLU A 164 19.47 -53.06 19.12
C GLU A 164 18.06 -52.76 18.62
N LYS A 165 17.92 -52.44 17.35
CA LYS A 165 16.60 -52.28 16.80
C LYS A 165 16.13 -53.62 16.27
N ALA A 166 17.08 -54.56 16.18
CA ALA A 166 16.85 -55.87 15.53
C ALA A 166 15.91 -56.78 16.29
N LYS A 167 14.86 -56.22 16.88
CA LYS A 167 13.87 -56.99 17.61
C LYS A 167 13.32 -58.10 16.73
N GLU A 168 13.40 -59.35 17.20
CA GLU A 168 13.01 -60.50 16.39
C GLU A 168 11.55 -60.42 15.95
N LYS A 169 10.66 -60.08 16.88
CA LYS A 169 9.24 -60.09 16.57
C LYS A 169 8.82 -58.88 15.78
N LEU A 170 9.79 -58.10 15.34
CA LEU A 170 9.52 -56.94 14.48
C LEU A 170 9.80 -57.29 13.04
N ALA A 171 10.85 -58.07 12.79
CA ALA A 171 11.14 -58.57 11.47
C ALA A 171 9.94 -59.36 11.00
N GLU A 172 9.50 -60.27 11.86
CA GLU A 172 8.37 -61.13 11.55
C GLU A 172 7.15 -60.32 11.13
N ILE A 173 6.85 -59.26 11.87
CA ILE A 173 5.69 -58.44 11.56
C ILE A 173 5.77 -57.90 10.15
N ILE A 174 6.94 -57.37 9.79
CA ILE A 174 7.21 -56.77 8.48
C ILE A 174 7.07 -57.74 7.31
N VAL A 175 7.75 -58.88 7.41
CA VAL A 175 7.61 -59.93 6.41
C VAL A 175 6.15 -60.21 6.15
N GLU A 176 5.44 -60.56 7.21
CA GLU A 176 4.01 -60.84 7.10
C GLU A 176 3.28 -59.72 6.37
N ALA A 177 3.60 -58.47 6.72
CA ALA A 177 2.87 -57.32 6.22
C ALA A 177 3.21 -56.93 4.79
N VAL A 178 4.40 -57.30 4.32
CA VAL A 178 4.77 -57.10 2.92
C VAL A 178 4.22 -58.24 2.09
N SER A 179 4.12 -59.42 2.71
CA SER A 179 3.57 -60.59 2.03
C SER A 179 2.08 -60.41 1.73
N ALA A 180 1.39 -59.69 2.60
CA ALA A 180 -0.02 -59.42 2.40
C ALA A 180 -0.31 -58.58 1.15
N VAL A 181 0.43 -57.49 0.97
CA VAL A 181 0.13 -56.51 -0.07
C VAL A 181 0.68 -56.86 -1.45
N VAL A 182 1.07 -58.12 -1.65
CA VAL A 182 1.66 -58.53 -2.91
C VAL A 182 0.60 -58.57 -4.01
N ASP A 183 0.83 -57.82 -5.08
CA ASP A 183 -0.15 -57.75 -6.17
C ASP A 183 0.10 -58.78 -7.28
N ASP A 184 -0.51 -59.94 -7.11
CA ASP A 184 -0.36 -61.06 -8.03
C ASP A 184 -0.79 -60.72 -9.46
N GLU A 185 0.16 -60.73 -10.38
CA GLU A 185 1.56 -60.90 -10.05
C GLU A 185 2.31 -59.71 -10.56
N GLY A 186 3.42 -59.40 -9.90
CA GLY A 186 3.86 -60.14 -8.73
C GLY A 186 4.68 -59.25 -7.85
N LYS A 187 4.34 -57.96 -7.87
CA LYS A 187 5.15 -56.90 -7.27
C LYS A 187 4.63 -56.41 -5.93
N VAL A 188 5.47 -55.71 -5.21
CA VAL A 188 5.06 -55.13 -3.94
C VAL A 188 4.93 -53.62 -4.07
N ASP A 189 3.73 -53.10 -3.81
CA ASP A 189 3.55 -51.65 -3.76
C ASP A 189 3.90 -51.12 -2.39
N LYS A 190 5.10 -50.59 -2.26
CA LYS A 190 5.62 -50.12 -0.97
C LYS A 190 4.66 -49.10 -0.33
N ASP A 191 3.67 -48.63 -1.09
CA ASP A 191 2.68 -47.64 -0.64
C ASP A 191 1.36 -48.26 -0.18
N LEU A 192 1.23 -49.60 -0.28
CA LEU A 192 0.03 -50.30 0.15
C LEU A 192 0.12 -50.65 1.62
N ILE A 193 1.33 -50.52 2.16
CA ILE A 193 1.59 -50.70 3.57
C ILE A 193 1.64 -49.32 4.22
N LYS A 194 0.55 -48.93 4.87
CA LYS A 194 0.47 -47.65 5.55
C LYS A 194 1.26 -47.72 6.84
N ILE A 195 2.09 -46.71 7.08
CA ILE A 195 2.89 -46.66 8.30
C ILE A 195 2.43 -45.52 9.19
N GLU A 196 1.95 -45.84 10.38
CA GLU A 196 1.44 -44.84 11.30
C GLU A 196 2.29 -44.78 12.58
N LYS A 197 2.53 -43.58 13.10
CA LYS A 197 3.36 -43.41 14.29
C LYS A 197 2.62 -42.77 15.47
N LYS A 198 2.50 -43.47 16.59
CA LYS A 198 1.81 -42.95 17.78
C LYS A 198 2.51 -43.34 19.07
N SER A 199 2.73 -42.40 19.97
CA SER A 199 3.72 -42.56 21.06
C SER A 199 3.70 -43.84 21.93
N GLY A 200 2.89 -43.89 22.99
CA GLY A 200 2.85 -45.09 23.84
C GLY A 200 4.15 -45.38 24.57
N ALA A 201 4.17 -46.35 25.49
CA ALA A 201 5.41 -46.70 26.23
C ALA A 201 6.13 -47.89 25.62
N SER A 202 6.57 -47.76 24.37
CA SER A 202 6.58 -48.93 23.52
C SER A 202 7.88 -49.44 22.91
N ILE A 203 8.13 -49.03 21.66
CA ILE A 203 8.89 -49.79 20.63
C ILE A 203 8.46 -51.25 20.46
N ASP A 204 8.25 -51.95 21.56
CA ASP A 204 7.84 -53.35 21.53
C ASP A 204 6.36 -53.47 21.22
N ASP A 205 5.64 -52.38 21.50
CA ASP A 205 4.21 -52.34 21.27
C ASP A 205 3.87 -52.13 19.80
N THR A 206 4.86 -51.95 18.94
CA THR A 206 4.50 -51.80 17.54
C THR A 206 3.89 -53.10 17.08
N GLU A 207 2.86 -53.00 16.25
CA GLU A 207 2.05 -54.15 15.88
C GLU A 207 1.57 -54.04 14.44
N LEU A 208 1.16 -55.17 13.89
CA LEU A 208 0.54 -55.19 12.58
C LEU A 208 -0.97 -55.05 12.71
N ILE A 209 -1.54 -54.10 11.97
CA ILE A 209 -2.98 -53.93 11.92
C ILE A 209 -3.38 -54.26 10.49
N LYS A 210 -4.13 -55.34 10.33
CA LYS A 210 -4.61 -55.75 9.01
C LYS A 210 -5.85 -54.97 8.65
N GLY A 211 -5.68 -53.72 8.27
CA GLY A 211 -6.79 -52.84 7.96
C GLY A 211 -6.31 -51.42 7.77
N VAL A 212 -7.10 -50.45 8.22
CA VAL A 212 -6.71 -49.06 8.07
C VAL A 212 -6.91 -48.25 9.36
N LEU A 213 -6.02 -47.29 9.59
CA LEU A 213 -6.18 -46.34 10.69
C LEU A 213 -6.64 -45.00 10.11
N VAL A 214 -7.77 -44.51 10.59
CA VAL A 214 -8.32 -43.27 10.07
C VAL A 214 -8.30 -42.17 11.13
N ASP A 215 -7.66 -41.05 10.80
CA ASP A 215 -7.54 -39.92 11.72
C ASP A 215 -8.80 -39.06 11.68
N LYS A 216 -9.95 -39.69 11.87
CA LYS A 216 -11.22 -38.98 11.99
C LYS A 216 -11.94 -39.53 13.21
N GLU A 217 -13.15 -39.04 13.49
CA GLU A 217 -13.97 -39.55 14.59
C GLU A 217 -15.46 -39.55 14.23
N ARG A 218 -16.23 -40.48 14.79
CA ARG A 218 -17.65 -40.55 14.48
C ARG A 218 -18.22 -39.15 14.47
N VAL A 219 -18.88 -38.81 13.37
CA VAL A 219 -19.39 -37.45 13.13
C VAL A 219 -20.50 -36.99 14.11
N SER A 220 -21.28 -37.94 14.62
CA SER A 220 -22.30 -37.68 15.65
C SER A 220 -21.96 -38.49 16.91
N ALA A 221 -21.93 -37.82 18.07
CA ALA A 221 -21.54 -38.47 19.32
C ALA A 221 -22.54 -39.56 19.73
N GLN A 222 -23.71 -39.51 19.11
CA GLN A 222 -24.81 -40.42 19.41
C GLN A 222 -24.66 -41.78 18.73
N MET A 223 -23.76 -41.84 17.74
CA MET A 223 -23.50 -43.07 16.99
C MET A 223 -22.79 -44.11 17.86
N PRO A 224 -22.83 -45.39 17.43
CA PRO A 224 -22.05 -46.43 18.11
C PRO A 224 -20.56 -46.06 18.13
N LYS A 225 -19.85 -46.50 19.17
CA LYS A 225 -18.41 -46.29 19.24
C LYS A 225 -17.68 -47.64 19.23
N LYS A 226 -18.43 -48.70 18.90
CA LYS A 226 -17.87 -49.98 18.50
C LYS A 226 -18.88 -50.81 17.69
N VAL A 227 -18.41 -51.46 16.63
CA VAL A 227 -19.19 -52.38 15.81
C VAL A 227 -18.29 -53.58 15.50
N THR A 228 -18.80 -54.80 15.64
CA THR A 228 -18.01 -55.98 15.27
C THR A 228 -18.57 -56.63 13.99
N ASP A 229 -17.70 -57.31 13.23
CA ASP A 229 -18.07 -57.92 11.95
C ASP A 229 -18.87 -56.96 11.04
N ALA A 230 -18.49 -55.69 11.07
CA ALA A 230 -19.21 -54.62 10.40
C ALA A 230 -19.19 -54.71 8.87
N LYS A 231 -20.20 -54.11 8.23
CA LYS A 231 -20.23 -53.99 6.78
C LYS A 231 -20.11 -52.54 6.32
N ILE A 232 -19.06 -52.23 5.57
CA ILE A 232 -18.62 -50.84 5.34
C ILE A 232 -18.98 -50.22 3.98
N ALA A 233 -19.68 -49.09 4.01
CA ALA A 233 -20.05 -48.37 2.79
C ALA A 233 -19.22 -47.11 2.63
N LEU A 234 -18.39 -47.07 1.60
CA LEU A 234 -17.55 -45.89 1.29
C LEU A 234 -18.22 -44.97 0.27
N LEU A 235 -18.51 -43.72 0.68
CA LEU A 235 -19.16 -42.75 -0.21
C LEU A 235 -18.26 -41.67 -0.77
N ASN A 236 -18.05 -41.71 -2.08
CA ASN A 236 -17.37 -40.64 -2.81
C ASN A 236 -18.33 -39.47 -3.03
N CYS A 237 -19.59 -39.65 -2.62
CA CYS A 237 -20.64 -38.64 -2.79
C CYS A 237 -20.73 -37.68 -1.58
N ALA A 238 -21.60 -36.68 -1.66
CA ALA A 238 -21.85 -35.74 -0.56
C ALA A 238 -23.31 -35.81 -0.10
N ILE A 239 -23.51 -36.31 1.11
CA ILE A 239 -24.87 -36.49 1.65
C ILE A 239 -25.40 -35.14 2.11
N GLU A 240 -26.08 -34.43 1.22
CA GLU A 240 -26.57 -33.11 1.57
C GLU A 240 -27.80 -33.13 2.49
N GLU A 241 -28.20 -31.95 2.96
CA GLU A 241 -29.53 -31.73 3.48
C GLU A 241 -29.98 -30.26 3.29
N THR A 242 -31.12 -29.92 3.89
CA THR A 242 -31.72 -28.58 3.80
C THR A 242 -32.53 -28.18 5.08
N ALA A 243 -33.82 -28.54 5.13
CA ALA A 243 -34.69 -28.19 6.27
C ALA A 243 -36.08 -28.85 6.15
N SER A 244 -36.12 -29.91 5.33
CA SER A 244 -37.35 -30.62 5.00
C SER A 244 -37.10 -32.12 4.80
N GLU A 245 -36.17 -32.68 5.56
CA GLU A 245 -35.86 -34.13 5.48
C GLU A 245 -35.84 -34.72 4.07
N MET A 246 -35.18 -34.04 3.13
CA MET A 246 -34.88 -34.64 1.82
C MET A 246 -33.79 -35.70 2.01
N LEU A 247 -33.62 -36.13 3.27
CA LEU A 247 -32.43 -36.88 3.66
C LEU A 247 -32.75 -38.24 4.28
N LYS A 248 -34.01 -38.48 4.61
CA LYS A 248 -34.46 -39.82 5.04
C LYS A 248 -34.37 -40.79 3.86
N ASP A 249 -34.37 -40.21 2.65
CA ASP A 249 -34.13 -40.91 1.39
C ASP A 249 -32.71 -41.46 1.35
N MET A 250 -31.74 -40.54 1.27
CA MET A 250 -30.31 -40.86 1.29
C MET A 250 -29.91 -41.75 2.48
N VAL A 251 -30.50 -41.49 3.65
CA VAL A 251 -30.16 -42.19 4.91
C VAL A 251 -30.75 -43.60 5.00
N ALA A 252 -31.87 -43.83 4.32
CA ALA A 252 -32.53 -45.14 4.33
C ALA A 252 -32.19 -45.98 3.10
N GLU A 253 -31.57 -45.36 2.10
CA GLU A 253 -31.04 -46.07 0.93
C GLU A 253 -29.73 -46.78 1.28
N ILE A 254 -29.05 -46.24 2.29
CA ILE A 254 -27.80 -46.79 2.84
C ILE A 254 -28.08 -47.93 3.83
N LYS A 255 -29.15 -47.81 4.61
CA LYS A 255 -29.58 -48.87 5.50
C LYS A 255 -30.21 -50.01 4.69
N ALA A 256 -30.49 -49.69 3.42
CA ALA A 256 -31.05 -50.63 2.46
C ALA A 256 -30.03 -51.68 1.99
N SER A 257 -28.76 -51.28 1.92
CA SER A 257 -27.69 -52.21 1.54
C SER A 257 -27.17 -53.07 2.71
N GLY A 258 -27.48 -52.68 3.95
CA GLY A 258 -27.07 -53.41 5.14
C GLY A 258 -25.81 -52.88 5.83
N ALA A 259 -25.47 -51.61 5.58
CA ALA A 259 -24.22 -51.02 6.07
C ALA A 259 -24.37 -50.32 7.42
N ASN A 260 -23.65 -50.84 8.43
CA ASN A 260 -23.64 -50.25 9.78
C ASN A 260 -22.44 -49.34 10.04
N VAL A 261 -21.70 -49.02 8.96
CA VAL A 261 -20.56 -48.13 8.99
C VAL A 261 -20.43 -47.42 7.65
N LEU A 262 -20.11 -46.13 7.68
CA LEU A 262 -20.03 -45.33 6.46
C LEU A 262 -18.93 -44.27 6.52
N PHE A 263 -18.03 -44.31 5.53
CA PHE A 263 -16.96 -43.33 5.43
C PHE A 263 -17.18 -42.41 4.24
N CYS A 264 -17.46 -41.13 4.51
CA CYS A 264 -17.75 -40.18 3.44
C CYS A 264 -16.58 -39.20 3.22
N GLN A 265 -16.21 -39.00 1.95
CA GLN A 265 -15.09 -38.11 1.58
C GLN A 265 -15.51 -36.64 1.58
N LYS A 266 -16.77 -36.40 1.22
CA LYS A 266 -17.31 -35.05 1.23
C LYS A 266 -18.05 -34.77 2.55
N GLY A 267 -18.96 -33.79 2.52
CA GLY A 267 -19.64 -33.39 3.74
C GLY A 267 -20.91 -34.16 4.00
N ILE A 268 -21.22 -34.35 5.28
CA ILE A 268 -22.49 -34.92 5.72
C ILE A 268 -23.27 -33.88 6.50
N ASP A 269 -24.33 -33.35 5.89
CA ASP A 269 -25.12 -32.29 6.47
C ASP A 269 -25.67 -32.69 7.84
N ASP A 270 -26.06 -31.70 8.64
CA ASP A 270 -26.45 -31.91 10.03
C ASP A 270 -27.77 -32.67 10.22
N LEU A 271 -28.62 -32.67 9.19
CA LEU A 271 -29.87 -33.45 9.19
C LEU A 271 -29.60 -34.93 8.93
N ALA A 272 -28.71 -35.22 7.98
CA ALA A 272 -28.32 -36.59 7.66
C ALA A 272 -27.25 -37.16 8.61
N GLN A 273 -26.94 -36.41 9.67
CA GLN A 273 -26.10 -36.87 10.77
C GLN A 273 -26.96 -37.42 11.91
N HIS A 274 -28.17 -36.87 12.03
CA HIS A 274 -29.11 -37.31 13.05
C HIS A 274 -29.87 -38.58 12.64
N TYR A 275 -30.13 -38.72 11.34
CA TYR A 275 -30.85 -39.86 10.79
C TYR A 275 -29.99 -41.13 10.76
N LEU A 276 -28.67 -40.94 10.72
CA LEU A 276 -27.70 -42.03 10.78
C LEU A 276 -27.53 -42.51 12.23
N ALA A 277 -27.31 -41.57 13.13
CA ALA A 277 -27.21 -41.86 14.56
C ALA A 277 -28.44 -42.63 15.00
N LYS A 278 -29.59 -42.24 14.45
CA LYS A 278 -30.88 -42.83 14.78
C LYS A 278 -31.00 -44.28 14.29
N GLU A 279 -30.27 -44.60 13.23
CA GLU A 279 -30.33 -45.91 12.59
C GLU A 279 -29.37 -46.94 13.20
N GLY A 280 -28.28 -46.46 13.80
CA GLY A 280 -27.26 -47.33 14.36
C GLY A 280 -26.02 -47.41 13.48
N ILE A 281 -26.00 -46.57 12.44
CA ILE A 281 -24.90 -46.51 11.48
C ILE A 281 -23.82 -45.50 11.90
N VAL A 282 -22.57 -45.95 12.03
CA VAL A 282 -21.48 -45.04 12.35
C VAL A 282 -20.95 -44.41 11.04
N ALA A 283 -20.55 -43.13 11.11
CA ALA A 283 -20.10 -42.40 9.92
C ALA A 283 -19.06 -41.34 10.23
N ALA A 284 -18.17 -41.09 9.28
CA ALA A 284 -17.17 -40.03 9.38
C ALA A 284 -17.17 -39.19 8.11
N ARG A 285 -17.18 -37.88 8.25
CA ARG A 285 -17.25 -36.98 7.10
C ARG A 285 -15.85 -36.43 6.77
N ARG A 286 -15.64 -36.07 5.49
CA ARG A 286 -14.39 -35.45 5.04
C ARG A 286 -13.15 -36.27 5.37
N VAL A 287 -13.16 -37.55 5.01
CA VAL A 287 -11.98 -38.40 5.15
C VAL A 287 -11.05 -38.15 3.97
N LYS A 288 -9.74 -38.08 4.25
CA LYS A 288 -8.75 -37.91 3.20
C LYS A 288 -9.04 -38.82 2.01
N LYS A 289 -8.84 -38.30 0.80
CA LYS A 289 -9.04 -39.09 -0.40
C LYS A 289 -8.11 -40.31 -0.39
N SER A 290 -6.90 -40.10 0.12
CA SER A 290 -5.92 -41.16 0.29
C SER A 290 -6.41 -42.24 1.27
N ASP A 291 -7.14 -41.81 2.31
CA ASP A 291 -7.72 -42.73 3.30
C ASP A 291 -8.94 -43.45 2.75
N MET A 292 -9.41 -43.02 1.59
CA MET A 292 -10.58 -43.60 0.97
C MET A 292 -10.19 -44.80 0.11
N GLU A 293 -9.06 -44.66 -0.57
CA GLU A 293 -8.48 -45.74 -1.36
C GLU A 293 -7.89 -46.82 -0.47
N LYS A 294 -7.31 -46.40 0.65
CA LYS A 294 -6.79 -47.31 1.67
C LYS A 294 -7.91 -48.22 2.18
N LEU A 295 -9.08 -47.63 2.36
CA LEU A 295 -10.26 -48.35 2.84
C LEU A 295 -10.88 -49.17 1.71
N ALA A 296 -10.84 -48.64 0.49
CA ALA A 296 -11.33 -49.37 -0.68
C ALA A 296 -10.68 -50.75 -0.78
N LYS A 297 -9.36 -50.79 -0.65
CA LYS A 297 -8.60 -52.02 -0.87
C LYS A 297 -8.56 -52.97 0.33
N ALA A 298 -8.39 -52.44 1.54
CA ALA A 298 -8.13 -53.26 2.73
C ALA A 298 -9.33 -54.07 3.22
N THR A 299 -10.51 -53.50 3.08
CA THR A 299 -11.73 -54.17 3.53
C THR A 299 -12.31 -55.04 2.43
N GLY A 300 -12.13 -54.59 1.19
CA GLY A 300 -12.72 -55.23 0.04
C GLY A 300 -14.00 -54.49 -0.35
N ALA A 301 -13.95 -53.15 -0.27
CA ALA A 301 -15.12 -52.32 -0.54
C ALA A 301 -15.13 -51.69 -1.95
N ASN A 302 -16.00 -50.70 -2.15
CA ASN A 302 -16.12 -50.02 -3.44
C ASN A 302 -16.47 -48.54 -3.28
N VAL A 303 -15.71 -47.67 -3.96
CA VAL A 303 -15.93 -46.23 -3.90
C VAL A 303 -17.09 -45.77 -4.79
N ILE A 304 -18.25 -45.52 -4.16
CA ILE A 304 -19.47 -45.13 -4.88
C ILE A 304 -19.71 -43.61 -4.92
N THR A 305 -19.87 -43.05 -6.13
CA THR A 305 -20.17 -41.63 -6.34
C THR A 305 -21.69 -41.35 -6.34
N ASN A 306 -22.46 -42.31 -6.82
CA ASN A 306 -23.92 -42.23 -6.84
C ASN A 306 -24.57 -43.02 -5.68
N ILE A 307 -25.13 -42.29 -4.70
CA ILE A 307 -25.73 -42.91 -3.50
C ILE A 307 -26.90 -43.85 -3.84
N LYS A 308 -27.54 -43.59 -4.97
CA LYS A 308 -28.63 -44.44 -5.48
C LYS A 308 -28.06 -45.78 -5.91
N ASP A 309 -26.92 -45.75 -6.59
CA ASP A 309 -26.30 -46.97 -7.13
C ASP A 309 -25.51 -47.70 -6.05
N LEU A 310 -25.87 -47.46 -4.80
CA LEU A 310 -25.23 -48.18 -3.70
C LEU A 310 -25.77 -49.61 -3.60
N SER A 311 -25.09 -50.53 -4.29
CA SER A 311 -25.44 -51.94 -4.24
C SER A 311 -25.14 -52.49 -2.83
N ALA A 312 -25.56 -53.73 -2.57
CA ALA A 312 -25.31 -54.41 -1.30
C ALA A 312 -24.01 -55.25 -1.32
N GLN A 313 -23.26 -55.16 -2.42
CA GLN A 313 -21.96 -55.80 -2.56
C GLN A 313 -20.82 -54.78 -2.76
N ASP A 314 -21.14 -53.48 -2.66
CA ASP A 314 -20.13 -52.41 -2.67
C ASP A 314 -19.65 -52.11 -1.24
N LEU A 315 -20.00 -53.01 -0.32
CA LEU A 315 -19.62 -52.90 1.09
C LEU A 315 -18.41 -53.79 1.36
N GLY A 316 -17.44 -53.27 2.11
CA GLY A 316 -16.29 -54.06 2.53
C GLY A 316 -16.60 -54.93 3.72
N ASP A 317 -15.56 -55.48 4.34
CA ASP A 317 -15.75 -56.28 5.55
C ASP A 317 -14.52 -56.24 6.49
N ALA A 318 -14.75 -55.70 7.69
CA ALA A 318 -13.76 -55.70 8.76
C ALA A 318 -14.35 -56.28 10.04
N GLY A 319 -13.61 -57.17 10.70
CA GLY A 319 -14.05 -57.82 11.93
C GLY A 319 -14.09 -56.93 13.17
N LEU A 320 -13.91 -55.63 12.98
CA LEU A 320 -14.02 -54.64 14.06
C LEU A 320 -13.87 -53.23 13.47
N VAL A 321 -14.78 -52.33 13.83
CA VAL A 321 -14.60 -50.91 13.54
C VAL A 321 -14.81 -50.13 14.83
N GLU A 322 -13.75 -49.52 15.37
CA GLU A 322 -13.86 -48.89 16.68
C GLU A 322 -13.18 -47.54 16.77
N GLU A 323 -13.78 -46.65 17.55
CA GLU A 323 -13.14 -45.38 17.90
C GLU A 323 -12.39 -45.53 19.24
N ARG A 324 -11.06 -45.42 19.17
CA ARG A 324 -10.21 -45.48 20.35
C ARG A 324 -9.48 -44.17 20.56
N LYS A 325 -9.09 -43.92 21.80
CA LYS A 325 -8.07 -42.91 22.08
C LYS A 325 -6.74 -43.63 22.27
N ILE A 326 -5.80 -43.34 21.37
CA ILE A 326 -4.48 -43.95 21.44
C ILE A 326 -3.43 -42.83 21.40
N SER A 327 -2.71 -42.69 22.50
CA SER A 327 -1.70 -41.64 22.64
C SER A 327 -2.36 -40.26 22.63
N GLY A 328 -3.53 -40.16 23.27
CA GLY A 328 -4.22 -38.89 23.39
C GLY A 328 -5.28 -38.68 22.33
N ASP A 329 -4.85 -38.63 21.08
CA ASP A 329 -5.75 -38.44 19.94
C ASP A 329 -6.73 -39.61 19.81
N SER A 330 -7.94 -39.33 19.33
CA SER A 330 -8.95 -40.39 19.13
C SER A 330 -9.18 -40.71 17.65
N MET A 331 -8.91 -41.96 17.26
CA MET A 331 -9.01 -42.39 15.86
C MET A 331 -9.94 -43.60 15.65
N ILE A 332 -10.33 -43.81 14.39
CA ILE A 332 -11.23 -44.90 14.00
C ILE A 332 -10.49 -46.10 13.41
N PHE A 333 -10.32 -47.14 14.23
CA PHE A 333 -9.62 -48.36 13.84
C PHE A 333 -10.56 -49.27 13.04
N VAL A 334 -10.11 -49.72 11.86
CA VAL A 334 -10.88 -50.62 11.01
C VAL A 334 -10.09 -51.89 10.85
N GLU A 335 -9.85 -52.55 11.97
CA GLU A 335 -8.86 -53.63 12.05
C GLU A 335 -9.41 -55.03 11.74
N GLU A 336 -8.57 -56.03 11.97
CA GLU A 336 -8.95 -57.43 11.83
C GLU A 336 -9.75 -57.71 10.55
N CYS A 337 -9.25 -57.24 9.42
CA CYS A 337 -9.92 -57.51 8.14
C CYS A 337 -9.65 -58.93 7.67
N LYS A 338 -10.38 -59.34 6.64
CA LYS A 338 -10.30 -60.71 6.10
C LYS A 338 -9.19 -60.88 5.06
N HIS A 339 -9.33 -60.19 3.94
CA HIS A 339 -8.37 -60.29 2.84
C HIS A 339 -7.79 -58.92 2.48
N PRO A 340 -6.81 -58.45 3.29
CA PRO A 340 -6.25 -57.10 3.13
C PRO A 340 -5.35 -57.00 1.91
N LYS A 341 -5.64 -56.00 1.09
CA LYS A 341 -4.75 -55.58 0.02
C LYS A 341 -4.18 -54.23 0.41
N ALA A 342 -4.48 -53.83 1.64
CA ALA A 342 -3.80 -52.75 2.31
C ALA A 342 -3.62 -53.18 3.76
N VAL A 343 -2.56 -52.67 4.37
CA VAL A 343 -2.21 -53.07 5.73
C VAL A 343 -1.59 -51.87 6.43
N THR A 344 -1.71 -51.83 7.75
CA THR A 344 -1.11 -50.74 8.51
C THR A 344 -0.07 -51.24 9.51
N MET A 345 1.11 -50.64 9.47
CA MET A 345 2.12 -50.91 10.47
C MET A 345 1.97 -49.84 11.54
N LEU A 346 1.50 -50.22 12.71
CA LEU A 346 1.43 -49.25 13.78
C LEU A 346 2.76 -49.21 14.51
N ILE A 347 3.53 -48.14 14.33
CA ILE A 347 4.80 -48.02 15.00
C ILE A 347 4.62 -47.28 16.31
N ARG A 348 5.33 -47.69 17.34
CA ARG A 348 5.22 -47.02 18.64
C ARG A 348 6.57 -46.94 19.38
N GLY A 349 6.75 -45.93 20.22
CA GLY A 349 7.98 -45.73 20.95
C GLY A 349 7.79 -44.61 21.93
N THR A 350 8.60 -44.55 22.97
CA THR A 350 8.36 -43.54 24.01
C THR A 350 8.35 -42.09 23.50
N THR A 351 9.44 -41.60 22.90
CA THR A 351 9.45 -40.22 22.39
C THR A 351 9.26 -40.20 20.88
N GLU A 352 9.32 -39.02 20.30
CA GLU A 352 8.93 -38.86 18.90
C GLU A 352 10.02 -39.22 17.89
N HIS A 353 11.26 -38.81 18.16
CA HIS A 353 12.34 -39.11 17.22
C HIS A 353 12.80 -40.55 17.40
N VAL A 354 12.46 -41.12 18.55
CA VAL A 354 12.68 -42.54 18.81
C VAL A 354 11.78 -43.33 17.89
N ILE A 355 10.52 -42.93 17.84
CA ILE A 355 9.54 -43.49 16.92
C ILE A 355 9.92 -43.26 15.47
N GLU A 356 10.43 -42.07 15.16
CA GLU A 356 10.63 -41.67 13.78
C GLU A 356 11.77 -42.43 13.13
N GLU A 357 12.74 -42.84 13.93
CA GLU A 357 13.85 -43.63 13.39
C GLU A 357 13.58 -45.14 13.36
N VAL A 358 12.72 -45.63 14.24
CA VAL A 358 12.26 -47.01 14.16
C VAL A 358 11.49 -47.15 12.86
N ALA A 359 10.91 -46.03 12.43
CA ALA A 359 10.08 -46.02 11.25
C ALA A 359 10.95 -46.10 10.01
N ARG A 360 12.03 -45.33 9.97
CA ARG A 360 12.94 -45.36 8.84
C ARG A 360 13.58 -46.72 8.72
N ALA A 361 13.63 -47.44 9.83
CA ALA A 361 14.18 -48.78 9.83
C ALA A 361 13.17 -49.73 9.20
N VAL A 362 11.90 -49.53 9.51
CA VAL A 362 10.86 -50.39 8.95
C VAL A 362 10.72 -50.19 7.45
N ASP A 363 11.04 -48.99 6.97
CA ASP A 363 10.94 -48.67 5.54
C ASP A 363 12.00 -49.39 4.76
N ASP A 364 13.15 -49.59 5.39
CA ASP A 364 14.30 -50.23 4.78
C ASP A 364 14.03 -51.72 4.69
N ALA A 365 13.50 -52.27 5.79
CA ALA A 365 13.03 -53.65 5.85
C ALA A 365 12.04 -53.90 4.72
N VAL A 366 10.91 -53.18 4.75
CA VAL A 366 9.88 -53.29 3.73
C VAL A 366 10.41 -53.16 2.30
N GLY A 367 11.56 -52.54 2.13
CA GLY A 367 12.13 -52.41 0.81
C GLY A 367 12.79 -53.70 0.41
N VAL A 368 13.75 -54.16 1.23
CA VAL A 368 14.54 -55.34 0.93
C VAL A 368 13.73 -56.63 0.95
N VAL A 369 12.68 -56.66 1.77
CA VAL A 369 11.73 -57.75 1.73
C VAL A 369 10.97 -57.74 0.40
N GLY A 370 10.37 -56.60 0.08
CA GLY A 370 9.72 -56.45 -1.20
C GLY A 370 10.66 -56.80 -2.33
N CYS A 371 11.95 -56.57 -2.11
CA CYS A 371 12.94 -56.78 -3.17
C CYS A 371 13.26 -58.25 -3.40
N THR A 372 13.13 -59.06 -2.37
CA THR A 372 13.42 -60.48 -2.48
C THR A 372 12.27 -61.19 -3.16
N ILE A 373 11.08 -61.05 -2.58
CA ILE A 373 9.83 -61.45 -3.22
C ILE A 373 9.80 -61.12 -4.72
N GLU A 374 10.07 -59.87 -5.07
CA GLU A 374 10.10 -59.43 -6.46
C GLU A 374 11.20 -60.10 -7.28
N ASP A 375 12.45 -59.98 -6.81
CA ASP A 375 13.61 -60.52 -7.52
C ASP A 375 13.70 -62.03 -7.50
N GLY A 376 13.78 -62.59 -6.29
CA GLY A 376 13.94 -64.02 -6.08
C GLY A 376 15.37 -64.41 -5.77
N ARG A 377 16.32 -63.52 -6.03
CA ARG A 377 17.72 -63.83 -5.78
C ARG A 377 18.24 -62.98 -4.64
N ILE A 378 19.21 -63.51 -3.87
CA ILE A 378 19.84 -62.78 -2.77
C ILE A 378 21.33 -63.11 -2.65
N VAL A 379 22.07 -62.32 -1.87
CA VAL A 379 23.48 -62.60 -1.61
C VAL A 379 23.80 -62.44 -0.13
N SER A 380 25.07 -62.61 0.20
CA SER A 380 25.52 -62.68 1.59
C SER A 380 26.17 -61.39 2.03
N GLY A 381 25.67 -60.83 3.11
CA GLY A 381 26.16 -59.55 3.59
C GLY A 381 27.53 -59.56 4.25
N GLY A 382 27.74 -58.63 5.15
CA GLY A 382 28.97 -58.53 5.90
C GLY A 382 30.14 -58.07 5.07
N GLY A 383 29.88 -57.64 3.84
CA GLY A 383 30.94 -57.21 2.97
C GLY A 383 31.45 -58.41 2.23
N SER A 384 30.69 -59.49 2.35
CA SER A 384 31.08 -60.76 1.76
C SER A 384 31.20 -60.71 0.23
N THR A 385 30.08 -60.52 -0.45
CA THR A 385 30.07 -60.54 -1.89
C THR A 385 30.80 -59.35 -2.50
N GLU A 386 31.44 -58.54 -1.68
CA GLU A 386 32.27 -57.46 -2.21
C GLU A 386 33.68 -57.97 -2.35
N VAL A 387 34.09 -58.81 -1.40
CA VAL A 387 35.43 -59.33 -1.45
C VAL A 387 35.46 -60.39 -2.50
N GLU A 388 34.37 -61.13 -2.63
CA GLU A 388 34.24 -62.09 -3.71
C GLU A 388 34.29 -61.27 -4.99
N LEU A 389 33.28 -60.44 -5.19
CA LEU A 389 33.15 -59.65 -6.41
C LEU A 389 34.43 -58.88 -6.78
N SER A 390 35.33 -58.70 -5.82
CA SER A 390 36.49 -57.86 -6.05
C SER A 390 37.65 -58.68 -6.51
N MET A 391 37.77 -59.91 -6.00
CA MET A 391 38.87 -60.77 -6.44
C MET A 391 38.57 -61.32 -7.83
N LYS A 392 37.34 -61.76 -8.05
CA LYS A 392 36.94 -62.18 -9.37
C LYS A 392 37.23 -61.07 -10.40
N LEU A 393 36.84 -59.83 -10.07
CA LEU A 393 37.11 -58.68 -10.93
C LEU A 393 38.61 -58.47 -11.12
N ARG A 394 39.40 -58.93 -10.17
CA ARG A 394 40.80 -58.64 -10.24
C ARG A 394 41.43 -59.54 -11.24
N GLU A 395 40.92 -60.77 -11.35
CA GLU A 395 41.47 -61.69 -12.34
C GLU A 395 40.95 -61.34 -13.74
N TYR A 396 39.67 -61.02 -13.83
CA TYR A 396 39.13 -60.58 -15.11
C TYR A 396 40.03 -59.47 -15.62
N ALA A 397 40.74 -58.83 -14.70
CA ALA A 397 41.55 -57.64 -14.95
C ALA A 397 42.83 -57.96 -15.68
N GLU A 398 43.32 -59.17 -15.51
CA GLU A 398 44.57 -59.53 -16.16
C GLU A 398 44.34 -59.83 -17.64
N GLY A 399 43.15 -60.36 -17.93
CA GLY A 399 42.77 -60.66 -19.30
C GLY A 399 42.48 -59.39 -20.06
N ILE A 400 43.08 -58.30 -19.62
CA ILE A 400 42.90 -56.99 -20.25
C ILE A 400 44.23 -56.40 -20.64
N SER A 401 44.39 -56.14 -21.94
CA SER A 401 45.60 -55.52 -22.45
C SER A 401 45.39 -54.02 -22.52
N GLY A 402 46.41 -53.25 -22.16
CA GLY A 402 46.34 -51.81 -22.27
C GLY A 402 46.28 -51.16 -20.91
N ARG A 403 46.26 -49.84 -20.87
CA ARG A 403 46.16 -49.15 -19.58
C ARG A 403 44.87 -49.49 -18.90
N GLU A 404 43.79 -49.56 -19.69
CA GLU A 404 42.44 -49.72 -19.14
C GLU A 404 42.41 -50.83 -18.11
N GLN A 405 43.48 -51.59 -18.06
CA GLN A 405 43.62 -52.60 -17.05
C GLN A 405 43.74 -52.00 -15.66
N LEU A 406 44.60 -51.01 -15.51
CA LEU A 406 44.76 -50.31 -14.24
C LEU A 406 43.43 -49.84 -13.67
N ALA A 407 42.62 -49.27 -14.55
CA ALA A 407 41.29 -48.86 -14.20
C ALA A 407 40.55 -50.04 -13.57
N VAL A 408 40.52 -51.17 -14.26
CA VAL A 408 39.74 -52.32 -13.82
C VAL A 408 40.18 -52.84 -12.47
N ARG A 409 41.49 -52.81 -12.21
CA ARG A 409 41.99 -53.23 -10.91
C ARG A 409 41.55 -52.24 -9.85
N ALA A 410 41.68 -50.95 -10.15
CA ALA A 410 41.22 -49.90 -9.26
C ALA A 410 39.72 -50.04 -8.95
N PHE A 411 38.95 -50.48 -9.94
CA PHE A 411 37.51 -50.68 -9.74
C PHE A 411 37.30 -51.87 -8.83
N ALA A 412 38.17 -52.84 -8.98
CA ALA A 412 38.10 -54.03 -8.16
C ALA A 412 38.48 -53.70 -6.70
N ASP A 413 39.56 -52.96 -6.53
CA ASP A 413 40.04 -52.53 -5.21
C ASP A 413 39.06 -51.59 -4.52
N ALA A 414 38.34 -50.84 -5.33
CA ALA A 414 37.35 -49.94 -4.82
C ALA A 414 36.35 -50.69 -3.93
N LEU A 415 35.81 -51.80 -4.43
CA LEU A 415 34.70 -52.46 -3.76
C LEU A 415 35.06 -52.95 -2.37
N GLU A 416 36.35 -53.02 -2.07
CA GLU A 416 36.80 -53.51 -0.78
C GLU A 416 36.62 -52.47 0.30
N VAL A 417 35.94 -51.38 -0.05
CA VAL A 417 35.81 -50.29 0.89
C VAL A 417 34.71 -50.63 1.86
N ILE A 418 33.80 -51.51 1.44
CA ILE A 418 32.68 -51.88 2.29
C ILE A 418 33.12 -52.80 3.39
N PRO A 419 33.90 -53.83 3.03
CA PRO A 419 34.41 -54.66 4.13
C PRO A 419 35.27 -53.77 5.01
N ARG A 420 36.03 -52.86 4.40
CA ARG A 420 37.01 -52.09 5.15
C ARG A 420 36.37 -51.18 6.16
N THR A 421 35.40 -50.39 5.73
CA THR A 421 34.79 -49.46 6.67
C THR A 421 33.88 -50.18 7.67
N LEU A 422 33.32 -51.33 7.30
CA LEU A 422 32.54 -52.06 8.27
C LEU A 422 33.41 -52.46 9.46
N ALA A 423 34.65 -52.83 9.17
CA ALA A 423 35.62 -53.15 10.22
C ALA A 423 35.95 -51.92 11.06
N GLU A 424 36.20 -50.79 10.38
CA GLU A 424 36.64 -49.56 11.02
C GLU A 424 35.74 -49.19 12.16
N ASN A 425 34.49 -48.97 11.82
CA ASN A 425 33.47 -48.58 12.78
C ASN A 425 33.34 -49.58 13.94
N ALA A 426 33.53 -50.86 13.66
CA ALA A 426 33.40 -51.85 14.70
C ALA A 426 34.57 -51.65 15.66
N GLY A 427 35.63 -51.02 15.15
CA GLY A 427 36.84 -50.78 15.92
C GLY A 427 37.97 -51.74 15.61
N LEU A 428 37.69 -52.76 14.81
CA LEU A 428 38.70 -53.75 14.49
C LEU A 428 39.73 -53.19 13.52
N ASP A 429 40.79 -53.95 13.33
CA ASP A 429 41.91 -53.56 12.48
C ASP A 429 41.59 -53.89 11.03
N ALA A 430 41.14 -52.87 10.33
CA ALA A 430 40.67 -53.01 8.96
C ALA A 430 41.61 -53.83 8.08
N ILE A 431 42.90 -53.58 8.22
CA ILE A 431 43.85 -54.11 7.26
C ILE A 431 44.00 -55.63 7.36
N GLU A 432 44.08 -56.12 8.60
CA GLU A 432 44.24 -57.55 8.86
C GLU A 432 42.99 -58.26 8.36
N ILE A 433 41.87 -57.90 8.98
CA ILE A 433 40.57 -58.47 8.67
C ILE A 433 40.33 -58.58 7.19
N LEU A 434 40.84 -57.62 6.44
CA LEU A 434 40.69 -57.66 5.01
C LEU A 434 41.52 -58.77 4.43
N VAL A 435 42.68 -59.05 5.02
CA VAL A 435 43.50 -60.14 4.52
C VAL A 435 42.87 -61.50 4.81
N LYS A 436 42.38 -61.69 6.04
CA LYS A 436 41.72 -62.94 6.39
C LYS A 436 40.58 -63.22 5.43
N VAL A 437 39.69 -62.25 5.31
CA VAL A 437 38.53 -62.41 4.44
C VAL A 437 38.94 -62.57 2.97
N ARG A 438 40.15 -62.15 2.61
CA ARG A 438 40.58 -62.28 1.23
C ARG A 438 41.23 -63.63 0.94
N ALA A 439 41.74 -64.27 1.97
CA ALA A 439 42.29 -65.60 1.84
C ALA A 439 41.16 -66.63 1.74
N ALA A 440 40.13 -66.40 2.55
CA ALA A 440 38.96 -67.29 2.60
C ALA A 440 38.11 -67.25 1.35
N HIS A 441 38.58 -66.54 0.32
CA HIS A 441 37.87 -66.49 -0.95
C HIS A 441 38.70 -67.03 -2.11
N ALA A 442 39.79 -67.72 -1.78
CA ALA A 442 40.77 -68.11 -2.77
C ALA A 442 40.35 -69.25 -3.71
N SER A 443 39.37 -68.98 -4.57
CA SER A 443 38.86 -69.93 -5.57
C SER A 443 38.12 -71.16 -5.00
N ASN A 444 38.41 -71.51 -3.75
CA ASN A 444 37.64 -72.54 -3.06
C ASN A 444 36.30 -71.96 -2.57
N GLY A 445 36.05 -72.07 -1.28
CA GLY A 445 34.97 -71.31 -0.67
C GLY A 445 35.49 -69.92 -0.42
N ASN A 446 34.68 -69.05 0.18
CA ASN A 446 33.32 -69.39 0.56
C ASN A 446 32.27 -68.63 -0.26
N LYS A 447 32.61 -67.43 -0.74
CA LYS A 447 31.68 -66.52 -1.42
C LYS A 447 30.69 -65.97 -0.43
N CYS A 448 30.75 -66.54 0.76
CA CYS A 448 29.83 -66.21 1.83
C CYS A 448 30.71 -65.98 3.03
N ALA A 449 32.01 -65.86 2.80
CA ALA A 449 32.94 -65.67 3.90
C ALA A 449 33.16 -64.20 4.20
N GLY A 450 32.63 -63.73 5.32
CA GLY A 450 32.67 -62.31 5.65
C GLY A 450 32.93 -61.97 7.10
N LEU A 451 33.22 -60.70 7.40
CA LEU A 451 33.50 -60.29 8.77
C LEU A 451 32.26 -60.08 9.63
N ASN A 452 32.13 -60.86 10.69
CA ASN A 452 31.10 -60.58 11.69
C ASN A 452 31.66 -59.61 12.71
N VAL A 453 31.08 -58.43 12.76
CA VAL A 453 31.57 -57.35 13.60
C VAL A 453 31.31 -57.55 15.08
N PHE A 454 30.54 -58.58 15.41
CA PHE A 454 30.34 -58.95 16.80
C PHE A 454 31.36 -60.02 17.16
N THR A 455 31.29 -61.15 16.46
CA THR A 455 32.34 -62.15 16.55
C THR A 455 33.69 -61.43 16.68
N GLY A 456 34.05 -60.68 15.66
CA GLY A 456 35.38 -60.11 15.58
C GLY A 456 36.17 -60.87 14.54
N ALA A 457 35.74 -62.10 14.26
CA ALA A 457 36.43 -62.94 13.29
C ALA A 457 35.57 -63.26 12.08
N VAL A 458 36.20 -63.69 11.00
CA VAL A 458 35.52 -63.95 9.75
C VAL A 458 34.71 -65.26 9.80
N GLU A 459 33.41 -65.18 9.47
CA GLU A 459 32.47 -66.31 9.57
C GLU A 459 31.69 -66.58 8.30
N ASP A 460 30.77 -67.53 8.34
CA ASP A 460 30.03 -67.85 7.12
C ASP A 460 28.71 -67.13 7.17
N MET A 461 28.63 -66.03 6.43
CA MET A 461 27.52 -65.12 6.54
C MET A 461 26.19 -65.75 6.13
N CYS A 462 26.20 -66.65 5.14
CA CYS A 462 24.95 -67.23 4.67
C CYS A 462 24.29 -68.02 5.80
N GLU A 463 25.14 -68.58 6.66
CA GLU A 463 24.67 -69.40 7.77
C GLU A 463 24.35 -68.58 9.02
N ASN A 464 25.04 -67.46 9.19
CA ASN A 464 24.73 -66.59 10.30
C ASN A 464 23.50 -65.75 10.01
N GLY A 465 22.88 -65.98 8.87
CA GLY A 465 21.67 -65.26 8.51
C GLY A 465 21.86 -63.81 8.11
N VAL A 466 22.98 -63.50 7.44
CA VAL A 466 23.27 -62.16 6.97
C VAL A 466 23.09 -62.10 5.46
N VAL A 467 21.89 -61.72 5.02
CA VAL A 467 21.57 -61.75 3.60
C VAL A 467 20.92 -60.46 3.08
N GLU A 468 21.14 -60.18 1.79
CA GLU A 468 20.71 -58.93 1.18
C GLU A 468 20.21 -59.15 -0.25
N PRO A 469 19.06 -58.58 -0.60
CA PRO A 469 18.53 -58.76 -1.95
C PRO A 469 19.63 -58.53 -2.97
N LEU A 470 19.53 -59.07 -4.19
CA LEU A 470 20.62 -58.89 -5.12
C LEU A 470 20.56 -57.46 -5.55
N ARG A 471 19.34 -56.93 -5.59
CA ARG A 471 19.11 -55.57 -6.07
C ARG A 471 19.94 -54.54 -5.29
N VAL A 472 20.31 -54.85 -4.05
CA VAL A 472 21.11 -53.90 -3.28
C VAL A 472 22.50 -53.71 -3.84
N LYS A 473 23.15 -54.77 -4.27
CA LYS A 473 24.50 -54.65 -4.73
C LYS A 473 24.60 -54.36 -6.22
N THR A 474 23.60 -54.77 -6.99
CA THR A 474 23.63 -54.46 -8.41
C THR A 474 23.30 -53.00 -8.60
N GLN A 475 22.16 -52.57 -8.10
CA GLN A 475 21.78 -51.17 -8.22
C GLN A 475 22.89 -50.28 -7.70
N ALA A 476 23.40 -50.56 -6.50
CA ALA A 476 24.44 -49.73 -5.89
C ALA A 476 25.74 -49.66 -6.68
N ILE A 477 26.24 -50.80 -7.12
CA ILE A 477 27.45 -50.82 -7.91
C ILE A 477 27.32 -50.13 -9.26
N GLN A 478 26.14 -50.16 -9.87
CA GLN A 478 26.03 -49.50 -11.17
C GLN A 478 25.77 -48.02 -11.10
N SER A 479 24.93 -47.57 -10.17
CA SER A 479 24.75 -46.13 -9.99
C SER A 479 26.00 -45.48 -9.45
N ALA A 480 26.83 -46.25 -8.77
CA ALA A 480 28.11 -45.75 -8.32
C ALA A 480 29.09 -45.68 -9.48
N ALA A 481 28.96 -46.62 -10.41
CA ALA A 481 29.80 -46.59 -11.58
C ALA A 481 29.36 -45.49 -12.52
N GLU A 482 28.07 -45.45 -12.84
CA GLU A 482 27.58 -44.52 -13.83
C GLU A 482 27.87 -43.07 -13.48
N SER A 483 27.62 -42.69 -12.25
CA SER A 483 27.81 -41.29 -11.87
C SER A 483 29.28 -40.92 -11.80
N THR A 484 30.12 -41.71 -11.17
CA THR A 484 31.53 -41.34 -11.09
C THR A 484 32.20 -41.36 -12.47
N GLU A 485 31.67 -42.18 -13.37
CA GLU A 485 32.14 -42.19 -14.74
C GLU A 485 31.90 -40.81 -15.31
N MET A 486 30.68 -40.30 -15.18
CA MET A 486 30.39 -38.98 -15.74
C MET A 486 31.23 -37.87 -15.10
N LEU A 487 31.53 -38.00 -13.79
CA LEU A 487 32.23 -36.94 -13.07
C LEU A 487 33.62 -36.82 -13.60
N LEU A 488 34.20 -37.97 -13.91
CA LEU A 488 35.58 -38.04 -14.36
C LEU A 488 35.79 -37.45 -15.76
N ARG A 489 34.71 -37.39 -16.53
CA ARG A 489 34.79 -36.87 -17.86
C ARG A 489 34.91 -35.35 -17.83
N ILE A 490 34.72 -34.78 -16.64
CA ILE A 490 34.65 -33.34 -16.48
C ILE A 490 36.00 -32.71 -16.22
N ASP A 491 36.33 -31.67 -17.00
CA ASP A 491 37.61 -30.98 -16.91
C ASP A 491 37.51 -29.48 -16.72
N ASP A 492 36.33 -28.94 -16.97
CA ASP A 492 36.07 -27.51 -16.79
C ASP A 492 34.75 -27.33 -16.04
N VAL A 493 34.73 -26.40 -15.08
CA VAL A 493 33.52 -26.03 -14.35
C VAL A 493 33.25 -24.52 -14.48
N ILE A 494 31.99 -24.11 -14.44
CA ILE A 494 31.70 -22.70 -14.60
C ILE A 494 30.71 -22.21 -13.55
N ALA A 495 31.21 -21.85 -12.38
CA ALA A 495 30.36 -21.44 -11.24
C ALA A 495 30.09 -19.93 -11.17
N ALA A 496 28.82 -19.57 -10.98
CA ALA A 496 28.44 -18.15 -10.95
C ALA A 496 27.97 -17.68 -9.58
N GLU A 497 27.68 -16.39 -9.49
CA GLU A 497 27.05 -15.80 -8.31
C GLU A 497 27.92 -15.96 -7.05
N ASN B 11 30.50 -23.20 6.68
CA ASN B 11 29.07 -23.45 6.77
C ASN B 11 28.69 -24.75 7.52
N MET B 12 28.57 -24.70 8.84
CA MET B 12 28.88 -23.52 9.65
C MET B 12 29.44 -23.95 11.01
N LYS B 13 28.75 -24.85 11.69
CA LYS B 13 29.22 -25.40 12.97
C LYS B 13 29.09 -26.93 12.97
N ARG B 14 30.16 -27.64 13.25
CA ARG B 14 30.08 -29.10 13.34
C ARG B 14 30.94 -29.62 14.49
N TYR B 15 30.40 -30.57 15.25
CA TYR B 15 31.15 -31.14 16.36
C TYR B 15 31.51 -32.62 16.13
N MET B 16 32.79 -32.94 16.32
CA MET B 16 33.35 -34.25 15.99
C MET B 16 33.54 -35.18 17.19
N GLY B 17 33.10 -36.42 17.01
CA GLY B 17 33.42 -37.51 17.93
C GLY B 17 33.24 -37.25 19.40
N ARG B 18 34.34 -37.25 20.16
CA ARG B 18 34.29 -37.05 21.62
C ARG B 18 33.79 -35.66 22.01
N ASP B 19 33.82 -34.72 21.05
CA ASP B 19 33.26 -33.37 21.25
C ASP B 19 31.74 -33.36 21.12
N ALA B 20 31.25 -34.06 20.09
CA ALA B 20 29.83 -34.15 19.82
C ALA B 20 29.13 -34.96 20.89
N GLN B 21 29.76 -36.00 21.39
CA GLN B 21 29.18 -36.78 22.47
C GLN B 21 29.18 -35.96 23.73
N ARG B 22 30.30 -35.34 24.05
CA ARG B 22 30.37 -34.56 25.27
C ARG B 22 29.37 -33.40 25.21
N MET B 23 29.18 -32.83 24.01
CA MET B 23 28.21 -31.76 23.83
C MET B 23 26.82 -32.24 24.23
N ASN B 24 26.41 -33.38 23.70
CA ASN B 24 25.06 -33.88 23.91
C ASN B 24 24.85 -34.42 25.30
N ILE B 25 25.82 -35.18 25.78
CA ILE B 25 25.69 -35.78 27.09
C ILE B 25 25.64 -34.67 28.10
N LEU B 26 26.32 -33.57 27.80
CA LEU B 26 26.34 -32.49 28.75
C LEU B 26 25.05 -31.73 28.61
N ALA B 27 24.64 -31.45 27.38
CA ALA B 27 23.40 -30.71 27.16
C ALA B 27 22.25 -31.42 27.81
N GLY B 28 22.33 -32.73 27.82
CA GLY B 28 21.32 -33.52 28.47
C GLY B 28 21.36 -33.34 29.96
N ARG B 29 22.52 -33.55 30.57
CA ARG B 29 22.60 -33.49 32.02
C ARG B 29 22.14 -32.14 32.56
N ILE B 30 22.14 -31.13 31.70
CA ILE B 30 21.86 -29.78 32.12
C ILE B 30 20.38 -29.45 32.24
N ILE B 31 19.55 -29.94 31.33
CA ILE B 31 18.12 -29.77 31.54
C ILE B 31 17.67 -30.77 32.58
N ALA B 32 18.46 -31.81 32.80
CA ALA B 32 18.14 -32.70 33.88
C ALA B 32 18.36 -32.00 35.19
N GLU B 33 19.55 -31.40 35.36
CA GLU B 33 19.91 -30.70 36.60
C GLU B 33 19.02 -29.48 36.84
N THR B 34 18.24 -29.14 35.84
CA THR B 34 17.36 -28.00 35.90
C THR B 34 16.06 -28.30 36.63
N VAL B 35 15.72 -29.57 36.77
CA VAL B 35 14.48 -29.95 37.46
C VAL B 35 14.78 -30.84 38.66
N ARG B 36 16.04 -31.25 38.80
CA ARG B 36 16.47 -32.04 39.94
C ARG B 36 15.92 -31.45 41.22
N SER B 37 15.72 -30.13 41.22
CA SER B 37 15.42 -29.45 42.48
C SER B 37 13.94 -29.49 42.86
N THR B 38 13.09 -29.96 41.96
CA THR B 38 11.65 -30.01 42.24
C THR B 38 11.22 -31.38 42.74
N LEU B 39 12.19 -32.29 42.78
CA LEU B 39 11.88 -33.67 43.04
C LEU B 39 11.57 -33.92 44.52
N GLY B 40 10.38 -34.43 44.78
CA GLY B 40 10.00 -34.75 46.14
C GLY B 40 9.17 -33.65 46.74
N PRO B 41 8.62 -33.90 47.94
CA PRO B 41 7.83 -32.97 48.75
C PRO B 41 8.70 -31.87 49.31
N LYS B 42 9.93 -32.20 49.70
CA LYS B 42 10.86 -31.20 50.18
C LYS B 42 11.60 -30.58 49.00
N GLY B 43 10.96 -30.60 47.83
CA GLY B 43 11.51 -29.99 46.63
C GLY B 43 10.95 -28.60 46.41
N MET B 44 11.67 -27.78 45.64
CA MET B 44 11.33 -26.35 45.42
C MET B 44 10.70 -26.07 44.08
N ASP B 45 10.08 -24.89 43.94
CA ASP B 45 9.41 -24.47 42.70
C ASP B 45 10.26 -23.50 41.86
N LYS B 46 10.07 -23.54 40.55
CA LYS B 46 10.74 -22.61 39.64
C LYS B 46 9.75 -21.51 39.23
N MET B 47 10.10 -20.22 39.41
CA MET B 47 9.30 -19.17 38.78
C MET B 47 9.84 -18.77 37.44
N LEU B 48 8.97 -18.61 36.48
CA LEU B 48 9.41 -18.67 35.11
C LEU B 48 8.75 -17.60 34.25
N VAL B 49 9.36 -16.43 34.23
CA VAL B 49 8.90 -15.33 33.41
C VAL B 49 9.21 -15.66 31.94
N ASP B 50 8.61 -14.94 31.02
CA ASP B 50 9.04 -15.04 29.63
C ASP B 50 9.55 -13.67 29.17
N ASP B 51 9.19 -13.24 27.97
CA ASP B 51 9.67 -11.97 27.43
C ASP B 51 8.57 -10.91 27.54
N LEU B 52 7.45 -11.33 28.09
CA LEU B 52 6.26 -10.50 28.19
C LEU B 52 5.90 -10.19 29.63
N GLY B 53 6.88 -10.25 30.53
CA GLY B 53 6.62 -10.06 31.94
C GLY B 53 5.65 -11.09 32.49
N ASP B 54 5.22 -12.02 31.63
CA ASP B 54 4.31 -13.11 31.99
C ASP B 54 4.91 -14.16 32.91
N VAL B 55 4.43 -14.25 34.15
CA VAL B 55 5.05 -15.16 35.08
C VAL B 55 4.31 -16.49 35.16
N VAL B 56 5.01 -17.55 35.52
CA VAL B 56 4.31 -18.79 35.85
C VAL B 56 5.14 -19.65 36.79
N VAL B 57 4.59 -19.91 37.96
CA VAL B 57 5.27 -20.58 39.05
C VAL B 57 4.79 -22.01 39.06
N THR B 58 5.70 -22.97 39.17
CA THR B 58 5.32 -24.39 39.20
C THR B 58 6.42 -25.29 39.69
N ASN B 59 6.02 -26.48 40.10
CA ASN B 59 6.90 -27.57 40.55
C ASN B 59 6.72 -28.71 39.56
N ASP B 60 5.78 -28.53 38.63
CA ASP B 60 5.48 -29.57 37.65
C ASP B 60 6.61 -29.61 36.63
N GLY B 61 7.32 -30.74 36.59
CA GLY B 61 8.44 -30.94 35.68
C GLY B 61 8.25 -30.53 34.24
N VAL B 62 7.30 -31.12 33.52
CA VAL B 62 7.17 -30.89 32.09
C VAL B 62 6.88 -29.46 31.74
N THR B 63 5.92 -28.83 32.42
CA THR B 63 5.60 -27.43 32.10
C THR B 63 6.85 -26.56 32.25
N ILE B 64 7.56 -26.70 33.37
CA ILE B 64 8.87 -26.07 33.48
C ILE B 64 9.67 -26.26 32.18
N LEU B 65 9.91 -27.51 31.78
CA LEU B 65 10.70 -27.73 30.57
C LEU B 65 10.06 -27.13 29.31
N ARG B 66 8.82 -27.53 29.02
CA ARG B 66 8.11 -26.98 27.89
C ARG B 66 8.29 -25.49 27.86
N GLU B 67 7.75 -24.80 28.86
CA GLU B 67 7.65 -23.36 28.78
C GLU B 67 8.90 -22.60 29.17
N MET B 68 10.06 -23.11 28.75
CA MET B 68 11.27 -22.31 28.72
C MET B 68 11.95 -22.48 27.39
N SER B 69 12.62 -21.45 26.92
CA SER B 69 13.20 -21.47 25.60
C SER B 69 14.44 -22.33 25.61
N VAL B 70 14.27 -23.63 25.40
CA VAL B 70 15.42 -24.51 25.31
C VAL B 70 15.78 -24.68 23.85
N GLU B 71 17.04 -24.45 23.51
CA GLU B 71 17.44 -24.33 22.11
C GLU B 71 18.31 -25.45 21.59
N HIS B 72 19.28 -25.85 22.40
CA HIS B 72 20.22 -26.88 22.03
C HIS B 72 19.47 -28.12 21.64
N PRO B 73 19.82 -28.72 20.50
CA PRO B 73 19.12 -29.87 19.92
C PRO B 73 19.14 -31.15 20.79
N ALA B 74 20.26 -31.48 21.42
CA ALA B 74 20.28 -32.62 22.35
C ALA B 74 19.18 -32.45 23.40
N ALA B 75 19.27 -31.40 24.20
CA ALA B 75 18.28 -31.14 25.22
C ALA B 75 16.85 -31.13 24.69
N LYS B 76 16.64 -30.54 23.51
CA LYS B 76 15.31 -30.53 22.89
C LYS B 76 14.70 -31.92 22.96
N MET B 77 15.55 -32.95 23.07
CA MET B 77 15.07 -34.30 22.99
C MET B 77 14.92 -35.01 24.33
N LEU B 78 15.49 -34.48 25.39
CA LEU B 78 15.15 -35.02 26.70
C LEU B 78 13.82 -34.46 27.06
N ILE B 79 13.47 -33.35 26.43
CA ILE B 79 12.19 -32.74 26.69
C ILE B 79 11.12 -33.59 26.04
N GLU B 80 11.53 -34.40 25.09
CA GLU B 80 10.64 -35.34 24.44
C GLU B 80 10.14 -36.29 25.49
N VAL B 81 11.07 -36.82 26.27
CA VAL B 81 10.79 -37.83 27.31
C VAL B 81 9.76 -37.34 28.31
N ALA B 82 9.94 -36.12 28.80
CA ALA B 82 9.00 -35.53 29.75
C ALA B 82 7.67 -35.29 29.07
N LYS B 83 7.71 -34.97 27.79
CA LYS B 83 6.51 -34.54 27.10
C LYS B 83 5.60 -35.72 26.87
N THR B 84 6.16 -36.92 26.83
CA THR B 84 5.35 -38.12 26.60
C THR B 84 5.09 -38.85 27.88
N GLN B 85 5.85 -38.55 28.92
CA GLN B 85 5.52 -39.07 30.23
C GLN B 85 4.20 -38.45 30.65
N GLU B 86 4.11 -37.13 30.56
CA GLU B 86 2.87 -36.43 30.87
C GLU B 86 1.72 -36.97 30.03
N LYS B 87 2.00 -37.32 28.77
CA LYS B 87 0.98 -37.78 27.84
C LYS B 87 0.45 -39.16 28.21
N GLU B 88 1.32 -40.03 28.72
CA GLU B 88 0.93 -41.40 28.99
C GLU B 88 0.76 -41.72 30.45
N VAL B 89 0.97 -40.76 31.34
CA VAL B 89 0.78 -40.98 32.76
C VAL B 89 0.17 -39.74 33.43
N GLY B 90 0.98 -38.72 33.71
CA GLY B 90 0.47 -37.49 34.24
C GLY B 90 1.40 -37.00 35.33
N ASP B 91 1.89 -37.93 36.13
CA ASP B 91 2.87 -37.65 37.16
C ASP B 91 4.19 -38.28 36.73
N GLY B 92 5.25 -37.96 37.44
CA GLY B 92 6.55 -38.54 37.18
C GLY B 92 7.18 -38.06 35.90
N THR B 93 6.95 -36.81 35.55
CA THR B 93 7.62 -36.21 34.40
C THR B 93 9.04 -35.80 34.81
N THR B 94 9.20 -35.22 35.99
CA THR B 94 10.53 -34.89 36.49
C THR B 94 11.40 -36.13 36.58
N THR B 95 10.89 -37.23 37.14
CA THR B 95 11.73 -38.43 37.34
C THR B 95 12.17 -39.09 36.06
N ALA B 96 11.36 -39.00 35.00
CA ALA B 96 11.72 -39.59 33.71
C ALA B 96 12.90 -38.84 33.09
N VAL B 97 12.83 -37.52 33.19
CA VAL B 97 13.90 -36.66 32.72
C VAL B 97 15.13 -36.81 33.59
N VAL B 98 14.94 -36.84 34.90
CA VAL B 98 16.06 -36.92 35.83
C VAL B 98 16.92 -38.17 35.63
N VAL B 99 16.26 -39.33 35.54
CA VAL B 99 16.92 -40.61 35.24
C VAL B 99 17.61 -40.55 33.90
N ALA B 100 16.93 -40.00 32.91
CA ALA B 100 17.50 -39.87 31.57
C ALA B 100 18.80 -39.11 31.62
N GLY B 101 18.90 -38.17 32.54
CA GLY B 101 20.12 -37.40 32.68
C GLY B 101 21.17 -38.28 33.29
N GLU B 102 20.79 -39.01 34.33
CA GLU B 102 21.73 -39.83 35.07
C GLU B 102 22.20 -41.05 34.27
N LEU B 103 21.50 -41.38 33.21
CA LEU B 103 21.99 -42.44 32.37
C LEU B 103 23.06 -41.88 31.46
N LEU B 104 22.87 -40.66 30.99
CA LEU B 104 23.92 -39.99 30.23
C LEU B 104 25.16 -39.74 31.09
N ARG B 105 24.98 -39.42 32.36
CA ARG B 105 26.12 -39.19 33.23
C ARG B 105 26.92 -40.48 33.33
N LYS B 106 26.27 -41.57 33.70
CA LYS B 106 26.98 -42.83 33.85
C LYS B 106 27.48 -43.33 32.50
N ALA B 107 26.85 -42.90 31.43
CA ALA B 107 27.27 -43.38 30.13
C ALA B 107 28.65 -42.89 29.74
N GLU B 108 29.04 -41.70 30.18
CA GLU B 108 30.33 -41.16 29.77
C GLU B 108 31.49 -41.65 30.64
N GLU B 109 31.16 -42.24 31.77
CA GLU B 109 32.17 -42.89 32.58
C GLU B 109 32.71 -44.11 31.84
N LEU B 110 31.89 -44.68 30.95
CA LEU B 110 32.26 -45.86 30.17
C LEU B 110 32.86 -45.45 28.85
N LEU B 111 32.44 -44.32 28.31
CA LEU B 111 32.96 -43.84 27.05
C LEU B 111 34.37 -43.32 27.26
N ASP B 112 34.61 -42.75 28.44
CA ASP B 112 35.92 -42.24 28.79
C ASP B 112 36.81 -43.37 29.28
N GLN B 113 36.28 -44.60 29.18
CA GLN B 113 37.04 -45.81 29.40
C GLN B 113 37.11 -46.59 28.09
N ASN B 114 36.77 -45.91 26.99
CA ASN B 114 36.88 -46.47 25.64
C ASN B 114 35.96 -47.65 25.35
N VAL B 115 34.85 -47.73 26.05
CA VAL B 115 33.78 -48.65 25.68
C VAL B 115 33.09 -48.05 24.45
N HIS B 116 32.79 -48.90 23.47
CA HIS B 116 32.19 -48.43 22.24
C HIS B 116 30.78 -47.95 22.56
N PRO B 117 30.35 -46.84 21.94
CA PRO B 117 28.98 -46.41 22.20
C PRO B 117 27.98 -47.54 21.96
N THR B 118 28.15 -48.30 20.88
CA THR B 118 27.17 -49.32 20.53
C THR B 118 27.09 -50.45 21.52
N ILE B 119 28.15 -50.62 22.33
CA ILE B 119 28.17 -51.62 23.39
C ILE B 119 27.41 -51.07 24.61
N VAL B 120 27.63 -49.80 24.92
CA VAL B 120 26.89 -49.16 25.99
C VAL B 120 25.42 -49.26 25.69
N VAL B 121 25.04 -48.82 24.49
CA VAL B 121 23.63 -48.80 24.13
C VAL B 121 23.03 -50.20 24.03
N LYS B 122 23.86 -51.19 23.80
CA LYS B 122 23.41 -52.58 23.79
C LYS B 122 23.03 -52.95 25.21
N GLY B 123 23.93 -52.68 26.15
CA GLY B 123 23.77 -53.09 27.52
C GLY B 123 22.73 -52.31 28.30
N TYR B 124 22.51 -51.06 27.89
CA TYR B 124 21.45 -50.23 28.45
C TYR B 124 20.13 -50.81 28.03
N GLN B 125 20.02 -51.16 26.75
CA GLN B 125 18.81 -51.77 26.24
C GLN B 125 18.55 -53.02 27.04
N ALA B 126 19.57 -53.86 27.17
CA ALA B 126 19.45 -55.13 27.87
C ALA B 126 18.86 -54.94 29.27
N ALA B 127 19.26 -53.86 29.95
CA ALA B 127 18.85 -53.65 31.33
C ALA B 127 17.49 -52.98 31.38
N ALA B 128 17.21 -52.16 30.39
CA ALA B 128 15.88 -51.60 30.28
C ALA B 128 14.88 -52.72 30.07
N GLN B 129 15.26 -53.72 29.28
CA GLN B 129 14.43 -54.91 29.03
C GLN B 129 14.11 -55.64 30.34
N LYS B 130 15.16 -55.97 31.07
CA LYS B 130 15.05 -56.63 32.35
C LYS B 130 14.22 -55.87 33.36
N ALA B 131 14.51 -54.59 33.54
CA ALA B 131 13.83 -53.77 34.54
C ALA B 131 12.35 -53.70 34.24
N GLN B 132 11.98 -53.98 33.01
CA GLN B 132 10.57 -53.94 32.64
C GLN B 132 9.78 -55.14 33.18
N GLU B 133 10.36 -56.32 33.12
CA GLU B 133 9.68 -57.51 33.63
C GLU B 133 9.98 -57.67 35.12
N LEU B 134 11.04 -57.02 35.58
CA LEU B 134 11.41 -57.01 36.99
C LEU B 134 10.46 -56.14 37.80
N LEU B 135 9.82 -55.21 37.12
CA LEU B 135 8.84 -54.39 37.77
C LEU B 135 7.52 -55.14 37.77
N LYS B 136 7.16 -55.69 36.62
CA LYS B 136 5.93 -56.45 36.46
C LYS B 136 5.66 -57.31 37.69
N THR B 137 6.72 -57.96 38.19
CA THR B 137 6.62 -58.92 39.29
C THR B 137 6.62 -58.30 40.67
N ILE B 138 7.14 -57.08 40.81
CA ILE B 138 7.20 -56.48 42.14
C ILE B 138 6.16 -55.40 42.31
N ALA B 139 5.11 -55.48 41.50
CA ALA B 139 4.00 -54.56 41.56
C ALA B 139 2.76 -55.22 42.19
N CYS B 140 2.34 -54.70 43.34
CA CYS B 140 1.16 -55.19 44.05
C CYS B 140 -0.09 -55.02 43.20
N GLU B 141 -1.05 -55.93 43.34
CA GLU B 141 -2.31 -55.80 42.62
C GLU B 141 -3.27 -54.92 43.44
N VAL B 142 -4.25 -54.31 42.78
CA VAL B 142 -5.22 -53.48 43.47
C VAL B 142 -6.54 -53.48 42.74
N GLY B 143 -7.62 -53.33 43.48
CA GLY B 143 -8.94 -53.29 42.89
C GLY B 143 -9.27 -51.96 42.26
N ALA B 144 -9.74 -52.00 41.02
CA ALA B 144 -10.11 -50.80 40.29
C ALA B 144 -11.06 -49.89 41.07
N GLN B 145 -11.63 -50.40 42.16
CA GLN B 145 -12.54 -49.59 42.95
C GLN B 145 -12.13 -49.61 44.39
N ASP B 146 -10.93 -50.13 44.67
CA ASP B 146 -10.38 -50.06 46.01
C ASP B 146 -10.27 -48.58 46.38
N LYS B 147 -11.41 -47.97 46.66
CA LYS B 147 -11.51 -46.53 46.76
C LYS B 147 -10.67 -45.97 47.91
N GLU B 148 -10.06 -46.84 48.70
CA GLU B 148 -9.22 -46.39 49.79
C GLU B 148 -7.81 -46.22 49.26
N ILE B 149 -7.34 -47.23 48.52
CA ILE B 149 -6.00 -47.24 47.92
C ILE B 149 -5.92 -46.17 46.83
N LEU B 150 -6.97 -46.05 46.03
CA LEU B 150 -7.03 -44.99 45.05
C LEU B 150 -6.73 -43.63 45.68
N THR B 151 -7.05 -43.46 46.96
CA THR B 151 -6.88 -42.19 47.62
C THR B 151 -5.52 -42.03 48.26
N LYS B 152 -4.87 -43.14 48.51
CA LYS B 152 -3.49 -43.10 48.95
C LYS B 152 -2.64 -42.76 47.74
N ILE B 153 -3.07 -43.20 46.56
CA ILE B 153 -2.35 -42.89 45.32
C ILE B 153 -2.48 -41.43 44.92
N ALA B 154 -3.68 -40.89 45.04
CA ALA B 154 -3.96 -39.50 44.67
C ALA B 154 -3.40 -38.57 45.71
N MET B 155 -3.07 -39.08 46.87
CA MET B 155 -2.53 -38.26 47.92
C MET B 155 -1.02 -38.24 47.79
N THR B 156 -0.46 -39.34 47.31
CA THR B 156 0.98 -39.43 47.12
C THR B 156 1.42 -38.55 45.95
N SER B 157 0.49 -38.32 45.02
CA SER B 157 0.75 -37.52 43.84
C SER B 157 0.80 -36.04 44.18
N ILE B 158 -0.21 -35.55 44.89
CA ILE B 158 -0.29 -34.16 45.33
C ILE B 158 0.87 -33.71 46.23
N THR B 159 1.19 -34.50 47.23
CA THR B 159 2.46 -34.33 47.90
C THR B 159 3.54 -34.44 46.81
N GLY B 160 4.75 -33.93 47.07
CA GLY B 160 5.77 -33.93 46.04
C GLY B 160 5.66 -32.67 45.20
N LYS B 161 4.43 -32.15 45.14
CA LYS B 161 4.17 -30.77 44.79
C LYS B 161 4.06 -29.99 46.09
N GLY B 162 4.72 -30.48 47.12
CA GLY B 162 4.63 -29.91 48.45
C GLY B 162 3.63 -30.64 49.34
N ALA B 163 4.05 -30.98 50.55
CA ALA B 163 3.18 -31.67 51.47
C ALA B 163 1.97 -30.82 51.85
N GLU B 164 2.08 -29.51 51.64
CA GLU B 164 1.05 -28.59 52.12
C GLU B 164 -0.14 -28.47 51.17
N LYS B 165 -0.03 -29.05 49.97
CA LYS B 165 -1.16 -29.09 49.06
C LYS B 165 -1.94 -30.36 49.32
N ALA B 166 -1.32 -31.27 50.08
CA ALA B 166 -1.88 -32.61 50.32
C ALA B 166 -3.11 -32.63 51.21
N LYS B 167 -3.99 -31.66 51.03
CA LYS B 167 -5.25 -31.60 51.78
C LYS B 167 -6.01 -32.92 51.62
N GLU B 168 -6.39 -33.52 52.74
CA GLU B 168 -7.03 -34.83 52.72
C GLU B 168 -8.32 -34.85 51.94
N LYS B 169 -9.18 -33.87 52.19
CA LYS B 169 -10.48 -33.85 51.53
C LYS B 169 -10.41 -33.43 50.07
N LEU B 170 -9.20 -33.30 49.55
CA LEU B 170 -9.00 -32.94 48.14
C LEU B 170 -8.69 -34.19 47.36
N ALA B 171 -7.88 -35.07 47.95
CA ALA B 171 -7.63 -36.37 47.34
C ALA B 171 -8.97 -37.04 47.13
N GLU B 172 -9.75 -37.11 48.19
CA GLU B 172 -11.04 -37.77 48.17
C GLU B 172 -11.90 -37.25 47.03
N ILE B 173 -11.93 -35.94 46.85
CA ILE B 173 -12.77 -35.38 45.82
C ILE B 173 -12.36 -35.92 44.47
N ILE B 174 -11.05 -35.97 44.22
CA ILE B 174 -10.48 -36.37 42.94
C ILE B 174 -10.79 -37.82 42.61
N VAL B 175 -10.49 -38.72 43.55
CA VAL B 175 -10.81 -40.14 43.41
C VAL B 175 -12.26 -40.31 42.98
N GLU B 176 -13.16 -39.75 43.76
CA GLU B 176 -14.58 -39.80 43.44
C GLU B 176 -14.86 -39.33 42.02
N ALA B 177 -14.20 -38.25 41.61
CA ALA B 177 -14.47 -37.60 40.34
C ALA B 177 -13.86 -38.30 39.13
N VAL B 178 -12.81 -39.07 39.34
CA VAL B 178 -12.26 -39.90 38.27
C VAL B 178 -13.05 -41.18 38.19
N SER B 179 -13.55 -41.64 39.34
CA SER B 179 -14.35 -42.86 39.40
C SER B 179 -15.65 -42.70 38.65
N ALA B 180 -16.19 -41.50 38.68
CA ALA B 180 -17.42 -41.20 37.95
C ALA B 180 -17.29 -41.34 36.43
N VAL B 181 -16.22 -40.78 35.86
CA VAL B 181 -16.10 -40.70 34.40
C VAL B 181 -15.53 -41.95 33.74
N VAL B 182 -15.50 -43.07 34.47
CA VAL B 182 -14.96 -44.30 33.92
C VAL B 182 -15.85 -44.88 32.84
N ASP B 183 -15.29 -45.05 31.65
CA ASP B 183 -16.08 -45.57 30.51
C ASP B 183 -16.04 -47.10 30.37
N ASP B 184 -16.97 -47.75 31.04
CA ASP B 184 -17.06 -49.20 31.09
C ASP B 184 -17.21 -49.82 29.71
N GLU B 185 -16.22 -50.60 29.30
CA GLU B 185 -14.98 -50.73 30.04
C GLU B 185 -13.84 -50.30 29.14
N GLY B 186 -12.76 -49.83 29.76
CA GLY B 186 -12.68 -49.69 31.21
C GLY B 186 -11.72 -48.58 31.55
N LYS B 187 -11.68 -47.57 30.67
CA LYS B 187 -10.67 -46.51 30.69
C LYS B 187 -11.17 -45.17 31.22
N VAL B 188 -10.24 -44.32 31.60
CA VAL B 188 -10.59 -43.00 32.08
C VAL B 188 -10.24 -41.95 31.03
N ASP B 189 -11.24 -41.23 30.55
CA ASP B 189 -11.00 -40.11 29.66
C ASP B 189 -10.66 -38.86 30.47
N LYS B 190 -9.36 -38.56 30.58
CA LYS B 190 -8.88 -37.45 31.39
C LYS B 190 -9.57 -36.12 31.01
N ASP B 191 -10.26 -36.13 29.87
CA ASP B 191 -10.95 -34.95 29.33
C ASP B 191 -12.45 -34.90 29.68
N LEU B 192 -12.95 -35.92 30.38
CA LEU B 192 -14.35 -35.97 30.76
C LEU B 192 -14.52 -35.26 32.09
N ILE B 193 -13.40 -35.00 32.74
CA ILE B 193 -13.36 -34.26 33.98
C ILE B 193 -12.96 -32.83 33.64
N LYS B 194 -13.95 -31.95 33.58
CA LYS B 194 -13.70 -30.54 33.31
C LYS B 194 -13.13 -29.87 34.55
N ILE B 195 -12.08 -29.08 34.35
CA ILE B 195 -11.44 -28.37 35.44
C ILE B 195 -11.64 -26.87 35.27
N GLU B 196 -12.35 -26.25 36.21
CA GLU B 196 -12.63 -24.83 36.15
C GLU B 196 -11.95 -24.09 37.31
N LYS B 197 -11.43 -22.90 37.05
CA LYS B 197 -10.72 -22.11 38.07
C LYS B 197 -11.35 -20.74 38.35
N LYS B 198 -11.80 -20.49 39.58
CA LYS B 198 -12.41 -19.22 39.95
C LYS B 198 -12.01 -18.82 41.36
N SER B 199 -11.65 -17.54 41.55
CA SER B 199 -10.88 -17.10 42.73
C SER B 199 -11.40 -17.46 44.14
N GLY B 200 -12.32 -16.70 44.74
CA GLY B 200 -12.80 -17.02 46.08
C GLY B 200 -11.74 -16.97 47.17
N ALA B 201 -12.13 -17.08 48.44
CA ALA B 201 -11.14 -17.03 49.53
C ALA B 201 -10.75 -18.42 49.99
N SER B 202 -10.14 -19.21 49.13
CA SER B 202 -10.39 -20.62 49.20
C SER B 202 -9.26 -21.61 49.41
N ILE B 203 -8.76 -22.16 48.31
CA ILE B 203 -8.16 -23.52 48.21
C ILE B 203 -8.97 -24.65 48.84
N ASP B 204 -9.51 -24.40 50.03
CA ASP B 204 -10.32 -25.38 50.74
C ASP B 204 -11.71 -25.44 50.18
N ASP B 205 -12.11 -24.35 49.53
CA ASP B 205 -13.43 -24.26 48.93
C ASP B 205 -13.52 -24.99 47.61
N THR B 206 -12.43 -25.57 47.12
CA THR B 206 -12.53 -26.31 45.88
C THR B 206 -13.46 -27.48 46.15
N GLU B 207 -14.30 -27.80 45.17
CA GLU B 207 -15.37 -28.76 45.35
C GLU B 207 -15.63 -29.54 44.07
N LEU B 208 -16.29 -30.67 44.23
CA LEU B 208 -16.77 -31.44 43.09
C LEU B 208 -18.16 -31.01 42.68
N ILE B 209 -18.33 -30.74 41.40
CA ILE B 209 -19.63 -30.45 40.87
C ILE B 209 -19.96 -31.54 39.89
N LYS B 210 -20.95 -32.35 40.21
CA LYS B 210 -21.36 -33.45 39.34
C LYS B 210 -22.26 -32.92 38.24
N GLY B 211 -21.67 -32.25 37.26
CA GLY B 211 -22.42 -31.66 36.17
C GLY B 211 -21.53 -30.81 35.31
N VAL B 212 -22.02 -29.66 34.84
CA VAL B 212 -21.21 -28.80 33.99
C VAL B 212 -21.32 -27.33 34.40
N LEU B 213 -20.20 -26.60 34.26
CA LEU B 213 -20.20 -25.15 34.47
C LEU B 213 -20.17 -24.46 33.10
N VAL B 214 -21.14 -23.61 32.83
CA VAL B 214 -21.22 -22.95 31.54
C VAL B 214 -20.98 -21.45 31.67
N ASP B 215 -20.03 -20.94 30.90
CA ASP B 215 -19.67 -19.53 30.94
C ASP B 215 -20.59 -18.70 30.04
N LYS B 216 -21.89 -18.87 30.23
CA LYS B 216 -22.90 -18.06 29.55
C LYS B 216 -23.89 -17.52 30.59
N GLU B 217 -24.92 -16.80 30.16
CA GLU B 217 -25.98 -16.33 31.06
C GLU B 217 -27.34 -16.33 30.37
N ARG B 218 -28.41 -16.54 31.15
CA ARG B 218 -29.75 -16.58 30.57
C ARG B 218 -29.87 -15.47 29.55
N VAL B 219 -30.27 -15.84 28.34
CA VAL B 219 -30.31 -14.91 27.19
C VAL B 219 -31.33 -13.76 27.34
N SER B 220 -32.41 -14.01 28.06
CA SER B 220 -33.41 -12.98 28.38
C SER B 220 -33.47 -12.79 29.90
N ALA B 221 -33.38 -11.54 30.36
CA ALA B 221 -33.36 -11.24 31.80
C ALA B 221 -34.68 -11.62 32.49
N GLN B 222 -35.71 -11.79 31.67
CA GLN B 222 -37.05 -12.10 32.13
C GLN B 222 -37.22 -13.59 32.48
N MET B 223 -36.28 -14.41 32.04
CA MET B 223 -36.32 -15.86 32.30
C MET B 223 -36.05 -16.17 33.77
N PRO B 224 -36.45 -17.39 34.21
CA PRO B 224 -36.11 -17.82 35.56
C PRO B 224 -34.60 -17.77 35.79
N LYS B 225 -34.17 -17.52 37.03
CA LYS B 225 -32.76 -17.55 37.36
C LYS B 225 -32.46 -18.68 38.37
N LYS B 226 -33.44 -19.57 38.52
CA LYS B 226 -33.24 -20.87 39.15
C LYS B 226 -34.35 -21.83 38.75
N VAL B 227 -33.97 -23.08 38.50
CA VAL B 227 -34.91 -24.19 38.25
C VAL B 227 -34.40 -25.40 39.00
N THR B 228 -35.27 -26.14 39.69
CA THR B 228 -34.83 -27.37 40.35
C THR B 228 -35.42 -28.60 39.64
N ASP B 229 -34.73 -29.74 39.74
CA ASP B 229 -35.13 -30.97 39.05
C ASP B 229 -35.49 -30.74 37.59
N ALA B 230 -34.76 -29.84 36.95
CA ALA B 230 -35.04 -29.38 35.59
C ALA B 230 -34.86 -30.46 34.52
N LYS B 231 -35.56 -30.28 33.39
CA LYS B 231 -35.38 -31.15 32.23
C LYS B 231 -34.77 -30.38 31.05
N ILE B 232 -33.61 -30.83 30.59
CA ILE B 232 -32.75 -30.03 29.70
C ILE B 232 -32.76 -30.41 28.21
N ALA B 233 -33.07 -29.45 27.36
CA ALA B 233 -33.06 -29.65 25.91
C ALA B 233 -31.87 -28.95 25.25
N LEU B 234 -30.96 -29.74 24.69
CA LEU B 234 -29.77 -29.21 24.01
C LEU B 234 -30.01 -29.09 22.50
N LEU B 235 -29.95 -27.86 21.96
CA LEU B 235 -30.18 -27.63 20.53
C LEU B 235 -28.92 -27.32 19.72
N ASN B 236 -28.60 -28.25 18.81
CA ASN B 236 -27.55 -28.04 17.83
C ASN B 236 -28.07 -27.18 16.67
N CYS B 237 -29.36 -26.86 16.73
CA CYS B 237 -30.05 -26.06 15.70
C CYS B 237 -29.98 -24.54 16.00
N ALA B 238 -30.50 -23.72 15.08
CA ALA B 238 -30.58 -22.27 15.28
C ALA B 238 -32.03 -21.79 15.24
N ILE B 239 -32.52 -21.32 16.39
CA ILE B 239 -33.91 -20.89 16.51
C ILE B 239 -34.07 -19.51 15.90
N GLU B 240 -34.37 -19.47 14.61
CA GLU B 240 -34.47 -18.18 13.94
C GLU B 240 -35.75 -17.40 14.29
N GLU B 241 -35.82 -16.16 13.80
CA GLU B 241 -37.08 -15.44 13.67
C GLU B 241 -37.04 -14.42 12.53
N THR B 242 -38.07 -13.58 12.45
CA THR B 242 -38.23 -12.56 11.41
C THR B 242 -39.02 -11.30 11.86
N ALA B 243 -40.35 -11.32 11.74
CA ALA B 243 -41.20 -10.17 12.13
C ALA B 243 -42.69 -10.52 12.06
N SER B 244 -42.98 -11.83 12.10
CA SER B 244 -44.32 -12.38 11.94
C SER B 244 -44.51 -13.66 12.77
N GLU B 245 -43.88 -13.72 13.94
CA GLU B 245 -44.02 -14.90 14.84
C GLU B 245 -44.01 -16.28 14.15
N MET B 246 -43.08 -16.49 13.23
CA MET B 246 -42.83 -17.83 12.69
C MET B 246 -42.14 -18.65 13.78
N LEU B 247 -42.26 -18.17 15.03
CA LEU B 247 -41.42 -18.67 16.10
C LEU B 247 -42.20 -19.20 17.30
N LYS B 248 -43.50 -18.97 17.33
CA LYS B 248 -44.37 -19.59 18.32
C LYS B 248 -44.45 -21.09 18.06
N ASP B 249 -44.14 -21.46 16.81
CA ASP B 249 -43.97 -22.85 16.37
C ASP B 249 -42.77 -23.51 17.08
N MET B 250 -41.58 -23.03 16.75
CA MET B 250 -40.33 -23.48 17.35
C MET B 250 -40.36 -23.41 18.89
N VAL B 251 -40.98 -22.37 19.44
CA VAL B 251 -41.00 -22.12 20.88
C VAL B 251 -42.00 -23.00 21.65
N ALA B 252 -43.04 -23.46 20.95
CA ALA B 252 -44.07 -24.29 21.57
C ALA B 252 -43.87 -25.79 21.26
N GLU B 253 -42.99 -26.08 20.31
CA GLU B 253 -42.57 -27.46 20.03
C GLU B 253 -41.58 -27.94 21.08
N ILE B 254 -40.89 -26.99 21.70
CA ILE B 254 -39.93 -27.24 22.78
C ILE B 254 -40.65 -27.39 24.12
N LYS B 255 -41.72 -26.62 24.32
CA LYS B 255 -42.54 -26.74 25.52
C LYS B 255 -43.39 -28.01 25.42
N ALA B 256 -43.42 -28.56 24.21
CA ALA B 256 -44.13 -29.79 23.92
C ALA B 256 -43.41 -31.03 24.50
N SER B 257 -42.09 -30.99 24.57
CA SER B 257 -41.32 -32.09 25.14
C SER B 257 -41.21 -32.05 26.68
N GLY B 258 -41.52 -30.89 27.26
CA GLY B 258 -41.49 -30.71 28.71
C GLY B 258 -40.21 -30.07 29.26
N ALA B 259 -39.49 -29.35 28.41
CA ALA B 259 -38.19 -28.79 28.77
C ALA B 259 -38.27 -27.36 29.31
N ASN B 260 -37.85 -27.20 30.58
CA ASN B 260 -37.83 -25.89 31.23
C ASN B 260 -36.45 -25.21 31.19
N VAL B 261 -35.54 -25.82 30.42
CA VAL B 261 -34.17 -25.31 30.24
C VAL B 261 -33.68 -25.70 28.85
N LEU B 262 -33.01 -24.76 28.18
CA LEU B 262 -32.56 -24.97 26.81
C LEU B 262 -31.20 -24.33 26.51
N PHE B 263 -30.24 -25.15 26.07
CA PHE B 263 -28.92 -24.68 25.69
C PHE B 263 -28.72 -24.74 24.17
N CYS B 264 -28.63 -23.58 23.53
CA CYS B 264 -28.50 -23.53 22.07
C CYS B 264 -27.07 -23.16 21.67
N GLN B 265 -26.51 -23.91 20.70
CA GLN B 265 -25.14 -23.66 20.21
C GLN B 265 -25.09 -22.52 19.20
N LYS B 266 -26.17 -22.38 18.43
CA LYS B 266 -26.27 -21.30 17.46
C LYS B 266 -27.02 -20.11 18.06
N GLY B 267 -27.59 -19.28 17.20
CA GLY B 267 -28.25 -18.07 17.66
C GLY B 267 -29.72 -18.27 17.97
N ILE B 268 -30.21 -17.50 18.94
CA ILE B 268 -31.64 -17.42 19.26
C ILE B 268 -32.14 -16.01 18.99
N ASP B 269 -32.91 -15.87 17.92
CA ASP B 269 -33.40 -14.57 17.47
C ASP B 269 -34.19 -13.88 18.59
N ASP B 270 -34.35 -12.56 18.47
CA ASP B 270 -34.96 -11.74 19.54
C ASP B 270 -36.47 -11.97 19.76
N LEU B 271 -37.15 -12.53 18.77
CA LEU B 271 -38.56 -12.91 18.89
C LEU B 271 -38.74 -14.22 19.67
N ALA B 272 -37.89 -15.19 19.37
CA ALA B 272 -37.90 -16.48 20.08
C ALA B 272 -37.18 -16.44 21.44
N GLN B 273 -36.77 -15.22 21.85
CA GLN B 273 -36.21 -14.97 23.18
C GLN B 273 -37.32 -14.48 24.12
N HIS B 274 -38.32 -13.82 23.54
CA HIS B 274 -39.46 -13.31 24.30
C HIS B 274 -40.51 -14.40 24.55
N TYR B 275 -40.64 -15.32 23.60
CA TYR B 275 -41.61 -16.43 23.67
C TYR B 275 -41.17 -17.51 24.65
N LEU B 276 -39.86 -17.61 24.87
CA LEU B 276 -39.30 -18.52 25.86
C LEU B 276 -39.44 -17.95 27.27
N ALA B 277 -39.05 -16.67 27.45
CA ALA B 277 -39.21 -15.98 28.73
C ALA B 277 -40.66 -16.07 29.18
N LYS B 278 -41.56 -15.98 28.20
CA LYS B 278 -43.00 -15.98 28.43
C LYS B 278 -43.49 -17.36 28.90
N GLU B 279 -42.77 -18.40 28.51
CA GLU B 279 -43.17 -19.78 28.81
C GLU B 279 -42.62 -20.28 30.16
N GLY B 280 -41.54 -19.68 30.64
CA GLY B 280 -40.89 -20.14 31.86
C GLY B 280 -39.64 -20.99 31.61
N ILE B 281 -39.24 -21.06 30.34
CA ILE B 281 -38.08 -21.83 29.91
C ILE B 281 -36.81 -20.97 29.91
N VAL B 282 -35.77 -21.42 30.60
CA VAL B 282 -34.49 -20.71 30.59
C VAL B 282 -33.65 -21.17 29.38
N ALA B 283 -32.91 -20.24 28.78
CA ALA B 283 -32.12 -20.56 27.58
C ALA B 283 -30.85 -19.71 27.47
N ALA B 284 -29.82 -20.33 26.87
CA ALA B 284 -28.57 -19.64 26.57
C ALA B 284 -28.20 -19.87 25.11
N ARG B 285 -27.81 -18.80 24.42
CA ARG B 285 -27.45 -18.89 23.00
C ARG B 285 -25.94 -18.89 22.81
N ARG B 286 -25.48 -19.49 21.71
CA ARG B 286 -24.06 -19.53 21.37
C ARG B 286 -23.16 -20.13 22.46
N VAL B 287 -23.52 -21.30 22.95
CA VAL B 287 -22.68 -22.04 23.88
C VAL B 287 -21.59 -22.78 23.12
N LYS B 288 -20.38 -22.73 23.64
CA LYS B 288 -19.26 -23.46 23.06
C LYS B 288 -19.69 -24.87 22.65
N LYS B 289 -19.21 -25.31 21.50
CA LYS B 289 -19.49 -26.67 21.03
C LYS B 289 -18.99 -27.70 22.05
N SER B 290 -17.83 -27.40 22.63
CA SER B 290 -17.24 -28.23 23.69
C SER B 290 -18.13 -28.29 24.92
N ASP B 291 -18.80 -27.17 25.23
CA ASP B 291 -19.74 -27.09 26.34
C ASP B 291 -21.06 -27.81 26.05
N MET B 292 -21.26 -28.16 24.78
CA MET B 292 -22.46 -28.82 24.34
C MET B 292 -22.36 -30.33 24.53
N GLU B 293 -21.17 -30.86 24.29
CA GLU B 293 -20.86 -32.26 24.50
C GLU B 293 -20.73 -32.57 25.98
N LYS B 294 -20.18 -31.60 26.72
CA LYS B 294 -20.07 -31.67 28.18
C LYS B 294 -21.48 -31.85 28.78
N LEU B 295 -22.42 -31.10 28.26
CA LEU B 295 -23.81 -31.15 28.70
C LEU B 295 -24.50 -32.42 28.19
N ALA B 296 -24.17 -32.82 26.97
CA ALA B 296 -24.73 -34.04 26.39
C ALA B 296 -24.51 -35.20 27.34
N LYS B 297 -23.29 -35.33 27.85
CA LYS B 297 -22.91 -36.51 28.62
C LYS B 297 -23.30 -36.46 30.10
N ALA B 298 -23.12 -35.29 30.73
CA ALA B 298 -23.26 -35.17 32.18
C ALA B 298 -24.70 -35.26 32.70
N THR B 299 -25.63 -34.73 31.91
CA THR B 299 -27.04 -34.74 32.31
C THR B 299 -27.73 -36.03 31.84
N GLY B 300 -27.27 -36.56 30.72
CA GLY B 300 -27.92 -37.68 30.07
C GLY B 300 -28.85 -37.21 28.95
N ALA B 301 -28.41 -36.19 28.22
CA ALA B 301 -29.23 -35.54 27.18
C ALA B 301 -28.90 -36.00 25.77
N ASN B 302 -29.39 -35.27 24.77
CA ASN B 302 -29.16 -35.60 23.36
C ASN B 302 -29.04 -34.36 22.48
N VAL B 303 -28.00 -34.30 21.66
CA VAL B 303 -27.76 -33.14 20.77
C VAL B 303 -28.63 -33.19 19.51
N ILE B 304 -29.70 -32.40 19.50
CA ILE B 304 -30.67 -32.41 18.39
C ILE B 304 -30.43 -31.26 17.39
N THR B 305 -30.29 -31.63 16.11
CA THR B 305 -30.11 -30.67 15.00
C THR B 305 -31.46 -30.21 14.42
N ASN B 306 -32.43 -31.13 14.41
CA ASN B 306 -33.78 -30.84 13.92
C ASN B 306 -34.75 -30.54 15.07
N ILE B 307 -35.18 -29.28 15.21
CA ILE B 307 -36.07 -28.85 16.30
C ILE B 307 -37.42 -29.58 16.29
N LYS B 308 -37.82 -30.05 15.11
CA LYS B 308 -39.04 -30.84 14.94
C LYS B 308 -38.88 -32.21 15.59
N ASP B 309 -37.72 -32.82 15.38
CA ASP B 309 -37.45 -34.16 15.90
C ASP B 309 -37.06 -34.13 17.37
N LEU B 310 -37.46 -33.08 18.07
CA LEU B 310 -37.18 -32.98 19.50
C LEU B 310 -38.13 -33.87 20.29
N SER B 311 -37.69 -35.10 20.51
CA SER B 311 -38.44 -36.06 21.32
C SER B 311 -38.48 -35.59 22.78
N ALA B 312 -39.29 -36.27 23.59
CA ALA B 312 -39.40 -35.95 25.01
C ALA B 312 -38.42 -36.77 25.86
N GLN B 313 -37.58 -37.56 25.18
CA GLN B 313 -36.52 -38.34 25.84
C GLN B 313 -35.10 -37.91 25.41
N ASP B 314 -35.03 -36.83 24.62
CA ASP B 314 -33.74 -36.21 24.26
C ASP B 314 -33.37 -35.13 25.28
N LEU B 315 -34.07 -35.12 26.41
CA LEU B 315 -33.84 -34.16 27.49
C LEU B 315 -32.99 -34.81 28.58
N GLY B 316 -32.02 -34.06 29.11
CA GLY B 316 -31.21 -34.56 30.21
C GLY B 316 -31.91 -34.36 31.54
N ASP B 317 -31.16 -34.55 32.63
CA ASP B 317 -31.71 -34.33 33.97
C ASP B 317 -30.65 -33.87 34.97
N ALA B 318 -30.82 -32.65 35.47
CA ALA B 318 -29.99 -32.13 36.55
C ALA B 318 -30.86 -31.61 37.71
N GLY B 319 -30.49 -31.93 38.94
CA GLY B 319 -31.25 -31.54 40.11
C GLY B 319 -31.17 -30.07 40.49
N LEU B 320 -30.60 -29.26 39.60
CA LEU B 320 -30.53 -27.80 39.77
C LEU B 320 -29.88 -27.18 38.53
N VAL B 321 -30.50 -26.13 37.99
CA VAL B 321 -29.87 -25.30 36.96
C VAL B 321 -30.00 -23.85 37.39
N GLU B 322 -28.88 -23.20 37.73
CA GLU B 322 -28.95 -21.87 38.30
C GLU B 322 -27.90 -20.91 37.75
N GLU B 323 -28.28 -19.64 37.62
CA GLU B 323 -27.31 -18.59 37.29
C GLU B 323 -26.79 -17.96 38.58
N ARG B 324 -25.50 -18.13 38.83
CA ARG B 324 -24.84 -17.54 40.00
C ARG B 324 -23.78 -16.56 39.57
N LYS B 325 -23.49 -15.60 40.44
CA LYS B 325 -22.25 -14.83 40.32
C LYS B 325 -21.23 -15.46 41.27
N ILE B 326 -20.16 -15.99 40.70
CA ILE B 326 -19.11 -16.60 41.49
C ILE B 326 -17.77 -15.98 41.09
N SER B 327 -17.17 -15.25 42.03
CA SER B 327 -15.92 -14.54 41.77
C SER B 327 -16.12 -13.42 40.76
N GLY B 328 -17.25 -12.74 40.86
CA GLY B 328 -17.56 -11.61 39.98
C GLY B 328 -18.38 -11.99 38.76
N ASP B 329 -17.81 -12.86 37.93
CA ASP B 329 -18.45 -13.32 36.70
C ASP B 329 -19.72 -14.10 37.03
N SER B 330 -20.73 -14.02 36.17
CA SER B 330 -21.96 -14.77 36.38
C SER B 330 -22.11 -15.95 35.40
N MET B 331 -22.21 -17.16 35.93
CA MET B 331 -22.28 -18.39 35.13
C MET B 331 -23.49 -19.26 35.44
N ILE B 332 -23.78 -20.20 34.53
CA ILE B 332 -24.93 -21.10 34.64
C ILE B 332 -24.53 -22.49 35.15
N PHE B 333 -24.74 -22.74 36.44
CA PHE B 333 -24.41 -24.01 37.06
C PHE B 333 -25.48 -25.05 36.72
N VAL B 334 -25.05 -26.21 36.22
CA VAL B 334 -25.95 -27.32 35.95
C VAL B 334 -25.59 -28.50 36.85
N GLU B 335 -25.72 -28.29 38.16
CA GLU B 335 -25.12 -29.19 39.15
C GLU B 335 -26.03 -30.31 39.60
N GLU B 336 -25.57 -31.03 40.63
CA GLU B 336 -26.33 -32.11 41.24
C GLU B 336 -27.04 -33.04 40.24
N CYS B 337 -26.30 -33.52 39.24
CA CYS B 337 -26.85 -34.46 38.26
C CYS B 337 -26.98 -35.88 38.85
N LYS B 338 -27.69 -36.74 38.13
CA LYS B 338 -27.97 -38.09 38.59
C LYS B 338 -26.86 -39.09 38.24
N HIS B 339 -26.64 -39.28 36.94
CA HIS B 339 -25.64 -40.23 36.45
C HIS B 339 -24.63 -39.55 35.52
N PRO B 340 -23.65 -38.83 36.11
CA PRO B 340 -22.70 -38.04 35.33
C PRO B 340 -21.69 -38.90 34.60
N LYS B 341 -21.56 -38.65 33.31
CA LYS B 341 -20.48 -39.18 32.49
C LYS B 341 -19.58 -38.01 32.13
N ALA B 342 -19.87 -36.86 32.73
CA ALA B 342 -18.94 -35.74 32.77
C ALA B 342 -19.06 -35.12 34.14
N VAL B 343 -17.97 -34.53 34.59
CA VAL B 343 -17.89 -34.00 35.93
C VAL B 343 -17.03 -32.74 35.91
N THR B 344 -17.26 -31.82 36.83
CA THR B 344 -16.46 -30.62 36.91
C THR B 344 -15.74 -30.53 38.25
N MET B 345 -14.46 -30.24 38.19
CA MET B 345 -13.70 -29.94 39.38
C MET B 345 -13.64 -28.43 39.49
N LEU B 346 -14.32 -27.86 40.47
CA LEU B 346 -14.23 -26.42 40.66
C LEU B 346 -13.05 -26.11 41.57
N ILE B 347 -11.99 -25.59 41.01
CA ILE B 347 -10.85 -25.28 41.82
C ILE B 347 -10.95 -23.83 42.27
N ARG B 348 -10.48 -23.54 43.48
CA ARG B 348 -10.54 -22.18 44.01
C ARG B 348 -9.33 -21.86 44.89
N GLY B 349 -8.90 -20.62 44.90
CA GLY B 349 -7.79 -20.17 45.72
C GLY B 349 -7.76 -18.66 45.73
N THR B 350 -7.09 -18.05 46.70
CA THR B 350 -7.12 -16.59 46.80
C THR B 350 -6.65 -15.83 45.55
N THR B 351 -5.39 -16.02 45.13
CA THR B 351 -4.89 -15.38 43.92
C THR B 351 -4.87 -16.34 42.72
N GLU B 352 -4.41 -15.85 41.57
CA GLU B 352 -4.57 -16.60 40.31
C GLU B 352 -3.56 -17.70 40.09
N HIS B 353 -2.29 -17.43 40.40
CA HIS B 353 -1.25 -18.43 40.22
C HIS B 353 -1.27 -19.43 41.36
N VAL B 354 -1.91 -19.05 42.46
CA VAL B 354 -2.15 -19.97 43.56
C VAL B 354 -3.16 -21.01 43.10
N ILE B 355 -4.20 -20.54 42.44
CA ILE B 355 -5.19 -21.40 41.84
C ILE B 355 -4.60 -22.27 40.73
N GLU B 356 -3.74 -21.69 39.91
CA GLU B 356 -3.25 -22.34 38.70
C GLU B 356 -2.32 -23.52 39.01
N GLU B 357 -1.62 -23.46 40.13
CA GLU B 357 -0.74 -24.55 40.53
C GLU B 357 -1.46 -25.63 41.35
N VAL B 358 -2.53 -25.26 42.05
CA VAL B 358 -3.38 -26.27 42.70
C VAL B 358 -4.00 -27.11 41.59
N ALA B 359 -4.19 -26.47 40.44
CA ALA B 359 -4.83 -27.11 39.30
C ALA B 359 -3.89 -28.10 38.66
N ARG B 360 -2.61 -27.73 38.49
CA ARG B 360 -1.61 -28.64 37.93
C ARG B 360 -1.43 -29.80 38.86
N ALA B 361 -1.73 -29.61 40.13
CA ALA B 361 -1.61 -30.68 41.10
C ALA B 361 -2.78 -31.64 40.92
N VAL B 362 -3.96 -31.10 40.70
CA VAL B 362 -5.12 -31.93 40.46
C VAL B 362 -4.99 -32.76 39.18
N ASP B 363 -4.29 -32.22 38.17
CA ASP B 363 -4.13 -32.92 36.90
C ASP B 363 -3.24 -34.15 37.03
N ASP B 364 -2.32 -34.08 37.97
CA ASP B 364 -1.34 -35.14 38.22
C ASP B 364 -2.04 -36.24 39.01
N ALA B 365 -2.84 -35.83 39.97
CA ALA B 365 -3.70 -36.75 40.71
C ALA B 365 -4.60 -37.50 39.74
N VAL B 366 -5.46 -36.78 39.01
CA VAL B 366 -6.36 -37.38 38.04
C VAL B 366 -5.67 -38.30 37.04
N GLY B 367 -4.37 -38.15 36.88
CA GLY B 367 -3.64 -39.02 35.98
C GLY B 367 -3.33 -40.34 36.64
N VAL B 368 -2.66 -40.28 37.78
CA VAL B 368 -2.25 -41.46 38.53
C VAL B 368 -3.41 -42.27 39.09
N VAL B 369 -4.50 -41.59 39.42
CA VAL B 369 -5.74 -42.28 39.77
C VAL B 369 -6.31 -42.99 38.55
N GLY B 370 -6.49 -42.28 37.46
CA GLY B 370 -6.91 -42.92 36.21
C GLY B 370 -5.98 -44.07 35.87
N CYS B 371 -4.71 -43.94 36.24
CA CYS B 371 -3.73 -44.94 35.87
C CYS B 371 -3.86 -46.23 36.65
N THR B 372 -4.33 -46.14 37.89
CA THR B 372 -4.47 -47.31 38.75
C THR B 372 -5.71 -48.10 38.35
N ILE B 373 -6.85 -47.42 38.35
CA ILE B 373 -8.08 -47.95 37.79
C ILE B 373 -7.83 -48.68 36.46
N GLU B 374 -7.18 -48.01 35.52
CA GLU B 374 -6.87 -48.60 34.21
C GLU B 374 -5.95 -49.84 34.35
N ASP B 375 -4.79 -49.64 34.98
CA ASP B 375 -3.75 -50.68 35.11
C ASP B 375 -4.13 -51.79 36.07
N GLY B 376 -4.37 -51.41 37.32
CA GLY B 376 -4.64 -52.38 38.36
C GLY B 376 -3.45 -52.71 39.24
N ARG B 377 -2.24 -52.40 38.76
CA ARG B 377 -1.03 -52.65 39.55
C ARG B 377 -0.40 -51.34 40.02
N ILE B 378 0.27 -51.38 41.17
CA ILE B 378 0.96 -50.21 41.74
C ILE B 378 2.25 -50.61 42.44
N VAL B 379 3.11 -49.64 42.75
CA VAL B 379 4.33 -49.90 43.51
C VAL B 379 4.52 -48.86 44.62
N SER B 380 5.64 -48.99 45.33
CA SER B 380 5.90 -48.17 46.52
C SER B 380 6.84 -47.02 46.24
N GLY B 381 6.39 -45.79 46.53
CA GLY B 381 7.17 -44.59 46.27
C GLY B 381 8.38 -44.43 47.17
N GLY B 382 8.81 -43.18 47.33
CA GLY B 382 9.92 -42.85 48.22
C GLY B 382 11.29 -43.22 47.67
N GLY B 383 11.32 -43.58 46.40
CA GLY B 383 12.54 -44.05 45.79
C GLY B 383 12.71 -45.53 46.11
N SER B 384 11.64 -46.13 46.63
CA SER B 384 11.67 -47.52 47.07
C SER B 384 11.98 -48.49 45.93
N THR B 385 11.05 -48.61 45.00
CA THR B 385 11.20 -49.57 43.92
C THR B 385 12.29 -49.19 42.94
N GLU B 386 13.09 -48.18 43.27
CA GLU B 386 14.26 -47.86 42.46
C GLU B 386 15.48 -48.54 43.08
N VAL B 387 15.51 -48.57 44.40
CA VAL B 387 16.60 -49.24 45.08
C VAL B 387 16.42 -50.74 44.91
N GLU B 388 15.18 -51.20 45.01
CA GLU B 388 14.87 -52.58 44.69
C GLU B 388 15.32 -52.83 43.26
N LEU B 389 14.64 -52.20 42.32
CA LEU B 389 14.88 -52.40 40.89
C LEU B 389 16.35 -52.26 40.50
N SER B 390 17.15 -51.63 41.36
CA SER B 390 18.54 -51.36 41.03
C SER B 390 19.44 -52.48 41.52
N MET B 391 19.13 -53.06 42.67
CA MET B 391 19.96 -54.15 43.18
C MET B 391 19.67 -55.40 42.38
N LYS B 392 18.40 -55.66 42.10
CA LYS B 392 18.02 -56.79 41.26
C LYS B 392 18.73 -56.70 39.91
N LEU B 393 18.71 -55.52 39.30
CA LEU B 393 19.44 -55.27 38.06
C LEU B 393 20.94 -55.47 38.20
N ARG B 394 21.45 -55.31 39.41
CA ARG B 394 22.87 -55.37 39.62
C ARG B 394 23.34 -56.80 39.61
N GLU B 395 22.50 -57.69 40.13
CA GLU B 395 22.82 -59.11 40.08
C GLU B 395 22.59 -59.68 38.67
N TYR B 396 21.47 -59.30 38.04
CA TYR B 396 21.26 -59.71 36.66
C TYR B 396 22.51 -59.36 35.85
N ALA B 397 23.28 -58.42 36.37
CA ALA B 397 24.42 -57.83 35.69
C ALA B 397 25.62 -58.74 35.71
N GLU B 398 25.70 -59.59 36.71
CA GLU B 398 26.81 -60.53 36.80
C GLU B 398 26.67 -61.68 35.82
N GLY B 399 25.44 -62.11 35.60
CA GLY B 399 25.16 -63.14 34.64
C GLY B 399 25.34 -62.65 33.22
N ILE B 400 26.20 -61.64 33.06
CA ILE B 400 26.48 -61.06 31.76
C ILE B 400 27.96 -61.09 31.47
N SER B 401 28.33 -61.77 30.38
CA SER B 401 29.72 -61.84 29.96
C SER B 401 29.97 -60.75 28.93
N GLY B 402 31.14 -60.11 29.01
CA GLY B 402 31.53 -59.11 28.03
C GLY B 402 31.50 -57.72 28.66
N ARG B 403 31.90 -56.72 27.90
CA ARG B 403 31.87 -55.35 28.38
C ARG B 403 30.47 -54.94 28.74
N GLU B 404 29.52 -55.34 27.90
CA GLU B 404 28.14 -54.88 28.02
C GLU B 404 27.67 -55.02 29.44
N GLN B 405 28.44 -55.73 30.25
CA GLN B 405 28.16 -55.84 31.67
C GLN B 405 28.28 -54.50 32.39
N LEU B 406 29.38 -53.79 32.12
CA LEU B 406 29.61 -52.48 32.68
C LEU B 406 28.42 -51.58 32.45
N ALA B 407 27.92 -51.62 31.22
CA ALA B 407 26.73 -50.88 30.86
C ALA B 407 25.60 -51.19 31.86
N VAL B 408 25.29 -52.46 32.00
CA VAL B 408 24.17 -52.89 32.81
C VAL B 408 24.30 -52.47 34.26
N ARG B 409 25.51 -52.50 34.80
CA ARG B 409 25.71 -52.02 36.18
C ARG B 409 25.46 -50.50 36.24
N ALA B 410 25.99 -49.79 35.24
CA ALA B 410 25.78 -48.35 35.12
C ALA B 410 24.29 -48.02 35.05
N PHE B 411 23.54 -48.85 34.34
CA PHE B 411 22.11 -48.64 34.22
C PHE B 411 21.46 -48.87 35.57
N ALA B 412 22.01 -49.83 36.31
CA ALA B 412 21.46 -50.19 37.61
C ALA B 412 21.75 -49.10 38.63
N ASP B 413 22.98 -48.57 38.57
CA ASP B 413 23.42 -47.45 39.44
C ASP B 413 22.68 -46.15 39.11
N ALA B 414 22.34 -46.01 37.85
CA ALA B 414 21.60 -44.85 37.40
C ALA B 414 20.32 -44.67 38.22
N LEU B 415 19.53 -45.73 38.36
CA LEU B 415 18.21 -45.59 38.98
C LEU B 415 18.27 -45.09 40.41
N GLU B 416 19.45 -45.16 41.04
CA GLU B 416 19.58 -44.75 42.42
C GLU B 416 19.59 -43.22 42.52
N VAL B 417 19.30 -42.55 41.42
CA VAL B 417 19.42 -41.10 41.40
C VAL B 417 18.19 -40.54 42.02
N ILE B 418 17.10 -41.32 41.99
CA ILE B 418 15.82 -40.88 42.55
C ILE B 418 15.81 -40.90 44.06
N PRO B 419 16.30 -42.00 44.64
CA PRO B 419 16.42 -41.96 46.10
C PRO B 419 17.40 -40.87 46.46
N ARG B 420 18.45 -40.73 45.68
CA ARG B 420 19.53 -39.81 46.03
C ARG B 420 19.07 -38.37 46.05
N THR B 421 18.49 -37.90 44.97
CA THR B 421 18.06 -36.53 44.93
C THR B 421 16.89 -36.29 45.88
N LEU B 422 16.03 -37.27 46.13
CA LEU B 422 14.96 -37.04 47.09
C LEU B 422 15.52 -36.69 48.45
N ALA B 423 16.66 -37.37 48.81
CA ALA B 423 17.36 -37.09 50.04
C ALA B 423 17.93 -35.67 50.03
N GLU B 424 18.57 -35.31 48.92
CA GLU B 424 19.30 -34.05 48.80
C GLU B 424 18.43 -32.88 49.15
N ASN B 425 17.32 -32.78 48.44
CA ASN B 425 16.39 -31.68 48.60
C ASN B 425 15.82 -31.60 50.00
N ALA B 426 15.64 -32.75 50.64
CA ALA B 426 15.11 -32.78 51.99
C ALA B 426 16.15 -32.22 52.94
N GLY B 427 17.40 -32.28 52.51
CA GLY B 427 18.50 -31.74 53.28
C GLY B 427 19.36 -32.83 53.90
N LEU B 428 18.87 -34.06 53.83
CA LEU B 428 19.56 -35.18 54.47
C LEU B 428 20.83 -35.56 53.72
N ASP B 429 21.62 -36.42 54.35
CA ASP B 429 22.89 -36.88 53.80
C ASP B 429 22.64 -38.01 52.80
N ALA B 430 22.65 -37.66 51.52
CA ALA B 430 22.28 -38.58 50.46
C ALA B 430 23.03 -39.91 50.55
N ILE B 431 24.32 -39.84 50.89
CA ILE B 431 25.17 -41.02 50.76
C ILE B 431 24.84 -42.08 51.78
N GLU B 432 24.64 -41.66 53.04
CA GLU B 432 24.29 -42.55 54.15
C GLU B 432 22.95 -43.21 53.87
N ILE B 433 21.93 -42.36 53.82
CA ILE B 433 20.56 -42.78 53.54
C ILE B 433 20.48 -43.78 52.42
N LEU B 434 21.32 -43.62 51.42
CA LEU B 434 21.34 -44.57 50.33
C LEU B 434 21.86 -45.92 50.82
N VAL B 435 22.81 -45.91 51.76
CA VAL B 435 23.29 -47.17 52.27
C VAL B 435 22.26 -47.88 53.14
N LYS B 436 21.59 -47.14 54.04
CA LYS B 436 20.55 -47.74 54.87
C LYS B 436 19.49 -48.38 54.01
N VAL B 437 18.97 -47.62 53.05
CA VAL B 437 17.94 -48.12 52.16
C VAL B 437 18.42 -49.26 51.26
N ARG B 438 19.74 -49.39 51.09
CA ARG B 438 20.27 -50.47 50.26
C ARG B 438 20.51 -51.77 51.04
N ALA B 439 20.68 -51.63 52.36
CA ALA B 439 20.80 -52.78 53.23
C ALA B 439 19.42 -53.41 53.47
N ALA B 440 18.42 -52.55 53.64
CA ALA B 440 17.06 -53.00 53.90
C ALA B 440 16.40 -53.65 52.69
N HIS B 441 17.18 -53.88 51.63
CA HIS B 441 16.66 -54.57 50.44
C HIS B 441 17.42 -55.86 50.14
N ALA B 442 18.19 -56.34 51.12
CA ALA B 442 19.13 -57.43 50.87
C ALA B 442 18.49 -58.81 50.74
N SER B 443 17.73 -59.03 49.66
CA SER B 443 17.08 -60.31 49.36
C SER B 443 15.95 -60.72 50.32
N ASN B 444 15.97 -60.19 51.53
CA ASN B 444 14.85 -60.37 52.46
C ASN B 444 13.71 -59.43 52.09
N GLY B 445 13.28 -58.61 53.04
CA GLY B 445 12.43 -57.47 52.73
C GLY B 445 13.32 -56.37 52.22
N ASN B 446 12.76 -55.20 51.94
CA ASN B 446 11.32 -54.97 52.04
C ASN B 446 10.65 -54.81 50.67
N LYS B 447 11.39 -54.33 49.67
CA LYS B 447 10.86 -53.97 48.34
C LYS B 447 9.96 -52.74 48.46
N CYS B 448 9.69 -52.39 49.71
CA CYS B 448 8.81 -51.29 50.07
C CYS B 448 9.58 -50.43 51.07
N ALA B 449 10.87 -50.70 51.18
CA ALA B 449 11.69 -49.97 52.15
C ALA B 449 12.30 -48.74 51.53
N GLY B 450 11.81 -47.57 51.94
CA GLY B 450 12.28 -46.34 51.35
C GLY B 450 12.48 -45.20 52.32
N LEU B 451 13.09 -44.11 51.85
CA LEU B 451 13.34 -42.94 52.71
C LEU B 451 12.12 -42.02 52.86
N ASN B 452 11.65 -41.85 54.09
CA ASN B 452 10.65 -40.84 54.37
C ASN B 452 11.37 -39.54 54.70
N VAL B 453 11.14 -38.53 53.88
CA VAL B 453 11.85 -37.26 53.97
C VAL B 453 11.35 -36.40 55.11
N PHE B 454 10.27 -36.82 55.76
CA PHE B 454 9.82 -36.17 56.97
C PHE B 454 10.42 -36.89 58.18
N THR B 455 10.09 -38.17 58.32
CA THR B 455 10.78 -39.01 59.30
C THR B 455 12.25 -38.61 59.33
N GLY B 456 12.91 -38.77 58.20
CA GLY B 456 14.35 -38.61 58.13
C GLY B 456 14.99 -39.98 58.06
N ALA B 457 14.27 -41.01 58.50
CA ALA B 457 14.79 -42.38 58.50
C ALA B 457 13.98 -43.28 57.57
N VAL B 458 14.58 -44.40 57.21
CA VAL B 458 13.99 -45.30 56.22
C VAL B 458 12.81 -46.08 56.83
N GLU B 459 11.67 -46.08 56.15
CA GLU B 459 10.46 -46.71 56.67
C GLU B 459 9.78 -47.65 55.66
N ASP B 460 8.59 -48.14 55.99
CA ASP B 460 7.93 -49.04 55.06
C ASP B 460 6.91 -48.27 54.28
N MET B 461 7.25 -47.95 53.05
CA MET B 461 6.46 -47.04 52.24
C MET B 461 5.05 -47.55 51.92
N CYS B 462 4.89 -48.85 51.73
CA CYS B 462 3.56 -49.40 51.42
C CYS B 462 2.59 -49.15 52.56
N GLU B 463 3.12 -49.16 53.78
CA GLU B 463 2.32 -48.95 54.98
C GLU B 463 2.13 -47.48 55.32
N ASN B 464 3.08 -46.63 54.95
CA ASN B 464 2.94 -45.19 55.16
C ASN B 464 2.08 -44.56 54.08
N GLY B 465 1.57 -45.38 53.17
CA GLY B 465 0.65 -44.92 52.14
C GLY B 465 1.33 -44.16 51.03
N VAL B 466 2.54 -44.56 50.69
CA VAL B 466 3.27 -43.92 49.62
C VAL B 466 3.28 -44.80 48.39
N VAL B 467 2.33 -44.59 47.48
CA VAL B 467 2.19 -45.50 46.35
C VAL B 467 2.03 -44.79 44.99
N GLU B 468 2.42 -45.47 43.92
CA GLU B 468 2.45 -44.89 42.60
C GLU B 468 2.08 -45.91 41.55
N PRO B 469 1.22 -45.55 40.60
CA PRO B 469 0.83 -46.50 39.55
C PRO B 469 2.07 -47.18 39.01
N LEU B 470 1.95 -48.35 38.43
CA LEU B 470 3.14 -49.01 37.90
C LEU B 470 3.55 -48.22 36.69
N ARG B 471 2.55 -47.66 35.98
CA ARG B 471 2.79 -46.96 34.74
C ARG B 471 3.79 -45.82 34.92
N VAL B 472 3.91 -45.30 36.12
CA VAL B 472 4.86 -44.22 36.36
C VAL B 472 6.33 -44.65 36.21
N LYS B 473 6.69 -45.81 36.75
CA LYS B 473 8.07 -46.24 36.70
C LYS B 473 8.42 -47.02 35.44
N THR B 474 7.43 -47.65 34.82
CA THR B 474 7.70 -48.36 33.57
C THR B 474 7.85 -47.33 32.49
N GLN B 475 6.83 -46.51 32.31
CA GLN B 475 6.89 -45.50 31.25
C GLN B 475 8.15 -44.69 31.42
N ALA B 476 8.42 -44.23 32.64
CA ALA B 476 9.57 -43.37 32.88
C ALA B 476 10.91 -44.04 32.58
N ILE B 477 11.08 -45.27 33.05
CA ILE B 477 12.33 -45.98 32.84
C ILE B 477 12.57 -46.36 31.39
N GLN B 478 11.52 -46.63 30.63
CA GLN B 478 11.76 -46.97 29.24
C GLN B 478 11.97 -45.76 28.30
N SER B 479 11.22 -44.67 28.49
CA SER B 479 11.45 -43.48 27.69
C SER B 479 12.79 -42.84 28.04
N ALA B 480 13.24 -43.06 29.27
CA ALA B 480 14.57 -42.58 29.64
C ALA B 480 15.61 -43.46 28.97
N ALA B 481 15.31 -44.74 28.84
CA ALA B 481 16.25 -45.63 28.19
C ALA B 481 16.29 -45.36 26.70
N GLU B 482 15.12 -45.40 26.08
CA GLU B 482 15.04 -45.27 24.63
C GLU B 482 15.69 -44.00 24.09
N SER B 483 15.42 -42.87 24.72
CA SER B 483 16.00 -41.63 24.21
C SER B 483 17.52 -41.53 24.45
N THR B 484 17.99 -41.83 25.65
CA THR B 484 19.43 -41.72 25.88
C THR B 484 20.17 -42.71 25.03
N GLU B 485 19.53 -43.81 24.70
CA GLU B 485 20.14 -44.81 23.82
C GLU B 485 20.42 -44.14 22.51
N MET B 486 19.44 -43.44 21.98
CA MET B 486 19.61 -42.85 20.67
C MET B 486 20.63 -41.75 20.71
N LEU B 487 20.75 -41.05 21.85
CA LEU B 487 21.64 -39.91 21.94
C LEU B 487 23.07 -40.37 21.85
N LEU B 488 23.32 -41.51 22.49
CA LEU B 488 24.67 -42.05 22.60
C LEU B 488 25.19 -42.56 21.27
N ARG B 489 24.27 -42.87 20.37
CA ARG B 489 24.64 -43.38 19.06
C ARG B 489 25.19 -42.28 18.22
N ILE B 490 25.05 -41.06 18.71
CA ILE B 490 25.42 -39.89 17.92
C ILE B 490 26.86 -39.48 18.10
N ASP B 491 27.54 -39.27 16.97
CA ASP B 491 28.94 -38.90 16.99
C ASP B 491 29.29 -37.65 16.17
N ASP B 492 28.36 -37.22 15.32
CA ASP B 492 28.56 -36.01 14.54
C ASP B 492 27.28 -35.17 14.63
N VAL B 493 27.43 -33.85 14.74
CA VAL B 493 26.29 -32.92 14.75
C VAL B 493 26.52 -31.87 13.68
N ILE B 494 25.44 -31.35 13.11
CA ILE B 494 25.60 -30.37 12.03
C ILE B 494 24.70 -29.12 12.19
N ALA B 495 25.16 -28.15 12.99
CA ALA B 495 24.35 -26.99 13.37
C ALA B 495 24.55 -25.79 12.44
N ALA B 496 23.44 -25.21 11.99
CA ALA B 496 23.49 -24.06 11.07
C ALA B 496 23.05 -22.74 11.69
N GLU B 497 23.16 -21.68 10.89
CA GLU B 497 22.62 -20.38 11.25
C GLU B 497 23.25 -19.81 12.52
N ASN C 11 21.30 -16.17 27.70
CA ASN C 11 19.85 -16.06 27.54
C ASN C 11 19.03 -16.48 28.78
N MET C 12 18.81 -15.57 29.73
CA MET C 12 19.39 -14.23 29.72
C MET C 12 19.66 -13.77 31.15
N LYS C 13 18.66 -13.91 32.02
CA LYS C 13 18.82 -13.56 33.43
C LYS C 13 18.25 -14.68 34.29
N ARG C 14 19.02 -15.20 35.24
CA ARG C 14 18.52 -16.19 36.18
C ARG C 14 19.05 -15.96 37.57
N TYR C 15 18.20 -16.11 38.57
CA TYR C 15 18.64 -15.92 39.94
C TYR C 15 18.58 -17.24 40.75
N MET C 16 19.67 -17.55 41.45
CA MET C 16 19.83 -18.85 42.12
C MET C 16 19.60 -18.81 43.64
N GLY C 17 18.84 -19.78 44.13
CA GLY C 17 18.76 -20.04 45.55
C GLY C 17 18.53 -18.85 46.45
N ARG C 18 19.49 -18.54 47.31
CA ARG C 18 19.35 -17.45 48.29
C ARG C 18 19.23 -16.08 47.61
N ASP C 19 19.65 -15.99 46.35
CA ASP C 19 19.48 -14.77 45.57
C ASP C 19 18.06 -14.61 45.06
N ALA C 20 17.48 -15.70 44.56
CA ALA C 20 16.12 -15.72 44.04
C ALA C 20 15.10 -15.52 45.14
N GLN C 21 15.37 -16.07 46.30
CA GLN C 21 14.48 -15.85 47.42
C GLN C 21 14.61 -14.39 47.88
N ARG C 22 15.84 -13.93 48.05
CA ARG C 22 16.01 -12.56 48.51
C ARG C 22 15.40 -11.62 47.52
N MET C 23 15.52 -11.93 46.23
CA MET C 23 14.92 -11.09 45.20
C MET C 23 13.42 -10.97 45.42
N ASN C 24 12.75 -12.10 45.61
CA ASN C 24 11.30 -12.11 45.71
C ASN C 24 10.79 -11.60 47.04
N ILE C 25 11.44 -12.01 48.10
CA ILE C 25 11.04 -11.58 49.41
C ILE C 25 11.18 -10.07 49.48
N LEU C 26 12.18 -9.56 48.77
CA LEU C 26 12.42 -8.13 48.81
C LEU C 26 11.43 -7.41 47.91
N ALA C 27 11.24 -7.91 46.70
CA ALA C 27 10.31 -7.31 45.77
C ALA C 27 8.94 -7.24 46.41
N GLY C 28 8.62 -8.24 47.21
CA GLY C 28 7.36 -8.25 47.91
C GLY C 28 7.31 -7.16 48.94
N ARG C 29 8.29 -7.11 49.82
CA ARG C 29 8.25 -6.14 50.92
C ARG C 29 8.16 -4.73 50.41
N ILE C 30 8.53 -4.54 49.16
CA ILE C 30 8.61 -3.19 48.61
C ILE C 30 7.28 -2.65 48.13
N ILE C 31 6.44 -3.47 47.51
CA ILE C 31 5.12 -2.96 47.17
C ILE C 31 4.28 -2.96 48.40
N ALA C 32 4.70 -3.70 49.42
CA ALA C 32 4.01 -3.61 50.68
C ALA C 32 4.32 -2.27 51.32
N GLU C 33 5.60 -1.91 51.39
CA GLU C 33 6.05 -0.65 52.01
C GLU C 33 5.56 0.56 51.21
N THR C 34 5.01 0.27 50.05
CA THR C 34 4.50 1.32 49.17
C THR C 34 3.09 1.78 49.58
N VAL C 35 2.39 1.00 50.38
CA VAL C 35 1.04 1.37 50.74
C VAL C 35 0.93 1.42 52.24
N ARG C 36 1.97 0.97 52.93
CA ARG C 36 2.03 1.06 54.39
C ARG C 36 1.60 2.43 54.87
N SER C 37 1.78 3.46 54.03
CA SER C 37 1.57 4.81 54.52
C SER C 37 0.14 5.24 54.45
N THR C 38 -0.73 4.44 53.81
CA THR C 38 -2.14 4.81 53.66
C THR C 38 -3.00 4.21 54.75
N LEU C 39 -2.38 3.42 55.59
CA LEU C 39 -3.14 2.60 56.49
C LEU C 39 -3.62 3.42 57.68
N GLY C 40 -4.94 3.42 57.87
CA GLY C 40 -5.52 4.13 59.00
C GLY C 40 -6.05 5.47 58.58
N PRO C 41 -6.75 6.14 59.51
CA PRO C 41 -7.30 7.47 59.34
C PRO C 41 -6.19 8.51 59.32
N LYS C 42 -5.18 8.33 60.15
CA LYS C 42 -4.04 9.24 60.16
C LYS C 42 -3.04 8.82 59.08
N GLY C 43 -3.55 8.22 58.02
CA GLY C 43 -2.71 7.80 56.93
C GLY C 43 -2.82 8.78 55.78
N MET C 44 -1.81 8.77 54.92
CA MET C 44 -1.69 9.71 53.79
C MET C 44 -2.06 9.15 52.40
N ASP C 45 -2.30 10.04 51.44
CA ASP C 45 -2.68 9.65 50.07
C ASP C 45 -1.51 9.71 49.09
N LYS C 46 -1.58 8.89 48.05
CA LYS C 46 -0.56 8.85 47.00
C LYS C 46 -1.13 9.54 45.78
N MET C 47 -0.46 10.56 45.24
CA MET C 47 -0.87 11.07 43.92
C MET C 47 -0.10 10.37 42.82
N LEU C 48 -0.80 10.02 41.77
CA LEU C 48 -0.25 9.05 40.89
C LEU C 48 -0.47 9.39 39.43
N VAL C 49 0.49 10.11 38.86
CA VAL C 49 0.44 10.48 37.45
C VAL C 49 0.78 9.25 36.64
N ASP C 50 0.49 9.28 35.35
CA ASP C 50 1.02 8.26 34.46
C ASP C 50 1.99 8.87 33.46
N ASP C 51 1.86 8.49 32.19
CA ASP C 51 2.75 9.00 31.15
C ASP C 51 2.03 10.04 30.30
N LEU C 52 0.77 10.29 30.67
CA LEU C 52 -0.12 11.17 29.93
C LEU C 52 -0.52 12.39 30.73
N GLY C 53 0.31 12.78 31.69
CA GLY C 53 -0.03 13.88 32.58
C GLY C 53 -1.29 13.59 33.36
N ASP C 54 -1.88 12.42 33.15
CA ASP C 54 -3.11 12.00 33.84
C ASP C 54 -2.93 11.73 35.32
N VAL C 55 -3.54 12.52 36.17
CA VAL C 55 -3.32 12.34 37.59
C VAL C 55 -4.44 11.50 38.22
N VAL C 56 -4.14 10.82 39.32
CA VAL C 56 -5.17 10.23 40.15
C VAL C 56 -4.72 10.09 41.60
N VAL C 57 -5.46 10.75 42.49
CA VAL C 57 -5.15 10.83 43.89
C VAL C 57 -6.05 9.88 44.64
N THR C 58 -5.45 9.07 45.52
CA THR C 58 -6.22 8.10 46.29
C THR C 58 -5.49 7.57 47.53
N ASN C 59 -6.28 7.05 48.48
CA ASN C 59 -5.79 6.36 49.67
C ASN C 59 -6.21 4.89 49.57
N ASP C 60 -6.95 4.57 48.50
CA ASP C 60 -7.42 3.21 48.28
C ASP C 60 -6.26 2.35 47.84
N GLY C 61 -5.95 1.36 48.66
CA GLY C 61 -4.86 0.43 48.40
C GLY C 61 -4.74 -0.16 47.01
N VAL C 62 -5.74 -0.92 46.57
CA VAL C 62 -5.63 -1.65 45.31
C VAL C 62 -5.45 -0.77 44.09
N THR C 63 -6.25 0.29 43.96
CA THR C 63 -6.11 1.17 42.80
C THR C 63 -4.67 1.69 42.75
N ILE C 64 -4.17 2.21 43.86
CA ILE C 64 -2.75 2.55 43.91
C ILE C 64 -1.91 1.44 43.28
N LEU C 65 -2.04 0.21 43.75
CA LEU C 65 -1.22 -0.86 43.21
C LEU C 65 -1.54 -1.12 41.77
N ARG C 66 -2.82 -1.38 41.46
CA ARG C 66 -3.22 -1.60 40.09
C ARG C 66 -2.61 -0.55 39.18
N GLU C 67 -3.01 0.70 39.38
CA GLU C 67 -2.65 1.75 38.42
C GLU C 67 -1.27 2.33 38.60
N MET C 68 -0.28 1.48 38.88
CA MET C 68 1.09 1.87 38.72
C MET C 68 1.81 0.78 38.01
N SER C 69 2.79 1.14 37.22
CA SER C 69 3.45 0.17 36.38
C SER C 69 4.37 -0.66 37.23
N VAL C 70 3.85 -1.74 37.81
CA VAL C 70 4.70 -2.65 38.58
C VAL C 70 5.14 -3.78 37.68
N GLU C 71 6.46 -4.02 37.60
CA GLU C 71 7.02 -4.88 36.58
C GLU C 71 7.56 -6.21 37.08
N HIS C 72 8.31 -6.13 38.18
CA HIS C 72 8.94 -7.29 38.78
C HIS C 72 7.90 -8.35 39.04
N PRO C 73 8.17 -9.58 38.62
CA PRO C 73 7.24 -10.71 38.70
C PRO C 73 6.79 -11.06 40.13
N ALA C 74 7.70 -11.10 41.09
CA ALA C 74 7.28 -11.36 42.47
C ALA C 74 6.19 -10.38 42.87
N ALA C 75 6.50 -9.09 42.83
CA ALA C 75 5.54 -8.07 43.19
C ALA C 75 4.23 -8.18 42.43
N LYS C 76 4.31 -8.51 41.14
CA LYS C 76 3.11 -8.68 40.33
C LYS C 76 2.11 -9.58 41.05
N MET C 77 2.61 -10.40 41.96
CA MET C 77 1.77 -11.38 42.61
C MET C 77 1.29 -11.04 44.00
N LEU C 78 1.89 -10.05 44.65
CA LEU C 78 1.25 -9.52 45.83
C LEU C 78 0.07 -8.66 45.40
N ILE C 79 0.15 -8.17 44.17
CA ILE C 79 -0.90 -7.30 43.69
C ILE C 79 -2.08 -8.19 43.45
N GLU C 80 -1.81 -9.49 43.29
CA GLU C 80 -2.87 -10.47 43.16
C GLU C 80 -3.76 -10.45 44.40
N VAL C 81 -3.11 -10.42 45.54
CA VAL C 81 -3.77 -10.47 46.84
C VAL C 81 -4.72 -9.30 46.99
N ALA C 82 -4.23 -8.12 46.67
CA ALA C 82 -5.03 -6.91 46.79
C ALA C 82 -6.16 -6.93 45.81
N LYS C 83 -5.90 -7.53 44.65
CA LYS C 83 -6.86 -7.50 43.53
C LYS C 83 -8.07 -8.40 43.82
N THR C 84 -7.87 -9.43 44.62
CA THR C 84 -8.98 -10.31 45.00
C THR C 84 -9.56 -9.96 46.36
N GLN C 85 -8.83 -9.19 47.16
CA GLN C 85 -9.42 -8.66 48.37
C GLN C 85 -10.55 -7.75 47.95
N GLU C 86 -10.26 -6.84 47.02
CA GLU C 86 -11.26 -5.88 46.55
C GLU C 86 -12.43 -6.61 45.93
N LYS C 87 -12.14 -7.75 45.32
CA LYS C 87 -13.13 -8.54 44.58
C LYS C 87 -14.08 -9.22 45.54
N GLU C 88 -13.57 -9.65 46.68
CA GLU C 88 -14.37 -10.46 47.62
C GLU C 88 -14.80 -9.72 48.86
N VAL C 89 -14.39 -8.47 49.02
CA VAL C 89 -14.76 -7.68 50.19
C VAL C 89 -15.04 -6.24 49.81
N GLY C 90 -14.00 -5.44 49.60
CA GLY C 90 -14.17 -4.08 49.12
C GLY C 90 -13.25 -3.16 49.89
N ASP C 91 -13.16 -3.41 51.20
CA ASP C 91 -12.24 -2.70 52.08
C ASP C 91 -11.13 -3.66 52.48
N GLY C 92 -10.11 -3.12 53.14
CA GLY C 92 -8.99 -3.93 53.61
C GLY C 92 -8.15 -4.52 52.49
N THR C 93 -7.96 -3.76 51.42
CA THR C 93 -7.04 -4.16 50.35
C THR C 93 -5.62 -3.84 50.78
N THR C 94 -5.41 -2.67 51.40
CA THR C 94 -4.10 -2.33 51.93
C THR C 94 -3.64 -3.35 52.98
N THR C 95 -4.49 -3.68 53.95
CA THR C 95 -4.07 -4.59 55.04
C THR C 95 -3.71 -6.00 54.58
N ALA C 96 -4.35 -6.48 53.51
CA ALA C 96 -4.04 -7.80 52.96
C ALA C 96 -2.66 -7.82 52.32
N VAL C 97 -2.35 -6.77 51.58
CA VAL C 97 -1.04 -6.63 50.99
C VAL C 97 0.00 -6.41 52.08
N VAL C 98 -0.31 -5.55 53.05
CA VAL C 98 0.61 -5.18 54.14
C VAL C 98 1.07 -6.37 54.96
N VAL C 99 0.11 -7.16 55.45
CA VAL C 99 0.40 -8.42 56.13
C VAL C 99 1.25 -9.36 55.24
N ALA C 100 0.88 -9.46 53.97
CA ALA C 100 1.57 -10.34 53.02
C ALA C 100 3.00 -9.96 52.97
N GLY C 101 3.29 -8.69 53.13
CA GLY C 101 4.65 -8.23 53.11
C GLY C 101 5.32 -8.70 54.38
N GLU C 102 4.63 -8.52 55.49
CA GLU C 102 5.21 -8.75 56.80
C GLU C 102 5.36 -10.23 57.08
N LEU C 103 4.70 -11.07 56.29
CA LEU C 103 4.95 -12.49 56.38
C LEU C 103 6.25 -12.83 55.63
N LEU C 104 6.49 -12.17 54.51
CA LEU C 104 7.74 -12.34 53.82
C LEU C 104 8.91 -11.80 54.64
N ARG C 105 8.73 -10.69 55.34
CA ARG C 105 9.80 -10.19 56.19
C ARG C 105 10.18 -11.20 57.25
N LYS C 106 9.19 -11.66 58.00
CA LYS C 106 9.47 -12.62 59.07
C LYS C 106 9.97 -13.93 58.48
N ALA C 107 9.57 -14.21 57.24
CA ALA C 107 9.95 -15.49 56.63
C ALA C 107 11.44 -15.59 56.43
N GLU C 108 12.12 -14.49 56.17
CA GLU C 108 13.55 -14.57 55.88
C GLU C 108 14.39 -14.59 57.16
N GLU C 109 13.78 -14.25 58.28
CA GLU C 109 14.47 -14.34 59.54
C GLU C 109 14.69 -15.82 59.87
N LEU C 110 13.82 -16.65 59.33
CA LEU C 110 13.93 -18.11 59.52
C LEU C 110 14.79 -18.77 58.44
N LEU C 111 14.77 -18.20 57.23
CA LEU C 111 15.52 -18.75 56.12
C LEU C 111 16.97 -18.48 56.36
N ASP C 112 17.25 -17.32 56.97
CA ASP C 112 18.61 -16.91 57.26
C ASP C 112 19.07 -17.58 58.55
N GLN C 113 18.23 -18.48 59.06
CA GLN C 113 18.56 -19.37 60.15
C GLN C 113 18.55 -20.82 59.64
N ASN C 114 18.50 -20.96 58.32
CA ASN C 114 18.60 -22.27 57.68
C ASN C 114 17.42 -23.19 57.93
N VAL C 115 16.25 -22.61 58.20
CA VAL C 115 15.01 -23.37 58.17
C VAL C 115 14.68 -23.62 56.71
N HIS C 116 14.27 -24.84 56.39
CA HIS C 116 13.94 -25.17 55.01
C HIS C 116 12.71 -24.37 54.58
N PRO C 117 12.69 -23.85 53.36
CA PRO C 117 11.48 -23.17 52.95
C PRO C 117 10.24 -24.01 53.20
N THR C 118 10.28 -25.29 52.86
CA THR C 118 9.06 -26.12 52.95
C THR C 118 8.57 -26.31 54.37
N ILE C 119 9.43 -26.05 55.34
CA ILE C 119 9.05 -26.13 56.76
C ILE C 119 8.36 -24.83 57.15
N VAL C 120 8.89 -23.71 56.65
CA VAL C 120 8.28 -22.41 56.87
C VAL C 120 6.88 -22.46 56.31
N VAL C 121 6.77 -22.84 55.05
CA VAL C 121 5.47 -22.82 54.39
C VAL C 121 4.50 -23.83 55.00
N LYS C 122 5.02 -24.83 55.68
CA LYS C 122 4.18 -25.80 56.35
C LYS C 122 3.56 -25.11 57.55
N GLY C 123 4.41 -24.44 58.32
CA GLY C 123 4.02 -23.82 59.57
C GLY C 123 3.19 -22.57 59.41
N TYR C 124 3.39 -21.87 58.29
CA TYR C 124 2.55 -20.72 57.95
C TYR C 124 1.18 -21.22 57.62
N GLN C 125 1.11 -22.32 56.89
CA GLN C 125 -0.17 -22.89 56.53
C GLN C 125 -0.88 -23.25 57.81
N ALA C 126 -0.15 -23.92 58.68
CA ALA C 126 -0.71 -24.39 59.93
C ALA C 126 -1.36 -23.28 60.70
N ALA C 127 -0.75 -22.10 60.68
CA ALA C 127 -1.21 -20.97 61.48
C ALA C 127 -2.33 -20.26 60.77
N ALA C 128 -2.27 -20.24 59.45
CA ALA C 128 -3.33 -19.67 58.66
C ALA C 128 -4.58 -20.46 58.91
N GLN C 129 -4.42 -21.78 59.04
CA GLN C 129 -5.55 -22.68 59.30
C GLN C 129 -6.18 -22.29 60.62
N LYS C 130 -5.35 -22.20 61.65
CA LYS C 130 -5.79 -21.88 63.01
C LYS C 130 -6.45 -20.54 63.08
N ALA C 131 -5.81 -19.53 62.53
CA ALA C 131 -6.34 -18.18 62.67
C ALA C 131 -7.69 -18.09 62.01
N GLN C 132 -8.01 -19.02 61.13
CA GLN C 132 -9.28 -18.97 60.46
C GLN C 132 -10.42 -19.39 61.37
N GLU C 133 -10.22 -20.41 62.20
CA GLU C 133 -11.26 -20.85 63.11
C GLU C 133 -11.17 -20.07 64.40
N LEU C 134 -10.02 -19.47 64.64
CA LEU C 134 -9.81 -18.59 65.79
C LEU C 134 -10.57 -17.27 65.64
N LEU C 135 -10.85 -16.91 64.41
CA LEU C 135 -11.60 -15.71 64.13
C LEU C 135 -13.05 -16.07 64.24
N LYS C 136 -13.41 -17.20 63.65
CA LYS C 136 -14.80 -17.64 63.61
C LYS C 136 -15.43 -17.41 64.98
N THR C 137 -14.67 -17.77 66.02
CA THR C 137 -15.18 -17.77 67.40
C THR C 137 -15.14 -16.39 68.08
N ILE C 138 -14.28 -15.49 67.61
CA ILE C 138 -14.19 -14.18 68.26
C ILE C 138 -14.87 -13.08 67.46
N ALA C 139 -15.82 -13.50 66.63
CA ALA C 139 -16.59 -12.59 65.82
C ALA C 139 -18.01 -12.47 66.35
N CYS C 140 -18.39 -11.27 66.77
CA CYS C 140 -19.73 -10.98 67.31
C CYS C 140 -20.81 -11.19 66.24
N GLU C 141 -21.98 -11.65 66.64
CA GLU C 141 -23.07 -11.80 65.69
C GLU C 141 -23.81 -10.47 65.53
N VAL C 142 -24.48 -10.28 64.40
CA VAL C 142 -25.23 -9.05 64.17
C VAL C 142 -26.43 -9.32 63.28
N GLY C 143 -27.48 -8.52 63.44
CA GLY C 143 -28.68 -8.67 62.64
C GLY C 143 -28.54 -8.04 61.27
N ALA C 144 -28.88 -8.79 60.23
CA ALA C 144 -28.77 -8.32 58.87
C ALA C 144 -29.47 -6.99 58.66
N GLN C 145 -30.29 -6.59 59.63
CA GLN C 145 -30.99 -5.34 59.52
C GLN C 145 -30.79 -4.49 60.75
N ASP C 146 -29.85 -4.89 61.60
CA ASP C 146 -29.42 -4.04 62.70
C ASP C 146 -28.90 -2.73 62.11
N LYS C 147 -29.82 -1.88 61.66
CA LYS C 147 -29.49 -0.72 60.84
C LYS C 147 -28.65 0.29 61.60
N GLU C 148 -28.43 0.06 62.88
CA GLU C 148 -27.57 0.95 63.65
C GLU C 148 -26.11 0.50 63.53
N ILE C 149 -25.89 -0.80 63.69
CA ILE C 149 -24.57 -1.41 63.57
C ILE C 149 -24.06 -1.35 62.15
N LEU C 150 -24.92 -1.65 61.19
CA LEU C 150 -24.57 -1.46 59.78
C LEU C 150 -23.97 -0.07 59.51
N THR C 151 -24.37 0.94 60.30
CA THR C 151 -23.90 2.30 60.09
C THR C 151 -22.62 2.60 60.84
N LYS C 152 -22.35 1.84 61.89
CA LYS C 152 -21.07 1.95 62.56
C LYS C 152 -20.05 1.28 61.67
N ILE C 153 -20.48 0.27 60.91
CA ILE C 153 -19.60 -0.44 59.97
C ILE C 153 -19.26 0.40 58.76
N ALA C 154 -20.26 1.06 58.19
CA ALA C 154 -20.04 1.91 57.03
C ALA C 154 -19.31 3.18 57.39
N MET C 155 -19.29 3.51 58.67
CA MET C 155 -18.63 4.71 59.12
C MET C 155 -17.18 4.41 59.42
N THR C 156 -16.91 3.18 59.86
CA THR C 156 -15.55 2.77 60.17
C THR C 156 -14.77 2.56 58.88
N SER C 157 -15.49 2.29 57.80
CA SER C 157 -14.89 2.08 56.48
C SER C 157 -14.44 3.38 55.86
N ILE C 158 -15.33 4.38 55.85
CA ILE C 158 -15.02 5.71 55.30
C ILE C 158 -13.87 6.41 56.02
N THR C 159 -13.90 6.45 57.35
CA THR C 159 -12.70 6.83 58.08
C THR C 159 -11.62 5.87 57.60
N GLY C 160 -10.35 6.20 57.82
CA GLY C 160 -9.28 5.36 57.31
C GLY C 160 -8.93 5.79 55.89
N LYS C 161 -9.94 6.32 55.21
CA LYS C 161 -9.74 7.17 54.05
C LYS C 161 -9.76 8.62 54.53
N GLY C 162 -9.37 8.81 55.78
CA GLY C 162 -9.42 10.11 56.43
C GLY C 162 -10.68 10.29 57.27
N ALA C 163 -10.49 10.71 58.53
CA ALA C 163 -11.62 10.98 59.41
C ALA C 163 -12.56 12.08 58.86
N GLU C 164 -12.04 12.88 57.93
CA GLU C 164 -12.78 14.03 57.46
C GLU C 164 -13.77 13.70 56.33
N LYS C 165 -13.71 12.48 55.82
CA LYS C 165 -14.72 12.04 54.86
C LYS C 165 -15.87 11.39 55.60
N ALA C 166 -15.65 11.13 56.89
CA ALA C 166 -16.57 10.36 57.73
C ALA C 166 -17.87 11.09 58.08
N LYS C 167 -18.40 11.84 57.11
CA LYS C 167 -19.65 12.58 57.31
C LYS C 167 -20.74 11.62 57.79
N GLU C 168 -21.38 11.96 58.91
CA GLU C 168 -22.36 11.07 59.51
C GLU C 168 -23.52 10.78 58.57
N LYS C 169 -24.04 11.80 57.95
CA LYS C 169 -25.23 11.62 57.12
C LYS C 169 -24.89 10.98 55.78
N LEU C 170 -23.64 10.55 55.63
CA LEU C 170 -23.23 9.88 54.40
C LEU C 170 -23.22 8.38 54.64
N ALA C 171 -22.78 7.97 55.81
CA ALA C 171 -22.87 6.57 56.20
C ALA C 171 -24.32 6.15 56.11
N GLU C 172 -25.18 6.91 56.78
CA GLU C 172 -26.61 6.62 56.79
C GLU C 172 -27.18 6.43 55.38
N ILE C 173 -26.80 7.29 54.46
CA ILE C 173 -27.31 7.17 53.11
C ILE C 173 -26.95 5.82 52.53
N ILE C 174 -25.70 5.42 52.72
CA ILE C 174 -25.14 4.19 52.14
C ILE C 174 -25.85 2.96 52.66
N VAL C 175 -25.94 2.85 53.99
CA VAL C 175 -26.63 1.76 54.65
C VAL C 175 -28.00 1.59 54.03
N GLU C 176 -28.76 2.67 54.07
CA GLU C 176 -30.09 2.65 53.48
C GLU C 176 -30.07 2.11 52.06
N ALA C 177 -29.08 2.53 51.29
CA ALA C 177 -29.02 2.26 49.85
C ALA C 177 -28.56 0.86 49.53
N VAL C 178 -27.81 0.24 50.43
CA VAL C 178 -27.40 -1.16 50.27
C VAL C 178 -28.52 -2.05 50.76
N SER C 179 -29.25 -1.59 51.78
CA SER C 179 -30.36 -2.34 52.33
C SER C 179 -31.47 -2.49 51.31
N ALA C 180 -31.63 -1.48 50.46
CA ALA C 180 -32.63 -1.51 49.41
C ALA C 180 -32.40 -2.63 48.39
N VAL C 181 -31.18 -2.73 47.90
CA VAL C 181 -30.89 -3.63 46.78
C VAL C 181 -30.66 -5.09 47.18
N VAL C 182 -31.07 -5.47 48.38
CA VAL C 182 -30.84 -6.82 48.88
C VAL C 182 -31.73 -7.82 48.17
N ASP C 183 -31.14 -8.81 47.51
CA ASP C 183 -31.92 -9.79 46.75
C ASP C 183 -32.32 -11.01 47.58
N ASP C 184 -33.48 -10.90 48.22
CA ASP C 184 -34.00 -11.95 49.08
C ASP C 184 -34.17 -13.29 48.36
N GLU C 185 -33.43 -14.30 48.79
CA GLU C 185 -32.33 -14.10 49.75
C GLU C 185 -31.06 -14.53 49.10
N GLY C 186 -29.96 -13.96 49.57
CA GLY C 186 -29.99 -12.95 50.62
C GLY C 186 -28.78 -12.04 50.47
N LYS C 187 -28.36 -11.88 49.22
CA LYS C 187 -27.09 -11.26 48.87
C LYS C 187 -27.22 -9.84 48.34
N VAL C 188 -26.12 -9.11 48.34
CA VAL C 188 -26.11 -7.75 47.85
C VAL C 188 -25.37 -7.72 46.54
N ASP C 189 -26.05 -7.31 45.48
CA ASP C 189 -25.40 -7.09 44.20
C ASP C 189 -24.78 -5.69 44.16
N LYS C 190 -23.48 -5.62 44.38
CA LYS C 190 -22.78 -4.34 44.47
C LYS C 190 -23.00 -3.51 43.20
N ASP C 191 -23.54 -4.13 42.16
CA ASP C 191 -23.80 -3.49 40.86
C ASP C 191 -25.24 -2.98 40.69
N LEU C 192 -26.08 -3.19 41.70
CA LEU C 192 -27.47 -2.74 41.66
C LEU C 192 -27.57 -1.32 42.20
N ILE C 193 -26.50 -0.89 42.85
CA ILE C 193 -26.39 0.45 43.35
C ILE C 193 -25.56 1.22 42.32
N LYS C 194 -26.23 2.03 41.48
CA LYS C 194 -25.54 2.87 40.50
C LYS C 194 -24.94 4.10 41.17
N ILE C 195 -23.67 4.34 40.86
CA ILE C 195 -22.96 5.47 41.44
C ILE C 195 -22.70 6.50 40.36
N GLU C 196 -23.28 7.69 40.52
CA GLU C 196 -23.12 8.78 39.55
C GLU C 196 -22.37 9.98 40.16
N LYS C 197 -21.49 10.60 39.39
CA LYS C 197 -20.66 11.71 39.88
C LYS C 197 -20.87 13.02 39.10
N LYS C 198 -21.36 14.06 39.76
CA LYS C 198 -21.63 15.34 39.10
C LYS C 198 -21.26 16.49 40.01
N SER C 199 -20.54 17.48 39.48
CA SER C 199 -19.79 18.46 40.32
C SER C 199 -20.53 19.19 41.47
N GLY C 200 -21.24 20.29 41.22
CA GLY C 200 -21.92 21.00 42.31
C GLY C 200 -21.00 21.59 43.37
N ALA C 201 -21.51 22.39 44.30
CA ALA C 201 -20.66 22.99 45.35
C ALA C 201 -20.74 22.19 46.63
N SER C 202 -20.35 20.93 46.58
CA SER C 202 -21.01 19.93 47.42
C SER C 202 -20.25 19.17 48.50
N ILE C 203 -19.81 17.96 48.13
CA ILE C 203 -19.65 16.81 49.05
C ILE C 203 -20.80 16.52 50.02
N ASP C 204 -21.36 17.56 50.64
CA ASP C 204 -22.51 17.38 51.52
C ASP C 204 -23.80 17.20 50.73
N ASP C 205 -23.78 17.67 49.48
CA ASP C 205 -24.94 17.56 48.60
C ASP C 205 -25.11 16.19 48.01
N THR C 206 -24.20 15.26 48.29
CA THR C 206 -24.41 13.91 47.78
C THR C 206 -25.66 13.35 48.47
N GLU C 207 -26.48 12.64 47.69
CA GLU C 207 -27.80 12.23 48.13
C GLU C 207 -28.15 10.88 47.56
N LEU C 208 -29.14 10.24 48.18
CA LEU C 208 -29.68 9.00 47.68
C LEU C 208 -30.83 9.26 46.74
N ILE C 209 -30.76 8.68 45.54
CA ILE C 209 -31.84 8.75 44.60
C ILE C 209 -32.40 7.33 44.45
N LYS C 210 -33.63 7.13 44.89
CA LYS C 210 -34.27 5.84 44.77
C LYS C 210 -34.87 5.67 43.39
N GLY C 211 -34.01 5.44 42.41
CA GLY C 211 -34.43 5.31 41.03
C GLY C 211 -33.26 5.24 40.09
N VAL C 212 -33.35 5.86 38.92
CA VAL C 212 -32.24 5.80 37.97
C VAL C 212 -31.93 7.18 37.39
N LEU C 213 -30.65 7.44 37.16
CA LEU C 213 -30.23 8.65 36.44
C LEU C 213 -29.84 8.28 35.00
N VAL C 214 -30.49 8.91 34.03
CA VAL C 214 -30.24 8.57 32.64
C VAL C 214 -29.59 9.72 31.91
N ASP C 215 -28.45 9.44 31.27
CA ASP C 215 -27.69 10.47 30.54
C ASP C 215 -28.23 10.65 29.13
N LYS C 216 -29.55 10.87 29.03
CA LYS C 216 -30.20 11.18 27.77
C LYS C 216 -31.09 12.41 27.98
N GLU C 217 -31.78 12.85 26.93
CA GLU C 217 -32.75 13.96 27.02
C GLU C 217 -33.98 13.72 26.15
N ARG C 218 -35.14 14.25 26.58
CA ARG C 218 -36.37 14.06 25.82
C ARG C 218 -36.04 14.26 24.35
N VAL C 219 -36.39 13.27 23.54
CA VAL C 219 -36.06 13.21 22.11
C VAL C 219 -36.71 14.33 21.26
N SER C 220 -37.89 14.80 21.68
CA SER C 220 -38.56 15.94 21.04
C SER C 220 -38.70 17.07 22.07
N ALA C 221 -38.29 18.28 21.70
CA ALA C 221 -38.32 19.42 22.62
C ALA C 221 -39.77 19.80 23.00
N GLN C 222 -40.72 19.32 22.21
CA GLN C 222 -42.14 19.62 22.39
C GLN C 222 -42.78 18.76 23.48
N MET C 223 -42.09 17.70 23.90
CA MET C 223 -42.56 16.81 24.95
C MET C 223 -42.55 17.48 26.32
N PRO C 224 -43.31 16.91 27.28
CA PRO C 224 -43.24 17.40 28.66
C PRO C 224 -41.81 17.31 29.21
N LYS C 225 -41.48 18.27 30.09
CA LYS C 225 -40.18 18.23 30.74
C LYS C 225 -40.34 18.00 32.25
N LYS C 226 -41.55 17.64 32.63
CA LYS C 226 -41.84 17.06 33.94
C LYS C 226 -43.16 16.25 33.92
N VAL C 227 -43.14 15.09 34.58
CA VAL C 227 -44.32 14.25 34.80
C VAL C 227 -44.25 13.74 36.25
N THR C 228 -45.37 13.79 36.98
CA THR C 228 -45.38 13.23 38.33
C THR C 228 -46.23 11.94 38.37
N ASP C 229 -45.91 11.04 39.31
CA ASP C 229 -46.57 9.72 39.42
C ASP C 229 -46.71 8.99 38.07
N ALA C 230 -45.68 9.14 37.24
CA ALA C 230 -45.67 8.66 35.87
C ALA C 230 -45.72 7.13 35.75
N LYS C 231 -46.21 6.66 34.61
CA LYS C 231 -46.18 5.23 34.29
C LYS C 231 -45.26 4.91 33.10
N ILE C 232 -44.24 4.10 33.34
CA ILE C 232 -43.10 3.99 32.42
C ILE C 232 -43.08 2.74 31.52
N ALA C 233 -43.01 2.96 30.21
CA ALA C 233 -42.91 1.88 29.24
C ALA C 233 -41.51 1.77 28.62
N LEU C 234 -40.81 0.67 28.93
CA LEU C 234 -39.46 0.42 28.40
C LEU C 234 -39.51 -0.43 27.13
N LEU C 235 -39.04 0.14 26.01
CA LEU C 235 -39.04 -0.57 24.72
C LEU C 235 -37.66 -1.08 24.28
N ASN C 236 -37.54 -2.41 24.24
CA ASN C 236 -36.40 -3.08 23.64
C ASN C 236 -36.51 -3.09 22.10
N CYS C 237 -37.66 -2.60 21.61
CA CYS C 237 -37.97 -2.56 20.16
C CYS C 237 -37.49 -1.25 19.51
N ALA C 238 -37.64 -1.16 18.18
CA ALA C 238 -37.30 0.05 17.43
C ALA C 238 -38.54 0.63 16.73
N ILE C 239 -38.97 1.80 17.19
CA ILE C 239 -40.18 2.44 16.67
C ILE C 239 -39.86 3.09 15.34
N GLU C 240 -40.01 2.34 14.26
CA GLU C 240 -39.66 2.87 12.95
C GLU C 240 -40.68 3.89 12.41
N GLU C 241 -40.32 4.51 11.28
CA GLU C 241 -41.29 5.18 10.42
C GLU C 241 -40.85 5.19 8.94
N THR C 242 -41.56 5.95 8.12
CA THR C 242 -41.32 6.06 6.68
C THR C 242 -41.76 7.42 6.07
N ALA C 243 -43.02 7.54 5.64
CA ALA C 243 -43.52 8.78 5.03
C ALA C 243 -45.03 8.71 4.78
N SER C 244 -45.68 7.80 5.52
CA SER C 244 -47.11 7.52 5.37
C SER C 244 -47.75 7.12 6.70
N GLU C 245 -47.28 7.74 7.80
CA GLU C 245 -47.85 7.47 9.14
C GLU C 245 -48.20 6.00 9.43
N MET C 246 -47.29 5.09 9.10
CA MET C 246 -47.39 3.69 9.58
C MET C 246 -47.08 3.68 11.08
N LEU C 247 -47.17 4.88 11.70
CA LEU C 247 -46.62 5.07 13.04
C LEU C 247 -47.63 5.58 14.08
N LYS C 248 -48.81 5.99 13.62
CA LYS C 248 -49.92 6.29 14.52
C LYS C 248 -50.42 5.02 15.18
N ASP C 249 -50.09 3.90 14.55
CA ASP C 249 -50.30 2.54 15.08
C ASP C 249 -49.43 2.31 16.31
N MET C 250 -48.12 2.25 16.09
CA MET C 250 -47.12 2.10 17.15
C MET C 250 -47.27 3.14 18.27
N VAL C 251 -47.61 4.38 17.89
CA VAL C 251 -47.73 5.51 18.83
C VAL C 251 -49.02 5.54 19.68
N ALA C 252 -50.09 4.93 19.16
CA ALA C 252 -51.36 4.87 19.86
C ALA C 252 -51.58 3.52 20.57
N GLU C 253 -50.72 2.53 20.26
CA GLU C 253 -50.70 1.24 20.96
C GLU C 253 -50.01 1.38 22.31
N ILE C 254 -49.13 2.38 22.40
CA ILE C 254 -48.40 2.76 23.62
C ILE C 254 -49.26 3.65 24.54
N LYS C 255 -50.08 4.53 23.95
CA LYS C 255 -51.03 5.35 24.69
C LYS C 255 -52.19 4.48 25.15
N ALA C 256 -52.27 3.28 24.56
CA ALA C 256 -53.28 2.27 24.89
C ALA C 256 -53.01 1.60 26.25
N SER C 257 -51.75 1.45 26.62
CA SER C 257 -51.40 0.88 27.93
C SER C 257 -51.44 1.90 29.09
N GLY C 258 -51.46 3.19 28.77
CA GLY C 258 -51.52 4.26 29.74
C GLY C 258 -50.17 4.89 30.13
N ALA C 259 -49.18 4.76 29.24
CA ALA C 259 -47.81 5.20 29.53
C ALA C 259 -47.51 6.63 29.06
N ASN C 260 -47.19 7.50 30.03
CA ASN C 260 -46.84 8.90 29.75
C ASN C 260 -45.32 9.15 29.72
N VAL C 261 -44.57 8.05 29.71
CA VAL C 261 -43.11 8.07 29.63
C VAL C 261 -42.62 6.79 28.94
N LEU C 262 -41.64 6.94 28.06
CA LEU C 262 -41.12 5.82 27.27
C LEU C 262 -39.62 5.89 27.04
N PHE C 263 -38.91 4.84 27.43
CA PHE C 263 -37.47 4.74 27.21
C PHE C 263 -37.16 3.67 26.16
N CYS C 264 -36.67 4.11 24.99
CA CYS C 264 -36.39 3.19 23.89
C CYS C 264 -34.87 2.96 23.72
N GLN C 265 -34.46 1.70 23.61
CA GLN C 265 -33.04 1.32 23.45
C GLN C 265 -32.55 1.52 22.01
N LYS C 266 -33.46 1.29 21.06
CA LYS C 266 -33.15 1.49 19.66
C LYS C 266 -33.57 2.89 19.21
N GLY C 267 -33.79 3.07 17.91
CA GLY C 267 -34.09 4.38 17.36
C GLY C 267 -35.58 4.68 17.31
N ILE C 268 -35.90 5.96 17.44
CA ILE C 268 -37.27 6.43 17.27
C ILE C 268 -37.29 7.39 16.09
N ASP C 269 -37.89 6.93 14.99
CA ASP C 269 -37.94 7.69 13.75
C ASP C 269 -38.60 9.06 13.98
N ASP C 270 -38.36 9.99 13.06
CA ASP C 270 -38.80 11.38 13.20
C ASP C 270 -40.32 11.62 13.10
N LEU C 271 -41.02 10.67 12.48
CA LEU C 271 -42.48 10.69 12.44
C LEU C 271 -43.10 10.25 13.78
N ALA C 272 -42.55 9.18 14.36
CA ALA C 272 -43.02 8.68 15.66
C ALA C 272 -42.46 9.48 16.86
N GLN C 273 -41.75 10.57 16.56
CA GLN C 273 -41.30 11.54 17.55
C GLN C 273 -42.30 12.69 17.66
N HIS C 274 -42.98 12.98 16.55
CA HIS C 274 -44.00 14.03 16.54
C HIS C 274 -45.34 13.56 17.10
N TYR C 275 -45.65 12.28 16.90
CA TYR C 275 -46.90 11.65 17.36
C TYR C 275 -46.90 11.40 18.88
N LEU C 276 -45.70 11.27 19.45
CA LEU C 276 -45.51 11.14 20.89
C LEU C 276 -45.63 12.51 21.58
N ALA C 277 -44.90 13.50 21.06
CA ALA C 277 -44.98 14.88 21.54
C ALA C 277 -46.42 15.35 21.55
N LYS C 278 -47.15 14.94 20.51
CA LYS C 278 -48.55 15.31 20.33
C LYS C 278 -49.47 14.68 21.38
N GLU C 279 -49.07 13.52 21.90
CA GLU C 279 -49.87 12.74 22.85
C GLU C 279 -49.64 13.14 24.32
N GLY C 280 -48.48 13.72 24.62
CA GLY C 280 -48.12 14.07 25.97
C GLY C 280 -47.16 13.08 26.61
N ILE C 281 -46.69 12.13 25.80
CA ILE C 281 -45.76 11.09 26.24
C ILE C 281 -44.30 11.53 26.06
N VAL C 282 -43.52 11.50 27.14
CA VAL C 282 -42.09 11.81 27.05
C VAL C 282 -41.30 10.53 26.65
N ALA C 283 -40.27 10.71 25.83
CA ALA C 283 -39.48 9.58 25.31
C ALA C 283 -38.00 9.91 25.05
N ALA C 284 -37.15 8.90 25.23
CA ALA C 284 -35.72 9.03 24.94
C ALA C 284 -35.28 7.85 24.08
N ARG C 285 -34.55 8.14 23.01
CA ARG C 285 -34.09 7.10 22.08
C ARG C 285 -32.64 6.71 22.36
N ARG C 286 -32.28 5.48 22.02
CA ARG C 286 -30.90 4.99 22.16
C ARG C 286 -30.32 5.12 23.57
N VAL C 287 -31.07 4.63 24.55
CA VAL C 287 -30.59 4.54 25.93
C VAL C 287 -29.70 3.31 26.10
N LYS C 288 -28.58 3.49 26.79
CA LYS C 288 -27.67 2.38 27.06
C LYS C 288 -28.46 1.13 27.46
N LYS C 289 -28.02 -0.02 26.99
CA LYS C 289 -28.65 -1.28 27.36
C LYS C 289 -28.56 -1.47 28.88
N SER C 290 -27.43 -1.06 29.45
CA SER C 290 -27.22 -1.10 30.90
C SER C 290 -28.22 -0.21 31.64
N ASP C 291 -28.56 0.93 31.02
CA ASP C 291 -29.55 1.88 31.57
C ASP C 291 -30.97 1.35 31.44
N MET C 292 -31.14 0.31 30.63
CA MET C 292 -32.45 -0.27 30.37
C MET C 292 -32.82 -1.28 31.45
N GLU C 293 -31.80 -2.03 31.90
CA GLU C 293 -31.94 -2.99 32.98
C GLU C 293 -32.06 -2.27 34.31
N LYS C 294 -31.31 -1.17 34.45
CA LYS C 294 -31.39 -0.30 35.63
C LYS C 294 -32.83 0.18 35.82
N LEU C 295 -33.46 0.56 34.72
CA LEU C 295 -34.84 1.04 34.72
C LEU C 295 -35.83 -0.11 34.89
N ALA C 296 -35.51 -1.25 34.28
CA ALA C 296 -36.34 -2.44 34.42
C ALA C 296 -36.58 -2.72 35.91
N LYS C 297 -35.50 -2.71 36.69
CA LYS C 297 -35.56 -3.13 38.09
C LYS C 297 -36.06 -2.07 39.07
N ALA C 298 -35.61 -0.83 38.90
CA ALA C 298 -35.86 0.22 39.90
C ALA C 298 -37.30 0.71 39.95
N THR C 299 -37.95 0.75 38.80
CA THR C 299 -39.32 1.23 38.73
C THR C 299 -40.31 0.11 38.97
N GLY C 300 -39.93 -1.11 38.55
CA GLY C 300 -40.81 -2.25 38.56
C GLY C 300 -41.44 -2.46 37.20
N ALA C 301 -40.65 -2.26 36.14
CA ALA C 301 -41.14 -2.32 34.76
C ALA C 301 -40.81 -3.64 34.05
N ASN C 302 -40.98 -3.66 32.72
CA ASN C 302 -40.71 -4.86 31.91
C ASN C 302 -40.14 -4.51 30.53
N VAL C 303 -39.03 -5.16 30.15
CA VAL C 303 -38.38 -4.92 28.86
C VAL C 303 -39.09 -5.63 27.70
N ILE C 304 -39.89 -4.88 26.94
CA ILE C 304 -40.70 -5.43 25.85
C ILE C 304 -40.02 -5.27 24.47
N THR C 305 -39.85 -6.40 23.75
CA THR C 305 -39.31 -6.44 22.39
C THR C 305 -40.41 -6.26 21.31
N ASN C 306 -41.60 -6.79 21.60
CA ASN C 306 -42.75 -6.66 20.70
C ASN C 306 -43.70 -5.53 21.14
N ILE C 307 -43.72 -4.43 20.37
CA ILE C 307 -44.56 -3.26 20.71
C ILE C 307 -46.07 -3.59 20.76
N LYS C 308 -46.47 -4.64 20.04
CA LYS C 308 -47.85 -5.14 20.07
C LYS C 308 -48.17 -5.78 21.42
N ASP C 309 -47.21 -6.56 21.94
CA ASP C 309 -47.38 -7.26 23.21
C ASP C 309 -47.15 -6.35 24.41
N LEU C 310 -47.30 -5.04 24.20
CA LEU C 310 -47.16 -4.09 25.29
C LEU C 310 -48.40 -4.09 26.17
N SER C 311 -48.38 -4.93 27.20
CA SER C 311 -49.45 -5.00 28.19
C SER C 311 -49.49 -3.69 29.00
N ALA C 312 -50.55 -3.52 29.80
CA ALA C 312 -50.70 -2.35 30.66
C ALA C 312 -50.10 -2.58 32.06
N GLN C 313 -49.46 -3.73 32.24
CA GLN C 313 -48.75 -4.06 33.49
C GLN C 313 -47.24 -4.24 33.26
N ASP C 314 -46.78 -3.96 32.04
CA ASP C 314 -45.34 -3.95 31.72
C ASP C 314 -44.76 -2.55 31.95
N LEU C 315 -45.55 -1.72 32.61
CA LEU C 315 -45.15 -0.35 32.94
C LEU C 315 -44.66 -0.26 34.38
N GLY C 316 -43.55 0.46 34.59
CA GLY C 316 -43.04 0.67 35.92
C GLY C 316 -43.78 1.78 36.64
N ASP C 317 -43.23 2.22 37.77
CA ASP C 317 -43.81 3.35 38.51
C ASP C 317 -42.76 4.17 39.27
N ALA C 318 -42.62 5.44 38.89
CA ALA C 318 -41.79 6.40 39.60
C ALA C 318 -42.58 7.67 39.94
N GLY C 319 -42.46 8.16 41.17
CA GLY C 319 -43.16 9.36 41.60
C GLY C 319 -42.68 10.70 41.03
N LEU C 320 -41.82 10.63 40.01
CA LEU C 320 -41.35 11.81 39.30
C LEU C 320 -40.42 11.36 38.16
N VAL C 321 -40.66 11.86 36.96
CA VAL C 321 -39.69 11.72 35.86
C VAL C 321 -39.40 13.12 35.28
N GLU C 322 -38.20 13.63 35.45
CA GLU C 322 -37.92 15.01 35.07
C GLU C 322 -36.59 15.21 34.35
N GLU C 323 -36.57 16.12 33.37
CA GLU C 323 -35.34 16.53 32.74
C GLU C 323 -34.78 17.77 33.47
N ARG C 324 -33.63 17.59 34.13
CA ARG C 324 -32.94 18.67 34.82
C ARG C 324 -31.58 18.96 34.18
N LYS C 325 -31.11 20.19 34.33
CA LYS C 325 -29.70 20.47 34.13
C LYS C 325 -29.01 20.45 35.51
N ILE C 326 -28.09 19.52 35.67
CA ILE C 326 -27.34 19.38 36.92
C ILE C 326 -25.85 19.37 36.60
N SER C 327 -25.15 20.42 37.04
CA SER C 327 -23.72 20.59 36.74
C SER C 327 -23.48 20.79 35.24
N GLY C 328 -24.38 21.55 34.60
CA GLY C 328 -24.24 21.87 33.19
C GLY C 328 -25.01 20.93 32.29
N ASP C 329 -24.64 19.66 32.32
CA ASP C 329 -25.28 18.62 31.51
C ASP C 329 -26.76 18.47 31.90
N SER C 330 -27.61 18.13 30.92
CA SER C 330 -29.03 17.92 31.20
C SER C 330 -29.42 16.42 31.12
N MET C 331 -29.91 15.88 32.24
CA MET C 331 -30.26 14.46 32.33
C MET C 331 -31.70 14.20 32.76
N ILE C 332 -32.16 12.97 32.54
CA ILE C 332 -33.52 12.55 32.87
C ILE C 332 -33.58 11.76 34.19
N PHE C 333 -34.01 12.45 35.26
CA PHE C 333 -34.13 11.86 36.59
C PHE C 333 -35.44 11.07 36.69
N VAL C 334 -35.34 9.81 37.14
CA VAL C 334 -36.50 8.95 37.34
C VAL C 334 -36.57 8.59 38.82
N GLU C 335 -36.77 9.62 39.64
CA GLU C 335 -36.56 9.49 41.06
C GLU C 335 -37.80 9.11 41.83
N GLU C 336 -37.68 9.16 43.15
CA GLU C 336 -38.77 8.87 44.08
C GLU C 336 -39.62 7.64 43.69
N CYS C 337 -38.96 6.51 43.44
CA CYS C 337 -39.65 5.25 43.12
C CYS C 337 -40.25 4.61 44.37
N LYS C 338 -41.10 3.61 44.15
CA LYS C 338 -41.82 2.95 45.24
C LYS C 338 -41.02 1.79 45.85
N HIS C 339 -40.74 0.78 45.05
CA HIS C 339 -40.02 -0.41 45.52
C HIS C 339 -38.77 -0.66 44.68
N PRO C 340 -37.70 0.08 44.96
CA PRO C 340 -36.48 0.02 44.15
C PRO C 340 -35.68 -1.25 44.39
N LYS C 341 -35.37 -1.93 43.28
CA LYS C 341 -34.41 -3.03 43.29
C LYS C 341 -33.17 -2.55 42.54
N ALA C 342 -33.18 -1.25 42.22
CA ALA C 342 -31.99 -0.54 41.80
C ALA C 342 -32.05 0.84 42.46
N VAL C 343 -30.87 1.38 42.75
CA VAL C 343 -30.79 2.64 43.46
C VAL C 343 -29.60 3.43 42.91
N THR C 344 -29.65 4.75 43.00
CA THR C 344 -28.54 5.56 42.56
C THR C 344 -27.96 6.39 43.69
N MET C 345 -26.65 6.35 43.81
CA MET C 345 -25.96 7.20 44.74
C MET C 345 -25.48 8.39 43.93
N LEU C 346 -26.03 9.57 44.19
CA LEU C 346 -25.55 10.75 43.52
C LEU C 346 -24.44 11.35 44.33
N ILE C 347 -23.23 11.21 43.85
CA ILE C 347 -22.11 11.77 44.57
C ILE C 347 -21.82 13.16 44.02
N ARG C 348 -21.43 14.10 44.90
CA ARG C 348 -21.13 15.45 44.48
C ARG C 348 -19.96 16.07 45.27
N GLY C 349 -19.21 16.96 44.63
CA GLY C 349 -18.10 17.64 45.27
C GLY C 349 -17.59 18.74 44.36
N THR C 350 -16.87 19.71 44.91
CA THR C 350 -16.47 20.84 44.10
C THR C 350 -15.67 20.49 42.83
N THR C 351 -14.49 19.90 42.98
CA THR C 351 -13.72 19.53 41.77
C THR C 351 -13.91 18.05 41.43
N GLU C 352 -13.21 17.58 40.40
CA GLU C 352 -13.45 16.23 39.87
C GLU C 352 -12.76 15.12 40.63
N HIS C 353 -11.50 15.30 41.00
CA HIS C 353 -10.78 14.28 41.75
C HIS C 353 -11.22 14.28 43.21
N VAL C 354 -11.84 15.37 43.66
CA VAL C 354 -12.43 15.44 44.99
C VAL C 354 -13.64 14.55 45.00
N ILE C 355 -14.43 14.63 43.93
CA ILE C 355 -15.59 13.75 43.72
C ILE C 355 -15.18 12.29 43.56
N GLU C 356 -14.12 12.05 42.80
CA GLU C 356 -13.72 10.71 42.43
C GLU C 356 -13.22 9.88 43.62
N GLU C 357 -12.62 10.53 44.61
CA GLU C 357 -12.15 9.82 45.81
C GLU C 357 -13.22 9.70 46.88
N VAL C 358 -14.20 10.61 46.89
CA VAL C 358 -15.36 10.40 47.75
C VAL C 358 -16.11 9.18 47.24
N ALA C 359 -15.99 8.93 45.94
CA ALA C 359 -16.67 7.81 45.31
C ALA C 359 -16.00 6.51 45.69
N ARG C 360 -14.68 6.45 45.65
CA ARG C 360 -13.95 5.25 46.03
C ARG C 360 -14.19 4.94 47.49
N ALA C 361 -14.54 5.96 48.27
CA ALA C 361 -14.84 5.76 49.67
C ALA C 361 -16.23 5.14 49.81
N VAL C 362 -17.16 5.57 48.98
CA VAL C 362 -18.50 4.99 49.00
C VAL C 362 -18.51 3.53 48.55
N ASP C 363 -17.59 3.16 47.66
CA ASP C 363 -17.50 1.78 47.17
C ASP C 363 -17.03 0.82 48.24
N ASP C 364 -16.20 1.33 49.15
CA ASP C 364 -15.62 0.55 50.24
C ASP C 364 -16.68 0.36 51.30
N ALA C 365 -17.41 1.43 51.59
CA ALA C 365 -18.57 1.35 52.48
C ALA C 365 -19.55 0.31 51.95
N VAL C 366 -20.10 0.52 50.76
CA VAL C 366 -21.03 -0.43 50.13
C VAL C 366 -20.55 -1.88 50.11
N GLY C 367 -19.24 -2.09 50.21
CA GLY C 367 -18.71 -3.43 50.24
C GLY C 367 -18.84 -4.03 51.63
N VAL C 368 -18.33 -3.34 52.64
CA VAL C 368 -18.37 -3.81 54.02
C VAL C 368 -19.77 -3.82 54.62
N VAL C 369 -20.64 -2.92 54.19
CA VAL C 369 -22.05 -3.02 54.52
C VAL C 369 -22.68 -4.26 53.88
N GLY C 370 -22.55 -4.41 52.57
CA GLY C 370 -23.02 -5.62 51.92
C GLY C 370 -22.45 -6.85 52.58
N CYS C 371 -21.25 -6.73 53.12
CA CYS C 371 -20.56 -7.87 53.70
C CYS C 371 -21.13 -8.28 55.05
N THR C 372 -21.67 -7.34 55.80
CA THR C 372 -22.24 -7.64 57.11
C THR C 372 -23.60 -8.30 56.93
N ILE C 373 -24.48 -7.62 56.21
CA ILE C 373 -25.75 -8.18 55.76
C ILE C 373 -25.61 -9.62 55.28
N GLU C 374 -24.68 -9.85 54.36
CA GLU C 374 -24.44 -11.19 53.82
C GLU C 374 -23.93 -12.17 54.89
N ASP C 375 -22.83 -11.80 55.55
CA ASP C 375 -22.18 -12.64 56.56
C ASP C 375 -22.96 -12.78 57.87
N GLY C 376 -23.19 -11.65 58.54
CA GLY C 376 -23.85 -11.65 59.82
C GLY C 376 -22.88 -11.50 60.97
N ARG C 377 -21.60 -11.78 60.75
CA ARG C 377 -20.59 -11.67 61.81
C ARG C 377 -19.65 -10.51 61.57
N ILE C 378 -19.18 -9.88 62.64
CA ILE C 378 -18.24 -8.76 62.53
C ILE C 378 -17.20 -8.80 63.65
N VAL C 379 -16.16 -7.99 63.55
CA VAL C 379 -15.15 -7.89 64.59
C VAL C 379 -14.78 -6.45 64.86
N SER C 380 -13.82 -6.26 65.76
CA SER C 380 -13.44 -4.93 66.25
C SER C 380 -12.16 -4.41 65.59
N GLY C 381 -12.25 -3.23 64.98
CA GLY C 381 -11.13 -2.67 64.24
C GLY C 381 -10.02 -2.17 65.12
N GLY C 382 -9.26 -1.19 64.60
CA GLY C 382 -8.20 -0.52 65.36
C GLY C 382 -6.96 -1.35 65.50
N GLY C 383 -6.92 -2.48 64.80
CA GLY C 383 -5.85 -3.44 64.97
C GLY C 383 -6.12 -4.36 66.16
N SER C 384 -7.37 -4.29 66.64
CA SER C 384 -7.79 -5.05 67.81
C SER C 384 -7.69 -6.56 67.62
N THR C 385 -8.51 -7.11 66.74
CA THR C 385 -8.54 -8.54 66.54
C THR C 385 -7.29 -9.06 65.85
N GLU C 386 -6.27 -8.22 65.68
CA GLU C 386 -4.97 -8.69 65.20
C GLU C 386 -4.06 -9.00 66.37
N VAL C 387 -4.18 -8.20 67.42
CA VAL C 387 -3.42 -8.44 68.64
C VAL C 387 -4.01 -9.63 69.38
N GLU C 388 -5.33 -9.73 69.41
CA GLU C 388 -5.99 -10.91 69.91
C GLU C 388 -5.51 -12.09 69.08
N LEU C 389 -5.91 -12.11 67.81
CA LEU C 389 -5.59 -13.22 66.92
C LEU C 389 -4.11 -13.62 66.94
N SER C 390 -3.25 -12.72 67.43
CA SER C 390 -1.81 -12.96 67.37
C SER C 390 -1.32 -13.61 68.64
N MET C 391 -1.89 -13.25 69.78
CA MET C 391 -1.48 -13.86 71.05
C MET C 391 -2.05 -15.27 71.13
N LYS C 392 -3.30 -15.43 70.71
CA LYS C 392 -3.90 -16.76 70.64
C LYS C 392 -3.08 -17.70 69.76
N LEU C 393 -2.70 -17.20 68.59
CA LEU C 393 -1.81 -17.94 67.70
C LEU C 393 -0.48 -18.26 68.35
N ARG C 394 -0.06 -17.42 69.30
CA ARG C 394 1.27 -17.56 69.85
C ARG C 394 1.30 -18.69 70.84
N GLU C 395 0.19 -18.86 71.56
CA GLU C 395 0.08 -20.02 72.43
C GLU C 395 -0.15 -21.31 71.62
N TYR C 396 -1.03 -21.26 70.62
CA TYR C 396 -1.23 -22.42 69.76
C TYR C 396 0.12 -22.88 69.26
N ALA C 397 1.08 -21.97 69.29
CA ALA C 397 2.40 -22.19 68.75
C ALA C 397 3.27 -23.07 69.63
N GLU C 398 3.01 -23.06 70.92
CA GLU C 398 3.80 -23.86 71.84
C GLU C 398 3.41 -25.31 71.76
N GLY C 399 2.13 -25.57 71.52
CA GLY C 399 1.65 -26.92 71.34
C GLY C 399 2.12 -27.50 70.03
N ILE C 400 3.23 -26.98 69.52
CA ILE C 400 3.83 -27.45 68.28
C ILE C 400 5.27 -27.90 68.46
N SER C 401 5.51 -29.18 68.18
CA SER C 401 6.85 -29.75 68.26
C SER C 401 7.51 -29.62 66.89
N GLY C 402 8.78 -29.28 66.89
CA GLY C 402 9.54 -29.22 65.65
C GLY C 402 9.86 -27.78 65.29
N ARG C 403 10.62 -27.59 64.21
CA ARG C 403 10.96 -26.26 63.76
C ARG C 403 9.72 -25.51 63.38
N GLU C 404 8.80 -26.20 62.72
CA GLU C 404 7.58 -25.57 62.19
C GLU C 404 6.93 -24.67 63.23
N GLN C 405 7.41 -24.78 64.47
CA GLN C 405 6.97 -23.92 65.53
C GLN C 405 7.41 -22.50 65.30
N LEU C 406 8.68 -22.31 64.96
CA LEU C 406 9.22 -20.99 64.64
C LEU C 406 8.41 -20.26 63.59
N ALA C 407 8.04 -20.99 62.54
CA ALA C 407 7.15 -20.50 61.50
C ALA C 407 5.89 -19.91 62.14
N VAL C 408 5.19 -20.72 62.94
CA VAL C 408 3.93 -20.33 63.56
C VAL C 408 3.99 -19.10 64.48
N ARG C 409 5.10 -18.94 65.21
CA ARG C 409 5.30 -17.74 66.01
C ARG C 409 5.53 -16.55 65.11
N ALA C 410 6.35 -16.73 64.07
CA ALA C 410 6.54 -15.71 63.05
C ALA C 410 5.23 -15.27 62.37
N PHE C 411 4.34 -16.22 62.14
CA PHE C 411 3.06 -15.90 61.54
C PHE C 411 2.24 -15.12 62.52
N ALA C 412 2.39 -15.43 63.79
CA ALA C 412 1.66 -14.76 64.84
C ALA C 412 2.15 -13.32 65.03
N ASP C 413 3.48 -13.16 65.03
CA ASP C 413 4.16 -11.85 65.12
C ASP C 413 3.88 -10.97 63.90
N ALA C 414 3.72 -11.63 62.76
CA ALA C 414 3.41 -10.93 61.53
C ALA C 414 2.15 -10.05 61.68
N LEU C 415 1.07 -10.61 62.25
CA LEU C 415 -0.21 -9.91 62.28
C LEU C 415 -0.14 -8.64 63.09
N GLU C 416 0.91 -8.48 63.89
CA GLU C 416 1.01 -7.29 64.71
C GLU C 416 1.45 -6.11 63.89
N VAL C 417 1.52 -6.29 62.58
CA VAL C 417 2.04 -5.25 61.73
C VAL C 417 0.96 -4.21 61.52
N ILE C 418 -0.30 -4.64 61.68
CA ILE C 418 -1.45 -3.74 61.49
C ILE C 418 -1.61 -2.78 62.65
N PRO C 419 -1.55 -3.30 63.87
CA PRO C 419 -1.56 -2.35 64.98
C PRO C 419 -0.34 -1.45 64.89
N ARG C 420 0.80 -2.03 64.52
CA ARG C 420 2.07 -1.29 64.50
C ARG C 420 2.05 -0.13 63.53
N THR C 421 1.72 -0.38 62.27
CA THR C 421 1.74 0.69 61.30
C THR C 421 0.59 1.68 61.51
N LEU C 422 -0.52 1.25 62.11
CA LEU C 422 -1.57 2.21 62.41
C LEU C 422 -1.07 3.26 63.39
N ALA C 423 -0.25 2.83 64.36
CA ALA C 423 0.41 3.72 65.31
C ALA C 423 1.38 4.66 64.61
N GLU C 424 2.22 4.10 63.75
CA GLU C 424 3.28 4.83 63.08
C GLU C 424 2.76 6.07 62.43
N ASN C 425 1.81 5.87 61.51
CA ASN C 425 1.22 6.95 60.73
C ASN C 425 0.53 8.01 61.59
N ALA C 426 -0.04 7.59 62.71
CA ALA C 426 -0.67 8.53 63.62
C ALA C 426 0.40 9.40 64.27
N GLY C 427 1.61 8.86 64.31
CA GLY C 427 2.74 9.57 64.85
C GLY C 427 3.16 9.02 66.19
N LEU C 428 2.33 8.14 66.75
CA LEU C 428 2.61 7.62 68.08
C LEU C 428 3.78 6.64 68.08
N ASP C 429 4.24 6.29 69.28
CA ASP C 429 5.35 5.40 69.46
C ASP C 429 4.89 3.94 69.33
N ALA C 430 5.12 3.37 68.16
CA ALA C 430 4.62 2.05 67.81
C ALA C 430 4.92 1.01 68.88
N ILE C 431 6.13 1.06 69.42
CA ILE C 431 6.60 -0.02 70.27
C ILE C 431 5.88 -0.09 71.60
N GLU C 432 5.66 1.06 72.23
CA GLU C 432 4.98 1.16 73.53
C GLU C 432 3.54 0.73 73.36
N ILE C 433 2.83 1.49 72.54
CA ILE C 433 1.44 1.22 72.23
C ILE C 433 1.18 -0.26 71.99
N LEU C 434 2.12 -0.91 71.33
CA LEU C 434 1.95 -2.31 71.06
C LEU C 434 2.00 -3.09 72.38
N VAL C 435 2.78 -2.63 73.33
CA VAL C 435 2.83 -3.33 74.60
C VAL C 435 1.56 -3.11 75.41
N LYS C 436 1.05 -1.88 75.43
CA LYS C 436 -0.17 -1.61 76.15
C LYS C 436 -1.29 -2.48 75.60
N VAL C 437 -1.46 -2.45 74.29
CA VAL C 437 -2.50 -3.23 73.65
C VAL C 437 -2.30 -4.74 73.79
N ARG C 438 -1.08 -5.18 74.10
CA ARG C 438 -0.82 -6.61 74.26
C ARG C 438 -1.05 -7.09 75.70
N ALA C 439 -0.96 -6.18 76.66
CA ALA C 439 -1.28 -6.50 78.05
C ALA C 439 -2.80 -6.56 78.22
N ALA C 440 -3.50 -5.65 77.58
CA ALA C 440 -4.97 -5.58 77.66
C ALA C 440 -5.66 -6.76 76.99
N HIS C 441 -4.89 -7.75 76.54
CA HIS C 441 -5.47 -8.93 75.90
C HIS C 441 -5.10 -10.22 76.65
N ALA C 442 -4.60 -10.07 77.87
CA ALA C 442 -4.01 -11.19 78.59
C ALA C 442 -5.01 -12.20 79.15
N SER C 443 -5.68 -12.93 78.26
CA SER C 443 -6.65 -13.99 78.62
C SER C 443 -7.95 -13.48 79.28
N ASN C 444 -7.89 -12.31 79.90
CA ASN C 444 -9.10 -11.66 80.42
C ASN C 444 -9.87 -11.01 79.28
N GLY C 445 -10.12 -9.71 79.39
CA GLY C 445 -10.56 -8.91 78.25
C GLY C 445 -9.34 -8.58 77.42
N ASN C 446 -9.51 -7.80 76.36
CA ASN C 446 -10.81 -7.32 75.92
C ASN C 446 -11.32 -7.97 74.63
N LYS C 447 -10.39 -8.39 73.77
CA LYS C 447 -10.62 -8.88 72.39
C LYS C 447 -11.09 -7.75 71.49
N CYS C 448 -11.37 -6.64 72.15
CA CYS C 448 -11.91 -5.45 71.55
C CYS C 448 -11.03 -4.29 72.02
N ALA C 449 -9.90 -4.63 72.61
CA ALA C 449 -9.00 -3.60 73.12
C ALA C 449 -8.00 -3.16 72.08
N GLY C 450 -8.20 -1.96 71.53
CA GLY C 450 -7.34 -1.48 70.46
C GLY C 450 -6.89 -0.03 70.57
N LEU C 451 -5.94 0.37 69.73
CA LEU C 451 -5.44 1.74 69.77
C LEU C 451 -6.30 2.71 69.00
N ASN C 452 -6.83 3.71 69.70
CA ASN C 452 -7.51 4.82 69.05
C ASN C 452 -6.47 5.87 68.72
N VAL C 453 -6.29 6.10 67.42
CA VAL C 453 -5.26 7.01 66.92
C VAL C 453 -5.58 8.48 67.15
N PHE C 454 -6.80 8.76 67.60
CA PHE C 454 -7.18 10.11 68.00
C PHE C 454 -6.95 10.25 69.50
N THR C 455 -7.65 9.44 70.29
CA THR C 455 -7.34 9.35 71.71
C THR C 455 -5.82 9.40 71.88
N GLY C 456 -5.12 8.43 71.31
CA GLY C 456 -3.71 8.29 71.56
C GLY C 456 -3.50 7.12 72.50
N ALA C 457 -4.54 6.79 73.26
CA ALA C 457 -4.45 5.68 74.20
C ALA C 457 -5.37 4.52 73.80
N VAL C 458 -5.10 3.35 74.36
CA VAL C 458 -5.83 2.14 74.00
C VAL C 458 -7.23 2.11 74.61
N GLU C 459 -8.25 1.90 73.78
CA GLU C 459 -9.66 1.95 74.24
C GLU C 459 -10.47 0.71 73.87
N ASP C 460 -11.77 0.75 74.12
CA ASP C 460 -12.59 -0.40 73.76
C ASP C 460 -13.26 -0.15 72.43
N MET C 461 -12.74 -0.78 71.39
CA MET C 461 -13.13 -0.48 70.02
C MET C 461 -14.57 -0.86 69.71
N CYS C 462 -15.09 -1.92 70.32
CA CYS C 462 -16.48 -2.31 70.05
C CYS C 462 -17.44 -1.21 70.48
N GLU C 463 -17.07 -0.52 71.56
CA GLU C 463 -17.89 0.54 72.13
C GLU C 463 -17.67 1.90 71.48
N ASN C 464 -16.48 2.13 70.94
CA ASN C 464 -16.20 3.35 70.20
C ASN C 464 -16.73 3.26 68.77
N GLY C 465 -17.39 2.16 68.44
CA GLY C 465 -18.01 2.00 67.13
C GLY C 465 -17.05 1.72 66.00
N VAL C 466 -15.96 1.02 66.31
CA VAL C 466 -14.97 0.67 65.31
C VAL C 466 -15.10 -0.80 64.95
N VAL C 467 -15.85 -1.08 63.88
CA VAL C 467 -16.15 -2.46 63.52
C VAL C 467 -15.95 -2.79 62.04
N GLU C 468 -15.67 -4.05 61.75
CA GLU C 468 -15.33 -4.48 60.40
C GLU C 468 -15.88 -5.87 60.14
N PRO C 469 -16.48 -6.07 58.96
CA PRO C 469 -17.03 -7.38 58.62
C PRO C 469 -16.01 -8.46 58.95
N LEU C 470 -16.43 -9.70 59.19
CA LEU C 470 -15.43 -10.70 59.49
C LEU C 470 -14.69 -10.95 58.20
N ARG C 471 -15.40 -10.86 57.08
CA ARG C 471 -14.83 -11.17 55.77
C ARG C 471 -13.58 -10.37 55.49
N VAL C 472 -13.42 -9.21 56.13
CA VAL C 472 -12.21 -8.42 55.90
C VAL C 472 -10.95 -9.12 56.43
N LYS C 473 -11.02 -9.71 57.61
CA LYS C 473 -9.81 -10.24 58.21
C LYS C 473 -9.59 -11.67 57.80
N THR C 474 -10.65 -12.37 57.45
CA THR C 474 -10.48 -13.75 57.04
C THR C 474 -9.94 -13.73 55.65
N GLN C 475 -10.63 -13.08 54.74
CA GLN C 475 -10.15 -13.03 53.37
C GLN C 475 -8.72 -12.52 53.34
N ALA C 476 -8.47 -11.42 54.05
CA ALA C 476 -7.13 -10.82 54.04
C ALA C 476 -6.02 -11.75 54.56
N ILE C 477 -6.27 -12.34 55.72
CA ILE C 477 -5.29 -13.23 56.32
C ILE C 477 -5.03 -14.46 55.47
N GLN C 478 -6.02 -14.96 54.74
CA GLN C 478 -5.78 -16.17 53.96
C GLN C 478 -5.16 -15.94 52.60
N SER C 479 -5.54 -14.86 51.91
CA SER C 479 -4.86 -14.55 50.66
C SER C 479 -3.45 -14.07 50.91
N ALA C 480 -3.20 -13.51 52.09
CA ALA C 480 -1.85 -13.14 52.47
C ALA C 480 -1.04 -14.40 52.75
N ALA C 481 -1.68 -15.39 53.32
CA ALA C 481 -0.99 -16.63 53.60
C ALA C 481 -0.71 -17.40 52.33
N GLU C 482 -1.76 -17.62 51.54
CA GLU C 482 -1.66 -18.45 50.35
C GLU C 482 -0.62 -17.98 49.36
N SER C 483 -0.58 -16.69 49.10
CA SER C 483 0.37 -16.18 48.13
C SER C 483 1.81 -16.17 48.65
N THR C 484 2.04 -15.71 49.88
CA THR C 484 3.41 -15.72 50.39
C THR C 484 3.94 -17.14 50.57
N GLU C 485 3.04 -18.08 50.80
CA GLU C 485 3.40 -19.48 50.87
C GLU C 485 3.96 -19.87 49.54
N MET C 486 3.25 -19.56 48.46
CA MET C 486 3.74 -19.97 47.16
C MET C 486 5.05 -19.29 46.78
N LEU C 487 5.24 -18.05 47.23
CA LEU C 487 6.43 -17.31 46.86
C LEU C 487 7.67 -17.93 47.50
N LEU C 488 7.52 -18.38 48.74
CA LEU C 488 8.62 -18.94 49.49
C LEU C 488 9.11 -20.28 48.94
N ARG C 489 8.24 -20.97 48.20
CA ARG C 489 8.58 -22.26 47.62
C ARG C 489 9.52 -22.07 46.44
N ILE C 490 9.69 -20.83 46.03
CA ILE C 490 10.45 -20.50 44.84
C ILE C 490 11.92 -20.31 45.14
N ASP C 491 12.77 -20.98 44.37
CA ASP C 491 14.22 -20.92 44.54
C ASP C 491 14.98 -20.57 43.25
N ASP C 492 14.32 -20.64 42.10
CA ASP C 492 14.92 -20.30 40.82
C ASP C 492 13.94 -19.42 40.05
N VAL C 493 14.45 -18.38 39.37
CA VAL C 493 13.66 -17.50 38.51
C VAL C 493 14.30 -17.46 37.14
N ILE C 494 13.52 -17.25 36.09
CA ILE C 494 14.06 -17.25 34.75
C ILE C 494 13.56 -16.08 33.89
N ALA C 495 14.18 -14.92 34.05
CA ALA C 495 13.71 -13.67 33.41
C ALA C 495 14.34 -13.41 32.03
N ALA C 496 13.50 -13.07 31.06
CA ALA C 496 13.98 -12.84 29.70
C ALA C 496 13.88 -11.39 29.25
N GLU C 497 14.38 -11.12 28.04
CA GLU C 497 14.21 -9.84 27.39
C GLU C 497 14.86 -8.69 28.17
N ASN D 11 12.19 3.09 37.16
CA ASN D 11 10.86 3.30 36.61
C ASN D 11 9.86 4.00 37.56
N MET D 12 9.84 5.33 37.60
CA MET D 12 10.78 6.19 36.88
C MET D 12 11.08 7.45 37.69
N LYS D 13 10.03 8.12 38.17
CA LYS D 13 10.18 9.30 39.02
C LYS D 13 9.23 9.22 40.20
N ARG D 14 9.75 9.36 41.41
CA ARG D 14 8.90 9.36 42.59
C ARG D 14 9.37 10.40 43.60
N TYR D 15 8.43 11.13 44.20
CA TYR D 15 8.80 12.11 45.21
C TYR D 15 8.28 11.75 46.60
N MET D 16 9.18 11.79 47.59
CA MET D 16 8.88 11.31 48.93
C MET D 16 8.57 12.42 49.93
N GLY D 17 7.50 12.23 50.70
CA GLY D 17 7.22 13.03 51.89
C GLY D 17 7.28 14.54 51.76
N ARG D 18 8.24 15.16 52.43
CA ARG D 18 8.37 16.61 52.42
C ARG D 18 8.71 17.12 51.03
N ASP D 19 9.23 16.24 50.18
CA ASP D 19 9.53 16.60 48.78
C ASP D 19 8.26 16.60 47.91
N ALA D 20 7.41 15.61 48.12
CA ALA D 20 6.17 15.50 47.36
C ALA D 20 5.17 16.55 47.78
N GLN D 21 5.16 16.92 49.04
CA GLN D 21 4.28 18.00 49.50
C GLN D 21 4.79 19.31 48.97
N ARG D 22 6.09 19.57 49.14
CA ARG D 22 6.65 20.81 48.61
C ARG D 22 6.45 20.90 47.09
N MET D 23 6.58 19.79 46.38
CA MET D 23 6.32 19.76 44.94
C MET D 23 4.91 20.26 44.63
N ASN D 24 3.91 19.69 45.30
CA ASN D 24 2.52 20.01 44.99
C ASN D 24 2.09 21.37 45.50
N ILE D 25 2.51 21.70 46.73
CA ILE D 25 2.16 22.97 47.32
C ILE D 25 2.75 24.06 46.50
N LEU D 26 3.92 23.80 45.92
CA LEU D 26 4.57 24.79 45.09
C LEU D 26 3.91 24.84 43.72
N ALA D 27 3.68 23.68 43.12
CA ALA D 27 3.01 23.63 41.81
C ALA D 27 1.68 24.32 41.88
N GLY D 28 1.01 24.22 43.02
CA GLY D 28 -0.24 24.90 43.24
C GLY D 28 -0.04 26.40 43.28
N ARG D 29 0.85 26.88 44.14
CA ARG D 29 1.03 28.31 44.27
C ARG D 29 1.44 28.98 42.96
N ILE D 30 1.97 28.20 42.03
CA ILE D 30 2.47 28.78 40.80
C ILE D 30 1.40 29.05 39.76
N ILE D 31 0.42 28.18 39.57
CA ILE D 31 -0.68 28.53 38.66
C ILE D 31 -1.58 29.55 39.35
N ALA D 32 -1.50 29.63 40.68
CA ALA D 32 -2.21 30.66 41.38
C ALA D 32 -1.56 31.99 41.07
N GLU D 33 -0.23 32.08 41.22
CA GLU D 33 0.51 33.33 40.97
C GLU D 33 0.47 33.74 39.51
N THR D 34 -0.07 32.84 38.69
CA THR D 34 -0.17 33.05 37.25
C THR D 34 -1.40 33.87 36.87
N VAL D 35 -2.37 33.97 37.77
CA VAL D 35 -3.56 34.74 37.50
C VAL D 35 -3.75 35.83 38.56
N ARG D 36 -2.96 35.80 39.61
CA ARG D 36 -2.97 36.86 40.61
C ARG D 36 -3.04 38.22 39.94
N SER D 37 -2.45 38.35 38.76
CA SER D 37 -2.28 39.66 38.15
C SER D 37 -3.53 40.16 37.45
N THR D 38 -4.54 39.33 37.30
CA THR D 38 -5.73 39.76 36.56
C THR D 38 -6.83 40.19 37.51
N LEU D 39 -6.52 40.07 38.79
CA LEU D 39 -7.55 40.26 39.79
C LEU D 39 -7.87 41.74 40.02
N GLY D 40 -9.13 42.09 39.82
CA GLY D 40 -9.55 43.46 40.03
C GLY D 40 -9.62 44.23 38.73
N PRO D 41 -10.18 45.45 38.78
CA PRO D 41 -10.29 46.37 37.65
C PRO D 41 -8.90 46.88 37.27
N LYS D 42 -8.05 47.15 38.26
CA LYS D 42 -6.70 47.62 37.98
C LYS D 42 -5.80 46.43 37.74
N GLY D 43 -6.41 45.36 37.25
CA GLY D 43 -5.65 44.18 36.89
C GLY D 43 -5.36 44.13 35.42
N MET D 44 -4.36 43.33 35.02
CA MET D 44 -3.88 43.19 33.64
C MET D 44 -4.30 41.91 32.91
N ASP D 45 -4.16 41.92 31.59
CA ASP D 45 -4.53 40.79 30.73
C ASP D 45 -3.34 39.95 30.28
N LYS D 46 -3.57 38.66 30.05
CA LYS D 46 -2.52 37.76 29.55
C LYS D 46 -2.78 37.53 28.07
N MET D 47 -1.78 37.73 27.22
CA MET D 47 -1.92 37.29 25.83
C MET D 47 -1.33 35.94 25.67
N LEU D 48 -2.01 35.05 24.97
CA LEU D 48 -1.70 33.65 25.11
C LEU D 48 -1.68 32.91 23.78
N VAL D 49 -0.52 32.89 23.13
CA VAL D 49 -0.36 32.22 21.84
C VAL D 49 -0.33 30.75 22.12
N ASP D 50 -0.49 29.94 21.10
CA ASP D 50 -0.25 28.52 21.27
C ASP D 50 0.89 28.10 20.36
N ASP D 51 0.76 26.98 19.67
CA ASP D 51 1.84 26.50 18.82
C ASP D 51 1.53 26.76 17.36
N LEU D 52 0.38 27.39 17.15
CA LEU D 52 -0.13 27.66 15.82
C LEU D 52 -0.19 29.15 15.50
N GLY D 53 0.63 29.95 16.18
CA GLY D 53 0.57 31.39 16.04
C GLY D 53 -0.79 31.95 16.45
N ASP D 54 -1.68 31.06 16.92
CA ASP D 54 -3.03 31.45 17.36
C ASP D 54 -3.07 32.21 18.66
N VAL D 55 -3.45 33.48 18.61
CA VAL D 55 -3.40 34.27 19.81
C VAL D 55 -4.75 34.34 20.49
N VAL D 56 -4.75 34.59 21.80
CA VAL D 56 -5.98 34.89 22.50
C VAL D 56 -5.72 35.69 23.77
N VAL D 57 -6.30 36.88 23.81
CA VAL D 57 -6.07 37.82 24.87
C VAL D 57 -7.24 37.78 25.81
N THR D 58 -6.98 37.71 27.11
CA THR D 58 -8.05 37.72 28.08
C THR D 58 -7.63 38.03 29.50
N ASN D 59 -8.60 38.45 30.31
CA ASN D 59 -8.44 38.73 31.75
C ASN D 59 -9.26 37.68 32.48
N ASP D 60 -9.97 36.85 31.71
CA ASP D 60 -10.83 35.83 32.30
C ASP D 60 -9.98 34.69 32.85
N GLY D 61 -10.00 34.53 34.18
CA GLY D 61 -9.27 33.49 34.88
C GLY D 61 -9.24 32.12 34.25
N VAL D 62 -10.37 31.43 34.20
CA VAL D 62 -10.40 30.04 33.75
C VAL D 62 -9.86 29.79 32.35
N THR D 63 -10.30 30.60 31.37
CA THR D 63 -9.82 30.42 30.00
C THR D 63 -8.29 30.55 29.97
N ILE D 64 -7.75 31.57 30.63
CA ILE D 64 -6.30 31.60 30.79
C ILE D 64 -5.77 30.21 31.23
N LEU D 65 -6.28 29.67 32.33
CA LEU D 65 -5.78 28.41 32.82
C LEU D 65 -6.05 27.31 31.82
N ARG D 66 -7.31 27.09 31.47
CA ARG D 66 -7.65 26.06 30.51
C ARG D 66 -6.71 26.10 29.34
N GLU D 67 -6.73 27.18 28.59
CA GLU D 67 -6.02 27.22 27.32
C GLU D 67 -4.54 27.52 27.42
N MET D 68 -3.88 26.97 28.42
CA MET D 68 -2.43 26.92 28.42
C MET D 68 -2.00 25.51 28.79
N SER D 69 -0.91 25.05 28.21
CA SER D 69 -0.51 23.67 28.41
C SER D 69 0.04 23.53 29.81
N VAL D 70 -0.83 23.23 30.79
CA VAL D 70 -0.35 22.97 32.15
C VAL D 70 -0.20 21.48 32.34
N GLU D 71 0.99 21.04 32.74
CA GLU D 71 1.34 19.63 32.71
C GLU D 71 1.41 18.96 34.06
N HIS D 72 2.05 19.65 35.00
CA HIS D 72 2.25 19.13 36.34
C HIS D 72 0.93 18.69 36.95
N PRO D 73 0.88 17.50 37.50
CA PRO D 73 -0.36 16.94 38.01
C PRO D 73 -1.00 17.75 39.14
N ALA D 74 -0.20 18.26 40.09
CA ALA D 74 -0.78 19.02 41.18
C ALA D 74 -1.57 20.16 40.58
N ALA D 75 -0.90 21.00 39.83
CA ALA D 75 -1.56 22.14 39.19
C ALA D 75 -2.78 21.75 38.34
N LYS D 76 -2.71 20.63 37.63
CA LYS D 76 -3.83 20.17 36.81
C LYS D 76 -5.10 20.19 37.62
N MET D 77 -4.95 20.14 38.95
CA MET D 77 -6.07 20.02 39.86
C MET D 77 -6.54 21.30 40.55
N LEU D 78 -5.72 22.35 40.55
CA LEU D 78 -6.24 23.65 40.92
C LEU D 78 -7.05 24.15 39.74
N ILE D 79 -6.71 23.69 38.55
CA ILE D 79 -7.44 24.10 37.38
C ILE D 79 -8.84 23.51 37.45
N GLU D 80 -8.98 22.47 38.27
CA GLU D 80 -10.26 21.84 38.49
C GLU D 80 -11.15 22.87 39.12
N VAL D 81 -10.62 23.54 40.14
CA VAL D 81 -11.38 24.52 40.93
C VAL D 81 -11.95 25.64 40.07
N ALA D 82 -11.10 26.17 39.20
CA ALA D 82 -11.51 27.24 38.31
C ALA D 82 -12.53 26.71 37.31
N LYS D 83 -12.39 25.46 36.92
CA LYS D 83 -13.18 24.91 35.84
C LYS D 83 -14.63 24.72 36.28
N THR D 84 -14.82 24.50 37.58
CA THR D 84 -16.15 24.29 38.13
C THR D 84 -16.70 25.57 38.71
N GLN D 85 -15.83 26.52 39.02
CA GLN D 85 -16.33 27.81 39.43
C GLN D 85 -17.10 28.38 38.25
N GLU D 86 -16.47 28.42 37.07
CA GLU D 86 -17.12 28.89 35.85
C GLU D 86 -18.40 28.13 35.56
N LYS D 87 -18.40 26.84 35.91
CA LYS D 87 -19.54 25.96 35.63
C LYS D 87 -20.72 26.28 36.54
N GLU D 88 -20.44 26.69 37.77
CA GLU D 88 -21.50 26.89 38.74
C GLU D 88 -21.77 28.33 39.09
N VAL D 89 -21.04 29.26 38.50
CA VAL D 89 -21.26 30.69 38.74
C VAL D 89 -21.05 31.48 37.46
N GLY D 90 -19.81 31.79 37.12
CA GLY D 90 -19.50 32.40 35.83
C GLY D 90 -18.41 33.44 36.03
N ASP D 91 -18.48 34.11 37.16
CA ASP D 91 -17.48 35.07 37.58
C ASP D 91 -16.74 34.46 38.78
N GLY D 92 -15.66 35.12 39.19
CA GLY D 92 -14.88 34.68 40.33
C GLY D 92 -14.18 33.34 40.10
N THR D 93 -13.69 33.13 38.89
CA THR D 93 -12.86 31.96 38.59
C THR D 93 -11.45 32.22 39.11
N THR D 94 -10.90 33.41 38.82
CA THR D 94 -9.60 33.79 39.37
C THR D 94 -9.54 33.76 40.90
N THR D 95 -10.54 34.33 41.59
CA THR D 95 -10.52 34.33 43.08
C THR D 95 -10.58 32.96 43.72
N ALA D 96 -11.27 32.00 43.09
CA ALA D 96 -11.31 30.64 43.61
C ALA D 96 -9.93 29.96 43.53
N VAL D 97 -9.27 30.12 42.40
CA VAL D 97 -7.93 29.60 42.22
C VAL D 97 -6.98 30.33 43.13
N VAL D 98 -7.12 31.65 43.22
CA VAL D 98 -6.19 32.49 44.01
C VAL D 98 -6.17 32.14 45.49
N VAL D 99 -7.34 32.09 46.10
CA VAL D 99 -7.49 31.61 47.46
C VAL D 99 -6.95 30.18 47.65
N ALA D 100 -7.21 29.32 46.67
CA ALA D 100 -6.73 27.94 46.71
C ALA D 100 -5.22 27.88 46.80
N GLY D 101 -4.57 28.83 46.16
CA GLY D 101 -3.12 28.92 46.22
C GLY D 101 -2.70 29.35 47.60
N GLU D 102 -3.36 30.40 48.11
CA GLU D 102 -3.03 30.99 49.41
C GLU D 102 -3.38 30.08 50.60
N LEU D 103 -4.21 29.07 50.38
CA LEU D 103 -4.41 28.09 51.43
C LEU D 103 -3.20 27.15 51.44
N LEU D 104 -2.71 26.80 50.27
CA LEU D 104 -1.51 25.98 50.18
C LEU D 104 -0.30 26.72 50.74
N ARG D 105 -0.19 28.02 50.49
CA ARG D 105 0.93 28.78 51.04
C ARG D 105 0.90 28.76 52.55
N LYS D 106 -0.23 29.13 53.15
CA LYS D 106 -0.35 29.11 54.60
C LYS D 106 -0.26 27.68 55.14
N ALA D 107 -0.63 26.69 54.34
CA ALA D 107 -0.60 25.32 54.80
C ALA D 107 0.83 24.84 55.12
N GLU D 108 1.82 25.32 54.39
CA GLU D 108 3.17 24.80 54.60
C GLU D 108 3.87 25.52 55.73
N GLU D 109 3.32 26.64 56.18
CA GLU D 109 3.87 27.31 57.34
C GLU D 109 3.61 26.46 58.56
N LEU D 110 2.57 25.63 58.47
CA LEU D 110 2.20 24.73 59.57
C LEU D 110 2.90 23.38 59.42
N LEU D 111 3.12 22.97 58.18
CA LEU D 111 3.76 21.69 57.93
C LEU D 111 5.22 21.79 58.31
N ASP D 112 5.78 22.98 58.10
CA ASP D 112 7.18 23.22 58.41
C ASP D 112 7.32 23.56 59.88
N GLN D 113 6.21 23.43 60.61
CA GLN D 113 6.18 23.49 62.06
C GLN D 113 5.77 22.13 62.60
N ASN D 114 5.80 21.12 61.74
CA ASN D 114 5.54 19.73 62.10
C ASN D 114 4.12 19.42 62.54
N VAL D 115 3.18 20.23 62.06
CA VAL D 115 1.77 19.90 62.21
C VAL D 115 1.49 18.79 61.21
N HIS D 116 0.77 17.77 61.65
CA HIS D 116 0.44 16.66 60.78
C HIS D 116 -0.48 17.14 59.67
N PRO D 117 -0.26 16.64 58.44
CA PRO D 117 -1.17 17.07 57.38
C PRO D 117 -2.63 16.82 57.74
N THR D 118 -2.94 15.69 58.38
CA THR D 118 -4.34 15.39 58.66
C THR D 118 -4.98 16.31 59.69
N ILE D 119 -4.14 17.00 60.47
CA ILE D 119 -4.63 17.99 61.42
C ILE D 119 -4.93 19.31 60.72
N VAL D 120 -4.04 19.69 59.81
CA VAL D 120 -4.27 20.87 59.00
C VAL D 120 -5.56 20.68 58.25
N VAL D 121 -5.70 19.56 57.55
CA VAL D 121 -6.87 19.35 56.70
C VAL D 121 -8.14 19.20 57.51
N LYS D 122 -8.00 18.84 58.78
CA LYS D 122 -9.14 18.79 59.70
C LYS D 122 -9.62 20.20 59.96
N GLY D 123 -8.68 21.05 60.34
CA GLY D 123 -8.98 22.42 60.74
C GLY D 123 -9.36 23.36 59.60
N TYR D 124 -8.88 23.06 58.39
CA TYR D 124 -9.30 23.77 57.19
C TYR D 124 -10.72 23.41 56.87
N GLN D 125 -11.05 22.13 57.01
CA GLN D 125 -12.43 21.70 56.79
C GLN D 125 -13.32 22.41 57.79
N ALA D 126 -12.88 22.42 59.06
CA ALA D 126 -13.63 23.07 60.14
C ALA D 126 -13.99 24.51 59.84
N ALA D 127 -13.04 25.23 59.24
CA ALA D 127 -13.21 26.65 58.95
C ALA D 127 -14.00 26.85 57.67
N ALA D 128 -13.83 25.97 56.70
CA ALA D 128 -14.62 26.03 55.48
C ALA D 128 -16.07 25.83 55.85
N GLN D 129 -16.31 24.96 56.83
CA GLN D 129 -17.66 24.68 57.30
C GLN D 129 -18.26 25.97 57.85
N LYS D 130 -17.53 26.58 58.79
CA LYS D 130 -17.96 27.80 59.45
C LYS D 130 -18.21 28.93 58.50
N ALA D 131 -17.24 29.18 57.62
CA ALA D 131 -17.34 30.29 56.69
C ALA D 131 -18.54 30.14 55.79
N GLN D 132 -19.07 28.91 55.67
CA GLN D 132 -20.22 28.70 54.80
C GLN D 132 -21.51 29.21 55.44
N GLU D 133 -21.66 29.03 56.75
CA GLU D 133 -22.84 29.53 57.43
C GLU D 133 -22.63 30.96 57.91
N LEU D 134 -21.36 31.36 58.02
CA LEU D 134 -20.98 32.74 58.31
C LEU D 134 -21.27 33.69 57.15
N LEU D 135 -21.31 33.15 55.94
CA LEU D 135 -21.67 33.94 54.78
C LEU D 135 -23.19 34.01 54.69
N LYS D 136 -23.83 32.86 54.88
CA LYS D 136 -25.28 32.78 54.83
C LYS D 136 -25.91 33.99 55.53
N THR D 137 -25.38 34.31 56.71
CA THR D 137 -25.94 35.36 57.58
C THR D 137 -25.55 36.77 57.21
N ILE D 138 -24.44 36.95 56.51
CA ILE D 138 -24.01 38.31 56.15
C ILE D 138 -24.30 38.69 54.69
N ALA D 139 -25.23 37.96 54.09
CA ALA D 139 -25.63 38.18 52.71
C ALA D 139 -26.99 38.86 52.65
N CYS D 140 -27.00 40.06 52.09
CA CYS D 140 -28.22 40.85 51.96
C CYS D 140 -29.22 40.11 51.07
N GLU D 141 -30.51 40.30 51.32
CA GLU D 141 -31.55 39.76 50.46
C GLU D 141 -31.83 40.72 49.30
N VAL D 142 -32.33 40.19 48.19
CA VAL D 142 -32.65 41.02 47.05
C VAL D 142 -33.81 40.42 46.26
N GLY D 143 -34.60 41.28 45.61
CA GLY D 143 -35.70 40.84 44.79
C GLY D 143 -35.25 40.32 43.45
N ALA D 144 -35.74 39.15 43.08
CA ALA D 144 -35.40 38.52 41.82
C ALA D 144 -35.62 39.45 40.62
N GLN D 145 -36.37 40.53 40.84
CA GLN D 145 -36.66 41.48 39.78
C GLN D 145 -36.28 42.91 40.17
N ASP D 146 -35.61 43.04 41.31
CA ASP D 146 -35.02 44.32 41.70
C ASP D 146 -34.08 44.75 40.58
N LYS D 147 -34.67 45.16 39.46
CA LYS D 147 -33.95 45.38 38.21
C LYS D 147 -32.89 46.50 38.33
N GLU D 148 -32.81 47.15 39.48
CA GLU D 148 -31.81 48.17 39.69
C GLU D 148 -30.56 47.51 40.26
N ILE D 149 -30.76 46.67 41.27
CA ILE D 149 -29.67 45.95 41.93
C ILE D 149 -29.07 44.94 40.96
N LEU D 150 -29.93 44.22 40.25
CA LEU D 150 -29.45 43.33 39.19
C LEU D 150 -28.44 44.01 38.28
N THR D 151 -28.57 45.32 38.10
CA THR D 151 -27.68 46.06 37.20
C THR D 151 -26.42 46.59 37.89
N LYS D 152 -26.48 46.73 39.20
CA LYS D 152 -25.28 47.01 39.97
C LYS D 152 -24.42 45.75 40.01
N ILE D 153 -25.08 44.58 40.01
CA ILE D 153 -24.37 43.31 40.00
C ILE D 153 -23.71 43.03 38.67
N ALA D 154 -24.42 43.27 37.57
CA ALA D 154 -23.87 43.01 36.23
C ALA D 154 -22.84 44.06 35.87
N MET D 155 -22.82 45.16 36.60
CA MET D 155 -21.86 46.21 36.34
C MET D 155 -20.60 45.93 37.13
N THR D 156 -20.76 45.34 38.31
CA THR D 156 -19.62 45.01 39.14
C THR D 156 -18.81 43.89 38.50
N SER D 157 -19.50 43.07 37.71
CA SER D 157 -18.89 41.92 37.04
C SER D 157 -18.03 42.34 35.87
N ILE D 158 -18.58 43.19 34.99
CA ILE D 158 -17.85 43.69 33.83
C ILE D 158 -16.58 44.49 34.20
N THR D 159 -16.70 45.42 35.15
CA THR D 159 -15.51 45.99 35.77
C THR D 159 -14.71 44.81 36.33
N GLY D 160 -13.42 44.98 36.57
CA GLY D 160 -12.62 43.86 37.02
C GLY D 160 -12.07 43.12 35.81
N LYS D 161 -12.83 43.23 34.72
CA LYS D 161 -12.30 42.98 33.39
C LYS D 161 -11.92 44.32 32.82
N GLY D 162 -11.57 45.25 33.71
CA GLY D 162 -11.25 46.63 33.33
C GLY D 162 -12.45 47.55 33.48
N ALA D 163 -12.26 48.69 34.14
CA ALA D 163 -13.34 49.65 34.36
C ALA D 163 -13.85 50.20 33.03
N GLU D 164 -13.06 50.05 31.97
CA GLU D 164 -13.38 50.69 30.69
C GLU D 164 -14.32 49.86 29.83
N LYS D 165 -14.59 48.62 30.24
CA LYS D 165 -15.62 47.84 29.55
C LYS D 165 -16.97 48.10 30.22
N ALA D 166 -16.93 48.73 31.39
CA ALA D 166 -18.10 48.92 32.24
C ALA D 166 -19.13 49.89 31.69
N LYS D 167 -19.33 49.86 30.38
CA LYS D 167 -20.29 50.74 29.73
C LYS D 167 -21.67 50.57 30.38
N GLU D 168 -22.25 51.68 30.85
CA GLU D 168 -23.51 51.65 31.59
C GLU D 168 -24.64 50.98 30.81
N LYS D 169 -24.79 51.37 29.55
CA LYS D 169 -25.90 50.88 28.75
C LYS D 169 -25.68 49.45 28.26
N LEU D 170 -24.61 48.83 28.74
CA LEU D 170 -24.31 47.45 28.40
C LEU D 170 -24.79 46.55 29.53
N ALA D 171 -24.58 46.99 30.78
CA ALA D 171 -25.09 46.27 31.93
C ALA D 171 -26.59 46.16 31.78
N GLU D 172 -27.24 47.29 31.51
CA GLU D 172 -28.69 47.34 31.34
C GLU D 172 -29.18 46.30 30.32
N ILE D 173 -28.50 46.23 29.18
CA ILE D 173 -28.91 45.32 28.13
C ILE D 173 -28.94 43.90 28.66
N ILE D 174 -27.87 43.52 29.35
CA ILE D 174 -27.68 42.16 29.89
C ILE D 174 -28.76 41.77 30.90
N VAL D 175 -28.96 42.62 31.91
CA VAL D 175 -30.00 42.41 32.92
C VAL D 175 -31.30 42.12 32.21
N GLU D 176 -31.71 43.04 31.35
CA GLU D 176 -32.93 42.85 30.59
C GLU D 176 -32.97 41.48 29.91
N ALA D 177 -31.86 41.09 29.29
CA ALA D 177 -31.80 39.91 28.44
C ALA D 177 -31.75 38.59 29.22
N VAL D 178 -31.29 38.65 30.47
CA VAL D 178 -31.31 37.50 31.37
C VAL D 178 -32.68 37.39 32.01
N SER D 179 -33.32 38.53 32.23
CA SER D 179 -34.63 38.59 32.84
C SER D 179 -35.66 37.97 31.92
N ALA D 180 -35.46 38.15 30.61
CA ALA D 180 -36.35 37.56 29.61
C ALA D 180 -36.39 36.01 29.65
N VAL D 181 -35.21 35.39 29.69
CA VAL D 181 -35.12 33.95 29.50
C VAL D 181 -35.38 33.16 30.76
N VAL D 182 -35.95 33.82 31.77
CA VAL D 182 -36.21 33.16 33.07
C VAL D 182 -37.30 32.10 32.96
N ASP D 183 -36.97 30.84 33.25
CA ASP D 183 -37.94 29.75 33.13
C ASP D 183 -38.74 29.51 34.42
N ASP D 184 -39.85 30.23 34.54
CA ASP D 184 -40.73 30.17 35.70
C ASP D 184 -41.26 28.75 36.00
N GLU D 185 -40.88 28.20 37.15
CA GLU D 185 -39.87 28.82 38.00
C GLU D 185 -38.72 27.86 38.13
N GLY D 186 -37.53 28.40 38.39
CA GLY D 186 -37.33 29.85 38.47
C GLY D 186 -35.89 30.18 38.10
N LYS D 187 -35.35 29.37 37.19
CA LYS D 187 -33.92 29.34 36.89
C LYS D 187 -33.60 30.01 35.57
N VAL D 188 -32.33 30.35 35.40
CA VAL D 188 -31.89 30.95 34.15
C VAL D 188 -31.08 29.93 33.36
N ASP D 189 -31.53 29.62 32.16
CA ASP D 189 -30.75 28.79 31.26
C ASP D 189 -29.73 29.64 30.50
N LYS D 190 -28.48 29.64 30.96
CA LYS D 190 -27.43 30.46 30.39
C LYS D 190 -27.29 30.24 28.86
N ASP D 191 -27.94 29.17 28.37
CA ASP D 191 -27.88 28.79 26.95
C ASP D 191 -29.09 29.26 26.15
N LEU D 192 -30.03 29.94 26.80
CA LEU D 192 -31.21 30.49 26.12
C LEU D 192 -30.92 31.89 25.59
N ILE D 193 -29.83 32.46 26.06
CA ILE D 193 -29.34 33.73 25.59
C ILE D 193 -28.24 33.44 24.56
N LYS D 194 -28.59 33.52 23.28
CA LYS D 194 -27.62 33.34 22.20
C LYS D 194 -26.69 34.53 22.08
N ILE D 195 -25.40 34.27 21.98
CA ILE D 195 -24.43 35.34 21.87
C ILE D 195 -23.79 35.30 20.48
N GLU D 196 -23.98 36.37 19.70
CA GLU D 196 -23.42 36.46 18.36
C GLU D 196 -22.40 37.61 18.23
N LYS D 197 -21.32 37.37 17.49
CA LYS D 197 -20.27 38.38 17.36
C LYS D 197 -20.04 38.78 15.90
N LYS D 198 -20.22 40.07 15.59
CA LYS D 198 -19.99 40.58 14.22
C LYS D 198 -19.34 41.95 14.28
N SER D 199 -18.31 42.16 13.44
CA SER D 199 -17.40 43.31 13.59
C SER D 199 -17.97 44.74 13.77
N GLY D 200 -18.29 45.48 12.69
CA GLY D 200 -18.81 46.85 12.79
C GLY D 200 -17.85 47.83 13.47
N ALA D 201 -18.17 49.12 13.51
CA ALA D 201 -17.25 50.08 14.14
C ALA D 201 -17.66 50.41 15.57
N SER D 202 -17.65 49.42 16.44
CA SER D 202 -18.63 49.42 17.52
C SER D 202 -18.24 49.48 18.99
N ILE D 203 -18.20 48.29 19.60
CA ILE D 203 -18.44 48.06 21.04
C ILE D 203 -19.68 48.72 21.63
N ASP D 204 -19.96 49.96 21.25
CA ASP D 204 -21.16 50.66 21.70
C ASP D 204 -22.38 50.22 20.92
N ASP D 205 -22.14 49.69 19.73
CA ASP D 205 -23.18 49.22 18.86
C ASP D 205 -23.72 47.88 19.27
N THR D 206 -23.16 47.25 20.30
CA THR D 206 -23.72 45.98 20.76
C THR D 206 -25.14 46.25 21.26
N GLU D 207 -26.06 45.36 20.92
CA GLU D 207 -27.48 45.58 21.16
C GLU D 207 -28.18 44.29 21.51
N LEU D 208 -29.36 44.43 22.12
CA LEU D 208 -30.20 43.29 22.43
C LEU D 208 -31.15 43.03 21.27
N ILE D 209 -31.15 41.81 20.77
CA ILE D 209 -32.10 41.41 19.76
C ILE D 209 -33.05 40.40 20.38
N LYS D 210 -34.31 40.78 20.53
CA LYS D 210 -35.30 39.88 21.12
C LYS D 210 -35.82 38.90 20.06
N GLY D 211 -34.99 37.92 19.72
CA GLY D 211 -35.35 36.95 18.70
C GLY D 211 -34.16 36.07 18.40
N VAL D 212 -33.96 35.74 17.13
CA VAL D 212 -32.85 34.88 16.77
C VAL D 212 -32.11 35.39 15.52
N LEU D 213 -30.79 35.20 15.50
CA LEU D 213 -29.98 35.51 14.32
C LEU D 213 -29.63 34.19 13.62
N VAL D 214 -29.98 34.10 12.34
CA VAL D 214 -29.76 32.86 11.61
C VAL D 214 -28.71 33.06 10.51
N ASP D 215 -27.68 32.23 10.54
CA ASP D 215 -26.60 32.32 9.56
C ASP D 215 -26.96 31.56 8.29
N LYS D 216 -28.13 31.88 7.73
CA LYS D 216 -28.56 31.35 6.45
C LYS D 216 -29.04 32.53 5.60
N GLU D 217 -29.51 32.23 4.38
CA GLU D 217 -30.10 33.25 3.48
C GLU D 217 -31.27 32.70 2.67
N ARG D 218 -32.25 33.56 2.35
CA ARG D 218 -33.41 33.11 1.59
C ARG D 218 -32.94 32.18 0.49
N VAL D 219 -33.52 30.99 0.44
CA VAL D 219 -33.10 29.92 -0.47
C VAL D 219 -33.32 30.23 -1.97
N SER D 220 -34.32 31.06 -2.28
CA SER D 220 -34.57 31.55 -3.64
C SER D 220 -34.45 33.09 -3.64
N ALA D 221 -33.67 33.62 -4.58
CA ALA D 221 -33.42 35.06 -4.64
C ALA D 221 -34.70 35.83 -4.98
N GLN D 222 -35.69 35.10 -5.49
CA GLN D 222 -36.97 35.67 -5.93
C GLN D 222 -37.93 35.93 -4.75
N MET D 223 -37.61 35.35 -3.59
CA MET D 223 -38.41 35.53 -2.38
C MET D 223 -38.30 36.93 -1.82
N PRO D 224 -39.27 37.32 -0.97
CA PRO D 224 -39.17 38.60 -0.27
C PRO D 224 -37.87 38.69 0.54
N LYS D 225 -37.33 39.89 0.69
CA LYS D 225 -36.15 40.08 1.52
C LYS D 225 -36.48 40.98 2.72
N LYS D 226 -37.77 41.20 2.91
CA LYS D 226 -38.31 41.72 4.17
C LYS D 226 -39.80 41.36 4.33
N VAL D 227 -40.18 40.99 5.55
CA VAL D 227 -41.57 40.73 5.94
C VAL D 227 -41.78 41.36 7.33
N THR D 228 -42.87 42.08 7.54
CA THR D 228 -43.16 42.61 8.87
C THR D 228 -44.36 41.87 9.51
N ASP D 229 -44.39 41.83 10.85
CA ASP D 229 -45.42 41.08 11.58
C ASP D 229 -45.67 39.68 11.01
N ALA D 230 -44.58 39.03 10.59
CA ALA D 230 -44.63 37.72 9.92
C ALA D 230 -45.12 36.57 10.80
N LYS D 231 -45.66 35.55 10.15
CA LYS D 231 -46.04 34.32 10.83
C LYS D 231 -45.17 33.12 10.40
N ILE D 232 -44.47 32.53 11.37
CA ILE D 232 -43.34 31.62 11.06
C ILE D 232 -43.64 30.12 11.22
N ALA D 233 -43.41 29.37 10.14
CA ALA D 233 -43.57 27.91 10.15
C ALA D 233 -42.22 27.17 10.13
N LEU D 234 -41.91 26.49 11.24
CA LEU D 234 -40.66 25.73 11.38
C LEU D 234 -40.85 24.24 10.98
N LEU D 235 -40.16 23.81 9.92
CA LEU D 235 -40.28 22.43 9.45
C LEU D 235 -39.11 21.52 9.80
N ASN D 236 -39.38 20.55 10.66
CA ASN D 236 -38.43 19.48 10.94
C ASN D 236 -38.45 18.45 9.79
N CYS D 237 -39.35 18.65 8.82
CA CYS D 237 -39.52 17.75 7.66
C CYS D 237 -38.62 18.14 6.48
N ALA D 238 -38.63 17.32 5.43
CA ALA D 238 -37.89 17.60 4.19
C ALA D 238 -38.84 17.75 3.00
N ILE D 239 -38.95 18.97 2.48
CA ILE D 239 -39.85 19.25 1.38
C ILE D 239 -39.26 18.75 0.08
N GLU D 240 -39.55 17.50 -0.27
CA GLU D 240 -38.96 16.93 -1.47
C GLU D 240 -39.57 17.46 -2.78
N GLU D 241 -38.96 17.07 -3.89
CA GLU D 241 -39.62 17.12 -5.20
C GLU D 241 -39.08 16.04 -6.15
N THR D 242 -39.47 16.13 -7.42
CA THR D 242 -39.10 15.18 -8.48
C THR D 242 -39.06 15.81 -9.91
N ALA D 243 -40.18 15.83 -10.62
CA ALA D 243 -40.24 16.37 -11.99
C ALA D 243 -41.68 16.42 -12.51
N SER D 244 -42.63 16.39 -11.57
CA SER D 244 -44.06 16.31 -11.87
C SER D 244 -44.89 17.06 -10.80
N GLU D 245 -44.36 18.17 -10.28
CA GLU D 245 -45.08 18.99 -9.29
C GLU D 245 -45.87 18.21 -8.22
N MET D 246 -45.24 17.18 -7.63
CA MET D 246 -45.79 16.53 -6.43
C MET D 246 -45.61 17.50 -5.25
N LEU D 247 -45.39 18.78 -5.59
CA LEU D 247 -44.91 19.74 -4.59
C LEU D 247 -45.80 20.98 -4.44
N LYS D 248 -46.76 21.14 -5.33
CA LYS D 248 -47.79 22.18 -5.18
C LYS D 248 -48.69 21.81 -4.00
N ASP D 249 -48.69 20.52 -3.67
CA ASP D 249 -49.34 19.96 -2.48
C ASP D 249 -48.68 20.49 -1.20
N MET D 250 -47.42 20.09 -1.00
CA MET D 250 -46.59 20.54 0.13
C MET D 250 -46.50 22.08 0.24
N VAL D 251 -46.42 22.75 -0.92
CA VAL D 251 -46.25 24.21 -0.99
C VAL D 251 -47.53 25.01 -0.70
N ALA D 252 -48.69 24.41 -0.96
CA ALA D 252 -49.97 25.08 -0.75
C ALA D 252 -50.65 24.65 0.57
N GLU D 253 -50.13 23.58 1.19
CA GLU D 253 -50.57 23.15 2.52
C GLU D 253 -49.97 24.08 3.58
N ILE D 254 -48.82 24.69 3.23
CA ILE D 254 -48.11 25.65 4.07
C ILE D 254 -48.73 27.06 3.96
N LYS D 255 -49.17 27.41 2.76
CA LYS D 255 -49.89 28.66 2.55
C LYS D 255 -51.28 28.54 3.14
N ALA D 256 -51.65 27.29 3.46
CA ALA D 256 -52.95 26.98 4.06
C ALA D 256 -53.01 27.41 5.53
N SER D 257 -51.87 27.36 6.22
CA SER D 257 -51.82 27.78 7.63
C SER D 257 -51.64 29.30 7.81
N GLY D 258 -51.23 29.99 6.74
CA GLY D 258 -51.06 31.44 6.78
C GLY D 258 -49.63 31.91 7.00
N ALA D 259 -48.66 31.03 6.71
CA ALA D 259 -47.24 31.30 6.98
C ALA D 259 -46.49 31.96 5.79
N ASN D 260 -46.00 33.18 6.02
CA ASN D 260 -45.23 33.92 5.01
C ASN D 260 -43.72 33.81 5.21
N VAL D 261 -43.31 32.91 6.11
CA VAL D 261 -41.91 32.62 6.41
C VAL D 261 -41.79 31.16 6.84
N LEU D 262 -40.74 30.49 6.37
CA LEU D 262 -40.53 29.07 6.65
C LEU D 262 -39.06 28.71 6.84
N PHE D 263 -38.74 28.12 7.98
CA PHE D 263 -37.38 27.64 8.24
C PHE D 263 -37.31 26.11 8.24
N CYS D 264 -36.63 25.54 7.24
CA CYS D 264 -36.55 24.08 7.10
C CYS D 264 -35.17 23.56 7.53
N GLN D 265 -35.15 22.50 8.36
CA GLN D 265 -33.90 21.89 8.86
C GLN D 265 -33.28 20.96 7.82
N LYS D 266 -34.14 20.31 7.04
CA LYS D 266 -33.68 19.44 5.97
C LYS D 266 -33.63 20.20 4.63
N GLY D 267 -33.67 19.45 3.52
CA GLY D 267 -33.53 20.06 2.22
C GLY D 267 -34.86 20.51 1.62
N ILE D 268 -34.80 21.56 0.82
CA ILE D 268 -35.94 22.01 0.04
C ILE D 268 -35.58 21.89 -1.45
N ASP D 269 -36.19 20.90 -2.10
CA ASP D 269 -35.92 20.61 -3.50
C ASP D 269 -36.16 21.83 -4.38
N ASP D 270 -35.56 21.83 -5.58
CA ASP D 270 -35.58 22.99 -6.47
C ASP D 270 -36.96 23.35 -7.08
N LEU D 271 -37.86 22.38 -7.11
CA LEU D 271 -39.24 22.62 -7.56
C LEU D 271 -40.06 23.32 -6.48
N ALA D 272 -39.89 22.88 -5.22
CA ALA D 272 -40.59 23.48 -4.07
C ALA D 272 -39.89 24.76 -3.56
N GLN D 273 -38.86 25.20 -4.29
CA GLN D 273 -38.22 26.51 -4.06
C GLN D 273 -38.86 27.56 -4.97
N HIS D 274 -39.34 27.14 -6.13
CA HIS D 274 -39.98 28.04 -7.09
C HIS D 274 -41.45 28.32 -6.73
N TYR D 275 -42.11 27.32 -6.14
CA TYR D 275 -43.52 27.41 -5.74
C TYR D 275 -43.71 28.28 -4.48
N LEU D 276 -42.65 28.37 -3.67
CA LEU D 276 -42.62 29.23 -2.49
C LEU D 276 -42.37 30.69 -2.89
N ALA D 277 -41.34 30.91 -3.71
CA ALA D 277 -41.03 32.24 -4.24
C ALA D 277 -42.26 32.83 -4.92
N LYS D 278 -43.01 31.95 -5.59
CA LYS D 278 -44.21 32.31 -6.34
C LYS D 278 -45.36 32.73 -5.42
N GLU D 279 -45.35 32.20 -4.20
CA GLU D 279 -46.43 32.45 -3.22
C GLU D 279 -46.20 33.71 -2.36
N GLY D 280 -44.94 34.10 -2.20
CA GLY D 280 -44.58 35.24 -1.36
C GLY D 280 -44.01 34.81 -0.01
N ILE D 281 -43.80 33.50 0.13
CA ILE D 281 -43.26 32.89 1.35
C ILE D 281 -41.73 32.83 1.34
N VAL D 282 -41.07 33.42 2.34
CA VAL D 282 -39.62 33.31 2.44
C VAL D 282 -39.22 32.02 3.15
N ALA D 283 -38.11 31.41 2.72
CA ALA D 283 -37.68 30.12 3.27
C ALA D 283 -36.15 29.92 3.26
N ALA D 284 -35.65 29.19 4.25
CA ALA D 284 -34.24 28.84 4.35
C ALA D 284 -34.13 27.32 4.59
N ARG D 285 -33.26 26.67 3.81
CA ARG D 285 -33.08 25.22 3.91
C ARG D 285 -31.83 24.89 4.72
N ARG D 286 -31.84 23.71 5.36
CA ARG D 286 -30.68 23.23 6.14
C ARG D 286 -30.20 24.18 7.23
N VAL D 287 -31.13 24.64 8.07
CA VAL D 287 -30.78 25.45 9.24
C VAL D 287 -30.31 24.54 10.36
N LYS D 288 -29.26 24.96 11.06
CA LYS D 288 -28.75 24.19 12.18
C LYS D 288 -29.90 23.72 13.08
N LYS D 289 -29.79 22.50 13.58
CA LYS D 289 -30.80 21.95 14.50
C LYS D 289 -30.89 22.84 15.75
N SER D 290 -29.74 23.34 16.19
CA SER D 290 -29.66 24.27 17.30
C SER D 290 -30.39 25.58 17.01
N ASP D 291 -30.32 26.03 15.76
CA ASP D 291 -31.02 27.24 15.30
C ASP D 291 -32.53 27.01 15.15
N MET D 292 -32.93 25.75 15.20
CA MET D 292 -34.33 25.40 15.04
C MET D 292 -35.06 25.47 16.37
N GLU D 293 -34.38 25.05 17.44
CA GLU D 293 -34.88 25.15 18.80
C GLU D 293 -34.85 26.60 19.30
N LYS D 294 -33.84 27.34 18.87
CA LYS D 294 -33.73 28.77 19.15
C LYS D 294 -34.97 29.48 18.63
N LEU D 295 -35.37 29.11 17.41
CA LEU D 295 -36.54 29.69 16.75
C LEU D 295 -37.85 29.15 17.33
N ALA D 296 -37.85 27.89 17.72
CA ALA D 296 -39.01 27.30 18.37
C ALA D 296 -39.43 28.16 19.58
N LYS D 297 -38.46 28.52 20.41
CA LYS D 297 -38.75 29.16 21.68
C LYS D 297 -38.99 30.67 21.60
N ALA D 298 -38.16 31.36 20.82
CA ALA D 298 -38.14 32.83 20.79
C ALA D 298 -39.38 33.46 20.15
N THR D 299 -39.90 32.82 19.10
CA THR D 299 -41.05 33.35 18.37
C THR D 299 -42.37 32.87 19.02
N GLY D 300 -42.31 31.67 19.59
CA GLY D 300 -43.49 30.99 20.09
C GLY D 300 -44.04 30.03 19.06
N ALA D 301 -43.15 29.32 18.37
CA ALA D 301 -43.54 28.41 17.28
C ALA D 301 -43.58 26.93 17.70
N ASN D 302 -43.64 26.04 16.70
CA ASN D 302 -43.69 24.60 16.95
C ASN D 302 -42.94 23.81 15.86
N VAL D 303 -42.06 22.91 16.29
CA VAL D 303 -41.29 22.08 15.36
C VAL D 303 -42.08 20.89 14.80
N ILE D 304 -42.55 21.04 13.56
CA ILE D 304 -43.40 20.04 12.91
C ILE D 304 -42.62 19.09 11.97
N THR D 305 -42.74 17.79 12.22
CA THR D 305 -42.12 16.73 11.41
C THR D 305 -43.03 16.30 10.23
N ASN D 306 -44.35 16.32 10.47
CA ASN D 306 -45.34 16.00 9.44
C ASN D 306 -45.94 17.26 8.79
N ILE D 307 -45.59 17.53 7.53
CA ILE D 307 -46.05 18.73 6.81
C ILE D 307 -47.58 18.80 6.67
N LYS D 308 -48.21 17.64 6.70
CA LYS D 308 -49.68 17.52 6.68
C LYS D 308 -50.26 18.06 7.99
N ASP D 309 -49.64 17.69 9.11
CA ASP D 309 -50.11 18.08 10.43
C ASP D 309 -49.72 19.52 10.78
N LEU D 310 -49.44 20.33 9.76
CA LEU D 310 -49.11 21.72 9.97
C LEU D 310 -50.36 22.54 10.29
N SER D 311 -50.66 22.63 11.58
CA SER D 311 -51.78 23.44 12.07
C SER D 311 -51.49 24.92 11.82
N ALA D 312 -52.49 25.77 12.04
CA ALA D 312 -52.36 27.22 11.88
C ALA D 312 -51.95 27.91 13.19
N GLN D 313 -51.70 27.11 14.23
CA GLN D 313 -51.22 27.60 15.51
C GLN D 313 -49.82 27.05 15.86
N ASP D 314 -49.20 26.34 14.92
CA ASP D 314 -47.81 25.89 15.07
C ASP D 314 -46.85 26.94 14.48
N LEU D 315 -47.39 28.12 14.21
CA LEU D 315 -46.62 29.24 13.67
C LEU D 315 -46.23 30.20 14.79
N GLY D 316 -44.98 30.67 14.77
CA GLY D 316 -44.53 31.66 15.73
C GLY D 316 -44.94 33.06 15.35
N ASP D 317 -44.38 34.06 16.03
CA ASP D 317 -44.65 35.46 15.71
C ASP D 317 -43.46 36.39 16.01
N ALA D 318 -42.94 37.01 14.94
CA ALA D 318 -41.90 38.03 15.06
C ALA D 318 -42.30 39.28 14.27
N GLY D 319 -42.12 40.46 14.88
CA GLY D 319 -42.49 41.72 14.27
C GLY D 319 -41.59 42.19 13.13
N LEU D 320 -40.72 41.30 12.66
CA LEU D 320 -39.84 41.57 11.51
C LEU D 320 -39.01 40.32 11.21
N VAL D 321 -38.98 39.91 9.94
CA VAL D 321 -38.03 38.88 9.49
C VAL D 321 -37.30 39.42 8.25
N GLU D 322 -36.01 39.70 8.37
CA GLU D 322 -35.31 40.37 7.28
C GLU D 322 -33.93 39.78 6.99
N GLU D 323 -33.56 39.78 5.70
CA GLU D 323 -32.19 39.43 5.31
C GLU D 323 -31.35 40.71 5.21
N ARG D 324 -30.36 40.81 6.08
CA ARG D 324 -29.43 41.94 6.09
C ARG D 324 -28.01 41.47 5.81
N LYS D 325 -27.19 42.37 5.26
CA LYS D 325 -25.74 42.19 5.30
C LYS D 325 -25.20 42.99 6.47
N ILE D 326 -24.63 42.29 7.44
CA ILE D 326 -24.07 42.93 8.60
C ILE D 326 -22.62 42.44 8.77
N SER D 327 -21.68 43.37 8.58
CA SER D 327 -20.25 43.04 8.64
C SER D 327 -19.83 42.12 7.47
N GLY D 328 -20.40 42.39 6.29
CA GLY D 328 -20.07 41.63 5.10
C GLY D 328 -21.03 40.47 4.84
N ASP D 329 -21.06 39.53 5.78
CA ASP D 329 -21.92 38.34 5.69
C ASP D 329 -23.41 38.73 5.69
N SER D 330 -24.24 37.98 4.97
CA SER D 330 -25.68 38.24 4.94
C SER D 330 -26.49 37.20 5.73
N MET D 331 -27.21 37.67 6.75
CA MET D 331 -27.97 36.79 7.64
C MET D 331 -29.46 37.17 7.74
N ILE D 332 -30.25 36.23 8.26
CA ILE D 332 -31.71 36.40 8.42
C ILE D 332 -32.12 36.76 9.84
N PHE D 333 -32.40 38.04 10.06
CA PHE D 333 -32.78 38.56 11.37
C PHE D 333 -34.26 38.26 11.62
N VAL D 334 -34.57 37.66 12.76
CA VAL D 334 -35.95 37.38 13.17
C VAL D 334 -36.25 38.15 14.45
N GLU D 335 -36.17 39.47 14.36
CA GLU D 335 -36.10 40.32 15.54
C GLU D 335 -37.46 40.77 16.03
N GLU D 336 -37.42 41.70 16.99
CA GLU D 336 -38.63 42.32 17.54
C GLU D 336 -39.77 41.33 17.82
N CYS D 337 -39.47 40.23 18.51
CA CYS D 337 -40.50 39.25 18.91
C CYS D 337 -41.36 39.75 20.07
N LYS D 338 -42.44 39.03 20.33
CA LYS D 338 -43.41 39.43 21.35
C LYS D 338 -43.03 38.90 22.74
N HIS D 339 -43.02 37.58 22.88
CA HIS D 339 -42.72 36.93 24.15
C HIS D 339 -41.54 35.95 24.04
N PRO D 340 -40.32 36.50 24.03
CA PRO D 340 -39.12 35.69 23.81
C PRO D 340 -38.77 34.81 25.00
N LYS D 341 -38.60 33.52 24.71
CA LYS D 341 -38.01 32.59 25.65
C LYS D 341 -36.64 32.21 25.12
N ALA D 342 -36.24 32.89 24.05
CA ALA D 342 -34.85 32.93 23.61
C ALA D 342 -34.54 34.36 23.21
N VAL D 343 -33.29 34.74 23.38
CA VAL D 343 -32.85 36.10 23.14
C VAL D 343 -31.44 36.08 22.56
N THR D 344 -31.10 37.07 21.75
CA THR D 344 -29.76 37.17 21.19
C THR D 344 -29.06 38.44 21.65
N MET D 345 -27.84 38.28 22.13
CA MET D 345 -26.99 39.42 22.41
C MET D 345 -26.12 39.61 21.18
N LEU D 346 -26.32 40.71 20.47
CA LEU D 346 -25.46 41.00 19.34
C LEU D 346 -24.29 41.82 19.84
N ILE D 347 -23.12 41.18 19.89
CA ILE D 347 -21.92 41.85 20.34
C ILE D 347 -21.17 42.42 19.12
N ARG D 348 -20.61 43.62 19.26
CA ARG D 348 -19.89 44.24 18.15
C ARG D 348 -18.68 45.03 18.64
N GLY D 349 -17.64 45.09 17.81
CA GLY D 349 -16.41 45.79 18.15
C GLY D 349 -15.52 45.86 16.93
N THR D 350 -14.57 46.80 16.90
CA THR D 350 -13.83 47.02 15.67
C THR D 350 -13.09 45.79 15.14
N THR D 351 -12.17 45.24 15.93
CA THR D 351 -11.43 44.03 15.55
C THR D 351 -12.00 42.77 16.21
N GLU D 352 -11.44 41.61 15.89
CA GLU D 352 -12.00 40.34 16.33
C GLU D 352 -11.75 39.93 17.79
N HIS D 353 -10.53 40.12 18.29
CA HIS D 353 -10.22 39.77 19.66
C HIS D 353 -10.75 40.84 20.59
N VAL D 354 -11.03 42.02 20.05
CA VAL D 354 -11.64 43.10 20.82
C VAL D 354 -13.06 42.66 21.12
N ILE D 355 -13.70 42.10 20.09
CA ILE D 355 -15.06 41.58 20.19
C ILE D 355 -15.10 40.37 21.11
N GLU D 356 -14.10 39.51 20.99
CA GLU D 356 -14.13 38.22 21.65
C GLU D 356 -13.99 38.35 23.16
N GLU D 357 -13.31 39.40 23.62
CA GLU D 357 -13.16 39.62 25.07
C GLU D 357 -14.33 40.45 25.68
N VAL D 358 -14.97 41.26 24.86
CA VAL D 358 -16.20 41.91 25.31
C VAL D 358 -17.21 40.81 25.54
N ALA D 359 -17.06 39.73 24.80
CA ALA D 359 -18.01 38.63 24.85
C ALA D 359 -17.82 37.84 26.12
N ARG D 360 -16.57 37.57 26.49
CA ARG D 360 -16.26 36.86 27.73
C ARG D 360 -16.70 37.69 28.91
N ALA D 361 -16.78 39.01 28.72
CA ALA D 361 -17.25 39.91 29.78
C ALA D 361 -18.76 39.77 29.95
N VAL D 362 -19.46 39.69 28.82
CA VAL D 362 -20.91 39.49 28.85
C VAL D 362 -21.32 38.15 29.45
N ASP D 363 -20.50 37.11 29.27
CA ASP D 363 -20.78 35.77 29.81
C ASP D 363 -20.70 35.77 31.33
N ASP D 364 -19.81 36.60 31.85
CA ASP D 364 -19.58 36.69 33.27
C ASP D 364 -20.75 37.43 33.90
N ALA D 365 -21.13 38.53 33.27
CA ALA D 365 -22.32 39.27 33.65
C ALA D 365 -23.53 38.31 33.70
N VAL D 366 -23.87 37.75 32.54
CA VAL D 366 -25.00 36.84 32.42
C VAL D 366 -24.99 35.74 33.47
N GLY D 367 -23.83 35.47 34.02
CA GLY D 367 -23.73 34.43 35.03
C GLY D 367 -24.18 35.00 36.36
N VAL D 368 -23.54 36.09 36.78
CA VAL D 368 -23.77 36.66 38.11
C VAL D 368 -25.15 37.27 38.21
N VAL D 369 -25.69 37.71 37.09
CA VAL D 369 -27.09 38.15 37.04
C VAL D 369 -28.03 36.96 37.22
N GLY D 370 -27.83 35.92 36.40
CA GLY D 370 -28.58 34.69 36.54
C GLY D 370 -28.49 34.16 37.95
N CYS D 371 -27.35 34.40 38.57
CA CYS D 371 -27.08 33.90 39.91
C CYS D 371 -27.83 34.64 41.01
N THR D 372 -28.14 35.92 40.79
CA THR D 372 -28.86 36.70 41.79
C THR D 372 -30.35 36.38 41.74
N ILE D 373 -30.92 36.50 40.56
CA ILE D 373 -32.25 36.02 40.27
C ILE D 373 -32.50 34.65 40.91
N GLU D 374 -31.65 33.67 40.58
CA GLU D 374 -31.77 32.30 41.10
C GLU D 374 -31.66 32.28 42.63
N ASP D 375 -30.55 32.77 43.15
CA ASP D 375 -30.26 32.76 44.60
C ASP D 375 -31.17 33.69 45.41
N GLY D 376 -31.11 34.99 45.12
CA GLY D 376 -31.83 35.96 45.89
C GLY D 376 -30.95 36.68 46.91
N ARG D 377 -29.79 36.13 47.25
CA ARG D 377 -28.89 36.78 48.20
C ARG D 377 -27.63 37.29 47.51
N ILE D 378 -27.05 38.36 48.05
CA ILE D 378 -25.81 38.93 47.50
C ILE D 378 -24.92 39.49 48.60
N VAL D 379 -23.67 39.80 48.27
CA VAL D 379 -22.76 40.42 49.23
C VAL D 379 -21.97 41.57 48.61
N SER D 380 -21.08 42.15 49.40
CA SER D 380 -20.34 43.34 49.00
C SER D 380 -18.92 43.04 48.53
N GLY D 381 -18.61 43.46 47.30
CA GLY D 381 -17.32 43.18 46.70
C GLY D 381 -16.15 43.94 47.29
N GLY D 382 -15.12 44.18 46.48
CA GLY D 382 -13.98 44.99 46.88
C GLY D 382 -13.07 44.32 47.86
N GLY D 383 -13.32 43.04 48.10
CA GLY D 383 -12.59 42.27 49.10
C GLY D 383 -13.23 42.46 50.45
N SER D 384 -14.43 43.07 50.43
CA SER D 384 -15.13 43.39 51.66
C SER D 384 -15.48 42.16 52.51
N THR D 385 -16.35 41.30 52.00
CA THR D 385 -16.79 40.16 52.77
C THR D 385 -15.70 39.11 52.95
N GLU D 386 -14.48 39.39 52.52
CA GLU D 386 -13.35 38.52 52.80
C GLU D 386 -12.69 38.94 54.10
N VAL D 387 -12.63 40.25 54.30
CA VAL D 387 -12.08 40.78 55.53
C VAL D 387 -13.06 40.57 56.66
N GLU D 388 -14.35 40.76 56.37
CA GLU D 388 -15.36 40.36 57.32
C GLU D 388 -15.19 38.86 57.62
N LEU D 389 -15.46 38.04 56.62
CA LEU D 389 -15.41 36.59 56.75
C LEU D 389 -14.12 36.08 57.41
N SER D 390 -13.08 36.89 57.42
CA SER D 390 -11.79 36.45 57.92
C SER D 390 -11.62 36.77 59.39
N MET D 391 -12.14 37.90 59.83
CA MET D 391 -12.02 38.25 61.24
C MET D 391 -13.01 37.40 62.06
N LYS D 392 -14.21 37.21 61.53
CA LYS D 392 -15.18 36.34 62.19
C LYS D 392 -14.60 34.96 62.37
N LEU D 393 -14.01 34.43 61.29
CA LEU D 393 -13.33 33.14 61.34
C LEU D 393 -12.20 33.11 62.35
N ARG D 394 -11.61 34.27 62.60
CA ARG D 394 -10.43 34.33 63.45
C ARG D 394 -10.84 34.19 64.89
N GLU D 395 -12.01 34.73 65.24
CA GLU D 395 -12.52 34.56 66.60
C GLU D 395 -13.08 33.15 66.80
N TYR D 396 -13.83 32.65 65.81
CA TYR D 396 -14.31 31.27 65.86
C TYR D 396 -13.12 30.37 66.17
N ALA D 397 -11.93 30.86 65.85
CA ALA D 397 -10.67 30.11 65.92
C ALA D 397 -10.18 29.96 67.33
N GLU D 398 -10.53 30.90 68.19
CA GLU D 398 -10.07 30.83 69.57
C GLU D 398 -10.86 29.78 70.35
N GLY D 399 -12.14 29.64 69.99
CA GLY D 399 -13.01 28.66 70.59
C GLY D 399 -12.66 27.26 70.13
N ILE D 400 -11.40 27.09 69.73
CA ILE D 400 -10.89 25.80 69.27
C ILE D 400 -9.66 25.37 70.09
N SER D 401 -9.79 24.23 70.75
CA SER D 401 -8.70 23.66 71.50
C SER D 401 -7.93 22.72 70.60
N GLY D 402 -6.60 22.75 70.71
CA GLY D 402 -5.77 21.81 70.00
C GLY D 402 -4.99 22.51 68.92
N ARG D 403 -4.15 21.79 68.20
CA ARG D 403 -3.41 22.37 67.09
C ARG D 403 -4.34 22.85 66.00
N GLU D 404 -5.39 22.07 65.74
CA GLU D 404 -6.30 22.36 64.63
C GLU D 404 -6.72 23.82 64.65
N GLN D 405 -6.41 24.49 65.74
CA GLN D 405 -6.63 25.91 65.84
C GLN D 405 -5.76 26.68 64.87
N LEU D 406 -4.46 26.38 64.86
CA LEU D 406 -3.54 27.02 63.93
C LEU D 406 -4.02 26.95 62.51
N ALA D 407 -4.51 25.77 62.13
CA ALA D 407 -5.10 25.58 60.82
C ALA D 407 -6.19 26.61 60.58
N VAL D 408 -7.15 26.70 61.50
CA VAL D 408 -8.29 27.61 61.35
C VAL D 408 -7.90 29.10 61.23
N ARG D 409 -6.87 29.52 61.96
CA ARG D 409 -6.36 30.89 61.83
C ARG D 409 -5.73 31.09 60.46
N ALA D 410 -4.95 30.11 60.01
CA ALA D 410 -4.37 30.12 58.66
C ALA D 410 -5.43 30.15 57.57
N PHE D 411 -6.54 29.46 57.79
CA PHE D 411 -7.62 29.50 56.83
C PHE D 411 -8.22 30.88 56.82
N ALA D 412 -8.30 31.48 58.00
CA ALA D 412 -8.84 32.84 58.14
C ALA D 412 -7.94 33.89 57.50
N ASP D 413 -6.64 33.79 57.77
CA ASP D 413 -5.61 34.65 57.15
C ASP D 413 -5.51 34.47 55.63
N ALA D 414 -5.75 33.25 55.17
CA ALA D 414 -5.79 32.97 53.75
C ALA D 414 -6.72 33.94 52.99
N LEU D 415 -7.96 34.09 53.46
CA LEU D 415 -8.97 34.85 52.74
C LEU D 415 -8.58 36.30 52.51
N GLU D 416 -7.60 36.78 53.27
CA GLU D 416 -7.19 38.16 53.14
C GLU D 416 -6.34 38.35 51.91
N VAL D 417 -6.24 37.33 51.07
CA VAL D 417 -5.40 37.43 49.90
C VAL D 417 -6.12 38.17 48.80
N ILE D 418 -7.43 38.20 48.86
CA ILE D 418 -8.23 38.91 47.86
C ILE D 418 -8.17 40.42 48.07
N PRO D 419 -8.38 40.88 49.31
CA PRO D 419 -8.19 42.31 49.50
C PRO D 419 -6.76 42.66 49.15
N ARG D 420 -5.82 41.80 49.55
CA ARG D 420 -4.40 42.10 49.39
C ARG D 420 -3.96 42.26 47.95
N THR D 421 -4.24 41.27 47.10
CA THR D 421 -3.84 41.38 45.72
C THR D 421 -4.65 42.42 44.95
N LEU D 422 -5.91 42.71 45.38
CA LEU D 422 -6.64 43.78 44.72
C LEU D 422 -5.92 45.10 44.89
N ALA D 423 -5.35 45.32 46.10
CA ALA D 423 -4.54 46.50 46.38
C ALA D 423 -3.28 46.53 45.52
N GLU D 424 -2.57 45.40 45.49
CA GLU D 424 -1.28 45.27 44.78
C GLU D 424 -1.35 45.76 43.36
N ASN D 425 -2.22 45.15 42.57
CA ASN D 425 -2.41 45.49 41.19
C ASN D 425 -2.81 46.95 40.99
N ALA D 426 -3.58 47.52 41.91
CA ALA D 426 -3.96 48.93 41.79
C ALA D 426 -2.74 49.79 41.97
N GLY D 427 -1.75 49.26 42.68
CA GLY D 427 -0.48 49.92 42.91
C GLY D 427 -0.36 50.39 44.34
N LEU D 428 -1.46 50.29 45.10
CA LEU D 428 -1.44 50.77 46.47
C LEU D 428 -0.62 49.88 47.40
N ASP D 429 -0.40 50.36 48.61
CA ASP D 429 0.38 49.65 49.62
C ASP D 429 -0.50 48.62 50.34
N ALA D 430 -0.38 47.38 49.89
CA ALA D 430 -1.23 46.29 50.35
C ALA D 430 -1.33 46.23 51.86
N ILE D 431 -0.22 46.43 52.55
CA ILE D 431 -0.16 46.15 53.97
C ILE D 431 -0.95 47.14 54.79
N GLU D 432 -0.83 48.43 54.45
CA GLU D 432 -1.54 49.49 55.15
C GLU D 432 -3.02 49.29 54.95
N ILE D 433 -3.41 49.36 53.67
CA ILE D 433 -4.78 49.25 53.25
C ILE D 433 -5.50 48.11 53.95
N LEU D 434 -4.75 47.04 54.19
CA LEU D 434 -5.32 45.88 54.82
C LEU D 434 -5.59 46.22 56.26
N VAL D 435 -4.76 47.06 56.86
CA VAL D 435 -5.01 47.44 58.25
C VAL D 435 -6.25 48.33 58.38
N LYS D 436 -6.36 49.32 57.49
CA LYS D 436 -7.50 50.21 57.51
C LYS D 436 -8.79 49.41 57.39
N VAL D 437 -8.85 48.58 56.36
CA VAL D 437 -10.03 47.79 56.13
C VAL D 437 -10.30 46.77 57.25
N ARG D 438 -9.28 46.47 58.04
CA ARG D 438 -9.45 45.52 59.15
C ARG D 438 -9.92 46.20 60.42
N ALA D 439 -9.63 47.49 60.55
CA ALA D 439 -10.13 48.26 61.68
C ALA D 439 -11.61 48.58 61.48
N ALA D 440 -11.97 48.87 60.23
CA ALA D 440 -13.35 49.22 59.87
C ALA D 440 -14.31 48.05 59.95
N HIS D 441 -13.83 46.92 60.44
CA HIS D 441 -14.69 45.75 60.60
C HIS D 441 -14.80 45.29 62.05
N ALA D 442 -14.37 46.15 62.98
CA ALA D 442 -14.20 45.76 64.37
C ALA D 442 -15.51 45.60 65.17
N SER D 443 -16.30 44.57 64.81
CA SER D 443 -17.56 44.24 65.50
C SER D 443 -18.69 45.28 65.33
N ASN D 444 -18.33 46.53 65.03
CA ASN D 444 -19.32 47.54 64.67
C ASN D 444 -19.77 47.35 63.23
N GLY D 445 -19.63 48.39 62.42
CA GLY D 445 -19.74 48.25 60.99
C GLY D 445 -18.41 47.71 60.50
N ASN D 446 -18.25 47.56 59.19
CA ASN D 446 -19.32 47.82 58.22
C ASN D 446 -19.86 46.52 57.59
N LYS D 447 -19.02 45.49 57.47
CA LYS D 447 -19.33 44.26 56.70
C LYS D 447 -19.37 44.55 55.20
N CYS D 448 -19.32 45.83 54.90
CA CYS D 448 -19.46 46.35 53.55
C CYS D 448 -18.31 47.31 53.38
N ALA D 449 -17.39 47.30 54.34
CA ALA D 449 -16.26 48.22 54.29
C ALA D 449 -15.09 47.64 53.48
N GLY D 450 -14.89 48.15 52.27
CA GLY D 450 -13.85 47.62 51.39
C GLY D 450 -12.99 48.65 50.67
N LEU D 451 -11.89 48.21 50.07
CA LEU D 451 -11.01 49.12 49.35
C LEU D 451 -11.51 49.45 47.95
N ASN D 452 -11.76 50.73 47.69
CA ASN D 452 -12.02 51.16 46.34
C ASN D 452 -10.69 51.49 45.70
N VAL D 453 -10.36 50.76 44.64
CA VAL D 453 -9.07 50.89 43.96
C VAL D 453 -8.95 52.15 43.09
N PHE D 454 -10.06 52.86 42.93
CA PHE D 454 -10.02 54.16 42.28
C PHE D 454 -9.86 55.24 43.34
N THR D 455 -10.83 55.34 44.26
CA THR D 455 -10.66 56.18 45.44
C THR D 455 -9.22 56.08 45.92
N GLY D 456 -8.79 54.89 46.27
CA GLY D 456 -7.51 54.72 46.92
C GLY D 456 -7.75 54.49 48.40
N ALA D 457 -8.90 54.93 48.91
CA ALA D 457 -9.20 54.76 50.32
C ALA D 457 -10.41 53.85 50.52
N VAL D 458 -10.57 53.36 51.76
CA VAL D 458 -11.60 52.39 52.07
C VAL D 458 -13.00 53.02 52.20
N GLU D 459 -13.96 52.48 51.46
CA GLU D 459 -15.30 53.10 51.36
C GLU D 459 -16.41 52.10 51.68
N ASP D 460 -17.66 52.51 51.49
CA ASP D 460 -18.76 51.59 51.77
C ASP D 460 -19.23 50.96 50.47
N MET D 461 -18.81 49.71 50.25
CA MET D 461 -19.00 49.07 48.96
C MET D 461 -20.46 48.83 48.60
N CYS D 462 -21.32 48.58 49.59
CA CYS D 462 -22.74 48.35 49.30
C CYS D 462 -23.34 49.59 48.67
N GLU D 463 -22.85 50.76 49.09
CA GLU D 463 -23.36 52.04 48.61
C GLU D 463 -22.70 52.51 47.32
N ASN D 464 -21.45 52.11 47.10
CA ASN D 464 -20.78 52.41 45.84
C ASN D 464 -21.20 51.47 44.73
N GLY D 465 -22.15 50.59 45.04
CA GLY D 465 -22.67 49.67 44.04
C GLY D 465 -21.74 48.54 43.63
N VAL D 466 -20.94 48.06 44.57
CA VAL D 466 -20.03 46.95 44.32
C VAL D 466 -20.58 45.68 44.98
N VAL D 467 -21.29 44.87 44.20
CA VAL D 467 -21.97 43.72 44.76
C VAL D 467 -21.81 42.44 43.93
N GLU D 468 -21.88 41.30 44.60
CA GLU D 468 -21.59 40.01 44.00
C GLU D 468 -22.51 38.93 44.53
N PRO D 469 -23.07 38.10 43.63
CA PRO D 469 -23.96 37.03 44.11
C PRO D 469 -23.32 36.32 45.28
N LEU D 470 -24.11 35.66 46.12
CA LEU D 470 -23.50 34.99 47.24
C LEU D 470 -22.76 33.79 46.66
N ARG D 471 -23.34 33.22 45.60
CA ARG D 471 -22.78 32.01 44.98
C ARG D 471 -21.30 32.18 44.60
N VAL D 472 -20.84 33.41 44.37
CA VAL D 472 -19.45 33.60 44.00
C VAL D 472 -18.49 33.31 45.15
N LYS D 473 -18.85 33.69 46.37
CA LYS D 473 -17.94 33.51 47.49
C LYS D 473 -18.11 32.17 48.19
N THR D 474 -19.32 31.62 48.15
CA THR D 474 -19.52 30.30 48.73
C THR D 474 -18.89 29.25 47.82
N GLN D 475 -19.32 29.20 46.57
CA GLN D 475 -18.74 28.22 45.67
C GLN D 475 -17.23 28.33 45.72
N ALA D 476 -16.69 29.55 45.60
CA ALA D 476 -15.25 29.75 45.52
C ALA D 476 -14.51 29.33 46.78
N ILE D 477 -15.02 29.70 47.94
CA ILE D 477 -14.39 29.30 49.19
C ILE D 477 -14.46 27.80 49.47
N GLN D 478 -15.50 27.13 49.00
CA GLN D 478 -15.53 25.69 49.26
C GLN D 478 -14.75 24.83 48.26
N SER D 479 -14.77 25.17 46.97
CA SER D 479 -13.92 24.45 46.01
C SER D 479 -12.45 24.72 46.23
N ALA D 480 -12.13 25.86 46.81
CA ALA D 480 -10.75 26.13 47.21
C ALA D 480 -10.39 25.31 48.45
N ALA D 481 -11.36 25.10 49.33
CA ALA D 481 -11.12 24.31 50.50
C ALA D 481 -11.00 22.83 50.12
N GLU D 482 -11.99 22.32 49.40
CA GLU D 482 -12.06 20.90 49.11
C GLU D 482 -10.87 20.39 48.34
N SER D 483 -10.41 21.13 47.33
CA SER D 483 -9.27 20.66 46.56
C SER D 483 -7.93 20.77 47.31
N THR D 484 -7.66 21.89 47.98
CA THR D 484 -6.40 21.98 48.72
C THR D 484 -6.34 21.01 49.87
N GLU D 485 -7.51 20.66 50.40
CA GLU D 485 -7.60 19.65 51.45
C GLU D 485 -7.08 18.36 50.90
N MET D 486 -7.58 17.95 49.75
CA MET D 486 -7.13 16.70 49.17
C MET D 486 -5.64 16.73 48.79
N LEU D 487 -5.12 17.90 48.41
CA LEU D 487 -3.72 17.97 47.97
C LEU D 487 -2.78 17.74 49.13
N LEU D 488 -3.18 18.24 50.28
CA LEU D 488 -2.36 18.19 51.49
C LEU D 488 -2.24 16.79 52.05
N ARG D 489 -3.21 15.96 51.71
CA ARG D 489 -3.24 14.59 52.20
C ARG D 489 -2.19 13.77 51.47
N ILE D 490 -1.62 14.34 50.42
CA ILE D 490 -0.72 13.62 49.55
C ILE D 490 0.71 13.70 50.00
N ASP D 491 1.36 12.55 50.07
CA ASP D 491 2.74 12.46 50.54
C ASP D 491 3.69 11.69 49.59
N ASP D 492 3.13 11.00 48.61
CA ASP D 492 3.92 10.26 47.65
C ASP D 492 3.32 10.55 46.28
N VAL D 493 4.16 10.71 45.26
CA VAL D 493 3.71 10.87 43.87
C VAL D 493 4.43 9.86 42.98
N ILE D 494 3.80 9.41 41.91
CA ILE D 494 4.44 8.40 41.08
C ILE D 494 4.36 8.72 39.59
N ALA D 495 5.29 9.55 39.11
CA ALA D 495 5.26 10.07 37.74
C ALA D 495 6.04 9.21 36.74
N ALA D 496 5.42 8.94 35.60
CA ALA D 496 6.08 8.09 34.60
C ALA D 496 6.44 8.84 33.31
N GLU D 497 7.07 8.11 32.40
CA GLU D 497 7.37 8.62 31.06
C GLU D 497 8.26 9.85 31.08
N ASN E 11 8.72 24.38 28.88
CA ASN E 11 7.56 24.39 27.99
C ASN E 11 6.74 25.71 28.01
N MET E 12 7.12 26.68 27.18
CA MET E 12 8.31 26.64 26.35
C MET E 12 8.92 28.03 26.20
N LYS E 13 8.08 29.02 25.86
CA LYS E 13 8.52 30.42 25.78
C LYS E 13 7.51 31.33 26.46
N ARG E 14 7.95 32.16 27.39
CA ARG E 14 7.05 33.11 28.03
C ARG E 14 7.73 34.45 28.23
N TYR E 15 7.02 35.54 27.97
CA TYR E 15 7.60 36.88 28.17
C TYR E 15 6.90 37.66 29.28
N MET E 16 7.69 38.21 30.20
CA MET E 16 7.17 38.80 31.41
C MET E 16 7.13 40.32 31.37
N GLY E 17 6.01 40.89 31.78
CA GLY E 17 5.88 42.33 32.08
C GLY E 17 6.38 43.31 31.04
N ARG E 18 7.40 44.08 31.39
CA ARG E 18 7.98 45.06 30.47
C ARG E 18 8.56 44.41 29.21
N ASP E 19 8.87 43.12 29.27
CA ASP E 19 9.35 42.39 28.10
C ASP E 19 8.19 42.05 27.16
N ALA E 20 7.08 41.60 27.72
CA ALA E 20 5.93 41.20 26.94
C ALA E 20 5.28 42.40 26.28
N GLN E 21 5.26 43.53 27.00
CA GLN E 21 4.72 44.74 26.42
C GLN E 21 5.64 45.21 25.32
N ARG E 22 6.94 45.31 25.59
CA ARG E 22 7.85 45.76 24.57
C ARG E 22 7.81 44.85 23.37
N MET E 23 7.61 43.55 23.60
CA MET E 23 7.50 42.59 22.50
C MET E 23 6.32 42.98 21.61
N ASN E 24 5.16 43.18 22.23
CA ASN E 24 3.95 43.45 21.48
C ASN E 24 3.94 44.82 20.86
N ILE E 25 4.31 45.82 21.64
CA ILE E 25 4.32 47.19 21.15
C ILE E 25 5.27 47.32 19.98
N LEU E 26 6.32 46.51 20.01
CA LEU E 26 7.30 46.55 18.95
C LEU E 26 6.80 45.77 17.74
N ALA E 27 6.26 44.59 18.00
CA ALA E 27 5.73 43.77 16.93
C ALA E 27 4.68 44.55 16.18
N GLY E 28 3.91 45.35 16.91
CA GLY E 28 2.89 46.18 16.32
C GLY E 28 3.56 47.21 15.44
N ARG E 29 4.48 47.98 15.99
CA ARG E 29 5.06 49.08 15.24
C ARG E 29 5.73 48.60 13.97
N ILE E 30 6.05 47.32 13.90
CA ILE E 30 6.77 46.81 12.76
C ILE E 30 5.92 46.48 11.53
N ILE E 31 4.74 45.90 11.71
CA ILE E 31 3.88 45.74 10.55
C ILE E 31 3.31 47.10 10.21
N ALA E 32 3.31 48.03 11.15
CA ALA E 32 2.85 49.37 10.83
C ALA E 32 3.89 50.01 9.89
N GLU E 33 5.17 49.94 10.27
CA GLU E 33 6.27 50.56 9.49
C GLU E 33 6.45 49.84 8.18
N THR E 34 5.74 48.72 8.02
CA THR E 34 5.80 47.92 6.80
C THR E 34 4.90 48.44 5.67
N VAL E 35 3.96 49.30 6.03
CA VAL E 35 3.05 49.87 5.07
C VAL E 35 3.11 51.39 5.09
N ARG E 36 3.81 51.95 6.07
CA ARG E 36 4.04 53.40 6.12
C ARG E 36 4.45 53.94 4.76
N SER E 37 5.09 53.11 3.95
CA SER E 37 5.67 53.61 2.70
C SER E 37 4.69 53.68 1.53
N THR E 38 3.49 53.13 1.69
CA THR E 38 2.49 53.16 0.61
C THR E 38 1.51 54.32 0.76
N LEU E 39 1.67 55.08 1.83
CA LEU E 39 0.68 56.06 2.20
C LEU E 39 0.81 57.32 1.36
N GLY E 40 -0.27 57.66 0.67
CA GLY E 40 -0.27 58.85 -0.15
C GLY E 40 -0.02 58.53 -1.61
N PRO E 41 -0.17 59.53 -2.49
CA PRO E 41 0.07 59.44 -3.92
C PRO E 41 1.55 59.33 -4.23
N LYS E 42 2.39 60.01 -3.45
CA LYS E 42 3.82 59.93 -3.62
C LYS E 42 4.35 58.76 -2.79
N GLY E 43 3.50 57.76 -2.61
CA GLY E 43 3.90 56.56 -1.91
C GLY E 43 4.27 55.45 -2.88
N MET E 44 5.01 54.47 -2.38
CA MET E 44 5.54 53.37 -3.20
C MET E 44 4.79 52.03 -3.04
N ASP E 45 5.00 51.12 -3.99
CA ASP E 45 4.40 49.79 -4.01
C ASP E 45 5.33 48.66 -3.52
N LYS E 46 4.75 47.65 -2.87
CA LYS E 46 5.49 46.47 -2.41
C LYS E 46 5.26 45.36 -3.43
N MET E 47 6.33 44.77 -3.95
CA MET E 47 6.19 43.50 -4.70
C MET E 47 6.36 42.30 -3.79
N LEU E 48 5.50 41.33 -3.95
CA LEU E 48 5.37 40.38 -2.88
C LEU E 48 5.26 38.96 -3.40
N VAL E 49 6.40 38.30 -3.54
CA VAL E 49 6.45 36.91 -3.98
C VAL E 49 6.02 36.04 -2.82
N ASP E 50 5.69 34.79 -3.12
CA ASP E 50 5.49 33.85 -2.03
C ASP E 50 6.54 32.74 -2.15
N ASP E 51 6.13 31.49 -1.98
CA ASP E 51 7.07 30.37 -2.01
C ASP E 51 6.97 29.64 -3.33
N LEU E 52 6.08 30.14 -4.17
CA LEU E 52 5.76 29.50 -5.43
C LEU E 52 6.16 30.36 -6.61
N GLY E 53 7.10 31.27 -6.41
CA GLY E 53 7.51 32.21 -7.44
C GLY E 53 6.36 33.13 -7.85
N ASP E 54 5.21 32.97 -7.21
CA ASP E 54 4.00 33.76 -7.48
C ASP E 54 4.13 35.19 -7.02
N VAL E 55 4.10 36.14 -7.94
CA VAL E 55 4.29 37.53 -7.55
C VAL E 55 2.97 38.29 -7.45
N VAL E 56 2.96 39.35 -6.66
CA VAL E 56 1.82 40.23 -6.66
C VAL E 56 2.22 41.59 -6.16
N VAL E 57 2.03 42.58 -7.01
CA VAL E 57 2.45 43.96 -6.79
C VAL E 57 1.25 44.78 -6.37
N THR E 58 1.38 45.56 -5.30
CA THR E 58 0.25 46.39 -4.88
C THR E 58 0.66 47.51 -3.96
N ASN E 59 -0.19 48.52 -3.86
CA ASN E 59 -0.04 49.64 -2.94
C ASN E 59 -1.17 49.54 -1.94
N ASP E 60 -2.04 48.55 -2.14
CA ASP E 60 -3.20 48.36 -1.28
C ASP E 60 -2.78 47.79 0.07
N GLY E 61 -2.94 48.58 1.12
CA GLY E 61 -2.59 48.19 2.48
C GLY E 61 -2.92 46.76 2.89
N VAL E 62 -4.19 46.41 2.96
CA VAL E 62 -4.58 45.14 3.56
C VAL E 62 -4.05 43.94 2.82
N THR E 63 -4.14 43.92 1.49
CA THR E 63 -3.65 42.76 0.74
C THR E 63 -2.18 42.60 1.05
N ILE E 64 -1.39 43.66 0.98
CA ILE E 64 -0.03 43.54 1.45
C ILE E 64 0.03 42.78 2.79
N LEU E 65 -0.68 43.25 3.81
CA LEU E 65 -0.61 42.58 5.11
C LEU E 65 -1.14 41.16 5.04
N ARG E 66 -2.38 40.97 4.59
CA ARG E 66 -2.93 39.62 4.43
C ARG E 66 -1.94 38.71 3.77
N GLU E 67 -1.58 38.99 2.53
CA GLU E 67 -0.79 38.04 1.77
C GLU E 67 0.70 38.05 2.01
N MET E 68 1.09 38.21 3.27
CA MET E 68 2.46 37.92 3.67
C MET E 68 2.41 37.11 4.95
N SER E 69 3.35 36.18 5.08
CA SER E 69 3.33 35.28 6.23
C SER E 69 3.74 36.02 7.50
N VAL E 70 2.76 36.63 8.16
CA VAL E 70 3.02 37.28 9.43
C VAL E 70 2.70 36.29 10.56
N GLU E 71 3.65 36.09 11.45
CA GLU E 71 3.56 35.00 12.41
C GLU E 71 3.36 35.42 13.84
N HIS E 72 4.11 36.44 14.24
CA HIS E 72 4.07 36.95 15.59
C HIS E 72 2.63 37.27 15.94
N PRO E 73 2.15 36.82 17.11
CA PRO E 73 0.76 36.99 17.56
C PRO E 73 0.32 38.44 17.76
N ALA E 74 1.13 39.30 18.37
CA ALA E 74 0.78 40.73 18.45
C ALA E 74 0.40 41.30 17.08
N ALA E 75 1.35 41.26 16.15
CA ALA E 75 1.09 41.71 14.78
C ALA E 75 -0.10 41.05 14.11
N LYS E 76 -0.29 39.74 14.28
CA LYS E 76 -1.46 39.06 13.74
C LYS E 76 -2.73 39.84 14.04
N MET E 77 -2.68 40.67 15.08
CA MET E 77 -3.85 41.39 15.52
C MET E 77 -3.98 42.85 15.07
N LEU E 78 -2.91 43.46 14.58
CA LEU E 78 -3.06 44.74 13.90
C LEU E 78 -3.57 44.45 12.50
N ILE E 79 -3.29 43.25 12.01
CA ILE E 79 -3.81 42.86 10.72
C ILE E 79 -5.33 42.66 10.81
N GLU E 80 -5.82 42.45 12.01
CA GLU E 80 -7.25 42.45 12.29
C GLU E 80 -7.87 43.80 11.89
N VAL E 81 -7.24 44.89 12.34
CA VAL E 81 -7.71 46.24 12.11
C VAL E 81 -7.82 46.56 10.63
N ALA E 82 -6.78 46.20 9.87
CA ALA E 82 -6.79 46.40 8.43
C ALA E 82 -7.82 45.52 7.75
N LYS E 83 -8.03 44.35 8.30
CA LYS E 83 -8.90 43.38 7.65
C LYS E 83 -10.38 43.77 7.76
N THR E 84 -10.73 44.53 8.79
CA THR E 84 -12.11 44.98 9.00
C THR E 84 -12.32 46.37 8.48
N GLN E 85 -11.23 47.12 8.30
CA GLN E 85 -11.33 48.41 7.64
C GLN E 85 -11.77 48.14 6.23
N GLU E 86 -11.05 47.28 5.51
CA GLU E 86 -11.46 46.88 4.16
C GLU E 86 -12.89 46.36 4.11
N LYS E 87 -13.32 45.68 5.17
CA LYS E 87 -14.64 45.08 5.23
C LYS E 87 -15.75 46.13 5.40
N GLU E 88 -15.46 47.17 6.15
CA GLU E 88 -16.47 48.17 6.47
C GLU E 88 -16.32 49.49 5.71
N VAL E 89 -15.31 49.61 4.87
CA VAL E 89 -15.10 50.82 4.11
C VAL E 89 -14.59 50.48 2.72
N GLY E 90 -13.29 50.27 2.58
CA GLY E 90 -12.74 49.79 1.32
C GLY E 90 -11.42 50.46 1.09
N ASP E 91 -11.34 51.72 1.51
CA ASP E 91 -10.13 52.50 1.44
C ASP E 91 -9.71 52.78 2.88
N GLY E 92 -8.51 53.32 3.03
CA GLY E 92 -7.99 53.69 4.32
C GLY E 92 -7.68 52.49 5.16
N THR E 93 -7.20 51.41 4.54
CA THR E 93 -6.72 50.24 5.28
C THR E 93 -5.32 50.52 5.83
N THR E 94 -4.42 51.02 5.01
CA THR E 94 -3.11 51.46 5.50
C THR E 94 -3.18 52.47 6.66
N THR E 95 -4.02 53.51 6.57
CA THR E 95 -4.09 54.54 7.62
C THR E 95 -4.62 54.01 8.96
N ALA E 96 -5.46 52.99 8.91
CA ALA E 96 -5.99 52.42 10.14
C ALA E 96 -4.91 51.66 10.90
N VAL E 97 -4.11 50.90 10.15
CA VAL E 97 -2.97 50.17 10.69
C VAL E 97 -1.85 51.12 11.12
N VAL E 98 -1.61 52.15 10.30
CA VAL E 98 -0.56 53.11 10.57
C VAL E 98 -0.77 53.87 11.88
N VAL E 99 -1.97 54.41 12.07
CA VAL E 99 -2.35 55.04 13.32
C VAL E 99 -2.25 54.06 14.50
N ALA E 100 -2.69 52.83 14.27
CA ALA E 100 -2.66 51.81 15.31
C ALA E 100 -1.24 51.61 15.77
N GLY E 101 -0.29 51.78 14.86
CA GLY E 101 1.09 51.60 15.19
C GLY E 101 1.49 52.77 16.05
N GLU E 102 1.15 53.96 15.59
CA GLU E 102 1.59 55.19 16.25
C GLU E 102 0.94 55.38 17.62
N LEU E 103 -0.15 54.69 17.87
CA LEU E 103 -0.71 54.75 19.21
C LEU E 103 0.13 53.87 20.13
N LEU E 104 0.59 52.74 19.62
CA LEU E 104 1.50 51.90 20.38
C LEU E 104 2.82 52.61 20.62
N ARG E 105 3.31 53.36 19.64
CA ARG E 105 4.58 54.06 19.83
C ARG E 105 4.43 55.05 20.95
N LYS E 106 3.42 55.91 20.87
CA LYS E 106 3.18 56.90 21.93
C LYS E 106 2.82 56.23 23.26
N ALA E 107 2.24 55.05 23.19
CA ALA E 107 1.84 54.39 24.41
C ALA E 107 3.02 54.03 25.29
N GLU E 108 4.16 53.70 24.70
CA GLU E 108 5.30 53.26 25.51
C GLU E 108 6.11 54.42 26.05
N GLU E 109 5.86 55.61 25.53
CA GLU E 109 6.48 56.80 26.10
C GLU E 109 5.90 57.06 27.49
N LEU E 110 4.67 56.60 27.71
CA LEU E 110 4.00 56.76 28.99
C LEU E 110 4.28 55.58 29.91
N LEU E 111 4.47 54.41 29.32
CA LEU E 111 4.71 53.22 30.12
C LEU E 111 6.11 53.28 30.68
N ASP E 112 7.01 53.89 29.92
CA ASP E 112 8.40 54.05 30.32
C ASP E 112 8.52 55.27 31.22
N GLN E 113 7.37 55.83 31.58
CA GLN E 113 7.27 56.88 32.60
C GLN E 113 6.42 56.36 33.77
N ASN E 114 6.19 55.06 33.78
CA ASN E 114 5.51 54.38 34.88
C ASN E 114 4.04 54.72 35.03
N VAL E 115 3.41 55.12 33.93
CA VAL E 115 1.96 55.20 33.89
C VAL E 115 1.44 53.77 33.79
N HIS E 116 0.40 53.48 34.56
CA HIS E 116 -0.19 52.14 34.59
C HIS E 116 -0.83 51.86 33.22
N PRO E 117 -0.66 50.66 32.68
CA PRO E 117 -1.32 50.39 31.41
C PRO E 117 -2.80 50.71 31.46
N THR E 118 -3.47 50.44 32.59
CA THR E 118 -4.94 50.60 32.63
C THR E 118 -5.35 52.05 32.63
N ILE E 119 -4.41 52.93 32.98
CA ILE E 119 -4.63 54.37 32.90
C ILE E 119 -4.50 54.86 31.47
N VAL E 120 -3.46 54.40 30.78
CA VAL E 120 -3.26 54.70 29.38
C VAL E 120 -4.52 54.28 28.64
N VAL E 121 -4.92 53.03 28.81
CA VAL E 121 -6.01 52.49 28.02
C VAL E 121 -7.32 53.16 28.40
N LYS E 122 -7.35 53.77 29.57
CA LYS E 122 -8.53 54.53 30.00
C LYS E 122 -8.61 55.79 29.18
N GLY E 123 -7.48 56.51 29.13
CA GLY E 123 -7.39 57.79 28.47
C GLY E 123 -7.44 57.74 26.96
N TYR E 124 -6.95 56.64 26.40
CA TYR E 124 -7.07 56.39 24.97
C TYR E 124 -8.50 56.18 24.61
N GLN E 125 -9.22 55.42 25.43
CA GLN E 125 -10.62 55.19 25.20
C GLN E 125 -11.32 56.54 25.23
N ALA E 126 -11.00 57.33 26.25
CA ALA E 126 -11.62 58.64 26.44
C ALA E 126 -11.49 59.52 25.22
N ALA E 127 -10.32 59.50 24.58
CA ALA E 127 -10.06 60.34 23.43
C ALA E 127 -10.66 59.72 22.18
N ALA E 128 -10.70 58.40 22.09
CA ALA E 128 -11.34 57.76 20.97
C ALA E 128 -12.82 58.09 21.00
N GLN E 129 -13.38 58.18 22.20
CA GLN E 129 -14.78 58.56 22.36
C GLN E 129 -15.01 59.95 21.79
N LYS E 130 -14.23 60.91 22.30
CA LYS E 130 -14.29 62.29 21.89
C LYS E 130 -14.12 62.50 20.39
N ALA E 131 -13.06 61.93 19.84
CA ALA E 131 -12.77 62.13 18.44
C ALA E 131 -13.90 61.59 17.58
N GLN E 132 -14.76 60.75 18.15
CA GLN E 132 -15.85 60.18 17.36
C GLN E 132 -16.97 61.17 17.14
N GLU E 133 -17.26 61.97 18.16
CA GLU E 133 -18.29 63.01 18.05
C GLU E 133 -17.71 64.34 17.56
N LEU E 134 -16.40 64.47 17.70
CA LEU E 134 -15.66 65.59 17.14
C LEU E 134 -15.58 65.52 15.63
N LEU E 135 -15.70 64.31 15.07
CA LEU E 135 -15.71 64.13 13.64
C LEU E 135 -17.12 64.37 13.13
N LYS E 136 -18.09 63.81 13.83
CA LYS E 136 -19.50 63.96 13.46
C LYS E 136 -19.78 65.42 13.05
N THR E 137 -19.27 66.35 13.86
CA THR E 137 -19.54 67.79 13.69
C THR E 137 -18.71 68.48 12.61
N ILE E 138 -17.54 67.95 12.29
CA ILE E 138 -16.71 68.58 11.27
C ILE E 138 -16.77 67.86 9.91
N ALA E 139 -17.86 67.14 9.68
CA ALA E 139 -18.05 66.44 8.44
C ALA E 139 -19.14 67.12 7.63
N CYS E 140 -18.77 67.63 6.47
CA CYS E 140 -19.70 68.30 5.55
C CYS E 140 -20.81 67.35 5.10
N GLU E 141 -22.02 67.87 4.87
CA GLU E 141 -23.06 67.02 4.32
C GLU E 141 -22.95 66.96 2.80
N VAL E 142 -23.52 65.92 2.20
CA VAL E 142 -23.51 65.78 0.75
C VAL E 142 -24.73 65.02 0.25
N GLY E 143 -25.15 65.33 -0.97
CA GLY E 143 -26.29 64.66 -1.56
C GLY E 143 -25.90 63.31 -2.12
N ALA E 144 -26.67 62.29 -1.74
CA ALA E 144 -26.45 60.93 -2.20
C ALA E 144 -26.37 60.82 -3.72
N GLN E 145 -26.73 61.89 -4.42
CA GLN E 145 -26.65 61.89 -5.86
C GLN E 145 -25.91 63.12 -6.37
N ASP E 146 -25.28 63.84 -5.45
CA ASP E 146 -24.37 64.92 -5.85
C ASP E 146 -23.29 64.33 -6.73
N LYS E 147 -23.65 63.99 -7.96
CA LYS E 147 -22.82 63.15 -8.83
C LYS E 147 -21.50 63.82 -9.19
N GLU E 148 -21.32 65.04 -8.71
CA GLU E 148 -20.07 65.77 -8.94
C GLU E 148 -19.10 65.50 -7.81
N ILE E 149 -19.63 65.60 -6.59
CA ILE E 149 -18.86 65.32 -5.38
C ILE E 149 -18.51 63.84 -5.27
N LEU E 150 -19.45 62.97 -5.56
CA LEU E 150 -19.17 61.55 -5.66
C LEU E 150 -17.95 61.27 -6.51
N THR E 151 -17.69 62.10 -7.52
CA THR E 151 -16.57 61.86 -8.43
C THR E 151 -15.26 62.48 -7.94
N LYS E 152 -15.37 63.47 -7.07
CA LYS E 152 -14.20 64.01 -6.38
C LYS E 152 -13.76 63.00 -5.33
N ILE E 153 -14.73 62.28 -4.77
CA ILE E 153 -14.42 61.24 -3.80
C ILE E 153 -13.79 60.03 -4.44
N ALA E 154 -14.34 59.58 -5.55
CA ALA E 154 -13.79 58.41 -6.24
C ALA E 154 -12.45 58.74 -6.90
N MET E 155 -12.16 60.01 -7.05
CA MET E 155 -10.92 60.38 -7.68
C MET E 155 -9.90 60.51 -6.60
N THR E 156 -10.31 60.90 -5.41
CA THR E 156 -9.36 61.05 -4.30
C THR E 156 -8.87 59.70 -3.84
N SER E 157 -9.70 58.68 -4.08
CA SER E 157 -9.40 57.31 -3.68
C SER E 157 -8.37 56.64 -4.60
N ILE E 158 -8.58 56.74 -5.91
CA ILE E 158 -7.65 56.22 -6.90
C ILE E 158 -6.26 56.82 -6.83
N THR E 159 -6.17 58.15 -6.76
CA THR E 159 -4.93 58.77 -6.34
C THR E 159 -4.56 58.17 -4.99
N GLY E 160 -3.29 58.24 -4.60
CA GLY E 160 -2.87 57.59 -3.36
C GLY E 160 -2.47 56.15 -3.66
N LYS E 161 -3.10 55.61 -4.71
CA LYS E 161 -2.57 54.46 -5.41
C LYS E 161 -1.77 54.96 -6.59
N GLY E 162 -1.22 56.17 -6.42
CA GLY E 162 -0.49 56.86 -7.48
C GLY E 162 -1.36 57.84 -8.25
N ALA E 163 -0.88 59.05 -8.42
CA ALA E 163 -1.64 60.05 -9.16
C ALA E 163 -1.86 59.62 -10.61
N GLU E 164 -1.07 58.67 -11.09
CA GLU E 164 -1.11 58.32 -12.51
C GLU E 164 -2.20 57.31 -12.87
N LYS E 165 -2.85 56.73 -11.86
CA LYS E 165 -4.01 55.88 -12.13
C LYS E 165 -5.26 56.74 -12.15
N ALA E 166 -5.11 57.98 -11.67
CA ALA E 166 -6.23 58.92 -11.46
C ALA E 166 -6.87 59.42 -12.75
N LYS E 167 -6.99 58.53 -13.73
CA LYS E 167 -7.62 58.86 -14.99
C LYS E 167 -9.02 59.43 -14.75
N GLU E 168 -9.28 60.63 -15.28
CA GLU E 168 -10.54 61.32 -15.03
C GLU E 168 -11.72 60.48 -15.46
N LYS E 169 -11.67 59.95 -16.67
CA LYS E 169 -12.82 59.25 -17.22
C LYS E 169 -13.00 57.88 -16.62
N LEU E 170 -12.22 57.60 -15.58
CA LEU E 170 -12.34 56.34 -14.86
C LEU E 170 -13.13 56.54 -13.59
N ALA E 171 -12.89 57.67 -12.92
CA ALA E 171 -13.67 58.01 -11.75
C ALA E 171 -15.13 58.09 -12.17
N GLU E 172 -15.38 58.81 -13.25
CA GLU E 172 -16.74 58.97 -13.75
C GLU E 172 -17.42 57.63 -14.00
N ILE E 173 -16.72 56.68 -14.62
CA ILE E 173 -17.31 55.38 -14.89
C ILE E 173 -17.80 54.72 -13.59
N ILE E 174 -16.96 54.77 -12.57
CA ILE E 174 -17.20 54.13 -11.26
C ILE E 174 -18.42 54.72 -10.55
N VAL E 175 -18.42 56.04 -10.39
CA VAL E 175 -19.55 56.74 -9.80
C VAL E 175 -20.82 56.26 -10.45
N GLU E 176 -20.88 56.39 -11.78
CA GLU E 176 -22.05 55.97 -12.53
C GLU E 176 -22.44 54.54 -12.19
N ALA E 177 -21.45 53.67 -12.09
CA ALA E 177 -21.70 52.25 -11.96
C ALA E 177 -22.09 51.83 -10.55
N VAL E 178 -21.71 52.64 -9.55
CA VAL E 178 -22.15 52.42 -8.16
C VAL E 178 -23.53 53.00 -7.95
N SER E 179 -23.81 54.11 -8.66
CA SER E 179 -25.10 54.76 -8.59
C SER E 179 -26.19 53.86 -9.16
N ALA E 180 -25.86 53.05 -10.16
CA ALA E 180 -26.80 52.13 -10.75
C ALA E 180 -27.29 51.06 -9.78
N VAL E 181 -26.36 50.45 -9.04
CA VAL E 181 -26.69 49.28 -8.23
C VAL E 181 -27.27 49.61 -6.86
N VAL E 182 -27.68 50.87 -6.67
CA VAL E 182 -28.21 51.29 -5.37
C VAL E 182 -29.55 50.65 -5.08
N ASP E 183 -29.63 49.91 -3.97
CA ASP E 183 -30.88 49.22 -3.61
C ASP E 183 -31.80 50.08 -2.72
N ASP E 184 -32.67 50.84 -3.37
CA ASP E 184 -33.60 51.74 -2.70
C ASP E 184 -34.54 51.02 -1.73
N GLU E 185 -34.42 51.34 -0.44
CA GLU E 185 -33.34 52.19 0.03
C GLU E 185 -32.56 51.39 1.03
N GLY E 186 -31.28 51.75 1.17
CA GLY E 186 -30.67 52.80 0.38
C GLY E 186 -29.18 52.54 0.27
N LYS E 187 -28.82 51.26 0.26
CA LYS E 187 -27.44 50.80 0.41
C LYS E 187 -26.82 50.33 -0.90
N VAL E 188 -25.50 50.24 -0.92
CA VAL E 188 -24.82 49.74 -2.09
C VAL E 188 -24.28 48.35 -1.83
N ASP E 189 -24.72 47.38 -2.64
CA ASP E 189 -24.16 46.03 -2.56
C ASP E 189 -22.90 45.97 -3.42
N LYS E 190 -21.75 46.08 -2.77
CA LYS E 190 -20.46 46.09 -3.45
C LYS E 190 -20.28 44.87 -4.38
N ASP E 191 -21.17 43.88 -4.23
CA ASP E 191 -21.13 42.63 -4.99
C ASP E 191 -22.07 42.63 -6.19
N LEU E 192 -22.81 43.73 -6.38
CA LEU E 192 -23.74 43.86 -7.51
C LEU E 192 -23.03 44.43 -8.72
N ILE E 193 -21.85 44.98 -8.47
CA ILE E 193 -20.99 45.47 -9.52
C ILE E 193 -19.94 44.40 -9.80
N LYS E 194 -20.14 43.65 -10.89
CA LYS E 194 -19.20 42.61 -11.30
C LYS E 194 -17.96 43.21 -11.93
N ILE E 195 -16.79 42.76 -11.51
CA ILE E 195 -15.56 43.30 -12.02
C ILE E 195 -14.86 42.20 -12.83
N GLU E 196 -14.72 42.45 -14.13
CA GLU E 196 -14.05 41.52 -15.05
C GLU E 196 -12.71 42.05 -15.60
N LYS E 197 -11.69 41.19 -15.70
CA LYS E 197 -10.36 41.63 -16.16
C LYS E 197 -9.94 40.90 -17.42
N LYS E 198 -9.73 41.64 -18.51
CA LYS E 198 -9.27 41.05 -19.77
C LYS E 198 -8.25 41.95 -20.49
N SER E 199 -7.15 41.36 -20.98
CA SER E 199 -5.94 42.12 -21.35
C SER E 199 -6.08 43.36 -22.26
N GLY E 200 -6.08 43.21 -23.59
CA GLY E 200 -6.16 44.36 -24.50
C GLY E 200 -4.99 45.35 -24.40
N ALA E 201 -4.92 46.34 -25.28
CA ALA E 201 -3.81 47.31 -25.20
C ALA E 201 -4.24 48.59 -24.49
N SER E 202 -4.60 48.47 -23.23
CA SER E 202 -5.60 49.38 -22.70
C SER E 202 -5.30 50.35 -21.55
N ILE E 203 -5.62 49.91 -20.33
CA ILE E 203 -6.03 50.73 -19.17
C ILE E 203 -7.09 51.80 -19.48
N ASP E 204 -6.95 52.49 -20.61
CA ASP E 204 -7.90 53.52 -21.00
C ASP E 204 -9.14 52.90 -21.62
N ASP E 205 -8.99 51.67 -22.08
CA ASP E 205 -10.08 50.95 -22.70
C ASP E 205 -11.03 50.36 -21.69
N THR E 206 -10.73 50.49 -20.40
CA THR E 206 -11.67 49.99 -19.41
C THR E 206 -12.97 50.76 -19.58
N GLU E 207 -14.09 50.03 -19.50
CA GLU E 207 -15.38 50.61 -19.80
C GLU E 207 -16.46 50.06 -18.89
N LEU E 208 -17.58 50.78 -18.82
CA LEU E 208 -18.75 50.30 -18.11
C LEU E 208 -19.64 49.48 -19.04
N ILE E 209 -20.00 48.30 -18.60
CA ILE E 209 -20.95 47.48 -19.34
C ILE E 209 -22.18 47.33 -18.45
N LYS E 210 -23.28 47.93 -18.88
CA LYS E 210 -24.53 47.84 -18.13
C LYS E 210 -25.25 46.53 -18.41
N GLY E 211 -24.74 45.45 -17.82
CA GLY E 211 -25.30 44.13 -18.06
C GLY E 211 -24.41 43.07 -17.44
N VAL E 212 -24.23 41.94 -18.11
CA VAL E 212 -23.37 40.90 -17.56
C VAL E 212 -22.41 40.31 -18.61
N LEU E 213 -21.21 39.94 -18.16
CA LEU E 213 -20.28 39.19 -19.00
C LEU E 213 -20.29 37.70 -18.59
N VAL E 214 -20.58 36.84 -19.54
CA VAL E 214 -20.66 35.41 -19.24
C VAL E 214 -19.53 34.63 -19.91
N ASP E 215 -18.76 33.89 -19.11
CA ASP E 215 -17.64 33.11 -19.62
C ASP E 215 -18.12 31.76 -20.16
N LYS E 216 -19.11 31.82 -21.04
CA LYS E 216 -19.59 30.63 -21.75
C LYS E 216 -19.64 30.97 -23.25
N GLU E 217 -20.08 30.01 -24.07
CA GLU E 217 -20.27 30.24 -25.51
C GLU E 217 -21.51 29.49 -26.05
N ARG E 218 -22.15 30.06 -27.08
CA ARG E 218 -23.33 29.41 -27.64
C ARG E 218 -23.08 27.92 -27.74
N VAL E 219 -23.99 27.15 -27.16
CA VAL E 219 -23.84 25.68 -27.05
C VAL E 219 -23.84 24.93 -28.40
N SER E 220 -24.53 25.48 -29.39
CA SER E 220 -24.52 24.93 -30.76
C SER E 220 -23.94 26.00 -31.71
N ALA E 221 -22.98 25.61 -32.55
CA ALA E 221 -22.32 26.56 -33.46
C ALA E 221 -23.28 27.10 -34.52
N GLN E 222 -24.41 26.41 -34.67
CA GLN E 222 -25.43 26.74 -35.67
C GLN E 222 -26.35 27.89 -35.21
N MET E 223 -26.31 28.21 -33.92
CA MET E 223 -27.11 29.28 -33.35
C MET E 223 -26.64 30.65 -33.81
N PRO E 224 -27.50 31.68 -33.68
CA PRO E 224 -27.07 33.07 -33.94
C PRO E 224 -25.87 33.45 -33.06
N LYS E 225 -25.00 34.31 -33.59
CA LYS E 225 -23.89 34.81 -32.81
C LYS E 225 -24.02 36.32 -32.58
N LYS E 226 -25.20 36.84 -32.94
CA LYS E 226 -25.64 38.15 -32.48
C LYS E 226 -27.16 38.28 -32.50
N VAL E 227 -27.72 38.90 -31.47
CA VAL E 227 -29.15 39.23 -31.38
C VAL E 227 -29.26 40.65 -30.80
N THR E 228 -30.12 41.49 -31.37
CA THR E 228 -30.34 42.82 -30.80
C THR E 228 -31.74 42.94 -30.18
N ASP E 229 -31.88 43.79 -29.17
CA ASP E 229 -33.14 43.96 -28.43
C ASP E 229 -33.75 42.62 -27.98
N ALA E 230 -32.87 41.68 -27.62
CA ALA E 230 -33.25 40.30 -27.31
C ALA E 230 -34.13 40.15 -26.07
N LYS E 231 -34.89 39.06 -26.01
CA LYS E 231 -35.68 38.70 -24.84
C LYS E 231 -35.18 37.41 -24.17
N ILE E 232 -34.73 37.52 -22.92
CA ILE E 232 -33.91 36.48 -22.29
C ILE E 232 -34.64 35.57 -21.30
N ALA E 233 -34.56 34.25 -21.53
CA ALA E 233 -35.15 33.25 -20.64
C ALA E 233 -34.08 32.50 -19.85
N LEU E 234 -34.07 32.70 -18.54
CA LEU E 234 -33.12 32.03 -17.65
C LEU E 234 -33.72 30.73 -17.06
N LEU E 235 -33.11 29.60 -17.36
CA LEU E 235 -33.60 28.32 -16.85
C LEU E 235 -32.77 27.70 -15.72
N ASN E 236 -33.38 27.64 -14.54
CA ASN E 236 -32.81 26.89 -13.42
C ASN E 236 -33.05 25.37 -13.59
N CYS E 237 -33.78 25.00 -14.66
CA CYS E 237 -34.12 23.61 -14.96
C CYS E 237 -33.06 22.92 -15.85
N ALA E 238 -33.25 21.63 -16.11
CA ALA E 238 -32.36 20.88 -17.00
C ALA E 238 -33.14 20.34 -18.21
N ILE E 239 -32.84 20.88 -19.40
CA ILE E 239 -33.54 20.49 -20.62
C ILE E 239 -33.03 19.15 -21.11
N GLU E 240 -33.66 18.07 -20.65
CA GLU E 240 -33.19 16.74 -21.00
C GLU E 240 -33.52 16.34 -22.45
N GLU E 241 -32.99 15.19 -22.88
CA GLU E 241 -33.50 14.45 -24.02
C GLU E 241 -33.23 12.95 -23.89
N THR E 242 -33.50 12.22 -24.98
CA THR E 242 -33.35 10.76 -25.04
C THR E 242 -33.02 10.23 -26.47
N ALA E 243 -34.03 9.94 -27.28
CA ALA E 243 -33.83 9.42 -28.64
C ALA E 243 -35.14 9.34 -29.41
N SER E 244 -36.13 10.12 -28.93
CA SER E 244 -37.50 10.12 -29.46
C SER E 244 -38.12 11.50 -29.39
N GLU E 245 -37.32 12.55 -29.58
CA GLU E 245 -37.84 13.93 -29.55
C GLU E 245 -38.90 14.23 -28.48
N MET E 246 -38.66 13.79 -27.24
CA MET E 246 -39.44 14.24 -26.07
C MET E 246 -39.08 15.71 -25.79
N LEU E 247 -38.48 16.37 -26.80
CA LEU E 247 -37.81 17.64 -26.56
C LEU E 247 -38.30 18.78 -27.46
N LYS E 248 -39.10 18.44 -28.46
CA LYS E 248 -39.78 19.46 -29.25
C LYS E 248 -40.82 20.16 -28.39
N ASP E 249 -41.22 19.46 -27.32
CA ASP E 249 -42.10 19.99 -26.27
C ASP E 249 -41.41 21.13 -25.50
N MET E 250 -40.36 20.77 -24.77
CA MET E 250 -39.50 21.72 -24.04
C MET E 250 -38.97 22.86 -24.93
N VAL E 251 -38.62 22.54 -26.17
CA VAL E 251 -38.02 23.50 -27.10
C VAL E 251 -39.03 24.48 -27.73
N ALA E 252 -40.29 24.07 -27.83
CA ALA E 252 -41.34 24.91 -28.41
C ALA E 252 -42.19 25.61 -27.34
N GLU E 253 -42.05 25.18 -26.08
CA GLU E 253 -42.67 25.86 -24.95
C GLU E 253 -41.91 27.15 -24.61
N ILE E 254 -40.62 27.14 -24.97
CA ILE E 254 -39.71 28.28 -24.79
C ILE E 254 -39.88 29.31 -25.93
N LYS E 255 -40.12 28.82 -27.14
CA LYS E 255 -40.42 29.69 -28.27
C LYS E 255 -41.82 30.26 -28.12
N ALA E 256 -42.56 29.66 -27.19
CA ALA E 256 -43.92 30.06 -26.86
C ALA E 256 -43.96 31.38 -26.08
N SER E 257 -42.95 31.61 -25.24
CA SER E 257 -42.88 32.85 -24.47
C SER E 257 -42.26 34.04 -25.26
N GLY E 258 -41.61 33.74 -26.38
CA GLY E 258 -41.00 34.75 -27.24
C GLY E 258 -39.51 35.00 -27.02
N ALA E 259 -38.83 34.02 -26.44
CA ALA E 259 -37.42 34.15 -26.05
C ALA E 259 -36.43 33.68 -27.12
N ASN E 260 -35.61 34.62 -27.62
CA ASN E 260 -34.59 34.34 -28.63
C ASN E 260 -33.19 34.13 -28.04
N VAL E 261 -33.14 34.03 -26.70
CA VAL E 261 -31.92 33.80 -25.95
C VAL E 261 -32.26 33.02 -24.67
N LEU E 262 -31.42 32.04 -24.34
CA LEU E 262 -31.66 31.20 -23.18
C LEU E 262 -30.37 30.82 -22.45
N PHE E 263 -30.32 31.10 -21.14
CA PHE E 263 -29.20 30.72 -20.29
C PHE E 263 -29.59 29.60 -19.31
N CYS E 264 -29.04 28.41 -19.49
CA CYS E 264 -29.39 27.26 -18.66
C CYS E 264 -28.26 26.92 -17.67
N GLN E 265 -28.61 26.74 -16.39
CA GLN E 265 -27.63 26.43 -15.34
C GLN E 265 -27.24 24.96 -15.35
N LYS E 266 -28.18 24.10 -15.73
CA LYS E 266 -27.92 22.68 -15.83
C LYS E 266 -27.57 22.30 -17.26
N GLY E 267 -27.74 21.04 -17.62
CA GLY E 267 -27.34 20.56 -18.93
C GLY E 267 -28.43 20.70 -19.98
N ILE E 268 -28.00 20.89 -21.23
CA ILE E 268 -28.91 20.86 -22.37
C ILE E 268 -28.51 19.72 -23.29
N ASP E 269 -29.34 18.67 -23.29
CA ASP E 269 -29.06 17.46 -24.05
C ASP E 269 -28.87 17.78 -25.53
N ASP E 270 -28.23 16.86 -26.26
CA ASP E 270 -27.82 17.08 -27.65
C ASP E 270 -28.96 17.15 -28.67
N LEU E 271 -30.12 16.60 -28.31
CA LEU E 271 -31.34 16.71 -29.13
C LEU E 271 -31.99 18.09 -28.98
N ALA E 272 -32.05 18.59 -27.75
CA ALA E 272 -32.61 19.92 -27.47
C ALA E 272 -31.61 21.06 -27.74
N GLN E 273 -30.45 20.71 -28.30
CA GLN E 273 -29.47 21.68 -28.80
C GLN E 273 -29.69 21.92 -30.29
N HIS E 274 -30.20 20.91 -30.98
CA HIS E 274 -30.47 21.02 -32.42
C HIS E 274 -31.81 21.71 -32.71
N TYR E 275 -32.78 21.51 -31.81
CA TYR E 275 -34.13 22.09 -31.94
C TYR E 275 -34.15 23.60 -31.60
N LEU E 276 -33.17 24.04 -30.80
CA LEU E 276 -32.97 25.45 -30.49
C LEU E 276 -32.26 26.17 -31.64
N ALA E 277 -31.15 25.60 -32.11
CA ALA E 277 -30.43 26.12 -33.27
C ALA E 277 -31.38 26.30 -34.43
N LYS E 278 -32.30 25.34 -34.56
CA LYS E 278 -33.29 25.30 -35.63
C LYS E 278 -34.33 26.44 -35.52
N GLU E 279 -34.57 26.89 -34.29
CA GLU E 279 -35.59 27.91 -34.00
C GLU E 279 -35.08 29.34 -34.12
N GLY E 280 -33.77 29.52 -33.94
CA GLY E 280 -33.16 30.85 -33.95
C GLY E 280 -32.82 31.35 -32.54
N ILE E 281 -33.02 30.48 -31.56
CA ILE E 281 -32.76 30.78 -30.15
C ILE E 281 -31.31 30.48 -29.75
N VAL E 282 -30.60 31.47 -29.22
CA VAL E 282 -29.26 31.23 -28.71
C VAL E 282 -29.31 30.71 -27.25
N ALA E 283 -28.43 29.78 -26.91
CA ALA E 283 -28.43 29.15 -25.59
C ALA E 283 -27.02 28.75 -25.09
N ALA E 284 -26.83 28.82 -23.78
CA ALA E 284 -25.60 28.37 -23.14
C ALA E 284 -25.94 27.44 -21.97
N ARG E 285 -25.25 26.30 -21.90
CA ARG E 285 -25.52 25.30 -20.85
C ARG E 285 -24.49 25.42 -19.72
N ARG E 286 -24.88 25.00 -18.51
CA ARG E 286 -23.99 24.98 -17.36
C ARG E 286 -23.33 26.32 -17.05
N VAL E 287 -24.14 27.38 -16.97
CA VAL E 287 -23.65 28.69 -16.54
C VAL E 287 -23.55 28.73 -15.02
N LYS E 288 -22.48 29.32 -14.51
CA LYS E 288 -22.29 29.45 -13.07
C LYS E 288 -23.58 29.92 -12.40
N LYS E 289 -23.88 29.37 -11.23
CA LYS E 289 -25.06 29.78 -10.47
C LYS E 289 -24.97 31.29 -10.16
N SER E 290 -23.76 31.74 -9.85
CA SER E 290 -23.50 33.15 -9.59
C SER E 290 -23.78 34.00 -10.83
N ASP E 291 -23.50 33.44 -12.01
CA ASP E 291 -23.77 34.12 -13.29
C ASP E 291 -25.25 34.14 -13.63
N MET E 292 -26.02 33.33 -12.89
CA MET E 292 -27.44 33.21 -13.14
C MET E 292 -28.21 34.30 -12.40
N GLU E 293 -27.75 34.61 -11.20
CA GLU E 293 -28.30 35.69 -10.38
C GLU E 293 -27.90 37.05 -10.94
N LYS E 294 -26.68 37.11 -11.47
CA LYS E 294 -26.16 38.31 -12.15
C LYS E 294 -27.09 38.67 -13.31
N LEU E 295 -27.51 37.64 -14.05
CA LEU E 295 -28.40 37.80 -15.19
C LEU E 295 -29.85 38.05 -14.74
N ALA E 296 -30.24 37.41 -13.65
CA ALA E 296 -31.57 37.62 -13.09
C ALA E 296 -31.81 39.11 -12.85
N LYS E 297 -30.84 39.77 -12.22
CA LYS E 297 -31.02 41.15 -11.79
C LYS E 297 -30.79 42.21 -12.90
N ALA E 298 -29.74 42.02 -13.70
CA ALA E 298 -29.29 43.06 -14.64
C ALA E 298 -30.23 43.29 -15.82
N THR E 299 -30.85 42.21 -16.30
CA THR E 299 -31.74 42.29 -17.45
C THR E 299 -33.17 42.61 -17.00
N GLY E 300 -33.52 42.12 -15.82
CA GLY E 300 -34.88 42.20 -15.32
C GLY E 300 -35.63 40.91 -15.61
N ALA E 301 -34.94 39.78 -15.44
CA ALA E 301 -35.50 38.45 -15.76
C ALA E 301 -36.01 37.68 -14.55
N ASN E 302 -36.26 36.38 -14.71
CA ASN E 302 -36.73 35.53 -13.63
C ASN E 302 -36.18 34.10 -13.71
N VAL E 303 -35.64 33.59 -12.60
CA VAL E 303 -35.07 32.23 -12.54
C VAL E 303 -36.14 31.14 -12.41
N ILE E 304 -36.45 30.49 -13.53
CA ILE E 304 -37.52 29.48 -13.59
C ILE E 304 -36.99 28.04 -13.47
N THR E 305 -37.52 27.29 -12.49
CA THR E 305 -37.18 25.87 -12.25
C THR E 305 -38.09 24.93 -13.06
N ASN E 306 -39.34 25.33 -13.23
CA ASN E 306 -40.31 24.57 -14.03
C ASN E 306 -40.45 25.14 -15.46
N ILE E 307 -39.96 24.40 -16.46
CA ILE E 307 -40.00 24.84 -17.87
C ILE E 307 -41.42 25.06 -18.40
N LYS E 308 -42.38 24.37 -17.80
CA LYS E 308 -43.80 24.53 -18.12
C LYS E 308 -44.30 25.90 -17.66
N ASP E 309 -43.89 26.30 -16.44
CA ASP E 309 -44.31 27.56 -15.84
C ASP E 309 -43.53 28.75 -16.39
N LEU E 310 -42.97 28.58 -17.58
CA LEU E 310 -42.26 29.68 -18.24
C LEU E 310 -43.24 30.67 -18.84
N SER E 311 -43.59 31.67 -18.04
CA SER E 311 -44.44 32.77 -18.48
C SER E 311 -43.71 33.59 -19.54
N ALA E 312 -44.42 34.53 -20.15
CA ALA E 312 -43.84 35.42 -21.16
C ALA E 312 -43.36 36.74 -20.53
N GLN E 313 -43.44 36.83 -19.21
CA GLN E 313 -42.92 37.98 -18.44
C GLN E 313 -41.77 37.59 -17.49
N ASP E 314 -41.31 36.33 -17.57
CA ASP E 314 -40.12 35.88 -16.84
C ASP E 314 -38.86 36.08 -17.68
N LEU E 315 -39.01 36.81 -18.77
CA LEU E 315 -37.90 37.12 -19.68
C LEU E 315 -37.33 38.50 -19.39
N GLY E 316 -36.01 38.60 -19.37
CA GLY E 316 -35.36 39.88 -19.19
C GLY E 316 -35.33 40.71 -20.46
N ASP E 317 -34.53 41.78 -20.46
CA ASP E 317 -34.36 42.60 -21.66
C ASP E 317 -32.98 43.27 -21.74
N ALA E 318 -32.20 42.90 -22.76
CA ALA E 318 -30.92 43.53 -23.07
C ALA E 318 -30.89 43.96 -24.55
N GLY E 319 -30.41 45.18 -24.80
CA GLY E 319 -30.36 45.71 -26.15
C GLY E 319 -29.27 45.13 -27.04
N LEU E 320 -28.65 44.04 -26.60
CA LEU E 320 -27.65 43.29 -27.37
C LEU E 320 -27.20 42.06 -26.58
N VAL E 321 -27.22 40.91 -27.24
CA VAL E 321 -26.59 39.70 -26.70
C VAL E 321 -25.65 39.14 -27.77
N GLU E 322 -24.34 39.21 -27.54
CA GLU E 322 -23.37 38.81 -28.55
C GLU E 322 -22.20 37.96 -28.04
N GLU E 323 -21.78 37.00 -28.86
CA GLU E 323 -20.56 36.25 -28.61
C GLU E 323 -19.39 36.94 -29.30
N ARG E 324 -18.47 37.47 -28.50
CA ARG E 324 -17.26 38.09 -28.99
C ARG E 324 -16.03 37.30 -28.55
N LYS E 325 -14.94 37.45 -29.31
CA LYS E 325 -13.61 37.11 -28.81
C LYS E 325 -12.94 38.40 -28.32
N ILE E 326 -12.67 38.44 -27.02
CA ILE E 326 -12.01 39.60 -26.42
C ILE E 326 -10.80 39.11 -25.63
N SER E 327 -9.62 39.49 -26.11
CA SER E 327 -8.36 39.05 -25.50
C SER E 327 -8.15 37.54 -25.67
N GLY E 328 -8.53 37.02 -26.84
CA GLY E 328 -8.36 35.61 -27.14
C GLY E 328 -9.59 34.77 -26.83
N ASP E 329 -9.97 34.73 -25.56
CA ASP E 329 -11.14 33.97 -25.09
C ASP E 329 -12.44 34.52 -25.70
N SER E 330 -13.40 33.64 -25.96
CA SER E 330 -14.69 34.06 -26.52
C SER E 330 -15.82 33.99 -25.49
N MET E 331 -16.44 35.13 -25.22
CA MET E 331 -17.49 35.23 -24.20
C MET E 331 -18.80 35.82 -24.72
N ILE E 332 -19.87 35.64 -23.94
CA ILE E 332 -21.21 36.11 -24.30
C ILE E 332 -21.58 37.41 -23.59
N PHE E 333 -21.49 38.52 -24.32
CA PHE E 333 -21.80 39.84 -23.78
C PHE E 333 -23.31 40.07 -23.79
N VAL E 334 -23.86 40.46 -22.64
CA VAL E 334 -25.30 40.77 -22.52
C VAL E 334 -25.44 42.24 -22.15
N GLU E 335 -24.99 43.10 -23.05
CA GLU E 335 -24.77 44.50 -22.72
C GLU E 335 -25.96 45.40 -22.99
N GLU E 336 -25.72 46.70 -22.87
CA GLU E 336 -26.71 47.74 -23.15
C GLU E 336 -28.11 47.42 -22.60
N CYS E 337 -28.19 47.04 -21.33
CA CYS E 337 -29.48 46.77 -20.68
C CYS E 337 -30.24 48.06 -20.36
N LYS E 338 -31.51 47.91 -19.99
CA LYS E 338 -32.39 49.05 -19.74
C LYS E 338 -32.29 49.56 -18.30
N HIS E 339 -32.68 48.71 -17.36
CA HIS E 339 -32.68 49.06 -15.94
C HIS E 339 -31.83 48.07 -15.11
N PRO E 340 -30.50 48.25 -15.15
CA PRO E 340 -29.58 47.32 -14.49
C PRO E 340 -29.60 47.45 -12.97
N LYS E 341 -29.79 46.31 -12.32
CA LYS E 341 -29.59 46.19 -10.89
C LYS E 341 -28.35 45.34 -10.70
N ALA E 342 -27.69 45.05 -11.82
CA ALA E 342 -26.32 44.53 -11.83
C ALA E 342 -25.59 45.22 -12.97
N VAL E 343 -24.28 45.38 -12.80
CA VAL E 343 -23.47 46.12 -13.74
C VAL E 343 -22.10 45.47 -13.77
N THR E 344 -21.43 45.56 -14.92
CA THR E 344 -20.08 45.02 -15.03
C THR E 344 -19.04 46.10 -15.31
N MET E 345 -17.95 46.10 -14.56
CA MET E 345 -16.83 46.96 -14.85
C MET E 345 -15.84 46.12 -15.64
N LEU E 346 -15.66 46.44 -16.90
CA LEU E 346 -14.68 45.70 -17.68
C LEU E 346 -13.35 46.42 -17.52
N ILE E 347 -12.43 45.81 -16.77
CA ILE E 347 -11.13 46.42 -16.61
C ILE E 347 -10.18 45.89 -17.67
N ARG E 348 -9.30 46.75 -18.17
CA ARG E 348 -8.35 46.34 -19.20
C ARG E 348 -6.99 47.01 -19.04
N GLY E 349 -5.93 46.33 -19.45
CA GLY E 349 -4.57 46.87 -19.37
C GLY E 349 -3.61 45.94 -20.07
N THR E 350 -2.44 46.42 -20.47
CA THR E 350 -1.55 45.60 -21.28
C THR E 350 -1.18 44.21 -20.67
N THR E 351 -0.54 44.20 -19.51
CA THR E 351 -0.17 42.94 -18.84
C THR E 351 -1.13 42.60 -17.70
N GLU E 352 -0.91 41.47 -17.05
CA GLU E 352 -1.87 40.95 -16.11
C GLU E 352 -1.85 41.66 -14.75
N HIS E 353 -0.66 41.90 -14.20
CA HIS E 353 -0.58 42.50 -12.87
C HIS E 353 -0.82 44.00 -12.98
N VAL E 354 -0.71 44.49 -14.21
CA VAL E 354 -1.04 45.88 -14.50
C VAL E 354 -2.53 45.99 -14.35
N ILE E 355 -3.24 45.03 -14.93
CA ILE E 355 -4.69 44.95 -14.84
C ILE E 355 -5.15 44.72 -13.39
N GLU E 356 -4.44 43.86 -12.69
CA GLU E 356 -4.89 43.40 -11.39
C GLU E 356 -4.82 44.51 -10.34
N GLU E 357 -3.91 45.47 -10.52
CA GLU E 357 -3.77 46.56 -9.56
C GLU E 357 -4.67 47.74 -9.92
N VAL E 358 -5.00 47.88 -11.19
CA VAL E 358 -6.01 48.86 -11.59
C VAL E 358 -7.31 48.41 -10.96
N ALA E 359 -7.45 47.09 -10.82
CA ALA E 359 -8.68 46.50 -10.29
C ALA E 359 -8.83 46.78 -8.81
N ARG E 360 -7.73 46.64 -8.06
CA ARG E 360 -7.74 46.91 -6.62
C ARG E 360 -7.97 48.37 -6.39
N ALA E 361 -7.68 49.19 -7.40
CA ALA E 361 -7.93 50.62 -7.32
C ALA E 361 -9.42 50.88 -7.47
N VAL E 362 -10.03 50.18 -8.41
CA VAL E 362 -11.45 50.33 -8.66
C VAL E 362 -12.28 49.87 -7.45
N ASP E 363 -11.79 48.88 -6.73
CA ASP E 363 -12.51 48.35 -5.57
C ASP E 363 -12.54 49.36 -4.44
N ASP E 364 -11.50 50.18 -4.36
CA ASP E 364 -11.35 51.15 -3.29
C ASP E 364 -12.27 52.32 -3.61
N ALA E 365 -12.28 52.69 -4.88
CA ALA E 365 -13.20 53.70 -5.35
C ALA E 365 -14.63 53.25 -5.01
N VAL E 366 -15.05 52.11 -5.56
CA VAL E 366 -16.41 51.58 -5.36
C VAL E 366 -16.81 51.51 -3.89
N GLY E 367 -15.83 51.48 -3.00
CA GLY E 367 -16.11 51.40 -1.60
C GLY E 367 -16.44 52.78 -1.08
N VAL E 368 -15.53 53.73 -1.27
CA VAL E 368 -15.70 55.10 -0.77
C VAL E 368 -16.86 55.85 -1.43
N VAL E 369 -17.15 55.53 -2.69
CA VAL E 369 -18.35 56.05 -3.37
C VAL E 369 -19.58 55.46 -2.72
N GLY E 370 -19.64 54.14 -2.62
CA GLY E 370 -20.75 53.51 -1.92
C GLY E 370 -20.88 54.08 -0.52
N CYS E 371 -19.77 54.49 0.07
CA CYS E 371 -19.78 54.95 1.44
C CYS E 371 -20.38 56.32 1.60
N THR E 372 -20.26 57.16 0.58
CA THR E 372 -20.78 58.52 0.64
C THR E 372 -22.30 58.51 0.43
N ILE E 373 -22.71 57.92 -0.70
CA ILE E 373 -24.11 57.57 -0.95
C ILE E 373 -24.80 57.05 0.32
N GLU E 374 -24.23 56.01 0.93
CA GLU E 374 -24.79 55.42 2.15
C GLU E 374 -24.81 56.38 3.33
N ASP E 375 -23.65 56.95 3.64
CA ASP E 375 -23.48 57.85 4.79
C ASP E 375 -24.12 59.21 4.57
N GLY E 376 -23.65 59.91 3.55
CA GLY E 376 -24.10 61.27 3.33
C GLY E 376 -23.13 62.33 3.84
N ARG E 377 -22.22 61.95 4.72
CA ARG E 377 -21.25 62.92 5.23
C ARG E 377 -19.85 62.61 4.69
N ILE E 378 -19.00 63.63 4.56
CA ILE E 378 -17.62 63.44 4.12
C ILE E 378 -16.68 64.43 4.79
N VAL E 379 -15.38 64.23 4.65
CA VAL E 379 -14.38 65.17 5.18
C VAL E 379 -13.25 65.41 4.19
N SER E 380 -12.28 66.19 4.64
CA SER E 380 -11.22 66.67 3.78
C SER E 380 -9.94 65.92 3.98
N GLY E 381 -9.42 65.33 2.92
CA GLY E 381 -8.22 64.51 2.99
C GLY E 381 -6.93 65.26 3.19
N GLY E 382 -5.82 64.69 2.71
CA GLY E 382 -4.51 65.32 2.78
C GLY E 382 -3.93 65.35 4.17
N GLY E 383 -4.57 64.66 5.09
CA GLY E 383 -4.15 64.67 6.48
C GLY E 383 -4.81 65.84 7.19
N SER E 384 -5.75 66.46 6.50
CA SER E 384 -6.43 67.64 7.01
C SER E 384 -7.18 67.38 8.32
N THR E 385 -8.25 66.60 8.27
CA THR E 385 -9.06 66.37 9.45
C THR E 385 -8.35 65.58 10.52
N GLU E 386 -7.06 65.31 10.33
CA GLU E 386 -6.29 64.66 11.38
C GLU E 386 -5.61 65.71 12.20
N VAL E 387 -5.17 66.78 11.54
CA VAL E 387 -4.56 67.89 12.25
C VAL E 387 -5.64 68.68 13.01
N GLU E 388 -6.80 68.81 12.36
CA GLU E 388 -7.96 69.37 13.04
C GLU E 388 -8.23 68.47 14.23
N LEU E 389 -8.67 67.24 13.94
CA LEU E 389 -9.06 66.29 14.97
C LEU E 389 -8.04 66.15 16.12
N SER E 390 -6.81 66.57 15.88
CA SER E 390 -5.75 66.37 16.84
C SER E 390 -5.56 67.58 17.74
N MET E 391 -5.79 68.77 17.21
CA MET E 391 -5.67 69.95 18.05
C MET E 391 -6.90 70.06 18.93
N LYS E 392 -8.07 69.78 18.36
CA LYS E 392 -9.29 69.77 19.13
C LYS E 392 -9.16 68.80 20.29
N LEU E 393 -8.71 67.60 20.00
CA LEU E 393 -8.46 66.60 21.02
C LEU E 393 -7.45 67.08 22.07
N ARG E 394 -6.57 67.98 21.66
CA ARG E 394 -5.47 68.39 22.53
C ARG E 394 -6.00 69.33 23.58
N GLU E 395 -7.00 70.13 23.19
CA GLU E 395 -7.62 71.02 24.16
C GLU E 395 -8.58 70.24 25.07
N TYR E 396 -9.37 69.35 24.47
CA TYR E 396 -10.24 68.51 25.27
C TYR E 396 -9.40 67.88 26.37
N ALA E 397 -8.10 67.81 26.10
CA ALA E 397 -7.14 67.10 26.94
C ALA E 397 -6.81 67.86 28.21
N GLU E 398 -6.94 69.19 28.17
CA GLU E 398 -6.61 69.99 29.33
C GLU E 398 -7.73 69.93 30.34
N GLY E 399 -8.96 69.80 29.85
CA GLY E 399 -10.11 69.66 30.70
C GLY E 399 -10.16 68.29 31.35
N ILE E 400 -8.99 67.67 31.50
CA ILE E 400 -8.86 66.36 32.10
C ILE E 400 -7.89 66.41 33.28
N SER E 401 -8.39 66.05 34.45
CA SER E 401 -7.55 65.95 35.64
C SER E 401 -7.04 64.52 35.81
N GLY E 402 -5.78 64.39 36.20
CA GLY E 402 -5.22 63.08 36.45
C GLY E 402 -4.20 62.72 35.40
N ARG E 403 -3.54 61.58 35.56
CA ARG E 403 -2.58 61.13 34.56
C ARG E 403 -3.26 60.92 33.23
N GLU E 404 -4.49 60.39 33.26
CA GLU E 404 -5.17 59.95 32.05
C GLU E 404 -5.14 61.06 31.02
N GLN E 405 -4.72 62.23 31.46
CA GLN E 405 -4.51 63.36 30.56
C GLN E 405 -3.37 63.11 29.58
N LEU E 406 -2.23 62.67 30.09
CA LEU E 406 -1.09 62.35 29.26
C LEU E 406 -1.49 61.41 28.14
N ALA E 407 -2.27 60.41 28.50
CA ALA E 407 -2.81 59.47 27.53
C ALA E 407 -3.48 60.23 26.40
N VAL E 408 -4.41 61.10 26.76
CA VAL E 408 -5.23 61.81 25.79
C VAL E 408 -4.42 62.72 24.87
N ARG E 409 -3.37 63.34 25.41
CA ARG E 409 -2.50 64.14 24.56
C ARG E 409 -1.76 63.26 23.59
N ALA E 410 -1.28 62.12 24.09
CA ALA E 410 -0.61 61.10 23.26
C ALA E 410 -1.51 60.58 22.16
N PHE E 411 -2.79 60.42 22.46
CA PHE E 411 -3.74 59.97 21.46
C PHE E 411 -3.91 61.05 20.44
N ALA E 412 -3.87 62.29 20.90
CA ALA E 412 -4.01 63.44 20.02
C ALA E 412 -2.81 63.60 19.09
N ASP E 413 -1.60 63.48 19.66
CA ASP E 413 -0.35 63.55 18.91
C ASP E 413 -0.22 62.39 17.91
N ALA E 414 -0.80 61.26 18.29
CA ALA E 414 -0.76 60.09 17.47
C ALA E 414 -1.32 60.41 16.09
N LEU E 415 -2.48 61.04 16.03
CA LEU E 415 -3.16 61.20 14.76
C LEU E 415 -2.33 62.01 13.76
N GLU E 416 -1.31 62.70 14.25
CA GLU E 416 -0.52 63.56 13.37
C GLU E 416 0.42 62.72 12.55
N VAL E 417 0.27 61.42 12.63
CA VAL E 417 1.20 60.52 11.94
C VAL E 417 0.83 60.46 10.47
N ILE E 418 -0.43 60.71 10.17
CA ILE E 418 -0.91 60.68 8.80
C ILE E 418 -0.43 61.89 8.01
N PRO E 419 -0.55 63.09 8.59
CA PRO E 419 0.04 64.21 7.87
C PRO E 419 1.52 63.96 7.74
N ARG E 420 2.13 63.46 8.81
CA ARG E 420 3.58 63.33 8.87
C ARG E 420 4.10 62.41 7.81
N THR E 421 3.61 61.19 7.76
CA THR E 421 4.12 60.25 6.77
C THR E 421 3.75 60.64 5.33
N LEU E 422 2.60 61.32 5.16
CA LEU E 422 2.26 61.75 3.81
C LEU E 422 3.33 62.69 3.28
N ALA E 423 3.90 63.53 4.17
CA ALA E 423 4.98 64.46 3.82
C ALA E 423 6.23 63.69 3.48
N GLU E 424 6.53 62.70 4.32
CA GLU E 424 7.77 61.93 4.24
C GLU E 424 7.97 61.36 2.86
N ASN E 425 7.01 60.53 2.44
CA ASN E 425 7.05 59.87 1.17
C ASN E 425 7.12 60.85 -0.01
N ALA E 426 6.49 62.00 0.14
CA ALA E 426 6.55 62.99 -0.92
C ALA E 426 7.97 63.53 -1.03
N GLY E 427 8.70 63.45 0.07
CA GLY E 427 10.09 63.88 0.12
C GLY E 427 10.24 65.16 0.92
N LEU E 428 9.13 65.75 1.29
CA LEU E 428 9.17 67.03 1.95
C LEU E 428 9.63 66.87 3.40
N ASP E 429 9.91 68.00 4.04
CA ASP E 429 10.38 68.05 5.41
C ASP E 429 9.18 67.95 6.37
N ALA E 430 8.98 66.75 6.89
CA ALA E 430 7.80 66.44 7.68
C ALA E 430 7.57 67.45 8.78
N ILE E 431 8.64 67.88 9.44
CA ILE E 431 8.52 68.65 10.67
C ILE E 431 7.97 70.04 10.44
N GLU E 432 8.49 70.72 9.42
CA GLU E 432 8.06 72.07 9.07
C GLU E 432 6.59 72.04 8.66
N ILE E 433 6.32 71.28 7.60
CA ILE E 433 5.00 71.12 7.03
C ILE E 433 3.95 70.85 8.08
N LEU E 434 4.35 70.15 9.12
CA LEU E 434 3.42 69.89 10.20
C LEU E 434 3.15 71.17 10.97
N VAL E 435 4.15 72.02 11.11
CA VAL E 435 3.93 73.29 11.78
C VAL E 435 3.03 74.22 10.97
N LYS E 436 3.29 74.35 9.67
CA LYS E 436 2.44 75.17 8.82
C LYS E 436 0.99 74.74 8.94
N VAL E 437 0.74 73.46 8.69
CA VAL E 437 -0.60 72.93 8.74
C VAL E 437 -1.22 73.01 10.13
N ARG E 438 -0.40 73.16 11.17
CA ARG E 438 -0.94 73.26 12.52
C ARG E 438 -1.29 74.70 12.89
N ALA E 439 -0.65 75.66 12.23
CA ALA E 439 -0.96 77.06 12.44
C ALA E 439 -2.27 77.43 11.74
N ALA E 440 -2.43 76.89 10.53
CA ALA E 440 -3.61 77.13 9.72
C ALA E 440 -4.88 76.49 10.28
N HIS E 441 -4.80 75.94 11.48
CA HIS E 441 -5.98 75.35 12.11
C HIS E 441 -6.30 76.02 13.44
N ALA E 442 -5.68 77.17 13.68
CA ALA E 442 -5.73 77.81 14.99
C ALA E 442 -7.09 78.46 15.34
N SER E 443 -8.11 77.63 15.54
CA SER E 443 -9.47 78.06 15.94
C SER E 443 -10.23 78.87 14.88
N ASN E 444 -9.49 79.51 13.97
CA ASN E 444 -10.11 80.15 12.80
C ASN E 444 -10.48 79.11 11.75
N GLY E 445 -9.99 79.30 10.54
CA GLY E 445 -10.03 78.23 9.56
C GLY E 445 -8.89 77.29 9.87
N ASN E 446 -8.71 76.25 9.07
CA ASN E 446 -9.58 76.01 7.93
C ASN E 446 -10.44 74.73 8.12
N LYS E 447 -9.94 73.77 8.91
CA LYS E 447 -10.52 72.41 9.07
C LYS E 447 -10.39 71.60 7.79
N CYS E 448 -9.94 72.30 6.76
CA CYS E 448 -9.80 71.77 5.42
C CYS E 448 -8.42 72.16 4.96
N ALA E 449 -7.59 72.64 5.89
CA ALA E 449 -6.23 73.08 5.55
C ALA E 449 -5.27 71.92 5.64
N GLY E 450 -4.82 71.43 4.49
CA GLY E 450 -3.94 70.26 4.46
C GLY E 450 -2.75 70.37 3.52
N LEU E 451 -1.79 69.45 3.62
CA LEU E 451 -0.63 69.46 2.72
C LEU E 451 -0.90 68.84 1.36
N ASN E 452 -0.75 69.62 0.30
CA ASN E 452 -0.77 69.06 -1.04
C ASN E 452 0.63 68.64 -1.41
N VAL E 453 0.81 67.34 -1.64
CA VAL E 453 2.12 66.74 -1.87
C VAL E 453 2.66 67.04 -3.26
N PHE E 454 1.82 67.63 -4.10
CA PHE E 454 2.28 68.09 -5.40
C PHE E 454 2.70 69.55 -5.28
N THR E 455 1.73 70.42 -4.94
CA THR E 455 2.05 71.78 -4.57
C THR E 455 3.37 71.78 -3.79
N GLY E 456 3.38 71.11 -2.64
CA GLY E 456 4.51 71.20 -1.75
C GLY E 456 4.14 72.09 -0.59
N ALA E 457 3.12 72.93 -0.78
CA ALA E 457 2.68 73.84 0.28
C ALA E 457 1.26 73.52 0.74
N VAL E 458 0.90 74.02 1.91
CA VAL E 458 -0.41 73.72 2.47
C VAL E 458 -1.56 74.49 1.79
N GLU E 459 -2.61 73.77 1.36
CA GLU E 459 -3.69 74.35 0.57
C GLU E 459 -5.06 74.02 1.13
N ASP E 460 -6.11 74.41 0.42
CA ASP E 460 -7.45 74.17 0.95
C ASP E 460 -7.99 72.92 0.27
N MET E 461 -7.95 71.82 1.01
CA MET E 461 -8.25 70.50 0.44
C MET E 461 -9.70 70.35 -0.03
N CYS E 462 -10.65 70.97 0.63
CA CYS E 462 -12.05 70.85 0.21
C CYS E 462 -12.21 71.41 -1.21
N GLU E 463 -11.43 72.44 -1.51
CA GLU E 463 -11.51 73.13 -2.78
C GLU E 463 -10.65 72.45 -3.85
N ASN E 464 -9.57 71.81 -3.43
CA ASN E 464 -8.74 71.10 -4.38
C ASN E 464 -9.33 69.76 -4.71
N GLY E 465 -10.51 69.47 -4.17
CA GLY E 465 -11.21 68.24 -4.46
C GLY E 465 -10.62 66.99 -3.82
N VAL E 466 -10.09 67.14 -2.60
CA VAL E 466 -9.54 66.02 -1.85
C VAL E 466 -10.47 65.64 -0.70
N VAL E 467 -11.33 64.65 -0.93
CA VAL E 467 -12.37 64.35 0.05
C VAL E 467 -12.52 62.86 0.29
N GLU E 468 -12.98 62.52 1.49
CA GLU E 468 -13.04 61.13 1.92
C GLU E 468 -14.27 60.86 2.77
N PRO E 469 -14.97 59.73 2.53
CA PRO E 469 -16.18 59.43 3.30
C PRO E 469 -15.88 59.63 4.77
N LEU E 470 -16.88 59.84 5.61
CA LEU E 470 -16.57 60.05 7.02
C LEU E 470 -16.19 58.70 7.56
N ARG E 471 -16.84 57.67 7.03
CA ARG E 471 -16.61 56.28 7.47
C ARG E 471 -15.10 55.91 7.46
N VAL E 472 -14.30 56.53 6.62
CA VAL E 472 -12.89 56.18 6.57
C VAL E 472 -12.17 56.59 7.83
N LYS E 473 -12.46 57.76 8.36
CA LYS E 473 -11.74 58.25 9.53
C LYS E 473 -12.36 57.81 10.84
N THR E 474 -13.66 57.54 10.85
CA THR E 474 -14.29 57.04 12.07
C THR E 474 -13.95 55.59 12.25
N GLN E 475 -14.26 54.76 11.26
CA GLN E 475 -13.91 53.35 11.35
C GLN E 475 -12.43 53.20 11.67
N ALA E 476 -11.55 53.84 10.91
CA ALA E 476 -10.11 53.72 11.13
C ALA E 476 -9.64 54.14 12.51
N ILE E 477 -10.06 55.31 12.99
CA ILE E 477 -9.69 55.78 14.33
C ILE E 477 -10.23 54.90 15.47
N GLN E 478 -11.37 54.26 15.29
CA GLN E 478 -11.85 53.43 16.40
C GLN E 478 -11.30 52.01 16.40
N SER E 479 -11.09 51.39 15.25
CA SER E 479 -10.48 50.06 15.23
C SER E 479 -9.03 50.17 15.58
N ALA E 480 -8.44 51.32 15.37
CA ALA E 480 -7.06 51.54 15.81
C ALA E 480 -7.03 51.73 17.30
N ALA E 481 -8.08 52.31 17.85
CA ALA E 481 -8.13 52.52 19.28
C ALA E 481 -8.44 51.22 19.99
N GLU E 482 -9.47 50.55 19.52
CA GLU E 482 -9.95 49.37 20.21
C GLU E 482 -8.90 48.31 20.28
N SER E 483 -8.21 48.06 19.17
CA SER E 483 -7.24 46.99 19.18
C SER E 483 -6.00 47.36 20.01
N THR E 484 -5.43 48.54 19.83
CA THR E 484 -4.26 48.90 20.64
C THR E 484 -4.58 49.02 22.14
N GLU E 485 -5.83 49.29 22.45
CA GLU E 485 -6.25 49.31 23.84
C GLU E 485 -6.11 47.92 24.38
N MET E 486 -6.58 46.92 23.64
CA MET E 486 -6.50 45.54 24.14
C MET E 486 -5.06 45.06 24.24
N LEU E 487 -4.17 45.51 23.34
CA LEU E 487 -2.80 45.05 23.30
C LEU E 487 -2.07 45.53 24.52
N LEU E 488 -2.37 46.74 24.95
CA LEU E 488 -1.71 47.38 26.10
C LEU E 488 -2.08 46.76 27.43
N ARG E 489 -3.21 46.08 27.46
CA ARG E 489 -3.66 45.45 28.68
C ARG E 489 -2.86 44.19 28.95
N ILE E 490 -2.10 43.76 27.95
CA ILE E 490 -1.35 42.50 27.99
C ILE E 490 0.02 42.64 28.62
N ASP E 491 0.30 41.76 29.58
CA ASP E 491 1.55 41.77 30.34
C ASP E 491 2.27 40.41 30.38
N ASP E 492 1.60 39.35 29.98
CA ASP E 492 2.21 38.03 29.91
C ASP E 492 1.82 37.41 28.57
N VAL E 493 2.78 36.74 27.92
CA VAL E 493 2.53 35.96 26.71
C VAL E 493 2.96 34.49 26.91
N ILE E 494 2.32 33.55 26.23
CA ILE E 494 2.67 32.16 26.43
C ILE E 494 2.78 31.40 25.09
N ALA E 495 3.95 31.50 24.46
CA ALA E 495 4.17 30.94 23.13
C ALA E 495 4.71 29.52 23.12
N ALA E 496 4.12 28.65 22.32
CA ALA E 496 4.55 27.25 22.28
C ALA E 496 5.21 26.85 20.96
N GLU E 497 5.67 25.60 20.91
CA GLU E 497 6.19 24.99 19.69
C GLU E 497 7.39 25.72 19.13
N ASN F 11 12.69 34.83 7.95
CA ASN F 11 11.66 34.42 7.01
C ASN F 11 11.25 35.51 5.99
N MET F 12 11.96 35.63 4.87
CA MET F 12 13.16 34.86 4.59
C MET F 12 14.12 35.72 3.77
N LYS F 13 13.62 36.33 2.70
CA LYS F 13 14.43 37.22 1.87
C LYS F 13 13.65 38.48 1.56
N ARG F 14 14.21 39.65 1.85
CA ARG F 14 13.56 40.91 1.49
C ARG F 14 14.56 41.93 0.99
N TYR F 15 14.20 42.65 -0.07
CA TYR F 15 15.12 43.66 -0.60
C TYR F 15 14.55 45.07 -0.42
N MET F 16 15.38 45.97 0.11
CA MET F 16 14.93 47.31 0.48
C MET F 16 15.30 48.40 -0.51
N GLY F 17 14.33 49.26 -0.83
CA GLY F 17 14.58 50.49 -1.56
C GLY F 17 15.43 50.43 -2.82
N ARG F 18 16.59 51.09 -2.80
CA ARG F 18 17.50 51.14 -3.95
C ARG F 18 18.00 49.74 -4.34
N ASP F 19 17.91 48.78 -3.42
CA ASP F 19 18.29 47.40 -3.68
C ASP F 19 17.19 46.70 -4.45
N ALA F 20 15.96 46.93 -4.04
CA ALA F 20 14.81 46.28 -4.65
C ALA F 20 14.59 46.81 -6.03
N GLN F 21 14.83 48.10 -6.21
CA GLN F 21 14.69 48.71 -7.54
C GLN F 21 15.82 48.18 -8.42
N ARG F 22 17.05 48.19 -7.90
CA ARG F 22 18.14 47.72 -8.71
C ARG F 22 17.93 46.26 -9.05
N MET F 23 17.35 45.50 -8.13
CA MET F 23 17.12 44.09 -8.39
C MET F 23 16.21 43.95 -9.59
N ASN F 24 15.09 44.66 -9.57
CA ASN F 24 14.07 44.50 -10.61
C ASN F 24 14.50 45.10 -11.94
N ILE F 25 15.06 46.30 -11.89
CA ILE F 25 15.48 47.01 -13.09
C ILE F 25 16.53 46.18 -13.77
N LEU F 26 17.30 45.46 -12.98
CA LEU F 26 18.33 44.63 -13.54
C LEU F 26 17.73 43.34 -14.07
N ALA F 27 16.87 42.71 -13.29
CA ALA F 27 16.26 41.47 -13.71
C ALA F 27 15.54 41.70 -14.99
N GLY F 28 15.01 42.89 -15.15
CA GLY F 28 14.34 43.24 -16.38
C GLY F 28 15.30 43.32 -17.55
N ARG F 29 16.33 44.15 -17.41
CA ARG F 29 17.27 44.38 -18.50
C ARG F 29 17.88 43.07 -18.99
N ILE F 30 17.84 42.05 -18.15
CA ILE F 30 18.52 40.81 -18.46
C ILE F 30 17.74 39.88 -19.40
N ILE F 31 16.43 39.75 -19.20
CA ILE F 31 15.68 38.96 -20.15
C ILE F 31 15.50 39.79 -21.39
N ALA F 32 15.71 41.09 -21.25
CA ALA F 32 15.70 41.92 -22.44
C ALA F 32 16.96 41.62 -23.25
N GLU F 33 18.12 41.66 -22.61
CA GLU F 33 19.38 41.46 -23.29
C GLU F 33 19.46 40.04 -23.79
N THR F 34 18.51 39.23 -23.37
CA THR F 34 18.43 37.82 -23.76
C THR F 34 17.84 37.57 -25.15
N VAL F 35 17.15 38.56 -25.69
CA VAL F 35 16.55 38.44 -27.00
C VAL F 35 17.05 39.55 -27.92
N ARG F 36 17.76 40.53 -27.36
CA ARG F 36 18.37 41.58 -28.15
C ARG F 36 19.01 41.01 -29.39
N SER F 37 19.50 39.78 -29.30
CA SER F 37 20.31 39.26 -30.38
C SER F 37 19.51 38.72 -31.55
N THR F 38 18.20 38.58 -31.39
CA THR F 38 17.37 38.01 -32.45
C THR F 38 16.74 39.10 -33.31
N LEU F 39 16.99 40.35 -32.93
CA LEU F 39 16.28 41.43 -33.55
C LEU F 39 16.82 41.74 -34.94
N GLY F 40 15.93 41.68 -35.92
CA GLY F 40 16.30 42.02 -37.28
C GLY F 40 16.61 40.76 -38.08
N PRO F 41 16.79 40.93 -39.39
CA PRO F 41 17.17 39.88 -40.33
C PRO F 41 18.59 39.40 -40.10
N LYS F 42 19.51 40.29 -39.76
CA LYS F 42 20.90 39.90 -39.46
C LYS F 42 20.99 39.55 -37.99
N GLY F 43 19.88 39.09 -37.44
CA GLY F 43 19.84 38.63 -36.07
C GLY F 43 19.97 37.13 -36.01
N MET F 44 20.38 36.61 -34.85
CA MET F 44 20.66 35.17 -34.65
C MET F 44 19.57 34.42 -33.90
N ASP F 45 19.64 33.08 -33.98
CA ASP F 45 18.70 32.15 -33.31
C ASP F 45 19.22 31.53 -31.99
N LYS F 46 18.31 31.30 -31.05
CA LYS F 46 18.64 30.67 -29.78
C LYS F 46 18.23 29.20 -29.87
N MET F 47 19.16 28.26 -29.62
CA MET F 47 18.75 26.87 -29.40
C MET F 47 18.50 26.57 -27.94
N LEU F 48 17.40 25.89 -27.68
CA LEU F 48 16.89 25.90 -26.35
C LEU F 48 16.44 24.52 -25.89
N VAL F 49 17.39 23.77 -25.31
CA VAL F 49 17.12 22.46 -24.73
C VAL F 49 16.34 22.66 -23.43
N ASP F 50 15.71 21.60 -22.96
CA ASP F 50 15.17 21.65 -21.62
C ASP F 50 15.89 20.61 -20.73
N ASP F 51 15.14 19.88 -19.92
CA ASP F 51 15.74 18.91 -19.02
C ASP F 51 15.59 17.50 -19.58
N LEU F 52 14.95 17.43 -20.74
CA LEU F 52 14.61 16.17 -21.36
C LEU F 52 15.32 15.98 -22.67
N GLY F 53 16.47 16.62 -22.83
CA GLY F 53 17.20 16.58 -24.09
C GLY F 53 16.38 17.11 -25.25
N ASP F 54 15.17 17.60 -24.95
CA ASP F 54 14.25 18.20 -25.95
C ASP F 54 14.72 19.55 -26.49
N VAL F 55 15.06 19.61 -27.76
CA VAL F 55 15.58 20.85 -28.29
C VAL F 55 14.51 21.64 -29.01
N VAL F 56 14.70 22.96 -29.07
CA VAL F 56 13.86 23.79 -29.92
C VAL F 56 14.60 25.07 -30.30
N VAL F 57 14.73 25.26 -31.60
CA VAL F 57 15.50 26.33 -32.20
C VAL F 57 14.53 27.35 -32.73
N THR F 58 14.76 28.62 -32.41
CA THR F 58 13.88 29.69 -32.87
C THR F 58 14.49 31.07 -32.78
N ASN F 59 13.95 31.99 -33.59
CA ASN F 59 14.29 33.40 -33.55
C ASN F 59 13.08 34.18 -33.03
N ASP F 60 12.00 33.45 -32.78
CA ASP F 60 10.76 34.04 -32.30
C ASP F 60 10.89 34.43 -30.85
N GLY F 61 10.89 35.72 -30.60
CA GLY F 61 10.99 36.26 -29.25
C GLY F 61 10.21 35.56 -28.15
N VAL F 62 8.88 35.54 -28.22
CA VAL F 62 8.08 35.08 -27.11
C VAL F 62 8.32 33.63 -26.77
N THR F 63 8.32 32.74 -27.76
CA THR F 63 8.59 31.32 -27.45
C THR F 63 9.92 31.17 -26.71
N ILE F 64 10.98 31.79 -27.22
CA ILE F 64 12.23 31.85 -26.47
C ILE F 64 11.93 32.19 -25.01
N LEU F 65 11.28 33.31 -24.74
CA LEU F 65 11.01 33.68 -23.35
C LEU F 65 10.12 32.68 -22.62
N ARG F 66 8.93 32.40 -23.16
CA ARG F 66 8.05 31.41 -22.57
C ARG F 66 8.82 30.15 -22.22
N GLU F 67 9.35 29.48 -23.22
CA GLU F 67 9.92 28.16 -22.99
C GLU F 67 11.35 28.16 -22.47
N MET F 68 11.64 29.03 -21.52
CA MET F 68 12.83 28.89 -20.70
C MET F 68 12.44 29.14 -19.26
N SER F 69 13.08 28.45 -18.35
CA SER F 69 12.69 28.53 -16.95
C SER F 69 13.17 29.84 -16.39
N VAL F 70 12.34 30.87 -16.53
CA VAL F 70 12.66 32.16 -15.91
C VAL F 70 11.98 32.24 -14.54
N GLU F 71 12.76 32.53 -13.51
CA GLU F 71 12.27 32.37 -12.15
C GLU F 71 12.03 33.67 -11.42
N HIS F 72 12.99 34.57 -11.55
CA HIS F 72 12.92 35.86 -10.88
C HIS F 72 11.58 36.53 -11.17
N PRO F 73 10.90 37.05 -10.13
CA PRO F 73 9.58 37.66 -10.26
C PRO F 73 9.54 38.93 -11.15
N ALA F 74 10.48 39.86 -11.00
CA ALA F 74 10.53 41.00 -11.92
C ALA F 74 10.45 40.51 -13.35
N ALA F 75 11.44 39.73 -13.77
CA ALA F 75 11.50 39.20 -15.15
C ALA F 75 10.25 38.43 -15.56
N LYS F 76 9.67 37.68 -14.65
CA LYS F 76 8.42 36.98 -14.93
C LYS F 76 7.39 37.91 -15.54
N MET F 77 7.56 39.21 -15.29
CA MET F 77 6.60 40.20 -15.72
C MET F 77 6.92 40.96 -17.00
N LEU F 78 8.18 40.96 -17.45
CA LEU F 78 8.45 41.45 -18.78
C LEU F 78 8.00 40.39 -19.75
N ILE F 79 7.93 39.15 -19.27
CA ILE F 79 7.50 38.07 -20.11
C ILE F 79 6.02 38.22 -20.34
N GLU F 80 5.37 38.98 -19.46
CA GLU F 80 3.97 39.34 -19.62
C GLU F 80 3.76 40.14 -20.90
N VAL F 81 4.63 41.13 -21.10
CA VAL F 81 4.58 42.03 -22.24
C VAL F 81 4.70 41.30 -23.55
N ALA F 82 5.67 40.39 -23.64
CA ALA F 82 5.85 39.58 -24.85
C ALA F 82 4.66 38.65 -25.06
N LYS F 83 4.08 38.19 -23.97
CA LYS F 83 3.05 37.15 -24.04
C LYS F 83 1.74 37.72 -24.58
N THR F 84 1.55 39.02 -24.39
CA THR F 84 0.34 39.68 -24.85
C THR F 84 0.59 40.40 -26.16
N GLN F 85 1.84 40.66 -26.46
CA GLN F 85 2.12 41.19 -27.78
C GLN F 85 1.74 40.10 -28.77
N GLU F 86 2.24 38.89 -28.57
CA GLU F 86 1.92 37.77 -29.46
C GLU F 86 0.42 37.60 -29.53
N LYS F 87 -0.27 37.87 -28.43
CA LYS F 87 -1.71 37.63 -28.33
C LYS F 87 -2.50 38.63 -29.17
N GLU F 88 -2.00 39.86 -29.21
CA GLU F 88 -2.74 40.95 -29.84
C GLU F 88 -2.17 41.40 -31.18
N VAL F 89 -1.11 40.76 -31.63
CA VAL F 89 -0.49 41.12 -32.91
C VAL F 89 0.07 39.87 -33.61
N GLY F 90 1.26 39.42 -33.21
CA GLY F 90 1.78 38.16 -33.70
C GLY F 90 3.25 38.33 -33.95
N ASP F 91 3.61 39.52 -34.43
CA ASP F 91 5.01 39.86 -34.64
C ASP F 91 5.35 40.94 -33.62
N GLY F 92 6.63 41.26 -33.54
CA GLY F 92 7.11 42.33 -32.69
C GLY F 92 7.00 42.00 -31.23
N THR F 93 7.23 40.73 -30.90
CA THR F 93 7.28 40.30 -29.51
C THR F 93 8.65 40.66 -28.93
N THR F 94 9.71 40.37 -29.67
CA THR F 94 11.03 40.81 -29.24
C THR F 94 11.11 42.32 -29.02
N THR F 95 10.59 43.13 -29.94
CA THR F 95 10.73 44.58 -29.79
C THR F 95 9.97 45.17 -28.60
N ALA F 96 8.88 44.53 -28.20
CA ALA F 96 8.11 45.01 -27.07
C ALA F 96 8.87 44.80 -25.78
N VAL F 97 9.47 43.62 -25.68
CA VAL F 97 10.33 43.29 -24.55
C VAL F 97 11.60 44.13 -24.56
N VAL F 98 12.22 44.27 -25.72
CA VAL F 98 13.48 45.00 -25.85
C VAL F 98 13.36 46.47 -25.39
N VAL F 99 12.36 47.18 -25.90
CA VAL F 99 12.04 48.54 -25.44
C VAL F 99 11.74 48.58 -23.94
N ALA F 100 10.99 47.60 -23.45
CA ALA F 100 10.63 47.51 -22.04
C ALA F 100 11.87 47.47 -21.20
N GLY F 101 12.90 46.86 -21.75
CA GLY F 101 14.17 46.79 -21.06
C GLY F 101 14.82 48.16 -21.05
N GLU F 102 14.87 48.75 -22.22
CA GLU F 102 15.55 50.01 -22.39
C GLU F 102 14.85 51.17 -21.67
N LEU F 103 13.59 50.99 -21.30
CA LEU F 103 12.94 52.01 -20.48
C LEU F 103 13.41 51.86 -19.05
N LEU F 104 13.56 50.61 -18.61
CA LEU F 104 14.15 50.35 -17.31
C LEU F 104 15.59 50.85 -17.22
N ARG F 105 16.36 50.65 -18.29
CA ARG F 105 17.74 51.14 -18.28
C ARG F 105 17.75 52.65 -18.10
N LYS F 106 17.03 53.36 -18.95
CA LYS F 106 17.01 54.81 -18.84
C LYS F 106 16.34 55.25 -17.52
N ALA F 107 15.46 54.43 -16.98
CA ALA F 107 14.77 54.83 -15.78
C ALA F 107 15.71 54.97 -14.61
N GLU F 108 16.76 54.16 -14.52
CA GLU F 108 17.66 54.24 -13.37
C GLU F 108 18.70 55.37 -13.48
N GLU F 109 18.88 55.90 -14.68
CA GLU F 109 19.74 57.06 -14.84
C GLU F 109 19.12 58.25 -14.13
N LEU F 110 17.80 58.22 -13.98
CA LEU F 110 17.06 59.30 -13.31
C LEU F 110 16.91 58.99 -11.83
N LEU F 111 16.85 57.71 -11.49
CA LEU F 111 16.66 57.35 -10.11
C LEU F 111 17.96 57.60 -9.37
N ASP F 112 19.06 57.39 -10.08
CA ASP F 112 20.38 57.57 -9.50
C ASP F 112 20.73 59.03 -9.54
N GLN F 113 19.76 59.84 -9.96
CA GLN F 113 19.85 61.30 -9.89
C GLN F 113 18.80 61.82 -8.91
N ASN F 114 18.22 60.89 -8.16
CA ASN F 114 17.27 61.21 -7.08
C ASN F 114 15.95 61.79 -7.56
N VAL F 115 15.55 61.42 -8.77
CA VAL F 115 14.20 61.67 -9.24
C VAL F 115 13.30 60.64 -8.57
N HIS F 116 12.19 61.10 -8.01
CA HIS F 116 11.28 60.19 -7.33
C HIS F 116 10.73 59.20 -8.34
N PRO F 117 10.55 57.95 -7.93
CA PRO F 117 9.97 57.01 -8.88
C PRO F 117 8.65 57.52 -9.45
N THR F 118 7.80 58.10 -8.61
CA THR F 118 6.45 58.47 -9.07
C THR F 118 6.47 59.57 -10.10
N ILE F 119 7.57 60.31 -10.14
CA ILE F 119 7.76 61.36 -11.13
C ILE F 119 8.21 60.77 -12.44
N VAL F 120 9.09 59.78 -12.37
CA VAL F 120 9.52 59.06 -13.56
C VAL F 120 8.29 58.41 -14.19
N VAL F 121 7.52 57.69 -13.39
CA VAL F 121 6.38 56.96 -13.91
C VAL F 121 5.25 57.91 -14.37
N LYS F 122 5.25 59.13 -13.85
CA LYS F 122 4.32 60.13 -14.33
C LYS F 122 4.70 60.52 -15.75
N GLY F 123 5.97 60.84 -15.94
CA GLY F 123 6.47 61.32 -17.20
C GLY F 123 6.60 60.29 -18.30
N TYR F 124 6.78 59.03 -17.91
CA TYR F 124 6.75 57.92 -18.86
C TYR F 124 5.35 57.74 -19.37
N GLN F 125 4.38 57.82 -18.46
CA GLN F 125 2.98 57.72 -18.85
C GLN F 125 2.68 58.83 -19.84
N ALA F 126 3.07 60.06 -19.47
CA ALA F 126 2.85 61.22 -20.30
C ALA F 126 3.33 61.01 -21.72
N ALA F 127 4.48 60.35 -21.88
CA ALA F 127 5.11 60.20 -23.18
C ALA F 127 4.50 59.02 -23.92
N ALA F 128 4.11 58.01 -23.17
CA ALA F 128 3.40 56.88 -23.77
C ALA F 128 2.10 57.39 -24.37
N GLN F 129 1.48 58.33 -23.67
CA GLN F 129 0.23 58.92 -24.11
C GLN F 129 0.44 59.58 -25.45
N LYS F 130 1.44 60.46 -25.48
CA LYS F 130 1.77 61.24 -26.67
C LYS F 130 2.13 60.37 -27.86
N ALA F 131 3.01 59.42 -27.62
CA ALA F 131 3.51 58.59 -28.71
C ALA F 131 2.37 57.78 -29.32
N GLN F 132 1.26 57.66 -28.60
CA GLN F 132 0.12 56.90 -29.10
C GLN F 132 -0.65 57.66 -30.15
N GLU F 133 -0.82 58.96 -29.95
CA GLU F 133 -1.50 59.78 -30.94
C GLU F 133 -0.52 60.32 -31.98
N LEU F 134 0.76 60.31 -31.64
CA LEU F 134 1.83 60.67 -32.56
C LEU F 134 2.04 59.61 -33.63
N LEU F 135 1.62 58.40 -33.34
CA LEU F 135 1.71 57.32 -34.30
C LEU F 135 0.47 57.37 -35.16
N LYS F 136 -0.68 57.54 -34.51
CA LYS F 136 -1.95 57.60 -35.22
C LYS F 136 -1.79 58.44 -36.48
N THR F 137 -1.10 59.58 -36.35
CA THR F 137 -0.96 60.55 -37.44
C THR F 137 0.13 60.21 -38.48
N ILE F 138 1.12 59.41 -38.10
CA ILE F 138 2.19 59.12 -39.05
C ILE F 138 2.08 57.72 -39.62
N ALA F 139 0.87 57.18 -39.58
CA ALA F 139 0.58 55.87 -40.14
C ALA F 139 -0.19 55.98 -41.45
N CYS F 140 0.43 55.54 -42.54
CA CYS F 140 -0.20 55.57 -43.86
C CYS F 140 -1.48 54.71 -43.90
N GLU F 141 -2.46 55.10 -44.68
CA GLU F 141 -3.66 54.28 -44.85
C GLU F 141 -3.41 53.21 -45.92
N VAL F 142 -4.19 52.14 -45.88
CA VAL F 142 -4.07 51.07 -46.87
C VAL F 142 -5.42 50.38 -47.06
N GLY F 143 -5.62 49.84 -48.25
CA GLY F 143 -6.84 49.10 -48.55
C GLY F 143 -6.81 47.68 -48.02
N ALA F 144 -7.85 47.30 -47.29
CA ALA F 144 -7.96 45.96 -46.73
C ALA F 144 -7.73 44.86 -47.76
N GLN F 145 -7.76 45.22 -49.04
CA GLN F 145 -7.52 44.23 -50.10
C GLN F 145 -6.42 44.70 -51.05
N ASP F 146 -5.71 45.76 -50.68
CA ASP F 146 -4.52 46.16 -51.39
C ASP F 146 -3.55 44.97 -51.38
N LYS F 147 -3.87 43.95 -52.17
CA LYS F 147 -3.21 42.65 -52.10
C LYS F 147 -1.74 42.73 -52.46
N GLU F 148 -1.28 43.90 -52.83
CA GLU F 148 0.14 44.09 -53.13
C GLU F 148 0.88 44.49 -51.86
N ILE F 149 0.31 45.46 -51.16
CA ILE F 149 0.86 45.96 -49.91
C ILE F 149 0.78 44.90 -48.82
N LEU F 150 -0.35 44.21 -48.75
CA LEU F 150 -0.46 43.07 -47.84
C LEU F 150 0.71 42.10 -47.96
N THR F 151 1.29 42.00 -49.16
CA THR F 151 2.39 41.08 -49.40
C THR F 151 3.76 41.68 -49.10
N LYS F 152 3.83 43.00 -49.10
CA LYS F 152 5.04 43.65 -48.63
C LYS F 152 5.05 43.53 -47.11
N ILE F 153 3.86 43.50 -46.51
CA ILE F 153 3.77 43.38 -45.07
C ILE F 153 4.12 41.99 -44.60
N ALA F 154 3.59 40.97 -45.29
CA ALA F 154 3.87 39.57 -44.93
C ALA F 154 5.29 39.15 -45.30
N MET F 155 5.95 39.95 -46.12
CA MET F 155 7.30 39.66 -46.50
C MET F 155 8.26 40.34 -45.54
N THR F 156 7.85 41.47 -44.98
CA THR F 156 8.67 42.18 -44.02
C THR F 156 8.68 41.45 -42.70
N SER F 157 7.63 40.68 -42.46
CA SER F 157 7.52 39.88 -41.24
C SER F 157 8.42 38.65 -41.25
N ILE F 158 8.37 37.88 -42.33
CA ILE F 158 9.20 36.69 -42.49
C ILE F 158 10.70 36.98 -42.47
N THR F 159 11.15 37.99 -43.19
CA THR F 159 12.50 38.49 -42.97
C THR F 159 12.54 38.92 -41.50
N GLY F 160 13.73 39.07 -40.93
CA GLY F 160 13.81 39.38 -39.51
C GLY F 160 13.80 38.07 -38.71
N LYS F 161 13.18 37.06 -39.30
CA LYS F 161 13.45 35.65 -38.97
C LYS F 161 14.48 35.13 -39.97
N GLY F 162 15.30 36.03 -40.47
CA GLY F 162 16.27 35.71 -41.52
C GLY F 162 15.76 36.05 -42.90
N ALA F 163 16.58 36.77 -43.67
CA ALA F 163 16.22 37.11 -45.04
C ALA F 163 16.03 35.87 -45.91
N GLU F 164 16.59 34.74 -45.48
CA GLU F 164 16.58 33.53 -46.29
C GLU F 164 15.28 32.71 -46.19
N LYS F 165 14.40 33.07 -45.25
CA LYS F 165 13.10 32.45 -45.21
C LYS F 165 12.14 33.26 -46.06
N ALA F 166 12.58 34.45 -46.45
CA ALA F 166 11.73 35.42 -47.18
C ALA F 166 11.38 35.02 -48.62
N LYS F 167 11.16 33.73 -48.83
CA LYS F 167 10.75 33.22 -50.14
C LYS F 167 9.53 34.00 -50.66
N GLU F 168 9.65 34.56 -51.87
CA GLU F 168 8.62 35.42 -52.43
C GLU F 168 7.29 34.71 -52.55
N LYS F 169 7.31 33.50 -53.09
CA LYS F 169 6.07 32.78 -53.33
C LYS F 169 5.47 32.18 -52.06
N LEU F 170 6.06 32.51 -50.92
CA LEU F 170 5.53 32.10 -49.64
C LEU F 170 4.69 33.21 -49.03
N ALA F 171 5.19 34.44 -49.11
CA ALA F 171 4.40 35.59 -48.69
C ALA F 171 3.07 35.57 -49.42
N GLU F 172 3.13 35.44 -50.75
CA GLU F 172 1.94 35.43 -51.58
C GLU F 172 0.94 34.39 -51.09
N ILE F 173 1.41 33.19 -50.78
CA ILE F 173 0.51 32.13 -50.32
C ILE F 173 -0.28 32.59 -49.09
N ILE F 174 0.44 33.15 -48.12
CA ILE F 174 -0.11 33.59 -46.85
C ILE F 174 -1.17 34.67 -47.01
N VAL F 175 -0.82 35.74 -47.70
CA VAL F 175 -1.76 36.82 -47.99
C VAL F 175 -3.05 36.22 -48.50
N GLU F 176 -2.94 35.45 -49.56
CA GLU F 176 -4.10 34.82 -50.16
C GLU F 176 -4.91 34.07 -49.12
N ALA F 177 -4.18 33.34 -48.25
CA ALA F 177 -4.81 32.43 -47.30
C ALA F 177 -5.47 33.14 -46.12
N VAL F 178 -4.98 34.34 -45.78
CA VAL F 178 -5.60 35.15 -44.73
C VAL F 178 -6.76 35.91 -45.29
N SER F 179 -6.66 36.26 -46.56
CA SER F 179 -7.72 36.97 -47.27
C SER F 179 -8.95 36.09 -47.39
N ALA F 180 -8.74 34.80 -47.54
CA ALA F 180 -9.84 33.86 -47.65
C ALA F 180 -10.72 33.80 -46.37
N VAL F 181 -10.07 33.70 -45.21
CA VAL F 181 -10.79 33.44 -43.96
C VAL F 181 -11.37 34.67 -43.29
N VAL F 182 -11.43 35.78 -44.04
CA VAL F 182 -11.96 37.04 -43.49
C VAL F 182 -13.45 36.96 -43.22
N ASP F 183 -13.83 37.15 -41.96
CA ASP F 183 -15.25 37.07 -41.58
C ASP F 183 -15.99 38.42 -41.68
N ASP F 184 -16.54 38.68 -42.86
CA ASP F 184 -17.26 39.91 -43.18
C ASP F 184 -18.45 40.17 -42.26
N GLU F 185 -18.37 41.25 -41.47
CA GLU F 185 -17.15 42.03 -41.35
C GLU F 185 -16.69 42.02 -39.92
N GLY F 186 -15.39 42.19 -39.71
CA GLY F 186 -14.44 42.34 -40.81
C GLY F 186 -13.09 41.84 -40.35
N LYS F 187 -13.11 40.85 -39.46
CA LYS F 187 -11.93 40.42 -38.72
C LYS F 187 -11.35 39.12 -39.23
N VAL F 188 -10.11 38.85 -38.86
CA VAL F 188 -9.47 37.61 -39.24
C VAL F 188 -9.37 36.67 -38.05
N ASP F 189 -9.97 35.48 -38.15
CA ASP F 189 -9.82 34.47 -37.12
C ASP F 189 -8.55 33.68 -37.37
N LYS F 190 -7.47 34.02 -36.65
CA LYS F 190 -6.17 33.39 -36.85
C LYS F 190 -6.23 31.85 -36.72
N ASP F 191 -7.37 31.36 -36.24
CA ASP F 191 -7.62 29.93 -36.03
C ASP F 191 -8.41 29.26 -37.17
N LEU F 192 -8.81 30.05 -38.16
CA LEU F 192 -9.54 29.51 -39.30
C LEU F 192 -8.58 29.03 -40.35
N ILE F 193 -7.32 29.43 -40.20
CA ILE F 193 -6.23 28.98 -41.05
C ILE F 193 -5.49 27.85 -40.33
N LYS F 194 -5.78 26.61 -40.73
CA LYS F 194 -5.13 25.43 -40.15
C LYS F 194 -3.74 25.29 -40.72
N ILE F 195 -2.78 25.07 -39.84
CA ILE F 195 -1.39 24.95 -40.24
C ILE F 195 -0.94 23.52 -40.02
N GLU F 196 -0.60 22.81 -41.09
CA GLU F 196 -0.15 21.43 -40.98
C GLU F 196 1.33 21.28 -41.38
N LYS F 197 2.08 20.43 -40.66
CA LYS F 197 3.50 20.25 -40.95
C LYS F 197 3.85 18.80 -41.32
N LYS F 198 4.37 18.60 -42.53
CA LYS F 198 4.75 17.26 -42.99
C LYS F 198 6.04 17.30 -43.81
N SER F 199 6.99 16.40 -43.53
CA SER F 199 8.40 16.54 -43.97
C SER F 199 8.67 16.84 -45.46
N GLY F 200 8.78 15.83 -46.33
CA GLY F 200 9.08 16.08 -47.74
C GLY F 200 10.47 16.68 -47.97
N ALA F 201 10.90 16.80 -49.23
CA ALA F 201 12.22 17.41 -49.52
C ALA F 201 12.10 18.90 -49.88
N SER F 202 11.61 19.71 -48.95
CA SER F 202 10.83 20.85 -49.37
C SER F 202 11.29 22.29 -49.07
N ILE F 203 10.73 22.83 -47.98
CA ILE F 203 10.46 24.28 -47.77
C ILE F 203 9.76 25.02 -48.92
N ASP F 204 10.20 24.75 -50.14
CA ASP F 204 9.60 25.35 -51.32
C ASP F 204 8.29 24.67 -51.69
N ASP F 205 8.14 23.43 -51.23
CA ASP F 205 6.96 22.64 -51.50
C ASP F 205 5.80 23.03 -50.62
N THR F 206 6.00 23.94 -49.67
CA THR F 206 4.85 24.36 -48.87
C THR F 206 3.84 25.00 -49.81
N GLU F 207 2.57 24.69 -49.58
CA GLU F 207 1.50 25.09 -50.49
C GLU F 207 0.23 25.44 -49.74
N LEU F 208 -0.64 26.17 -50.44
CA LEU F 208 -1.94 26.48 -49.92
C LEU F 208 -2.91 25.36 -50.30
N ILE F 209 -3.62 24.84 -49.31
CA ILE F 209 -4.70 23.92 -49.56
C ILE F 209 -6.00 24.58 -49.14
N LYS F 210 -6.86 24.87 -50.12
CA LYS F 210 -8.15 25.48 -49.85
C LYS F 210 -9.15 24.42 -49.42
N GLY F 211 -9.03 23.96 -48.18
CA GLY F 211 -9.91 22.93 -47.66
C GLY F 211 -9.42 22.46 -46.32
N VAL F 212 -9.50 21.15 -46.08
CA VAL F 212 -9.04 20.60 -44.81
C VAL F 212 -8.17 19.33 -44.96
N LEU F 213 -7.17 19.19 -44.09
CA LEU F 213 -6.38 17.97 -44.03
C LEU F 213 -6.83 17.18 -42.81
N VAL F 214 -7.24 15.93 -43.02
CA VAL F 214 -7.74 15.11 -41.94
C VAL F 214 -6.81 13.93 -41.67
N ASP F 215 -6.39 13.79 -40.41
CA ASP F 215 -5.47 12.72 -40.03
C ASP F 215 -6.24 11.44 -39.70
N LYS F 216 -7.09 11.02 -40.65
CA LYS F 216 -7.79 9.74 -40.56
C LYS F 216 -7.62 9.00 -41.89
N GLU F 217 -8.21 7.81 -42.01
CA GLU F 217 -8.20 7.06 -43.25
C GLU F 217 -9.52 6.32 -43.49
N ARG F 218 -9.90 6.15 -44.79
CA ARG F 218 -11.16 5.49 -45.10
C ARG F 218 -11.32 4.30 -44.19
N VAL F 219 -12.43 4.23 -43.49
CA VAL F 219 -12.71 3.22 -42.47
C VAL F 219 -12.80 1.77 -42.99
N SER F 220 -13.21 1.61 -44.25
CA SER F 220 -13.24 0.32 -44.93
C SER F 220 -12.30 0.37 -46.15
N ALA F 221 -11.40 -0.61 -46.28
CA ALA F 221 -10.41 -0.63 -47.37
C ALA F 221 -11.08 -0.80 -48.73
N GLN F 222 -12.35 -1.24 -48.70
CA GLN F 222 -13.13 -1.50 -49.90
C GLN F 222 -13.73 -0.22 -50.51
N MET F 223 -13.71 0.86 -49.74
CA MET F 223 -14.24 2.15 -50.18
C MET F 223 -13.37 2.78 -51.27
N PRO F 224 -13.94 3.74 -52.02
CA PRO F 224 -13.12 4.51 -52.97
C PRO F 224 -11.95 5.20 -52.26
N LYS F 225 -10.83 5.35 -52.98
CA LYS F 225 -9.71 6.08 -52.44
C LYS F 225 -9.44 7.35 -53.24
N LYS F 226 -10.40 7.70 -54.08
CA LYS F 226 -10.50 9.03 -54.67
C LYS F 226 -11.93 9.30 -55.15
N VAL F 227 -12.39 10.53 -54.92
CA VAL F 227 -13.68 11.02 -55.43
C VAL F 227 -13.45 12.44 -55.93
N THR F 228 -13.99 12.79 -57.10
CA THR F 228 -13.88 14.19 -57.56
C THR F 228 -15.25 14.89 -57.51
N ASP F 229 -15.25 16.22 -57.36
CA ASP F 229 -16.47 17.03 -57.22
C ASP F 229 -17.47 16.43 -56.21
N ALA F 230 -16.92 15.86 -55.14
CA ALA F 230 -17.68 15.10 -54.15
C ALA F 230 -18.69 15.97 -53.37
N LYS F 231 -19.72 15.30 -52.85
CA LYS F 231 -20.68 15.94 -51.94
C LYS F 231 -20.60 15.36 -50.53
N ILE F 232 -20.28 16.21 -49.55
CA ILE F 232 -19.84 15.74 -48.23
C ILE F 232 -20.88 15.84 -47.09
N ALA F 233 -21.14 14.71 -46.45
CA ALA F 233 -22.07 14.64 -45.31
C ALA F 233 -21.33 14.46 -43.98
N LEU F 234 -21.39 15.47 -43.13
CA LEU F 234 -20.75 15.44 -41.81
C LEU F 234 -21.73 15.00 -40.71
N LEU F 235 -21.42 13.86 -40.07
CA LEU F 235 -22.29 13.32 -39.02
C LEU F 235 -21.78 13.51 -37.59
N ASN F 236 -22.50 14.34 -36.83
CA ASN F 236 -22.28 14.47 -35.39
C ASN F 236 -22.90 13.27 -34.65
N CYS F 237 -23.60 12.41 -35.38
CA CYS F 237 -24.29 11.22 -34.83
C CYS F 237 -23.37 9.99 -34.80
N ALA F 238 -23.88 8.89 -34.25
CA ALA F 238 -23.17 7.60 -34.22
C ALA F 238 -23.96 6.52 -34.96
N ILE F 239 -23.42 6.08 -36.09
CA ILE F 239 -24.06 5.08 -36.94
C ILE F 239 -23.90 3.71 -36.33
N GLU F 240 -24.83 3.32 -35.46
CA GLU F 240 -24.70 2.04 -34.79
C GLU F 240 -24.99 0.83 -35.69
N GLU F 241 -24.76 -0.36 -35.15
CA GLU F 241 -25.35 -1.59 -35.67
C GLU F 241 -25.51 -2.65 -34.56
N THR F 242 -25.87 -3.86 -34.99
CA THR F 242 -26.11 -5.00 -34.10
C THR F 242 -25.79 -6.39 -34.74
N ALA F 243 -26.77 -6.99 -35.43
CA ALA F 243 -26.58 -8.31 -36.06
C ALA F 243 -27.80 -8.69 -36.90
N SER F 244 -28.57 -7.66 -37.29
CA SER F 244 -29.83 -7.81 -38.02
C SER F 244 -30.05 -6.68 -39.01
N GLU F 245 -28.98 -6.15 -39.59
CA GLU F 245 -29.11 -5.05 -40.56
C GLU F 245 -30.13 -3.95 -40.22
N MET F 246 -30.14 -3.48 -38.97
CA MET F 246 -30.89 -2.28 -38.59
C MET F 246 -30.17 -1.06 -39.19
N LEU F 247 -29.30 -1.34 -40.18
CA LEU F 247 -28.33 -0.34 -40.63
C LEU F 247 -28.40 -0.04 -42.13
N LYS F 248 -29.17 -0.82 -42.87
CA LYS F 248 -29.47 -0.52 -44.27
C LYS F 248 -30.37 0.71 -44.34
N ASP F 249 -31.03 0.98 -43.22
CA ASP F 249 -31.83 2.18 -42.96
C ASP F 249 -30.92 3.43 -42.93
N MET F 250 -30.08 3.50 -41.89
CA MET F 250 -29.09 4.57 -41.73
C MET F 250 -28.18 4.75 -42.96
N VAL F 251 -27.80 3.64 -43.59
CA VAL F 251 -26.87 3.63 -44.73
C VAL F 251 -27.49 4.09 -46.05
N ALA F 252 -28.81 3.89 -46.19
CA ALA F 252 -29.53 4.26 -47.40
C ALA F 252 -30.28 5.60 -47.26
N GLU F 253 -30.36 6.11 -46.03
CA GLU F 253 -30.88 7.46 -45.76
C GLU F 253 -29.82 8.52 -46.12
N ILE F 254 -28.55 8.10 -46.06
CA ILE F 254 -27.39 8.92 -46.43
C ILE F 254 -27.18 8.94 -47.95
N LYS F 255 -27.44 7.80 -48.60
CA LYS F 255 -27.37 7.72 -50.06
C LYS F 255 -28.58 8.43 -50.66
N ALA F 256 -29.55 8.71 -49.79
CA ALA F 256 -30.76 9.42 -50.16
C ALA F 256 -30.53 10.92 -50.39
N SER F 257 -29.56 11.50 -49.68
CA SER F 257 -29.21 12.92 -49.86
C SER F 257 -28.23 13.19 -51.02
N GLY F 258 -27.57 12.13 -51.50
CA GLY F 258 -26.64 12.22 -52.61
C GLY F 258 -25.17 12.33 -52.23
N ALA F 259 -24.84 11.87 -51.01
CA ALA F 259 -23.50 12.01 -50.43
C ALA F 259 -22.56 10.81 -50.67
N ASN F 260 -21.48 11.06 -51.42
CA ASN F 260 -20.49 10.03 -51.75
C ASN F 260 -19.27 10.09 -50.82
N VAL F 261 -19.38 10.90 -49.77
CA VAL F 261 -18.34 11.07 -48.75
C VAL F 261 -19.00 11.39 -47.40
N LEU F 262 -18.50 10.78 -46.34
CA LEU F 262 -19.08 10.96 -45.01
C LEU F 262 -18.02 10.97 -43.91
N PHE F 263 -18.02 12.05 -43.11
CA PHE F 263 -17.12 12.18 -41.97
C PHE F 263 -17.90 12.07 -40.64
N CYS F 264 -17.67 10.99 -39.90
CA CYS F 264 -18.40 10.76 -38.64
C CYS F 264 -17.51 11.02 -37.44
N GLN F 265 -18.02 11.78 -36.46
CA GLN F 265 -17.28 12.11 -35.23
C GLN F 265 -17.29 10.95 -34.23
N LYS F 266 -18.40 10.21 -34.20
CA LYS F 266 -18.54 9.07 -33.31
C LYS F 266 -18.15 7.78 -34.04
N GLY F 267 -18.64 6.65 -33.56
CA GLY F 267 -18.27 5.36 -34.12
C GLY F 267 -19.18 4.89 -35.25
N ILE F 268 -18.59 4.17 -36.20
CA ILE F 268 -19.35 3.54 -37.27
C ILE F 268 -19.21 2.03 -37.13
N ASP F 269 -20.28 1.38 -36.71
CA ASP F 269 -20.27 -0.06 -36.46
C ASP F 269 -19.85 -0.84 -37.70
N ASP F 270 -19.42 -2.08 -37.50
CA ASP F 270 -18.83 -2.90 -38.57
C ASP F 270 -19.82 -3.36 -39.66
N LEU F 271 -21.12 -3.36 -39.32
CA LEU F 271 -22.17 -3.65 -40.31
C LEU F 271 -22.44 -2.46 -41.24
N ALA F 272 -22.47 -1.26 -40.66
CA ALA F 272 -22.67 -0.02 -41.42
C ALA F 272 -21.37 0.49 -42.07
N GLN F 273 -20.30 -0.31 -41.99
CA GLN F 273 -19.04 -0.07 -42.70
C GLN F 273 -19.04 -0.84 -44.01
N HIS F 274 -19.73 -1.98 -44.03
CA HIS F 274 -19.82 -2.81 -45.22
C HIS F 274 -20.88 -2.28 -46.20
N TYR F 275 -21.95 -1.70 -45.65
CA TYR F 275 -23.07 -1.18 -46.44
C TYR F 275 -22.72 0.14 -47.16
N LEU F 276 -21.73 0.85 -46.60
CA LEU F 276 -21.18 2.07 -47.18
C LEU F 276 -20.19 1.75 -48.30
N ALA F 277 -19.25 0.86 -48.01
CA ALA F 277 -18.30 0.36 -49.01
C ALA F 277 -19.06 -0.16 -50.23
N LYS F 278 -20.19 -0.82 -49.97
CA LYS F 278 -21.04 -1.43 -50.99
C LYS F 278 -21.74 -0.37 -51.87
N GLU F 279 -21.97 0.81 -51.31
CA GLU F 279 -22.70 1.90 -51.99
C GLU F 279 -21.80 2.81 -52.82
N GLY F 280 -20.51 2.87 -52.47
CA GLY F 280 -19.56 3.74 -53.14
C GLY F 280 -19.24 5.01 -52.35
N ILE F 281 -19.75 5.05 -51.12
CA ILE F 281 -19.56 6.18 -50.21
C ILE F 281 -18.31 5.99 -49.34
N VAL F 282 -17.40 6.97 -49.37
CA VAL F 282 -16.23 6.92 -48.50
C VAL F 282 -16.57 7.52 -47.12
N ALA F 283 -15.99 6.96 -46.07
CA ALA F 283 -16.29 7.39 -44.70
C ALA F 283 -15.12 7.23 -43.74
N ALA F 284 -15.06 8.13 -42.76
CA ALA F 284 -14.05 8.05 -41.69
C ALA F 284 -14.74 8.21 -40.33
N ARG F 285 -14.40 7.32 -39.39
CA ARG F 285 -15.02 7.31 -38.06
C ARG F 285 -14.13 7.98 -37.04
N ARG F 286 -14.74 8.55 -36.00
CA ARG F 286 -14.00 9.18 -34.89
C ARG F 286 -13.02 10.28 -35.33
N VAL F 287 -13.52 11.22 -36.12
CA VAL F 287 -12.73 12.39 -36.51
C VAL F 287 -12.77 13.42 -35.38
N LYS F 288 -11.63 14.03 -35.09
CA LYS F 288 -11.55 15.07 -34.07
C LYS F 288 -12.73 16.03 -34.21
N LYS F 289 -13.29 16.45 -33.07
CA LYS F 289 -14.37 17.43 -33.07
C LYS F 289 -13.90 18.73 -33.74
N SER F 290 -12.65 19.10 -33.48
CA SER F 290 -12.01 20.26 -34.12
C SER F 290 -11.94 20.11 -35.64
N ASP F 291 -11.72 18.87 -36.12
CA ASP F 291 -11.66 18.56 -37.54
C ASP F 291 -13.05 18.54 -38.17
N MET F 292 -14.06 18.56 -37.32
CA MET F 292 -15.44 18.51 -37.79
C MET F 292 -15.95 19.92 -38.11
N GLU F 293 -15.54 20.89 -37.29
CA GLU F 293 -15.86 22.29 -37.51
C GLU F 293 -15.04 22.86 -38.66
N LYS F 294 -13.80 22.40 -38.77
CA LYS F 294 -12.92 22.75 -39.88
C LYS F 294 -13.60 22.37 -41.21
N LEU F 295 -14.20 21.18 -41.22
CA LEU F 295 -14.91 20.65 -42.39
C LEU F 295 -16.27 21.33 -42.58
N ALA F 296 -16.93 21.63 -41.46
CA ALA F 296 -18.19 22.36 -41.52
C ALA F 296 -18.03 23.65 -42.33
N LYS F 297 -16.98 24.41 -42.04
CA LYS F 297 -16.81 25.73 -42.63
C LYS F 297 -16.18 25.75 -44.04
N ALA F 298 -15.16 24.92 -44.26
CA ALA F 298 -14.35 24.97 -45.49
C ALA F 298 -15.07 24.48 -46.76
N THR F 299 -15.91 23.47 -46.59
CA THR F 299 -16.65 22.90 -47.71
C THR F 299 -17.96 23.66 -47.96
N GLY F 300 -18.56 24.14 -46.88
CA GLY F 300 -19.89 24.72 -46.90
C GLY F 300 -20.93 23.69 -46.48
N ALA F 301 -20.59 22.87 -45.47
CA ALA F 301 -21.44 21.75 -45.02
C ALA F 301 -22.24 22.08 -43.75
N ASN F 302 -22.83 21.05 -43.13
CA ASN F 302 -23.64 21.23 -41.93
C ASN F 302 -23.49 20.04 -40.97
N VAL F 303 -23.22 20.32 -39.70
CA VAL F 303 -23.06 19.28 -38.67
C VAL F 303 -24.40 18.74 -38.17
N ILE F 304 -24.78 17.55 -38.66
CA ILE F 304 -26.08 16.94 -38.34
C ILE F 304 -25.97 15.88 -37.21
N THR F 305 -26.78 16.05 -36.17
CA THR F 305 -26.86 15.12 -35.02
C THR F 305 -27.91 14.02 -35.27
N ASN F 306 -28.98 14.37 -35.97
CA ASN F 306 -30.04 13.42 -36.33
C ASN F 306 -29.89 12.91 -37.77
N ILE F 307 -29.52 11.64 -37.93
CA ILE F 307 -29.28 11.04 -39.24
C ILE F 307 -30.53 11.05 -40.13
N LYS F 308 -31.70 11.09 -39.49
CA LYS F 308 -33.00 11.20 -40.19
C LYS F 308 -33.15 12.58 -40.83
N ASP F 309 -32.75 13.61 -40.09
CA ASP F 309 -32.88 15.00 -40.54
C ASP F 309 -31.73 15.39 -41.48
N LEU F 310 -31.11 14.39 -42.10
CA LEU F 310 -30.06 14.66 -43.07
C LEU F 310 -30.67 15.14 -44.39
N SER F 311 -30.82 16.46 -44.52
CA SER F 311 -31.31 17.07 -45.75
C SER F 311 -30.27 16.89 -46.87
N ALA F 312 -30.66 17.24 -48.09
CA ALA F 312 -29.77 17.14 -49.25
C ALA F 312 -28.99 18.45 -49.49
N GLN F 313 -29.17 19.41 -48.58
CA GLN F 313 -28.42 20.68 -48.60
C GLN F 313 -27.52 20.87 -47.36
N ASP F 314 -27.43 19.83 -46.52
CA ASP F 314 -26.49 19.81 -45.38
C ASP F 314 -25.14 19.21 -45.81
N LEU F 315 -24.98 19.06 -47.13
CA LEU F 315 -23.75 18.52 -47.72
C LEU F 315 -22.86 19.64 -48.22
N GLY F 316 -21.57 19.52 -47.93
CA GLY F 316 -20.60 20.49 -48.42
C GLY F 316 -20.21 20.22 -49.87
N ASP F 317 -19.16 20.90 -50.33
CA ASP F 317 -18.66 20.69 -51.69
C ASP F 317 -17.14 20.94 -51.81
N ALA F 318 -16.42 19.88 -52.15
CA ALA F 318 -14.99 19.96 -52.45
C ALA F 318 -14.71 19.29 -53.79
N GLY F 319 -13.89 19.96 -54.61
CA GLY F 319 -13.53 19.45 -55.94
C GLY F 319 -12.56 18.27 -55.96
N LEU F 320 -12.32 17.66 -54.79
CA LEU F 320 -11.49 16.45 -54.65
C LEU F 320 -11.50 16.00 -53.19
N VAL F 321 -11.77 14.73 -52.96
CA VAL F 321 -11.55 14.11 -51.64
C VAL F 321 -10.71 12.84 -51.84
N GLU F 322 -9.46 12.85 -51.36
CA GLU F 322 -8.54 11.76 -51.64
C GLU F 322 -7.69 11.32 -50.44
N GLU F 323 -7.47 10.01 -50.34
CA GLU F 323 -6.54 9.46 -49.37
C GLU F 323 -5.16 9.36 -50.02
N ARG F 324 -4.21 10.13 -49.51
CA ARG F 324 -2.83 10.09 -49.96
C ARG F 324 -1.90 9.64 -48.84
N LYS F 325 -0.75 9.08 -49.23
CA LYS F 325 0.35 8.96 -48.30
C LYS F 325 1.30 10.12 -48.57
N ILE F 326 1.44 10.99 -47.58
CA ILE F 326 2.33 12.14 -47.67
C ILE F 326 3.29 12.14 -46.48
N SER F 327 4.57 11.93 -46.76
CA SER F 327 5.60 11.82 -45.72
C SER F 327 5.39 10.58 -44.85
N GLY F 328 5.00 9.47 -45.49
CA GLY F 328 4.82 8.21 -44.79
C GLY F 328 3.39 7.97 -44.35
N ASP F 329 2.88 8.86 -43.50
CA ASP F 329 1.51 8.79 -42.97
C ASP F 329 0.48 8.96 -44.09
N SER F 330 -0.66 8.28 -43.98
CA SER F 330 -1.72 8.39 -44.97
C SER F 330 -2.92 9.20 -44.45
N MET F 331 -3.22 10.32 -45.11
CA MET F 331 -4.30 11.22 -44.71
C MET F 331 -5.34 11.48 -45.80
N ILE F 332 -6.50 12.01 -45.38
CA ILE F 332 -7.61 12.30 -46.28
C ILE F 332 -7.69 13.79 -46.66
N PHE F 333 -7.21 14.10 -47.86
CA PHE F 333 -7.20 15.47 -48.35
C PHE F 333 -8.59 15.84 -48.87
N VAL F 334 -9.11 16.98 -48.41
CA VAL F 334 -10.40 17.49 -48.87
C VAL F 334 -10.19 18.84 -49.55
N GLU F 335 -9.40 18.81 -50.63
CA GLU F 335 -8.85 20.02 -51.21
C GLU F 335 -9.72 20.69 -52.27
N GLU F 336 -9.16 21.69 -52.93
CA GLU F 336 -9.80 22.38 -54.05
C GLU F 336 -11.28 22.70 -53.81
N CYS F 337 -11.58 23.30 -52.64
CA CYS F 337 -12.96 23.72 -52.33
C CYS F 337 -13.34 24.99 -53.10
N LYS F 338 -14.63 25.32 -53.05
CA LYS F 338 -15.17 26.44 -53.79
C LYS F 338 -15.09 27.75 -53.01
N HIS F 339 -15.78 27.81 -51.88
CA HIS F 339 -15.83 29.02 -51.05
C HIS F 339 -15.37 28.72 -49.62
N PRO F 340 -14.05 28.63 -49.42
CA PRO F 340 -13.47 28.25 -48.12
C PRO F 340 -13.61 29.36 -47.08
N LYS F 341 -14.17 28.98 -45.94
CA LYS F 341 -14.15 29.81 -44.74
C LYS F 341 -13.21 29.15 -43.73
N ALA F 342 -12.55 28.10 -44.22
CA ALA F 342 -11.38 27.51 -43.56
C ALA F 342 -10.37 27.15 -44.63
N VAL F 343 -9.10 27.22 -44.28
CA VAL F 343 -8.03 27.01 -45.23
C VAL F 343 -6.88 26.33 -44.52
N THR F 344 -6.08 25.56 -45.28
CA THR F 344 -4.93 24.87 -44.69
C THR F 344 -3.63 25.30 -45.33
N MET F 345 -2.69 25.68 -44.49
CA MET F 345 -1.33 25.93 -44.93
C MET F 345 -0.54 24.66 -44.75
N LEU F 346 -0.17 24.04 -45.85
CA LEU F 346 0.66 22.85 -45.73
C LEU F 346 2.12 23.28 -45.73
N ILE F 347 2.75 23.22 -44.58
CA ILE F 347 4.14 23.59 -44.51
C ILE F 347 4.99 22.33 -44.70
N ARG F 348 6.12 22.48 -45.39
CA ARG F 348 7.03 21.36 -45.62
C ARG F 348 8.50 21.76 -45.58
N GLY F 349 9.37 20.85 -45.19
CA GLY F 349 10.79 21.11 -45.11
C GLY F 349 11.52 19.82 -44.80
N THR F 350 12.81 19.74 -45.12
CA THR F 350 13.51 18.46 -44.96
C THR F 350 13.44 17.80 -43.57
N THR F 351 13.95 18.49 -42.54
CA THR F 351 13.89 17.96 -41.17
C THR F 351 12.75 18.60 -40.36
N GLU F 352 12.62 18.18 -39.10
CA GLU F 352 11.46 18.55 -38.29
C GLU F 352 11.53 19.94 -37.71
N HIS F 353 12.68 20.32 -37.14
CA HIS F 353 12.81 21.66 -36.56
C HIS F 353 12.99 22.73 -37.63
N VAL F 354 13.39 22.29 -38.82
CA VAL F 354 13.44 23.15 -40.00
C VAL F 354 12.01 23.52 -40.36
N ILE F 355 11.14 22.52 -40.40
CA ILE F 355 9.73 22.72 -40.62
C ILE F 355 9.09 23.58 -39.53
N GLU F 356 9.47 23.33 -38.28
CA GLU F 356 8.79 23.91 -37.12
C GLU F 356 9.03 25.41 -37.01
N GLU F 357 10.19 25.87 -37.51
CA GLU F 357 10.52 27.29 -37.47
C GLU F 357 10.02 28.04 -38.70
N VAL F 358 9.88 27.35 -39.82
CA VAL F 358 9.23 27.96 -40.98
C VAL F 358 7.78 28.23 -40.60
N ALA F 359 7.27 27.40 -39.69
CA ALA F 359 5.88 27.48 -39.26
C ALA F 359 5.65 28.67 -38.34
N ARG F 360 6.59 28.91 -37.42
CA ARG F 360 6.53 30.05 -36.51
C ARG F 360 6.67 31.33 -37.31
N ALA F 361 7.31 31.24 -38.47
CA ALA F 361 7.46 32.40 -39.33
C ALA F 361 6.11 32.68 -39.98
N VAL F 362 5.43 31.62 -40.40
CA VAL F 362 4.13 31.74 -41.05
C VAL F 362 3.09 32.30 -40.10
N ASP F 363 3.23 32.02 -38.81
CA ASP F 363 2.28 32.51 -37.81
C ASP F 363 2.41 34.00 -37.61
N ASP F 364 3.63 34.49 -37.80
CA ASP F 364 3.93 35.89 -37.58
C ASP F 364 3.39 36.67 -38.77
N ALA F 365 3.61 36.11 -39.95
CA ALA F 365 3.04 36.66 -41.18
C ALA F 365 1.54 36.77 -41.04
N VAL F 366 0.86 35.63 -40.87
CA VAL F 366 -0.59 35.57 -40.71
C VAL F 366 -1.14 36.53 -39.65
N GLY F 367 -0.29 36.93 -38.72
CA GLY F 367 -0.69 37.91 -37.71
C GLY F 367 -0.70 39.32 -38.27
N VAL F 368 0.44 39.73 -38.81
CA VAL F 368 0.61 41.08 -39.32
C VAL F 368 -0.24 41.33 -40.56
N VAL F 369 -0.47 40.30 -41.35
CA VAL F 369 -1.41 40.41 -42.47
C VAL F 369 -2.84 40.60 -41.96
N GLY F 370 -3.27 39.72 -41.07
CA GLY F 370 -4.56 39.88 -40.42
C GLY F 370 -4.66 41.25 -39.78
N CYS F 371 -3.55 41.76 -39.30
CA CYS F 371 -3.55 43.04 -38.59
C CYS F 371 -3.77 44.23 -39.51
N THR F 372 -3.34 44.12 -40.76
CA THR F 372 -3.45 45.22 -41.70
C THR F 372 -4.88 45.30 -42.20
N ILE F 373 -5.35 44.18 -42.75
CA ILE F 373 -6.74 43.99 -43.10
C ILE F 373 -7.69 44.53 -42.02
N GLU F 374 -7.47 44.11 -40.77
CA GLU F 374 -8.30 44.56 -39.66
C GLU F 374 -8.16 46.07 -39.40
N ASP F 375 -6.93 46.52 -39.22
CA ASP F 375 -6.63 47.91 -38.88
C ASP F 375 -6.84 48.87 -40.04
N GLY F 376 -6.10 48.64 -41.11
CA GLY F 376 -6.11 49.53 -42.25
C GLY F 376 -4.95 50.52 -42.30
N ARG F 377 -4.29 50.75 -41.18
CA ARG F 377 -3.13 51.63 -41.16
C ARG F 377 -1.80 50.85 -40.99
N ILE F 378 -0.72 51.38 -41.56
CA ILE F 378 0.59 50.76 -41.43
C ILE F 378 1.70 51.81 -41.31
N VAL F 379 2.90 51.38 -40.91
CA VAL F 379 4.08 52.26 -40.83
C VAL F 379 5.30 51.62 -41.43
N SER F 380 6.42 52.34 -41.37
CA SER F 380 7.64 51.93 -42.07
C SER F 380 8.65 51.32 -41.12
N GLY F 381 9.08 50.11 -41.41
CA GLY F 381 9.99 49.36 -40.54
C GLY F 381 11.40 49.90 -40.52
N GLY F 382 12.36 49.03 -40.22
CA GLY F 382 13.77 49.39 -40.22
C GLY F 382 14.22 50.24 -39.05
N GLY F 383 13.31 50.40 -38.09
CA GLY F 383 13.57 51.27 -36.96
C GLY F 383 13.21 52.69 -37.34
N SER F 384 12.51 52.82 -38.46
CA SER F 384 12.16 54.11 -39.02
C SER F 384 11.24 54.92 -38.10
N THR F 385 10.03 54.45 -37.89
CA THR F 385 9.07 55.18 -37.08
C THR F 385 9.43 55.20 -35.60
N GLU F 386 10.60 54.69 -35.24
CA GLU F 386 11.05 54.83 -33.87
C GLU F 386 11.92 56.07 -33.75
N VAL F 387 12.73 56.30 -34.77
CA VAL F 387 13.52 57.52 -34.81
C VAL F 387 12.63 58.74 -35.02
N GLU F 388 11.63 58.60 -35.89
CA GLU F 388 10.61 59.62 -36.03
C GLU F 388 9.98 59.80 -34.65
N LEU F 389 9.26 58.76 -34.21
CA LEU F 389 8.53 58.82 -32.96
C LEU F 389 9.36 59.33 -31.79
N SER F 390 10.68 59.30 -31.92
CA SER F 390 11.55 59.64 -30.79
C SER F 390 11.95 61.10 -30.82
N MET F 391 12.13 61.65 -32.01
CA MET F 391 12.49 63.05 -32.10
C MET F 391 11.25 63.92 -31.82
N LYS F 392 10.09 63.50 -32.37
CA LYS F 392 8.85 64.19 -32.09
C LYS F 392 8.58 64.23 -30.58
N LEU F 393 8.72 63.08 -29.93
CA LEU F 393 8.62 62.99 -28.49
C LEU F 393 9.60 63.87 -27.77
N ARG F 394 10.74 64.13 -28.40
CA ARG F 394 11.79 64.86 -27.74
C ARG F 394 11.43 66.33 -27.67
N GLU F 395 10.78 66.82 -28.72
CA GLU F 395 10.33 68.20 -28.72
C GLU F 395 9.10 68.37 -27.83
N TYR F 396 8.17 67.42 -27.89
CA TYR F 396 7.01 67.46 -27.00
C TYR F 396 7.55 67.59 -25.59
N ALA F 397 8.80 67.19 -25.41
CA ALA F 397 9.45 67.11 -24.12
C ALA F 397 9.84 68.47 -23.55
N GLU F 398 10.11 69.42 -24.43
CA GLU F 398 10.51 70.74 -23.98
C GLU F 398 9.31 71.52 -23.48
N GLY F 399 8.16 71.28 -24.09
CA GLY F 399 6.91 71.91 -23.67
C GLY F 399 6.46 71.35 -22.34
N ILE F 400 7.39 70.81 -21.56
CA ILE F 400 7.10 70.23 -20.26
C ILE F 400 7.92 70.89 -19.17
N SER F 401 7.22 71.47 -18.19
CA SER F 401 7.88 72.09 -17.05
C SER F 401 7.97 71.10 -15.91
N GLY F 402 9.10 71.10 -15.21
CA GLY F 402 9.28 70.23 -14.06
C GLY F 402 10.26 69.12 -14.36
N ARG F 403 10.53 68.28 -13.37
CA ARG F 403 11.42 67.15 -13.58
C ARG F 403 10.86 66.19 -14.60
N GLU F 404 9.54 65.99 -14.54
CA GLU F 404 8.89 64.96 -15.35
C GLU F 404 9.34 65.10 -16.80
N GLN F 405 10.00 66.20 -17.09
CA GLN F 405 10.57 66.40 -18.40
C GLN F 405 11.68 65.38 -18.69
N LEU F 406 12.59 65.21 -17.73
CA LEU F 406 13.68 64.25 -17.86
C LEU F 406 13.16 62.90 -18.23
N ALA F 407 12.09 62.51 -17.55
CA ALA F 407 11.41 61.26 -17.82
C ALA F 407 11.09 61.18 -19.31
N VAL F 408 10.40 62.19 -19.80
CA VAL F 408 9.91 62.20 -21.18
C VAL F 408 11.03 62.13 -22.22
N ARG F 409 12.14 62.79 -21.96
CA ARG F 409 13.28 62.68 -22.88
C ARG F 409 13.84 61.27 -22.82
N ALA F 410 13.94 60.73 -21.61
CA ALA F 410 14.40 59.37 -21.43
C ALA F 410 13.50 58.40 -22.17
N PHE F 411 12.19 58.65 -22.15
CA PHE F 411 11.26 57.77 -22.84
C PHE F 411 11.49 57.90 -24.33
N ALA F 412 11.86 59.09 -24.75
CA ALA F 412 12.09 59.37 -26.14
C ALA F 412 13.38 58.69 -26.62
N ASP F 413 14.44 58.79 -25.81
CA ASP F 413 15.73 58.16 -26.10
C ASP F 413 15.64 56.65 -26.06
N ALA F 414 14.71 56.15 -25.25
CA ALA F 414 14.47 54.71 -25.11
C ALA F 414 14.17 54.10 -26.45
N LEU F 415 13.23 54.68 -27.20
CA LEU F 415 12.77 54.06 -28.44
C LEU F 415 13.88 53.86 -29.47
N GLU F 416 15.00 54.57 -29.30
CA GLU F 416 16.09 54.51 -30.28
C GLU F 416 16.85 53.22 -30.14
N VAL F 417 16.33 52.32 -29.30
CA VAL F 417 17.06 51.09 -29.00
C VAL F 417 16.85 50.12 -30.13
N ILE F 418 15.74 50.31 -30.85
CA ILE F 418 15.39 49.43 -31.95
C ILE F 418 16.22 49.70 -33.18
N PRO F 419 16.38 50.98 -33.53
CA PRO F 419 17.32 51.24 -34.61
C PRO F 419 18.71 50.80 -34.19
N ARG F 420 19.06 51.04 -32.93
CA ARG F 420 20.40 50.78 -32.43
C ARG F 420 20.75 49.31 -32.49
N THR F 421 19.93 48.47 -31.89
CA THR F 421 20.25 47.05 -31.90
C THR F 421 20.13 46.43 -33.29
N LEU F 422 19.25 46.98 -34.15
CA LEU F 422 19.18 46.44 -35.51
C LEU F 422 20.52 46.62 -36.22
N ALA F 423 21.19 47.75 -35.96
CA ALA F 423 22.51 48.03 -36.50
C ALA F 423 23.54 47.08 -35.94
N GLU F 424 23.50 46.90 -34.63
CA GLU F 424 24.49 46.08 -33.90
C GLU F 424 24.66 44.70 -34.51
N ASN F 425 23.56 43.97 -34.53
CA ASN F 425 23.51 42.62 -35.06
C ASN F 425 23.94 42.54 -36.51
N ALA F 426 23.65 43.57 -37.29
CA ALA F 426 24.08 43.58 -38.69
C ALA F 426 25.58 43.71 -38.75
N GLY F 427 26.14 44.29 -37.69
CA GLY F 427 27.57 44.44 -37.57
C GLY F 427 28.00 45.87 -37.74
N LEU F 428 27.06 46.71 -38.15
CA LEU F 428 27.41 48.09 -38.44
C LEU F 428 27.66 48.88 -37.16
N ASP F 429 28.21 50.08 -37.30
CA ASP F 429 28.52 50.96 -36.20
C ASP F 429 27.25 51.69 -35.74
N ALA F 430 26.68 51.18 -34.66
CA ALA F 430 25.39 51.66 -34.18
C ALA F 430 25.34 53.17 -34.04
N ILE F 431 26.42 53.74 -33.53
CA ILE F 431 26.39 55.14 -33.13
C ILE F 431 26.27 56.11 -34.32
N GLU F 432 27.04 55.84 -35.37
CA GLU F 432 27.05 56.66 -36.58
C GLU F 432 25.69 56.57 -37.22
N ILE F 433 25.35 55.34 -37.61
CA ILE F 433 24.10 55.05 -38.28
C ILE F 433 22.92 55.71 -37.60
N LEU F 434 22.99 55.84 -36.29
CA LEU F 434 21.93 56.48 -35.56
C LEU F 434 21.93 57.97 -35.85
N VAL F 435 23.11 58.55 -36.06
CA VAL F 435 23.17 59.97 -36.37
C VAL F 435 22.63 60.24 -37.77
N LYS F 436 23.05 59.44 -38.76
CA LYS F 436 22.57 59.60 -40.12
C LYS F 436 21.05 59.57 -40.14
N VAL F 437 20.49 58.49 -39.60
CA VAL F 437 19.05 58.32 -39.55
C VAL F 437 18.34 59.40 -38.72
N ARG F 438 19.06 60.08 -37.83
CA ARG F 438 18.46 61.13 -37.03
C ARG F 438 18.47 62.49 -37.72
N ALA F 439 19.42 62.68 -38.63
CA ALA F 439 19.47 63.89 -39.47
C ALA F 439 18.38 63.85 -40.55
N ALA F 440 18.21 62.68 -41.15
CA ALA F 440 17.23 62.48 -42.20
C ALA F 440 15.79 62.57 -41.71
N HIS F 441 15.60 62.93 -40.44
CA HIS F 441 14.25 63.11 -39.88
C HIS F 441 13.98 64.53 -39.40
N ALA F 442 14.84 65.46 -39.80
CA ALA F 442 14.84 66.80 -39.23
C ALA F 442 13.70 67.70 -39.72
N SER F 443 12.47 67.37 -39.34
CA SER F 443 11.26 68.15 -39.67
C SER F 443 10.86 68.14 -41.16
N ASN F 444 11.82 67.90 -42.04
CA ASN F 444 11.52 67.69 -43.46
C ASN F 444 10.98 66.28 -43.66
N GLY F 445 11.62 65.52 -44.54
CA GLY F 445 11.38 64.10 -44.61
C GLY F 445 12.20 63.46 -43.52
N ASN F 446 12.18 62.12 -43.44
CA ASN F 446 11.39 61.29 -44.34
C ASN F 446 10.19 60.59 -43.64
N LYS F 447 10.34 60.33 -42.33
CA LYS F 447 9.38 59.55 -41.49
C LYS F 447 9.42 58.10 -41.90
N CYS F 448 10.12 57.88 -43.00
CA CYS F 448 10.23 56.58 -43.64
C CYS F 448 11.72 56.36 -43.87
N ALA F 449 12.54 57.22 -43.28
CA ALA F 449 13.99 57.10 -43.45
C ALA F 449 14.58 56.16 -42.38
N GLY F 450 15.01 54.98 -42.81
CA GLY F 450 15.56 54.01 -41.89
C GLY F 450 16.80 53.28 -42.37
N LEU F 451 17.43 52.51 -41.49
CA LEU F 451 18.62 51.76 -41.86
C LEU F 451 18.32 50.42 -42.53
N ASN F 452 18.77 50.28 -43.76
CA ASN F 452 18.72 48.98 -44.41
C ASN F 452 19.99 48.25 -44.05
N VAL F 453 19.82 47.13 -43.36
CA VAL F 453 20.94 46.35 -42.86
C VAL F 453 21.70 45.57 -43.94
N PHE F 454 21.15 45.54 -45.14
CA PHE F 454 21.84 44.94 -46.27
C PHE F 454 22.60 46.04 -46.99
N THR F 455 21.89 47.03 -47.50
CA THR F 455 22.53 48.23 -48.01
C THR F 455 23.73 48.55 -47.11
N GLY F 456 23.45 48.83 -45.84
CA GLY F 456 24.46 49.35 -44.94
C GLY F 456 24.20 50.82 -44.71
N ALA F 457 23.51 51.46 -45.65
CA ALA F 457 23.22 52.89 -45.56
C ALA F 457 21.73 53.15 -45.39
N VAL F 458 21.40 54.38 -44.98
CA VAL F 458 20.03 54.72 -44.65
C VAL F 458 19.23 54.99 -45.91
N GLU F 459 18.07 54.34 -46.05
CA GLU F 459 17.26 54.40 -47.27
C GLU F 459 15.79 54.73 -47.00
N ASP F 460 14.97 54.68 -48.03
CA ASP F 460 13.57 55.02 -47.83
C ASP F 460 12.79 53.73 -47.70
N MET F 461 12.43 53.42 -46.46
CA MET F 461 11.84 52.13 -46.13
C MET F 461 10.47 51.90 -46.76
N CYS F 462 9.65 52.95 -46.89
CA CYS F 462 8.32 52.77 -47.47
C CYS F 462 8.45 52.26 -48.90
N GLU F 463 9.51 52.69 -49.58
CA GLU F 463 9.75 52.36 -50.98
C GLU F 463 10.49 51.05 -51.14
N ASN F 464 11.32 50.70 -50.15
CA ASN F 464 12.01 49.42 -50.18
C ASN F 464 11.08 48.30 -49.75
N GLY F 465 9.85 48.64 -49.43
CA GLY F 465 8.86 47.63 -49.06
C GLY F 465 8.99 47.07 -47.66
N VAL F 466 9.44 47.90 -46.73
CA VAL F 466 9.60 47.50 -45.33
C VAL F 466 8.49 48.12 -44.51
N VAL F 467 7.42 47.37 -44.30
CA VAL F 467 6.25 47.92 -43.63
C VAL F 467 5.67 47.01 -42.56
N GLU F 468 5.02 47.62 -41.58
CA GLU F 468 4.55 46.91 -40.38
C GLU F 468 3.23 47.46 -39.92
N PRO F 469 2.26 46.59 -39.63
CA PRO F 469 0.96 47.08 -39.14
C PRO F 469 1.16 48.13 -38.08
N LEU F 470 0.19 49.01 -37.87
CA LEU F 470 0.39 50.03 -36.87
C LEU F 470 0.32 49.32 -35.53
N ARG F 471 -0.51 48.28 -35.46
CA ARG F 471 -0.73 47.58 -34.21
C ARG F 471 0.60 47.07 -33.60
N VAL F 472 1.62 46.85 -34.43
CA VAL F 472 2.87 46.38 -33.88
C VAL F 472 3.55 47.43 -33.00
N LYS F 473 3.53 48.69 -33.40
CA LYS F 473 4.27 49.69 -32.63
C LYS F 473 3.44 50.33 -31.54
N THR F 474 2.12 50.34 -31.71
CA THR F 474 1.27 50.87 -30.66
C THR F 474 1.19 49.85 -29.52
N GLN F 475 0.77 48.64 -29.84
CA GLN F 475 0.69 47.62 -28.82
C GLN F 475 2.02 47.51 -28.08
N ALA F 476 3.11 47.39 -28.82
CA ALA F 476 4.44 47.23 -28.22
C ALA F 476 4.85 48.39 -27.32
N ILE F 477 4.72 49.61 -27.80
CA ILE F 477 5.10 50.78 -27.02
C ILE F 477 4.24 50.96 -25.78
N GLN F 478 2.98 50.53 -25.81
CA GLN F 478 2.16 50.72 -24.62
C GLN F 478 2.28 49.63 -23.57
N SER F 479 2.36 48.37 -23.97
CA SER F 479 2.63 47.32 -23.00
C SER F 479 4.05 47.41 -22.41
N ALA F 480 4.98 48.03 -23.15
CA ALA F 480 6.32 48.28 -22.60
C ALA F 480 6.27 49.44 -21.61
N ALA F 481 5.39 50.39 -21.86
CA ALA F 481 5.22 51.50 -20.94
C ALA F 481 4.49 51.03 -19.71
N GLU F 482 3.36 50.36 -19.89
CA GLU F 482 2.51 50.01 -18.76
C GLU F 482 3.20 49.14 -17.75
N SER F 483 3.91 48.13 -18.23
CA SER F 483 4.57 47.22 -17.30
C SER F 483 5.80 47.86 -16.60
N THR F 484 6.68 48.52 -17.34
CA THR F 484 7.81 49.14 -16.69
C THR F 484 7.40 50.23 -15.72
N GLU F 485 6.25 50.86 -16.00
CA GLU F 485 5.68 51.84 -15.08
C GLU F 485 5.36 51.17 -13.76
N MET F 486 4.72 50.02 -13.80
CA MET F 486 4.37 49.36 -12.56
C MET F 486 5.62 48.86 -11.83
N LEU F 487 6.66 48.49 -12.58
CA LEU F 487 7.86 47.92 -11.95
C LEU F 487 8.56 48.99 -11.13
N LEU F 488 8.62 50.19 -11.67
CA LEU F 488 9.32 51.29 -11.05
C LEU F 488 8.67 51.76 -9.77
N ARG F 489 7.40 51.42 -9.60
CA ARG F 489 6.64 51.85 -8.44
C ARG F 489 7.00 50.97 -7.26
N ILE F 490 7.75 49.91 -7.54
CA ILE F 490 8.09 48.94 -6.53
C ILE F 490 9.36 49.26 -5.78
N ASP F 491 9.29 49.23 -4.46
CA ASP F 491 10.43 49.55 -3.60
C ASP F 491 10.76 48.49 -2.57
N ASP F 492 9.85 47.54 -2.35
CA ASP F 492 10.08 46.46 -1.42
C ASP F 492 9.67 45.17 -2.10
N VAL F 493 10.44 44.10 -1.92
CA VAL F 493 10.10 42.77 -2.42
C VAL F 493 10.10 41.76 -1.27
N ILE F 494 9.29 40.71 -1.34
CA ILE F 494 9.22 39.76 -0.24
C ILE F 494 9.27 38.29 -0.71
N ALA F 495 10.48 37.78 -0.97
CA ALA F 495 10.66 36.46 -1.55
C ALA F 495 10.80 35.35 -0.50
N ALA F 496 10.06 34.26 -0.69
CA ALA F 496 10.10 33.15 0.26
C ALA F 496 10.76 31.87 -0.28
N GLU F 497 10.87 30.87 0.58
CA GLU F 497 11.30 29.53 0.18
C GLU F 497 12.72 29.53 -0.39
N ASN G 11 21.21 27.95 -12.96
CA ASN G 11 20.22 27.17 -13.70
C ASN G 11 20.24 27.36 -15.22
N MET G 12 21.08 26.61 -15.93
CA MET G 12 22.05 25.67 -15.36
C MET G 12 23.32 25.62 -16.23
N LYS G 13 23.14 25.44 -17.54
CA LYS G 13 24.26 25.44 -18.48
C LYS G 13 23.91 26.28 -19.69
N ARG G 14 24.76 27.24 -20.03
CA ARG G 14 24.52 28.02 -21.24
C ARG G 14 25.82 28.30 -21.98
N TYR G 15 25.80 28.20 -23.31
CA TYR G 15 27.01 28.46 -24.09
C TYR G 15 26.86 29.68 -24.98
N MET G 16 27.84 30.58 -24.91
CA MET G 16 27.76 31.89 -25.56
C MET G 16 28.54 32.01 -26.86
N GLY G 17 27.91 32.58 -27.88
CA GLY G 17 28.58 32.98 -29.10
C GLY G 17 29.51 31.98 -29.78
N ARG G 18 30.80 32.30 -29.82
CA ARG G 18 31.80 31.43 -30.46
C ARG G 18 31.93 30.08 -29.77
N ASP G 19 31.48 29.99 -28.52
CA ASP G 19 31.45 28.73 -27.78
C ASP G 19 30.28 27.86 -28.20
N ALA G 20 29.11 28.47 -28.31
CA ALA G 20 27.92 27.76 -28.72
C ALA G 20 27.99 27.28 -30.17
N GLN G 21 28.60 28.08 -31.03
CA GLN G 21 28.79 27.66 -32.41
C GLN G 21 29.82 26.52 -32.45
N ARG G 22 30.96 26.70 -31.78
CA ARG G 22 31.96 25.65 -31.78
C ARG G 22 31.41 24.39 -31.19
N MET G 23 30.55 24.51 -30.17
CA MET G 23 29.91 23.34 -29.58
C MET G 23 29.10 22.58 -30.63
N ASN G 24 28.23 23.27 -31.35
CA ASN G 24 27.36 22.62 -32.30
C ASN G 24 28.05 22.12 -33.56
N ILE G 25 28.89 22.98 -34.14
CA ILE G 25 29.66 22.63 -35.31
C ILE G 25 30.50 21.40 -35.01
N LEU G 26 30.99 21.31 -33.78
CA LEU G 26 31.81 20.19 -33.43
C LEU G 26 30.93 18.99 -33.19
N ALA G 27 29.85 19.17 -32.45
CA ALA G 27 28.94 18.06 -32.18
C ALA G 27 28.44 17.47 -33.48
N GLY G 28 28.27 18.34 -34.47
CA GLY G 28 27.88 17.87 -35.79
C GLY G 28 28.98 17.03 -36.41
N ARG G 29 30.18 17.58 -36.49
CA ARG G 29 31.26 16.89 -37.20
C ARG G 29 31.50 15.51 -36.61
N ILE G 30 31.11 15.32 -35.38
CA ILE G 30 31.42 14.09 -34.66
C ILE G 30 30.50 12.91 -34.98
N ILE G 31 29.19 13.13 -35.12
CA ILE G 31 28.35 12.05 -35.57
C ILE G 31 28.53 11.89 -37.07
N ALA G 32 29.06 12.91 -37.73
CA ALA G 32 29.46 12.73 -39.12
C ALA G 32 30.69 11.79 -39.20
N GLU G 33 31.75 12.08 -38.44
CA GLU G 33 32.96 11.26 -38.44
C GLU G 33 32.70 9.85 -37.92
N THR G 34 31.51 9.66 -37.36
CA THR G 34 31.08 8.39 -36.81
C THR G 34 30.58 7.41 -37.87
N VAL G 35 30.26 7.91 -39.06
CA VAL G 35 29.81 7.04 -40.12
C VAL G 35 30.68 7.19 -41.36
N ARG G 36 31.60 8.15 -41.32
CA ARG G 36 32.57 8.31 -42.38
C ARG G 36 33.15 6.97 -42.80
N SER G 37 33.23 6.05 -41.85
CA SER G 37 33.99 4.82 -42.11
C SER G 37 33.20 3.77 -42.87
N THR G 38 31.90 3.98 -43.02
CA THR G 38 31.06 2.97 -43.67
C THR G 38 30.86 3.27 -45.15
N LEU G 39 31.46 4.38 -45.57
CA LEU G 39 31.16 4.91 -46.87
C LEU G 39 31.91 4.15 -47.96
N GLY G 40 31.15 3.59 -48.89
CA GLY G 40 31.72 2.87 -50.01
C GLY G 40 31.76 1.38 -49.76
N PRO G 41 32.14 0.62 -50.80
CA PRO G 41 32.30 -0.84 -50.75
C PRO G 41 33.48 -1.22 -49.89
N LYS G 42 34.59 -0.49 -49.98
CA LYS G 42 35.76 -0.74 -49.13
C LYS G 42 35.59 -0.06 -47.77
N GLY G 43 34.32 0.11 -47.37
CA GLY G 43 33.98 0.63 -46.06
C GLY G 43 33.66 -0.45 -45.06
N MET G 44 33.82 -0.13 -43.78
CA MET G 44 33.66 -1.07 -42.67
C MET G 44 32.31 -0.97 -41.94
N ASP G 45 31.98 -2.01 -41.16
CA ASP G 45 30.74 -2.07 -40.36
C ASP G 45 30.94 -1.75 -38.87
N LYS G 46 29.89 -1.22 -38.27
CA LYS G 46 29.88 -0.90 -36.84
C LYS G 46 29.09 -1.95 -36.09
N MET G 47 29.69 -2.63 -35.12
CA MET G 47 28.86 -3.44 -34.24
C MET G 47 28.37 -2.63 -33.04
N LEU G 48 27.10 -2.80 -32.75
CA LEU G 48 26.46 -1.85 -31.87
C LEU G 48 25.60 -2.49 -30.78
N VAL G 49 26.23 -2.80 -29.66
CA VAL G 49 25.52 -3.36 -28.51
C VAL G 49 24.70 -2.26 -27.89
N ASP G 50 23.74 -2.62 -27.04
CA ASP G 50 23.10 -1.61 -26.22
C ASP G 50 23.39 -1.88 -24.73
N ASP G 51 22.37 -1.79 -23.88
CA ASP G 51 22.57 -2.02 -22.45
C ASP G 51 22.06 -3.40 -22.05
N LEU G 52 21.57 -4.14 -23.03
CA LEU G 52 20.94 -5.43 -22.84
C LEU G 52 21.71 -6.55 -23.49
N GLY G 53 23.01 -6.35 -23.68
CA GLY G 53 23.82 -7.30 -24.40
C GLY G 53 23.34 -7.52 -25.82
N ASP G 54 22.28 -6.81 -26.23
CA ASP G 54 21.70 -6.92 -27.57
C ASP G 54 22.55 -6.35 -28.66
N VAL G 55 23.05 -7.20 -29.55
CA VAL G 55 23.98 -6.70 -30.55
C VAL G 55 23.28 -6.41 -31.87
N VAL G 56 23.86 -5.50 -32.66
CA VAL G 56 23.39 -5.29 -34.02
C VAL G 56 24.52 -4.73 -34.90
N VAL G 57 24.83 -5.51 -35.93
CA VAL G 57 25.92 -5.23 -36.84
C VAL G 57 25.34 -4.68 -38.13
N THR G 58 25.91 -3.58 -38.61
CA THR G 58 25.44 -2.95 -39.86
C THR G 58 26.45 -1.97 -40.44
N ASN G 59 26.25 -1.70 -41.74
CA ASN G 59 26.97 -0.69 -42.52
C ASN G 59 25.97 0.38 -42.96
N ASP G 60 24.70 0.15 -42.65
CA ASP G 60 23.62 1.09 -42.97
C ASP G 60 23.70 2.33 -42.06
N GLY G 61 23.99 3.48 -42.67
CA GLY G 61 24.15 4.73 -41.97
C GLY G 61 23.10 5.09 -40.93
N VAL G 62 21.84 5.25 -41.33
CA VAL G 62 20.80 5.71 -40.40
C VAL G 62 20.57 4.83 -39.17
N THR G 63 20.42 3.52 -39.36
CA THR G 63 20.23 2.63 -38.23
C THR G 63 21.39 2.82 -37.28
N ILE G 64 22.62 2.80 -37.78
CA ILE G 64 23.73 3.14 -36.92
C ILE G 64 23.39 4.37 -36.09
N LEU G 65 23.02 5.46 -36.74
CA LEU G 65 22.74 6.69 -36.02
C LEU G 65 21.54 6.58 -35.09
N ARG G 66 20.39 6.21 -35.65
CA ARG G 66 19.21 5.95 -34.83
C ARG G 66 19.57 5.14 -33.57
N GLU G 67 20.01 3.91 -33.77
CA GLU G 67 20.11 3.02 -32.66
C GLU G 67 21.38 3.17 -31.87
N MET G 68 21.80 4.41 -31.66
CA MET G 68 22.80 4.68 -30.63
C MET G 68 22.33 5.86 -29.80
N SER G 69 22.67 5.84 -28.52
CA SER G 69 22.18 6.86 -27.62
C SER G 69 22.94 8.15 -27.87
N VAL G 70 22.46 8.95 -28.82
CA VAL G 70 23.07 10.26 -29.07
C VAL G 70 22.30 11.31 -28.31
N GLU G 71 23.00 12.09 -27.50
CA GLU G 71 22.34 12.94 -26.51
C GLU G 71 22.41 14.42 -26.82
N HIS G 72 23.59 14.86 -27.23
CA HIS G 72 23.85 16.25 -27.54
C HIS G 72 22.82 16.75 -28.55
N PRO G 73 22.20 17.90 -28.25
CA PRO G 73 21.12 18.44 -29.07
C PRO G 73 21.52 18.78 -30.52
N ALA G 74 22.68 19.40 -30.74
CA ALA G 74 23.15 19.67 -32.10
C ALA G 74 23.12 18.37 -32.92
N ALA G 75 23.88 17.38 -32.49
CA ALA G 75 23.93 16.11 -33.19
C ALA G 75 22.53 15.47 -33.37
N LYS G 76 21.67 15.58 -32.38
CA LYS G 76 20.32 15.03 -32.48
C LYS G 76 19.68 15.45 -33.79
N MET G 77 20.20 16.54 -34.36
CA MET G 77 19.59 17.14 -35.55
C MET G 77 20.27 16.86 -36.86
N LEU G 78 21.51 16.38 -36.83
CA LEU G 78 22.07 15.83 -38.05
C LEU G 78 21.42 14.48 -38.27
N ILE G 79 20.93 13.90 -37.17
CA ILE G 79 20.34 12.59 -37.25
C ILE G 79 19.00 12.73 -37.91
N GLU G 80 18.50 13.98 -37.89
CA GLU G 80 17.28 14.34 -38.58
C GLU G 80 17.46 14.10 -40.08
N VAL G 81 18.59 14.57 -40.58
CA VAL G 81 18.93 14.52 -42.00
C VAL G 81 18.94 13.09 -42.52
N ALA G 82 19.62 12.23 -41.77
CA ALA G 82 19.72 10.83 -42.12
C ALA G 82 18.35 10.17 -42.02
N LYS G 83 17.57 10.62 -41.05
CA LYS G 83 16.29 9.98 -40.76
C LYS G 83 15.29 10.25 -41.87
N THR G 84 15.42 11.37 -42.56
CA THR G 84 14.51 11.68 -43.66
C THR G 84 15.10 11.29 -45.00
N GLN G 85 16.40 11.08 -45.04
CA GLN G 85 16.98 10.57 -46.27
C GLN G 85 16.41 9.19 -46.48
N GLU G 86 16.50 8.36 -45.44
CA GLU G 86 15.96 7.00 -45.49
C GLU G 86 14.48 7.02 -45.84
N LYS G 87 13.78 8.04 -45.36
CA LYS G 87 12.34 8.16 -45.54
C LYS G 87 11.98 8.48 -47.00
N GLU G 88 12.81 9.29 -47.64
CA GLU G 88 12.50 9.78 -48.99
C GLU G 88 13.31 9.14 -50.10
N VAL G 89 14.22 8.24 -49.75
CA VAL G 89 15.03 7.55 -50.74
C VAL G 89 15.26 6.09 -50.35
N GLY G 90 16.24 5.84 -49.50
CA GLY G 90 16.42 4.50 -48.96
C GLY G 90 17.90 4.24 -48.85
N ASP G 91 18.63 4.72 -49.87
CA ASP G 91 20.10 4.67 -49.86
C ASP G 91 20.64 6.08 -49.65
N GLY G 92 21.94 6.19 -49.41
CA GLY G 92 22.61 7.47 -49.27
C GLY G 92 22.23 8.19 -47.99
N THR G 93 22.00 7.45 -46.92
CA THR G 93 21.78 8.05 -45.62
C THR G 93 23.11 8.52 -45.03
N THR G 94 24.14 7.68 -45.15
CA THR G 94 25.48 8.08 -44.74
C THR G 94 25.97 9.34 -45.50
N THR G 95 25.82 9.41 -46.82
CA THR G 95 26.36 10.55 -47.57
C THR G 95 25.68 11.89 -47.24
N ALA G 96 24.41 11.84 -46.85
CA ALA G 96 23.69 13.06 -46.48
C ALA G 96 24.20 13.60 -45.16
N VAL G 97 24.41 12.73 -44.21
CA VAL G 97 24.99 13.11 -42.94
C VAL G 97 26.44 13.56 -43.14
N VAL G 98 27.20 12.82 -43.96
CA VAL G 98 28.63 13.06 -44.15
C VAL G 98 28.89 14.46 -44.70
N VAL G 99 28.21 14.79 -45.80
CA VAL G 99 28.24 16.13 -46.36
C VAL G 99 27.82 17.18 -45.34
N ALA G 100 26.77 16.89 -44.58
CA ALA G 100 26.25 17.81 -43.58
C ALA G 100 27.33 18.14 -42.58
N GLY G 101 28.20 17.18 -42.35
CA GLY G 101 29.28 17.38 -41.44
C GLY G 101 30.27 18.30 -42.10
N GLU G 102 30.61 17.97 -43.33
CA GLU G 102 31.66 18.68 -44.04
C GLU G 102 31.26 20.11 -44.41
N LEU G 103 29.96 20.40 -44.32
CA LEU G 103 29.52 21.78 -44.50
C LEU G 103 29.78 22.56 -43.21
N LEU G 104 29.55 21.91 -42.08
CA LEU G 104 29.87 22.51 -40.79
C LEU G 104 31.37 22.72 -40.66
N ARG G 105 32.16 21.75 -41.10
CA ARG G 105 33.60 21.94 -41.06
C ARG G 105 34.02 23.18 -41.86
N LYS G 106 33.63 23.25 -43.13
CA LYS G 106 34.04 24.36 -43.94
C LYS G 106 33.40 25.63 -43.42
N ALA G 107 32.28 25.50 -42.71
CA ALA G 107 31.57 26.69 -42.22
C ALA G 107 32.36 27.44 -41.17
N GLU G 108 33.14 26.74 -40.36
CA GLU G 108 33.87 27.43 -39.33
C GLU G 108 35.20 28.05 -39.82
N GLU G 109 35.67 27.64 -40.99
CA GLU G 109 36.83 28.27 -41.58
C GLU G 109 36.49 29.71 -41.94
N LEU G 110 35.21 29.98 -42.16
CA LEU G 110 34.75 31.30 -42.54
C LEU G 110 34.37 32.09 -41.32
N LEU G 111 33.92 31.37 -40.27
CA LEU G 111 33.48 32.02 -39.06
C LEU G 111 34.67 32.49 -38.29
N ASP G 112 35.75 31.72 -38.40
CA ASP G 112 37.01 32.07 -37.77
C ASP G 112 37.78 33.08 -38.62
N GLN G 113 37.14 33.56 -39.68
CA GLN G 113 37.64 34.67 -40.48
C GLN G 113 36.66 35.82 -40.35
N ASN G 114 35.77 35.73 -39.36
CA ASN G 114 34.83 36.79 -39.03
C ASN G 114 33.79 37.10 -40.10
N VAL G 115 33.45 36.09 -40.90
CA VAL G 115 32.28 36.18 -41.74
C VAL G 115 31.05 36.01 -40.84
N HIS G 116 30.05 36.84 -41.06
CA HIS G 116 28.85 36.77 -40.23
C HIS G 116 28.13 35.45 -40.52
N PRO G 117 27.59 34.81 -39.48
CA PRO G 117 26.87 33.57 -39.77
C PRO G 117 25.81 33.77 -40.85
N THR G 118 25.08 34.87 -40.82
CA THR G 118 23.96 35.03 -41.73
C THR G 118 24.41 35.17 -43.15
N ILE G 119 25.69 35.52 -43.33
CA ILE G 119 26.27 35.64 -44.67
C ILE G 119 26.66 34.25 -45.17
N VAL G 120 27.22 33.45 -44.29
CA VAL G 120 27.53 32.06 -44.63
C VAL G 120 26.25 31.37 -45.06
N VAL G 121 25.24 31.45 -44.22
CA VAL G 121 24.00 30.74 -44.46
C VAL G 121 23.29 31.27 -45.69
N LYS G 122 23.57 32.52 -46.05
CA LYS G 122 23.01 33.09 -47.27
C LYS G 122 23.63 32.38 -48.45
N GLY G 123 24.95 32.30 -48.44
CA GLY G 123 25.71 31.79 -49.56
C GLY G 123 25.64 30.28 -49.70
N TYR G 124 25.36 29.60 -48.59
CA TYR G 124 25.15 28.17 -48.63
C TYR G 124 23.83 27.90 -49.28
N GLN G 125 22.84 28.70 -48.91
CA GLN G 125 21.53 28.56 -49.53
C GLN G 125 21.67 28.75 -51.03
N ALA G 126 22.34 29.82 -51.41
CA ALA G 126 22.56 30.17 -52.81
C ALA G 126 23.13 29.00 -53.58
N ALA G 127 24.06 28.28 -52.99
CA ALA G 127 24.74 27.21 -53.69
C ALA G 127 23.91 25.95 -53.69
N ALA G 128 23.16 25.76 -52.62
CA ALA G 128 22.24 24.62 -52.54
C ALA G 128 21.19 24.79 -53.63
N GLN G 129 20.79 26.04 -53.87
CA GLN G 129 19.81 26.35 -54.90
C GLN G 129 20.38 25.92 -56.25
N LYS G 130 21.57 26.43 -56.54
CA LYS G 130 22.24 26.17 -57.81
C LYS G 130 22.46 24.69 -58.04
N ALA G 131 23.02 24.00 -57.05
CA ALA G 131 23.37 22.61 -57.22
C ALA G 131 22.13 21.77 -57.49
N GLN G 132 20.96 22.33 -57.18
CA GLN G 132 19.73 21.60 -57.39
C GLN G 132 19.34 21.57 -58.87
N GLU G 133 19.53 22.69 -59.56
CA GLU G 133 19.20 22.75 -60.98
C GLU G 133 20.39 22.31 -61.83
N LEU G 134 21.58 22.37 -61.23
CA LEU G 134 22.79 21.88 -61.85
C LEU G 134 22.81 20.36 -61.93
N LEU G 135 22.05 19.71 -61.06
CA LEU G 135 21.94 18.26 -61.09
C LEU G 135 20.87 17.90 -62.11
N LYS G 136 19.76 18.65 -62.07
CA LYS G 136 18.64 18.41 -62.97
C LYS G 136 19.16 18.15 -64.38
N THR G 137 20.11 18.98 -64.80
CA THR G 137 20.66 18.94 -66.15
C THR G 137 21.71 17.85 -66.41
N ILE G 138 22.39 17.38 -65.38
CA ILE G 138 23.43 16.39 -65.62
C ILE G 138 22.99 14.99 -65.21
N ALA G 139 21.68 14.79 -65.18
CA ALA G 139 21.09 13.50 -64.86
C ALA G 139 20.51 12.84 -66.10
N CYS G 140 21.09 11.70 -66.47
CA CYS G 140 20.66 10.93 -67.63
C CYS G 140 19.20 10.45 -67.47
N GLU G 141 18.48 10.38 -68.58
CA GLU G 141 17.12 9.84 -68.54
C GLU G 141 17.16 8.32 -68.63
N VAL G 142 16.12 7.67 -68.13
CA VAL G 142 16.03 6.21 -68.19
C VAL G 142 14.56 5.76 -68.27
N GLY G 143 14.34 4.60 -68.89
CA GLY G 143 13.02 4.04 -68.99
C GLY G 143 12.59 3.35 -67.71
N ALA G 144 11.39 3.68 -67.23
CA ALA G 144 10.84 3.10 -66.00
C ALA G 144 10.88 1.57 -66.02
N GLN G 145 11.09 0.98 -67.20
CA GLN G 145 11.14 -0.48 -67.35
C GLN G 145 12.41 -0.92 -68.05
N ASP G 146 13.36 0.00 -68.22
CA ASP G 146 14.69 -0.37 -68.67
C ASP G 146 15.28 -1.37 -67.69
N LYS G 147 14.78 -2.59 -67.74
CA LYS G 147 15.00 -3.58 -66.70
C LYS G 147 16.48 -3.96 -66.59
N GLU G 148 17.29 -3.43 -67.49
CA GLU G 148 18.73 -3.70 -67.44
C GLU G 148 19.42 -2.68 -66.54
N ILE G 149 19.07 -1.40 -66.76
CA ILE G 149 19.59 -0.28 -65.99
C ILE G 149 19.10 -0.33 -64.57
N LEU G 150 17.81 -0.63 -64.39
CA LEU G 150 17.25 -0.87 -63.06
C LEU G 150 18.08 -1.83 -62.22
N THR G 151 18.75 -2.77 -62.89
CA THR G 151 19.59 -3.78 -62.21
C THR G 151 21.03 -3.34 -61.96
N LYS G 152 21.50 -2.40 -62.78
CA LYS G 152 22.77 -1.74 -62.51
C LYS G 152 22.61 -0.82 -61.31
N ILE G 153 21.42 -0.22 -61.16
CA ILE G 153 21.10 0.62 -60.00
C ILE G 153 20.97 -0.16 -58.69
N ALA G 154 20.27 -1.29 -58.74
CA ALA G 154 20.08 -2.12 -57.54
C ALA G 154 21.36 -2.89 -57.17
N MET G 155 22.30 -2.95 -58.11
CA MET G 155 23.55 -3.61 -57.88
C MET G 155 24.55 -2.62 -57.29
N THR G 156 24.43 -1.37 -57.71
CA THR G 156 25.30 -0.31 -57.17
C THR G 156 24.94 -0.01 -55.72
N SER G 157 23.68 -0.28 -55.37
CA SER G 157 23.20 -0.02 -54.03
C SER G 157 23.72 -1.06 -53.05
N ILE G 158 23.58 -2.33 -53.41
CA ILE G 158 24.02 -3.43 -52.55
C ILE G 158 25.53 -3.41 -52.30
N THR G 159 26.33 -3.21 -53.35
CA THR G 159 27.73 -2.90 -53.14
C THR G 159 27.75 -1.64 -52.30
N GLY G 160 28.86 -1.33 -51.63
CA GLY G 160 28.89 -0.19 -50.73
C GLY G 160 28.43 -0.62 -49.34
N LYS G 161 27.59 -1.65 -49.32
CA LYS G 161 27.40 -2.49 -48.16
C LYS G 161 28.36 -3.69 -48.27
N GLY G 162 29.48 -3.47 -48.97
CA GLY G 162 30.41 -4.55 -49.28
C GLY G 162 30.18 -5.15 -50.66
N ALA G 163 31.25 -5.24 -51.44
CA ALA G 163 31.13 -5.82 -52.78
C ALA G 163 30.69 -7.29 -52.72
N GLU G 164 30.84 -7.92 -51.55
CA GLU G 164 30.58 -9.35 -51.44
C GLU G 164 29.10 -9.71 -51.21
N LYS G 165 28.26 -8.71 -50.95
CA LYS G 165 26.83 -8.94 -50.92
C LYS G 165 26.25 -8.76 -52.32
N ALA G 166 27.05 -8.22 -53.23
CA ALA G 166 26.60 -7.84 -54.57
C ALA G 166 26.34 -9.03 -55.46
N LYS G 167 25.74 -10.08 -54.92
CA LYS G 167 25.36 -11.27 -55.70
C LYS G 167 24.48 -10.87 -56.89
N GLU G 168 24.90 -11.27 -58.10
CA GLU G 168 24.22 -10.85 -59.33
C GLU G 168 22.76 -11.25 -59.35
N LYS G 169 22.49 -12.50 -58.99
CA LYS G 169 21.14 -13.02 -59.07
C LYS G 169 20.27 -12.53 -57.92
N LEU G 170 20.80 -11.60 -57.14
CA LEU G 170 20.03 -11.00 -56.06
C LEU G 170 19.47 -9.66 -56.52
N ALA G 171 20.31 -8.90 -57.22
CA ALA G 171 19.84 -7.66 -57.81
C ALA G 171 18.63 -7.95 -58.69
N GLU G 172 18.80 -8.93 -59.57
CA GLU G 172 17.78 -9.31 -60.53
C GLU G 172 16.46 -9.61 -59.80
N ILE G 173 16.56 -10.33 -58.68
CA ILE G 173 15.36 -10.70 -57.93
C ILE G 173 14.59 -9.45 -57.48
N ILE G 174 15.34 -8.50 -56.94
CA ILE G 174 14.81 -7.23 -56.41
C ILE G 174 14.12 -6.36 -57.46
N VAL G 175 14.82 -6.10 -58.56
CA VAL G 175 14.27 -5.37 -59.69
C VAL G 175 12.92 -5.97 -60.09
N GLU G 176 12.93 -7.25 -60.41
CA GLU G 176 11.72 -7.96 -60.74
C GLU G 176 10.59 -7.69 -59.72
N ALA G 177 10.95 -7.80 -58.44
CA ALA G 177 9.99 -7.74 -57.33
C ALA G 177 9.45 -6.32 -57.03
N VAL G 178 10.22 -5.29 -57.36
CA VAL G 178 9.77 -3.90 -57.26
C VAL G 178 8.92 -3.56 -58.47
N SER G 179 9.27 -4.17 -59.60
CA SER G 179 8.56 -3.97 -60.86
C SER G 179 7.15 -4.47 -60.73
N ALA G 180 6.99 -5.57 -59.98
CA ALA G 180 5.68 -6.18 -59.77
C ALA G 180 4.70 -5.27 -59.04
N VAL G 181 5.16 -4.66 -57.94
CA VAL G 181 4.26 -3.90 -57.05
C VAL G 181 3.96 -2.47 -57.48
N VAL G 182 4.31 -2.14 -58.72
CA VAL G 182 4.13 -0.78 -59.24
C VAL G 182 2.65 -0.44 -59.38
N ASP G 183 2.20 0.59 -58.68
CA ASP G 183 0.78 0.98 -58.73
C ASP G 183 0.49 2.01 -59.83
N ASP G 184 0.15 1.50 -61.02
CA ASP G 184 -0.13 2.32 -62.21
C ASP G 184 -1.29 3.30 -62.02
N GLU G 185 -1.00 4.60 -62.08
CA GLU G 185 0.38 5.10 -62.12
C GLU G 185 0.64 5.98 -60.91
N GLY G 186 1.92 6.05 -60.52
CA GLY G 186 2.99 5.30 -61.15
C GLY G 186 4.10 5.03 -60.14
N LYS G 187 3.69 4.88 -58.88
CA LYS G 187 4.59 4.87 -57.74
C LYS G 187 4.82 3.48 -57.18
N VAL G 188 5.88 3.33 -56.41
CA VAL G 188 6.18 2.07 -55.76
C VAL G 188 5.87 2.16 -54.27
N ASP G 189 4.97 1.31 -53.79
CA ASP G 189 4.72 1.23 -52.36
C ASP G 189 5.74 0.29 -51.73
N LYS G 190 6.76 0.86 -51.10
CA LYS G 190 7.86 0.08 -50.51
C LYS G 190 7.33 -0.97 -49.49
N ASP G 191 6.05 -0.86 -49.12
CA ASP G 191 5.40 -1.75 -48.15
C ASP G 191 4.58 -2.87 -48.81
N LEU G 192 4.55 -2.90 -50.14
CA LEU G 192 3.82 -3.93 -50.88
C LEU G 192 4.71 -5.12 -51.10
N ILE G 193 6.01 -4.89 -50.90
CA ILE G 193 6.99 -5.95 -50.98
C ILE G 193 7.29 -6.42 -49.55
N LYS G 194 6.70 -7.56 -49.15
CA LYS G 194 6.90 -8.14 -47.82
C LYS G 194 8.26 -8.82 -47.75
N ILE G 195 9.02 -8.51 -46.71
CA ILE G 195 10.34 -9.08 -46.55
C ILE G 195 10.35 -10.03 -45.36
N GLU G 196 10.60 -11.31 -45.63
CA GLU G 196 10.62 -12.34 -44.59
C GLU G 196 12.02 -12.96 -44.42
N LYS G 197 12.40 -13.19 -43.17
CA LYS G 197 13.74 -13.73 -42.87
C LYS G 197 13.70 -15.10 -42.16
N LYS G 198 14.25 -16.14 -42.80
CA LYS G 198 14.28 -17.48 -42.21
C LYS G 198 15.61 -18.18 -42.52
N SER G 199 16.21 -18.78 -41.49
CA SER G 199 17.65 -19.17 -41.51
C SER G 199 18.22 -19.96 -42.73
N GLY G 200 18.11 -21.28 -42.76
CA GLY G 200 18.61 -22.09 -43.88
C GLY G 200 20.11 -21.97 -44.05
N ALA G 201 20.73 -22.79 -44.90
CA ALA G 201 22.19 -22.73 -45.13
C ALA G 201 22.52 -21.86 -46.36
N SER G 202 22.18 -20.57 -46.28
CA SER G 202 21.80 -19.87 -47.50
C SER G 202 22.61 -18.66 -48.03
N ILE G 203 22.10 -17.47 -47.71
CA ILE G 203 22.24 -16.24 -48.53
C ILE G 203 21.93 -16.38 -50.02
N ASP G 204 22.42 -17.45 -50.65
CA ASP G 204 22.15 -17.70 -52.06
C ASP G 204 20.75 -18.27 -52.27
N ASP G 205 20.21 -18.86 -51.21
CA ASP G 205 18.87 -19.43 -51.23
C ASP G 205 17.76 -18.39 -51.10
N THR G 206 18.12 -17.11 -50.91
CA THR G 206 17.07 -16.09 -50.90
C THR G 206 16.40 -16.07 -52.28
N GLU G 207 15.07 -15.96 -52.26
CA GLU G 207 14.28 -16.12 -53.47
C GLU G 207 13.11 -15.17 -53.48
N LEU G 208 12.56 -14.98 -54.68
CA LEU G 208 11.32 -14.24 -54.84
C LEU G 208 10.12 -15.18 -54.74
N ILE G 209 9.19 -14.84 -53.87
CA ILE G 209 7.92 -15.54 -53.78
C ILE G 209 6.81 -14.59 -54.23
N LYS G 210 6.20 -14.90 -55.37
CA LYS G 210 5.14 -14.06 -55.88
C LYS G 210 3.84 -14.39 -55.20
N GLY G 211 3.71 -13.94 -53.95
CA GLY G 211 2.52 -14.22 -53.16
C GLY G 211 2.71 -13.77 -51.72
N VAL G 212 2.23 -14.55 -50.77
CA VAL G 212 2.36 -14.16 -49.36
C VAL G 212 2.82 -15.33 -48.47
N LEU G 213 3.65 -15.01 -47.48
CA LEU G 213 4.03 -15.98 -46.46
C LEU G 213 3.23 -15.71 -45.19
N VAL G 214 2.50 -16.71 -44.71
CA VAL G 214 1.65 -16.53 -43.54
C VAL G 214 2.17 -17.36 -42.36
N ASP G 215 2.41 -16.69 -41.23
CA ASP G 215 2.93 -17.36 -40.04
C ASP G 215 1.79 -18.00 -39.22
N LYS G 216 0.97 -18.80 -39.91
CA LYS G 216 -0.07 -19.57 -39.26
C LYS G 216 0.05 -21.03 -39.73
N GLU G 217 -0.85 -21.89 -39.27
CA GLU G 217 -0.92 -23.28 -39.73
C GLU G 217 -2.37 -23.78 -39.83
N ARG G 218 -2.64 -24.72 -40.78
CA ARG G 218 -3.99 -25.23 -40.94
C ARG G 218 -4.58 -25.47 -39.58
N VAL G 219 -5.76 -24.91 -39.33
CA VAL G 219 -6.42 -24.92 -38.02
C VAL G 219 -6.86 -26.33 -37.54
N SER G 220 -7.15 -27.22 -38.49
CA SER G 220 -7.47 -28.63 -38.21
C SER G 220 -6.44 -29.52 -38.91
N ALA G 221 -5.85 -30.46 -38.16
CA ALA G 221 -4.79 -31.32 -38.69
C ALA G 221 -5.32 -32.25 -39.77
N GLN G 222 -6.65 -32.38 -39.82
CA GLN G 222 -7.33 -33.26 -40.77
C GLN G 222 -7.47 -32.64 -42.15
N MET G 223 -7.24 -31.33 -42.24
CA MET G 223 -7.32 -30.60 -43.51
C MET G 223 -6.19 -30.98 -44.46
N PRO G 224 -6.35 -30.69 -45.77
CA PRO G 224 -5.25 -30.86 -46.73
C PRO G 224 -4.03 -30.05 -46.32
N LYS G 225 -2.85 -30.58 -46.62
CA LYS G 225 -1.62 -29.83 -46.35
C LYS G 225 -0.91 -29.47 -47.67
N LYS G 226 -1.62 -29.64 -48.76
CA LYS G 226 -1.28 -29.06 -50.05
C LYS G 226 -2.52 -28.95 -50.96
N VAL G 227 -2.63 -27.82 -51.66
CA VAL G 227 -3.65 -27.60 -52.69
C VAL G 227 -2.97 -26.89 -53.87
N THR G 228 -3.24 -27.32 -55.10
CA THR G 228 -2.70 -26.62 -56.26
C THR G 228 -3.80 -25.88 -57.03
N ASP G 229 -3.42 -24.80 -57.73
CA ASP G 229 -4.39 -23.94 -58.44
C ASP G 229 -5.62 -23.58 -57.60
N ALA G 230 -5.38 -23.36 -56.31
CA ALA G 230 -6.43 -23.16 -55.31
C ALA G 230 -7.23 -21.87 -55.52
N LYS G 231 -8.46 -21.85 -55.01
CA LYS G 231 -9.30 -20.64 -54.99
C LYS G 231 -9.55 -20.14 -53.56
N ILE G 232 -9.10 -18.92 -53.26
CA ILE G 232 -8.96 -18.45 -51.89
C ILE G 232 -10.05 -17.49 -51.38
N ALA G 233 -10.71 -17.86 -50.29
CA ALA G 233 -11.73 -17.02 -49.66
C ALA G 233 -11.23 -16.39 -48.36
N LEU G 234 -11.09 -15.06 -48.36
CA LEU G 234 -10.63 -14.31 -47.18
C LEU G 234 -11.82 -13.78 -46.36
N LEU G 235 -11.93 -14.25 -45.11
CA LEU G 235 -13.04 -13.83 -44.25
C LEU G 235 -12.65 -12.83 -43.16
N ASN G 236 -13.17 -11.61 -43.28
CA ASN G 236 -13.09 -10.60 -42.24
C ASN G 236 -14.11 -10.88 -41.11
N CYS G 237 -14.94 -11.91 -41.33
CA CYS G 237 -15.99 -12.30 -40.37
C CYS G 237 -15.48 -13.34 -39.35
N ALA G 238 -16.34 -13.70 -38.39
CA ALA G 238 -16.02 -14.74 -37.40
C ALA G 238 -17.00 -15.92 -37.50
N ILE G 239 -16.49 -17.07 -37.93
CA ILE G 239 -17.30 -18.27 -38.13
C ILE G 239 -17.59 -18.91 -36.78
N GLU G 240 -18.69 -18.49 -36.15
CA GLU G 240 -19.01 -19.01 -34.83
C GLU G 240 -19.54 -20.46 -34.83
N GLU G 241 -19.71 -21.01 -33.63
CA GLU G 241 -20.56 -22.18 -33.44
C GLU G 241 -21.15 -22.21 -32.02
N THR G 242 -21.78 -23.33 -31.68
CA THR G 242 -22.44 -23.53 -30.39
C THR G 242 -22.47 -25.03 -29.93
N ALA G 243 -23.50 -25.79 -30.34
CA ALA G 243 -23.63 -27.19 -29.95
C ALA G 243 -24.81 -27.87 -30.67
N SER G 244 -25.19 -27.28 -31.80
CA SER G 244 -26.34 -27.70 -32.60
C SER G 244 -26.14 -27.42 -34.09
N GLU G 245 -24.89 -27.57 -34.57
CA GLU G 245 -24.58 -27.38 -36.00
C GLU G 245 -25.28 -26.20 -36.69
N MET G 246 -25.30 -25.04 -36.03
CA MET G 246 -25.71 -23.80 -36.70
C MET G 246 -24.60 -23.40 -37.69
N LEU G 247 -23.76 -24.39 -38.04
CA LEU G 247 -22.51 -24.08 -38.71
C LEU G 247 -22.32 -24.83 -40.04
N LYS G 248 -23.18 -25.79 -40.30
CA LYS G 248 -23.24 -26.44 -41.62
C LYS G 248 -23.73 -25.44 -42.65
N ASP G 249 -24.42 -24.41 -42.17
CA ASP G 249 -24.84 -23.25 -42.95
C ASP G 249 -23.64 -22.46 -43.44
N MET G 250 -22.93 -21.86 -42.48
CA MET G 250 -21.70 -21.10 -42.73
C MET G 250 -20.65 -21.91 -43.51
N VAL G 251 -20.54 -23.19 -43.20
CA VAL G 251 -19.53 -24.07 -43.78
C VAL G 251 -19.85 -24.52 -45.22
N ALA G 252 -21.14 -24.57 -45.57
CA ALA G 252 -21.57 -24.98 -46.90
C ALA G 252 -21.90 -23.80 -47.82
N GLU G 253 -21.97 -22.60 -47.25
CA GLU G 253 -22.12 -21.35 -48.01
C GLU G 253 -20.77 -20.94 -48.63
N ILE G 254 -19.70 -21.41 -47.99
CA ILE G 254 -18.32 -21.21 -48.44
C ILE G 254 -17.93 -22.23 -49.52
N LYS G 255 -18.42 -23.45 -49.39
CA LYS G 255 -18.22 -24.49 -50.40
C LYS G 255 -19.09 -24.19 -51.61
N ALA G 256 -20.04 -23.27 -51.41
CA ALA G 256 -20.95 -22.80 -52.43
C ALA G 256 -20.27 -21.89 -53.46
N SER G 257 -19.28 -21.13 -53.02
CA SER G 257 -18.52 -20.26 -53.93
C SER G 257 -17.38 -20.98 -54.67
N GLY G 258 -17.00 -22.18 -54.19
CA GLY G 258 -15.96 -22.98 -54.81
C GLY G 258 -14.57 -22.86 -54.19
N ALA G 259 -14.51 -22.42 -52.93
CA ALA G 259 -13.25 -22.12 -52.26
C ALA G 259 -12.68 -23.31 -51.47
N ASN G 260 -11.51 -23.79 -51.88
CA ASN G 260 -10.82 -24.90 -51.21
C ASN G 260 -9.74 -24.42 -50.22
N VAL G 261 -9.74 -23.12 -49.95
CA VAL G 261 -8.81 -22.48 -49.01
C VAL G 261 -9.50 -21.26 -48.40
N LEU G 262 -9.31 -21.07 -47.08
CA LEU G 262 -9.95 -19.98 -46.36
C LEU G 262 -9.08 -19.38 -45.26
N PHE G 263 -8.84 -18.07 -45.34
CA PHE G 263 -8.08 -17.36 -44.31
C PHE G 263 -9.00 -16.45 -43.49
N CYS G 264 -9.19 -16.80 -42.21
CA CYS G 264 -10.08 -16.03 -41.34
C CYS G 264 -9.30 -15.17 -40.35
N GLN G 265 -9.67 -13.89 -40.22
CA GLN G 265 -9.01 -12.94 -39.30
C GLN G 265 -9.48 -13.11 -37.86
N LYS G 266 -10.75 -13.49 -37.70
CA LYS G 266 -11.30 -13.74 -36.39
C LYS G 266 -11.22 -15.23 -36.04
N GLY G 267 -12.07 -15.68 -35.12
CA GLY G 267 -12.02 -17.06 -34.66
C GLY G 267 -12.88 -18.00 -35.46
N ILE G 268 -12.43 -19.25 -35.55
CA ILE G 268 -13.22 -20.32 -36.15
C ILE G 268 -13.52 -21.37 -35.08
N ASP G 269 -14.78 -21.40 -34.65
CA ASP G 269 -15.22 -22.30 -33.59
C ASP G 269 -14.89 -23.75 -33.93
N ASP G 270 -14.85 -24.60 -32.90
CA ASP G 270 -14.43 -25.99 -33.04
C ASP G 270 -15.39 -26.91 -33.83
N LEU G 271 -16.65 -26.49 -33.94
CA LEU G 271 -17.63 -27.21 -34.78
C LEU G 271 -17.44 -26.90 -36.26
N ALA G 272 -17.18 -25.62 -36.57
CA ALA G 272 -16.92 -25.18 -37.95
C ALA G 272 -15.47 -25.43 -38.41
N GLN G 273 -14.69 -26.11 -37.56
CA GLN G 273 -13.35 -26.59 -37.91
C GLN G 273 -13.41 -28.05 -38.39
N HIS G 274 -14.39 -28.79 -37.89
CA HIS G 274 -14.59 -30.18 -38.31
C HIS G 274 -15.36 -30.29 -39.64
N TYR G 275 -16.27 -29.34 -39.88
CA TYR G 275 -17.09 -29.30 -41.10
C TYR G 275 -16.28 -28.85 -42.33
N LEU G 276 -15.22 -28.08 -42.08
CA LEU G 276 -14.27 -27.66 -43.12
C LEU G 276 -13.33 -28.79 -43.47
N ALA G 277 -12.72 -29.39 -42.45
CA ALA G 277 -11.85 -30.56 -42.64
C ALA G 277 -12.59 -31.62 -43.44
N LYS G 278 -13.88 -31.75 -43.16
CA LYS G 278 -14.73 -32.76 -43.78
C LYS G 278 -14.99 -32.45 -45.26
N GLU G 279 -14.93 -31.17 -45.61
CA GLU G 279 -15.22 -30.73 -46.98
C GLU G 279 -14.01 -30.77 -47.92
N GLY G 280 -12.81 -30.68 -47.34
CA GLY G 280 -11.58 -30.60 -48.12
C GLY G 280 -11.01 -29.18 -48.21
N ILE G 281 -11.63 -28.27 -47.46
CA ILE G 281 -11.22 -26.86 -47.43
C ILE G 281 -10.18 -26.62 -46.33
N VAL G 282 -9.03 -26.06 -46.72
CA VAL G 282 -8.01 -25.69 -45.73
C VAL G 282 -8.32 -24.29 -45.18
N ALA G 283 -8.07 -24.09 -43.88
CA ALA G 283 -8.38 -22.84 -43.19
C ALA G 283 -7.40 -22.48 -42.06
N ALA G 284 -7.19 -21.18 -41.85
CA ALA G 284 -6.38 -20.68 -40.75
C ALA G 284 -7.16 -19.56 -40.03
N ARG G 285 -7.20 -19.64 -38.69
CA ARG G 285 -7.94 -18.67 -37.88
C ARG G 285 -7.00 -17.64 -37.28
N ARG G 286 -7.53 -16.45 -37.01
CA ARG G 286 -6.76 -15.36 -36.38
C ARG G 286 -5.46 -14.99 -37.12
N VAL G 287 -5.58 -14.75 -38.42
CA VAL G 287 -4.46 -14.24 -39.21
C VAL G 287 -4.32 -12.73 -39.01
N LYS G 288 -3.09 -12.26 -38.86
CA LYS G 288 -2.84 -10.83 -38.70
C LYS G 288 -3.67 -10.03 -39.70
N LYS G 289 -4.19 -8.89 -39.26
CA LYS G 289 -4.94 -8.02 -40.16
C LYS G 289 -4.07 -7.55 -41.33
N SER G 290 -2.80 -7.32 -41.04
CA SER G 290 -1.79 -6.97 -42.03
C SER G 290 -1.58 -8.09 -43.06
N ASP G 291 -1.66 -9.33 -42.59
CA ASP G 291 -1.55 -10.53 -43.46
C ASP G 291 -2.80 -10.74 -44.29
N MET G 292 -3.87 -10.03 -43.94
CA MET G 292 -5.16 -10.16 -44.63
C MET G 292 -5.23 -9.26 -45.86
N GLU G 293 -4.65 -8.07 -45.73
CA GLU G 293 -4.50 -7.13 -46.84
C GLU G 293 -3.43 -7.61 -47.82
N LYS G 294 -2.37 -8.21 -47.29
CA LYS G 294 -1.31 -8.83 -48.09
C LYS G 294 -1.89 -9.88 -49.03
N LEU G 295 -2.80 -10.69 -48.48
CA LEU G 295 -3.50 -11.73 -49.22
C LEU G 295 -4.58 -11.14 -50.16
N ALA G 296 -5.25 -10.08 -49.70
CA ALA G 296 -6.23 -9.39 -50.51
C ALA G 296 -5.64 -8.99 -51.85
N LYS G 297 -4.45 -8.40 -51.81
CA LYS G 297 -3.82 -7.84 -53.02
C LYS G 297 -3.06 -8.86 -53.91
N ALA G 298 -2.30 -9.77 -53.28
CA ALA G 298 -1.38 -10.66 -54.01
C ALA G 298 -2.07 -11.74 -54.84
N THR G 299 -3.18 -12.25 -54.33
CA THR G 299 -3.91 -13.30 -55.01
C THR G 299 -4.92 -12.71 -56.01
N GLY G 300 -5.48 -11.57 -55.64
CA GLY G 300 -6.57 -10.95 -56.37
C GLY G 300 -7.89 -11.28 -55.71
N ALA G 301 -7.93 -11.27 -54.38
CA ALA G 301 -9.11 -11.67 -53.63
C ALA G 301 -9.93 -10.48 -53.11
N ASN G 302 -10.84 -10.75 -52.18
CA ASN G 302 -11.69 -9.70 -51.60
C ASN G 302 -12.01 -9.97 -50.12
N VAL G 303 -11.81 -8.96 -49.27
CA VAL G 303 -12.08 -9.06 -47.83
C VAL G 303 -13.57 -8.95 -47.48
N ILE G 304 -14.21 -10.09 -47.24
CA ILE G 304 -15.65 -10.15 -46.96
C ILE G 304 -15.98 -10.20 -45.45
N THR G 305 -16.82 -9.26 -44.99
CA THR G 305 -17.28 -9.20 -43.60
C THR G 305 -18.56 -10.02 -43.39
N ASN G 306 -19.41 -10.07 -44.43
CA ASN G 306 -20.65 -10.84 -44.40
C ASN G 306 -20.49 -12.19 -45.12
N ILE G 307 -20.49 -13.29 -44.35
CA ILE G 307 -20.30 -14.64 -44.90
C ILE G 307 -21.38 -15.04 -45.91
N LYS G 308 -22.56 -14.42 -45.77
CA LYS G 308 -23.67 -14.61 -46.70
C LYS G 308 -23.35 -13.99 -48.05
N ASP G 309 -22.76 -12.80 -48.02
CA ASP G 309 -22.44 -12.06 -49.24
C ASP G 309 -21.13 -12.55 -49.86
N LEU G 310 -20.76 -13.79 -49.56
CA LEU G 310 -19.58 -14.38 -50.16
C LEU G 310 -19.87 -14.80 -51.60
N SER G 311 -19.60 -13.89 -52.54
CA SER G 311 -19.76 -14.19 -53.96
C SER G 311 -18.72 -15.21 -54.40
N ALA G 312 -18.84 -15.69 -55.64
CA ALA G 312 -17.89 -16.65 -56.21
C ALA G 312 -16.75 -15.97 -56.96
N GLN G 313 -16.74 -14.63 -56.93
CA GLN G 313 -15.66 -13.83 -57.53
C GLN G 313 -14.89 -12.99 -56.47
N ASP G 314 -15.19 -13.22 -55.18
CA ASP G 314 -14.44 -12.63 -54.06
C ASP G 314 -13.28 -13.54 -53.66
N LEU G 315 -13.02 -14.53 -54.50
CA LEU G 315 -11.95 -15.50 -54.27
C LEU G 315 -10.71 -15.11 -55.09
N GLY G 316 -9.54 -15.20 -54.46
CA GLY G 316 -8.30 -14.95 -55.16
C GLY G 316 -7.85 -16.16 -55.97
N ASP G 317 -6.61 -16.13 -56.44
CA ASP G 317 -6.04 -17.26 -57.18
C ASP G 317 -4.51 -17.38 -57.00
N ALA G 318 -4.09 -18.49 -56.38
CA ALA G 318 -2.68 -18.84 -56.27
C ALA G 318 -2.43 -20.27 -56.77
N GLY G 319 -1.38 -20.45 -57.58
CA GLY G 319 -1.05 -21.74 -58.16
C GLY G 319 -0.46 -22.77 -57.20
N LEU G 320 -0.52 -22.46 -55.89
CA LEU G 320 -0.10 -23.38 -54.84
C LEU G 320 -0.38 -22.74 -53.48
N VAL G 321 -1.03 -23.50 -52.59
CA VAL G 321 -1.15 -23.11 -51.18
C VAL G 321 -0.66 -24.30 -50.32
N GLU G 322 0.46 -24.14 -49.64
CA GLU G 322 1.03 -25.27 -48.93
C GLU G 322 1.55 -24.94 -47.53
N GLU G 323 1.38 -25.89 -46.61
CA GLU G 323 2.01 -25.80 -45.29
C GLU G 323 3.36 -26.53 -45.32
N ARG G 324 4.43 -25.75 -45.16
CA ARG G 324 5.80 -26.26 -45.10
C ARG G 324 6.41 -26.00 -43.74
N LYS G 325 7.40 -26.81 -43.38
CA LYS G 325 8.33 -26.45 -42.32
C LYS G 325 9.60 -25.90 -42.97
N ILE G 326 9.89 -24.64 -42.70
CA ILE G 326 11.06 -24.00 -43.25
C ILE G 326 11.84 -23.34 -42.10
N SER G 327 13.04 -23.86 -41.84
CA SER G 327 13.85 -23.40 -40.72
C SER G 327 13.20 -23.70 -39.37
N GLY G 328 12.58 -24.88 -39.26
CA GLY G 328 11.97 -25.32 -38.02
C GLY G 328 10.49 -25.01 -37.94
N ASP G 329 10.16 -23.71 -37.99
CA ASP G 329 8.77 -23.23 -37.92
C ASP G 329 7.96 -23.69 -39.14
N SER G 330 6.67 -23.95 -38.95
CA SER G 330 5.81 -24.37 -40.06
C SER G 330 4.84 -23.27 -40.50
N MET G 331 4.95 -22.83 -41.75
CA MET G 331 4.14 -21.74 -42.29
C MET G 331 3.34 -22.10 -43.55
N ILE G 332 2.35 -21.27 -43.87
CA ILE G 332 1.46 -21.49 -45.01
C ILE G 332 1.86 -20.64 -46.21
N PHE G 333 2.55 -21.25 -47.17
CA PHE G 333 2.99 -20.58 -48.38
C PHE G 333 1.84 -20.45 -49.38
N VAL G 334 1.60 -19.25 -49.88
CA VAL G 334 0.57 -18.98 -50.89
C VAL G 334 1.26 -18.47 -52.18
N GLU G 335 2.11 -19.32 -52.74
CA GLU G 335 3.05 -18.87 -53.74
C GLU G 335 2.53 -18.97 -55.16
N GLU G 336 3.43 -18.74 -56.11
CA GLU G 336 3.15 -18.86 -57.54
C GLU G 336 1.81 -18.24 -57.96
N CYS G 337 1.56 -16.99 -57.55
CA CYS G 337 0.34 -16.27 -57.93
C CYS G 337 0.40 -15.77 -59.37
N LYS G 338 -0.74 -15.33 -59.89
CA LYS G 338 -0.85 -14.92 -61.28
C LYS G 338 -0.46 -13.45 -61.47
N HIS G 339 -1.24 -12.56 -60.86
CA HIS G 339 -1.02 -11.12 -61.01
C HIS G 339 -0.83 -10.48 -59.63
N PRO G 340 0.39 -10.61 -59.07
CA PRO G 340 0.69 -10.11 -57.73
C PRO G 340 0.75 -8.58 -57.66
N LYS G 341 -0.01 -8.02 -56.72
CA LYS G 341 0.12 -6.62 -56.34
C LYS G 341 0.70 -6.59 -54.94
N ALA G 342 1.08 -7.77 -54.46
CA ALA G 342 1.94 -7.90 -53.30
C ALA G 342 2.92 -9.03 -53.61
N VAL G 343 4.10 -8.94 -53.04
CA VAL G 343 5.16 -9.88 -53.34
C VAL G 343 5.98 -10.09 -52.06
N THR G 344 6.58 -11.27 -51.92
CA THR G 344 7.43 -11.55 -50.76
C THR G 344 8.87 -11.82 -51.15
N MET G 345 9.78 -11.16 -50.47
CA MET G 345 11.18 -11.45 -50.62
C MET G 345 11.56 -12.38 -49.49
N LEU G 346 11.85 -13.63 -49.82
CA LEU G 346 12.30 -14.54 -48.79
C LEU G 346 13.81 -14.42 -48.67
N ILE G 347 14.25 -13.83 -47.58
CA ILE G 347 15.68 -13.70 -47.36
C ILE G 347 16.16 -14.86 -46.51
N ARG G 348 17.36 -15.35 -46.81
CA ARG G 348 17.92 -16.49 -46.06
C ARG G 348 19.44 -16.38 -45.87
N GLY G 349 19.96 -16.93 -44.79
CA GLY G 349 21.38 -16.89 -44.52
C GLY G 349 21.64 -17.76 -43.32
N THR G 350 22.88 -18.17 -43.13
CA THR G 350 23.19 -19.12 -42.06
C THR G 350 22.77 -18.68 -40.65
N THR G 351 23.34 -17.58 -40.14
CA THR G 351 22.97 -17.08 -38.80
C THR G 351 22.00 -15.91 -38.90
N GLU G 352 21.61 -15.37 -37.74
CA GLU G 352 20.54 -14.39 -37.69
C GLU G 352 20.92 -12.98 -38.10
N HIS G 353 22.07 -12.51 -37.62
CA HIS G 353 22.51 -11.16 -37.95
C HIS G 353 23.10 -11.10 -39.36
N VAL G 354 23.52 -12.28 -39.85
CA VAL G 354 23.92 -12.42 -41.24
C VAL G 354 22.71 -12.16 -42.15
N ILE G 355 21.60 -12.77 -41.77
CA ILE G 355 20.32 -12.60 -42.45
C ILE G 355 19.82 -11.15 -42.36
N GLU G 356 19.95 -10.56 -41.17
CA GLU G 356 19.36 -9.25 -40.86
C GLU G 356 20.02 -8.08 -41.61
N GLU G 357 21.32 -8.23 -41.91
CA GLU G 357 22.06 -7.23 -42.69
C GLU G 357 21.92 -7.41 -44.22
N VAL G 358 21.74 -8.66 -44.67
CA VAL G 358 21.38 -8.92 -46.06
C VAL G 358 20.03 -8.25 -46.33
N ALA G 359 19.21 -8.20 -45.27
CA ALA G 359 17.88 -7.63 -45.34
C ALA G 359 17.91 -6.12 -45.47
N ARG G 360 18.76 -5.47 -44.67
CA ARG G 360 18.97 -4.02 -44.76
C ARG G 360 19.56 -3.61 -46.10
N ALA G 361 20.27 -4.53 -46.73
CA ALA G 361 20.81 -4.29 -48.06
C ALA G 361 19.69 -4.33 -49.09
N VAL G 362 18.78 -5.28 -48.92
CA VAL G 362 17.63 -5.41 -49.82
C VAL G 362 16.67 -4.22 -49.75
N ASP G 363 16.57 -3.61 -48.57
CA ASP G 363 15.73 -2.43 -48.37
C ASP G 363 16.24 -1.19 -49.10
N ASP G 364 17.57 -1.13 -49.22
CA ASP G 364 18.25 -0.01 -49.86
C ASP G 364 18.12 -0.15 -51.36
N ALA G 365 18.31 -1.38 -51.85
CA ALA G 365 18.04 -1.72 -53.23
C ALA G 365 16.61 -1.33 -53.61
N VAL G 366 15.63 -1.94 -52.95
CA VAL G 366 14.21 -1.67 -53.19
C VAL G 366 13.85 -0.18 -53.18
N GLY G 367 14.66 0.61 -52.48
CA GLY G 367 14.43 2.04 -52.43
C GLY G 367 14.88 2.70 -53.71
N VAL G 368 16.15 2.50 -54.05
CA VAL G 368 16.77 3.16 -55.19
C VAL G 368 16.17 2.67 -56.51
N VAL G 369 15.74 1.41 -56.52
CA VAL G 369 15.00 0.86 -57.66
C VAL G 369 13.63 1.56 -57.76
N GLY G 370 12.86 1.53 -56.68
CA GLY G 370 11.61 2.27 -56.63
C GLY G 370 11.83 3.71 -57.04
N CYS G 371 13.01 4.22 -56.73
CA CYS G 371 13.32 5.63 -56.98
C CYS G 371 13.57 5.97 -58.45
N THR G 372 14.08 4.99 -59.19
CA THR G 372 14.38 5.22 -60.61
C THR G 372 13.10 5.15 -61.42
N ILE G 373 12.40 4.02 -61.29
CA ILE G 373 11.03 3.86 -61.80
C ILE G 373 10.19 5.13 -61.58
N GLU G 374 10.11 5.58 -60.33
CA GLU G 374 9.34 6.77 -59.97
C GLU G 374 9.86 8.02 -60.67
N ASP G 375 11.14 8.30 -60.48
CA ASP G 375 11.80 9.51 -61.01
C ASP G 375 12.01 9.49 -62.52
N GLY G 376 12.73 8.48 -62.99
CA GLY G 376 13.11 8.39 -64.39
C GLY G 376 14.51 8.92 -64.72
N ARG G 377 15.10 9.70 -63.81
CA ARG G 377 16.44 10.23 -64.02
C ARG G 377 17.44 9.59 -63.07
N ILE G 378 18.68 9.45 -63.52
CA ILE G 378 19.75 8.91 -62.68
C ILE G 378 21.08 9.60 -62.93
N VAL G 379 22.07 9.36 -62.06
CA VAL G 379 23.43 9.87 -62.25
C VAL G 379 24.49 8.81 -62.01
N SER G 380 25.75 9.22 -62.09
CA SER G 380 26.88 8.32 -61.99
C SER G 380 27.56 8.35 -60.63
N GLY G 381 27.64 7.20 -59.98
CA GLY G 381 28.18 7.09 -58.63
C GLY G 381 29.69 7.27 -58.55
N GLY G 382 30.31 6.68 -57.54
CA GLY G 382 31.76 6.72 -57.38
C GLY G 382 32.31 8.07 -56.93
N GLY G 383 31.41 8.96 -56.52
CA GLY G 383 31.77 10.33 -56.17
C GLY G 383 31.84 11.17 -57.43
N SER G 384 31.39 10.61 -58.55
CA SER G 384 31.49 11.26 -59.84
C SER G 384 30.75 12.61 -59.87
N THR G 385 29.43 12.55 -59.77
CA THR G 385 28.64 13.76 -59.89
C THR G 385 28.83 14.70 -58.70
N GLU G 386 29.76 14.40 -57.80
CA GLU G 386 30.09 15.34 -56.73
C GLU G 386 31.24 16.20 -57.15
N VAL G 387 32.15 15.61 -57.92
CA VAL G 387 33.28 16.35 -58.45
C VAL G 387 32.81 17.24 -59.57
N GLU G 388 31.91 16.71 -60.39
CA GLU G 388 31.27 17.53 -61.39
C GLU G 388 30.57 18.66 -60.64
N LEU G 389 29.55 18.30 -59.89
CA LEU G 389 28.71 19.26 -59.19
C LEU G 389 29.51 20.30 -58.40
N SER G 390 30.76 19.98 -58.12
CA SER G 390 31.55 20.85 -57.25
C SER G 390 32.34 21.85 -58.06
N MET G 391 32.81 21.45 -59.23
CA MET G 391 33.57 22.38 -60.06
C MET G 391 32.61 23.36 -60.71
N LYS G 392 31.46 22.85 -61.15
CA LYS G 392 30.43 23.72 -61.71
C LYS G 392 30.04 24.77 -60.68
N LEU G 393 29.79 24.32 -59.44
CA LEU G 393 29.50 25.23 -58.35
C LEU G 393 30.61 26.21 -58.08
N ARG G 394 31.84 25.83 -58.42
CA ARG G 394 32.98 26.68 -58.11
C ARG G 394 33.07 27.85 -59.07
N GLU G 395 32.70 27.61 -60.33
CA GLU G 395 32.64 28.70 -61.28
C GLU G 395 31.42 29.60 -61.05
N TYR G 396 30.26 29.00 -60.76
CA TYR G 396 29.08 29.78 -60.42
C TYR G 396 29.43 30.71 -59.30
N ALA G 397 30.50 30.35 -58.57
CA ALA G 397 30.97 31.06 -57.37
C ALA G 397 31.66 32.38 -57.68
N GLU G 398 32.33 32.46 -58.83
CA GLU G 398 33.02 33.69 -59.21
C GLU G 398 32.03 34.77 -59.61
N GLY G 399 30.94 34.37 -60.27
CA GLY G 399 29.90 35.29 -60.67
C GLY G 399 29.15 35.83 -59.47
N ILE G 400 29.81 35.78 -58.31
CA ILE G 400 29.23 36.24 -57.05
C ILE G 400 30.06 37.35 -56.45
N SER G 401 29.45 38.51 -56.28
CA SER G 401 30.12 39.64 -55.64
C SER G 401 29.78 39.62 -54.15
N GLY G 402 30.77 39.91 -53.31
CA GLY G 402 30.55 40.02 -51.89
C GLY G 402 31.22 38.88 -51.15
N ARG G 403 31.14 38.87 -49.83
CA ARG G 403 31.68 37.76 -49.05
C ARG G 403 30.98 36.47 -49.39
N GLU G 404 29.66 36.53 -49.52
CA GLU G 404 28.84 35.35 -49.73
C GLU G 404 29.45 34.42 -50.77
N GLN G 405 30.46 34.93 -51.46
CA GLN G 405 31.20 34.14 -52.43
C GLN G 405 31.99 33.05 -51.73
N LEU G 406 32.72 33.43 -50.70
CA LEU G 406 33.47 32.47 -49.88
C LEU G 406 32.63 31.30 -49.43
N ALA G 407 31.42 31.61 -48.96
CA ALA G 407 30.44 30.61 -48.60
C ALA G 407 30.27 29.64 -49.76
N VAL G 408 29.97 30.17 -50.94
CA VAL G 408 29.67 29.34 -52.12
C VAL G 408 30.83 28.46 -52.56
N ARG G 409 32.05 28.95 -52.46
CA ARG G 409 33.20 28.09 -52.72
C ARG G 409 33.34 27.00 -51.68
N ALA G 410 33.10 27.35 -50.42
CA ALA G 410 33.12 26.40 -49.33
C ALA G 410 32.07 25.32 -49.52
N PHE G 411 30.91 25.71 -50.02
CA PHE G 411 29.86 24.73 -50.25
C PHE G 411 30.27 23.82 -51.39
N ALA G 412 30.96 24.38 -52.36
CA ALA G 412 31.45 23.62 -53.50
C ALA G 412 32.55 22.62 -53.08
N ASP G 413 33.51 23.09 -52.28
CA ASP G 413 34.58 22.27 -51.73
C ASP G 413 34.05 21.18 -50.79
N ALA G 414 32.96 21.51 -50.12
CA ALA G 414 32.32 20.55 -49.23
C ALA G 414 31.99 19.24 -49.94
N LEU G 415 31.35 19.32 -51.11
CA LEU G 415 30.87 18.11 -51.79
C LEU G 415 32.00 17.13 -52.15
N GLU G 416 33.23 17.60 -52.12
CA GLU G 416 34.35 16.76 -52.50
C GLU G 416 34.68 15.79 -51.40
N VAL G 417 33.84 15.77 -50.37
CA VAL G 417 34.13 14.95 -49.21
C VAL G 417 33.78 13.52 -49.52
N ILE G 418 32.85 13.33 -50.45
CA ILE G 418 32.40 12.00 -50.84
C ILE G 418 33.42 11.26 -51.70
N PRO G 419 33.94 11.92 -52.72
CA PRO G 419 35.05 11.27 -53.42
C PRO G 419 36.18 11.05 -52.44
N ARG G 420 36.43 12.02 -51.55
CA ARG G 420 37.59 11.98 -50.66
C ARG G 420 37.55 10.82 -49.70
N THR G 421 36.45 10.68 -48.96
CA THR G 421 36.37 9.57 -48.01
C THR G 421 36.20 8.21 -48.69
N LEU G 422 35.63 8.18 -49.91
CA LEU G 422 35.56 6.91 -50.61
C LEU G 422 36.95 6.37 -50.89
N ALA G 423 37.89 7.26 -51.27
CA ALA G 423 39.30 6.93 -51.45
C ALA G 423 39.93 6.44 -50.16
N GLU G 424 39.68 7.17 -49.07
CA GLU G 424 40.32 6.92 -47.78
C GLU G 424 40.14 5.51 -47.35
N ASN G 425 38.87 5.09 -47.28
CA ASN G 425 38.51 3.76 -46.81
C ASN G 425 39.05 2.66 -47.70
N ALA G 426 39.14 2.93 -49.00
CA ALA G 426 39.74 1.96 -49.91
C ALA G 426 41.23 1.81 -49.62
N GLY G 427 41.81 2.85 -49.04
CA GLY G 427 43.21 2.86 -48.64
C GLY G 427 44.04 3.76 -49.54
N LEU G 428 43.44 4.20 -50.64
CA LEU G 428 44.19 4.97 -51.61
C LEU G 428 44.48 6.36 -51.09
N ASP G 429 45.35 7.07 -51.81
CA ASP G 429 45.80 8.41 -51.44
C ASP G 429 44.76 9.44 -51.86
N ALA G 430 43.93 9.86 -50.90
CA ALA G 430 42.80 10.73 -51.13
C ALA G 430 43.18 11.94 -51.96
N ILE G 431 44.32 12.54 -51.64
CA ILE G 431 44.65 13.85 -52.20
C ILE G 431 44.94 13.79 -53.69
N GLU G 432 45.73 12.79 -54.11
CA GLU G 432 46.09 12.58 -55.52
C GLU G 432 44.86 12.28 -56.34
N ILE G 433 44.26 11.15 -56.02
CA ILE G 433 43.02 10.70 -56.64
C ILE G 433 42.02 11.83 -56.86
N LEU G 434 41.95 12.75 -55.91
CA LEU G 434 41.04 13.85 -56.04
C LEU G 434 41.52 14.76 -57.16
N VAL G 435 42.84 14.88 -57.34
CA VAL G 435 43.34 15.70 -58.43
C VAL G 435 43.05 15.06 -59.79
N LYS G 436 43.31 13.76 -59.91
CA LYS G 436 43.05 13.06 -61.16
C LYS G 436 41.60 13.25 -61.56
N VAL G 437 40.71 12.88 -60.66
CA VAL G 437 39.29 13.01 -60.92
C VAL G 437 38.84 14.45 -61.16
N ARG G 438 39.64 15.43 -60.76
CA ARG G 438 39.26 16.83 -60.94
C ARG G 438 39.76 17.39 -62.27
N ALA G 439 40.79 16.76 -62.82
CA ALA G 439 41.28 17.12 -64.14
C ALA G 439 40.37 16.52 -65.24
N ALA G 440 39.93 15.28 -65.02
CA ALA G 440 39.04 14.58 -65.94
C ALA G 440 37.63 15.16 -65.99
N HIS G 441 37.42 16.31 -65.35
CA HIS G 441 36.13 17.01 -65.41
C HIS G 441 36.23 18.42 -65.98
N ALA G 442 37.36 18.72 -66.62
CA ALA G 442 37.70 20.08 -67.01
C ALA G 442 36.92 20.60 -68.23
N SER G 443 35.60 20.78 -68.06
CA SER G 443 34.71 21.32 -69.11
C SER G 443 34.48 20.38 -70.32
N ASN G 444 35.43 19.48 -70.57
CA ASN G 444 35.24 18.44 -71.58
C ASN G 444 34.34 17.35 -71.03
N GLY G 445 34.83 16.11 -71.06
CA GLY G 445 34.21 15.04 -70.31
C GLY G 445 34.69 15.16 -68.88
N ASN G 446 34.27 14.26 -68.02
CA ASN G 446 33.37 13.17 -68.37
C ASN G 446 31.95 13.30 -67.76
N LYS G 447 31.88 13.96 -66.59
CA LYS G 447 30.66 14.05 -65.75
C LYS G 447 30.32 12.72 -65.15
N CYS G 448 31.05 11.72 -65.63
CA CYS G 448 30.86 10.32 -65.29
C CYS G 448 32.24 9.79 -64.89
N ALA G 449 33.18 10.70 -64.75
CA ALA G 449 34.55 10.29 -64.45
C ALA G 449 34.75 10.19 -62.95
N GLY G 450 34.86 8.96 -62.44
CA GLY G 450 34.98 8.76 -61.01
C GLY G 450 36.02 7.73 -60.56
N LEU G 451 36.29 7.67 -59.27
CA LEU G 451 37.26 6.71 -58.75
C LEU G 451 36.66 5.32 -58.54
N ASN G 452 37.19 4.33 -59.23
CA ASN G 452 36.85 2.96 -58.92
C ASN G 452 37.79 2.45 -57.87
N VAL G 453 37.25 2.12 -56.71
CA VAL G 453 38.03 1.72 -55.53
C VAL G 453 38.63 0.33 -55.62
N PHE G 454 38.25 -0.39 -56.68
CA PHE G 454 38.85 -1.68 -57.00
C PHE G 454 39.97 -1.45 -58.00
N THR G 455 39.63 -0.96 -59.18
CA THR G 455 40.65 -0.50 -60.10
C THR G 455 41.78 0.16 -59.31
N GLY G 456 41.45 1.23 -58.60
CA GLY G 456 42.48 2.05 -57.98
C GLY G 456 42.65 3.31 -58.80
N ALA G 457 42.27 3.25 -60.07
CA ALA G 457 42.38 4.41 -60.96
C ALA G 457 41.01 4.93 -61.41
N VAL G 458 40.99 6.17 -61.88
CA VAL G 458 39.75 6.85 -62.22
C VAL G 458 39.19 6.33 -63.55
N GLU G 459 37.92 5.92 -63.55
CA GLU G 459 37.31 5.29 -64.73
C GLU G 459 35.99 5.94 -65.13
N ASP G 460 35.31 5.35 -66.11
CA ASP G 460 34.04 5.95 -66.53
C ASP G 460 32.91 5.19 -65.87
N MET G 461 32.36 5.81 -64.82
CA MET G 461 31.40 5.14 -63.95
C MET G 461 30.09 4.77 -64.63
N CYS G 462 29.64 5.56 -65.60
CA CYS G 462 28.39 5.24 -66.32
C CYS G 462 28.54 3.90 -67.04
N GLU G 463 29.73 3.65 -67.55
CA GLU G 463 30.01 2.43 -68.30
C GLU G 463 30.35 1.26 -67.41
N ASN G 464 30.94 1.52 -66.25
CA ASN G 464 31.20 0.45 -65.28
C ASN G 464 29.96 0.07 -64.49
N GLY G 465 28.83 0.65 -64.86
CA GLY G 465 27.56 0.32 -64.23
C GLY G 465 27.41 0.80 -62.80
N VAL G 466 27.97 1.97 -62.52
CA VAL G 466 27.85 2.57 -61.20
C VAL G 466 26.87 3.74 -61.27
N VAL G 467 25.61 3.47 -60.93
CA VAL G 467 24.59 4.49 -61.08
C VAL G 467 23.64 4.63 -59.87
N GLU G 468 23.09 5.82 -59.70
CA GLU G 468 22.30 6.16 -58.51
C GLU G 468 21.15 7.06 -58.88
N PRO G 469 19.96 6.75 -58.35
CA PRO G 469 18.80 7.60 -58.66
C PRO G 469 19.20 9.06 -58.49
N LEU G 470 18.51 9.99 -59.14
CA LEU G 470 18.85 11.39 -58.93
C LEU G 470 18.45 11.78 -57.51
N ARG G 471 17.34 11.20 -57.05
CA ARG G 471 16.79 11.51 -55.74
C ARG G 471 17.82 11.32 -54.62
N VAL G 472 18.82 10.48 -54.82
CA VAL G 472 19.84 10.30 -53.78
C VAL G 472 20.68 11.56 -53.57
N LYS G 473 21.08 12.23 -54.64
CA LYS G 473 21.99 13.36 -54.50
C LYS G 473 21.26 14.65 -54.29
N THR G 474 20.03 14.74 -54.77
CA THR G 474 19.24 15.96 -54.56
C THR G 474 18.76 15.98 -53.13
N GLN G 475 18.04 14.94 -52.74
CA GLN G 475 17.55 14.90 -51.38
C GLN G 475 18.72 15.10 -50.42
N ALA G 476 19.81 14.39 -50.64
CA ALA G 476 20.94 14.44 -49.72
C ALA G 476 21.54 15.84 -49.64
N ILE G 477 21.81 16.44 -50.79
CA ILE G 477 22.44 17.74 -50.79
C ILE G 477 21.54 18.82 -50.21
N GLN G 478 20.23 18.67 -50.31
CA GLN G 478 19.38 19.72 -49.74
C GLN G 478 19.06 19.59 -48.25
N SER G 479 18.84 18.37 -47.77
CA SER G 479 18.67 18.19 -46.33
C SER G 479 19.97 18.46 -45.59
N ALA G 480 21.11 18.27 -46.25
CA ALA G 480 22.39 18.63 -45.65
C ALA G 480 22.53 20.14 -45.61
N ALA G 481 21.97 20.80 -46.60
CA ALA G 481 22.07 22.24 -46.66
C ALA G 481 21.11 22.84 -45.65
N GLU G 482 19.88 22.39 -45.67
CA GLU G 482 18.84 23.00 -44.84
C GLU G 482 19.11 22.91 -43.37
N SER G 483 19.58 21.75 -42.92
CA SER G 483 19.83 21.59 -41.50
C SER G 483 21.10 22.35 -41.05
N THR G 484 22.22 22.23 -41.77
CA THR G 484 23.43 22.96 -41.34
C THR G 484 23.23 24.45 -41.41
N GLU G 485 22.35 24.89 -42.30
CA GLU G 485 22.00 26.29 -42.39
C GLU G 485 21.37 26.69 -41.07
N MET G 486 20.43 25.90 -40.57
CA MET G 486 19.76 26.31 -39.36
C MET G 486 20.72 26.25 -38.19
N LEU G 487 21.68 25.34 -38.21
CA LEU G 487 22.55 25.18 -37.07
C LEU G 487 23.43 26.38 -36.92
N LEU G 488 23.85 26.91 -38.05
CA LEU G 488 24.80 28.03 -38.08
C LEU G 488 24.17 29.33 -37.58
N ARG G 489 22.86 29.38 -37.62
CA ARG G 489 22.17 30.59 -37.21
C ARG G 489 22.16 30.70 -35.71
N ILE G 490 22.55 29.61 -35.06
CA ILE G 490 22.49 29.48 -33.59
C ILE G 490 23.72 30.01 -32.88
N ASP G 491 23.48 30.87 -31.89
CA ASP G 491 24.57 31.51 -31.17
C ASP G 491 24.47 31.35 -29.66
N ASP G 492 23.32 30.92 -29.17
CA ASP G 492 23.11 30.71 -27.74
C ASP G 492 22.40 29.38 -27.57
N VAL G 493 22.78 28.60 -26.55
CA VAL G 493 22.14 27.32 -26.25
C VAL G 493 21.72 27.38 -24.79
N ILE G 494 20.66 26.67 -24.43
CA ILE G 494 20.21 26.69 -23.04
C ILE G 494 19.90 25.29 -22.46
N ALA G 495 20.94 24.58 -22.00
CA ALA G 495 20.82 23.18 -21.57
C ALA G 495 20.53 23.01 -20.06
N ALA G 496 19.54 22.19 -19.73
CA ALA G 496 19.15 22.00 -18.34
C ALA G 496 19.47 20.61 -17.81
N GLU G 497 19.17 20.41 -16.52
CA GLU G 497 19.25 19.10 -15.88
C GLU G 497 20.66 18.51 -15.91
N ASN H 11 30.54 8.81 -22.54
CA ASN H 11 29.42 7.92 -22.82
C ASN H 11 29.61 6.99 -24.03
N MET H 12 30.23 5.83 -23.85
CA MET H 12 30.85 5.41 -22.59
C MET H 12 32.10 4.56 -22.85
N LYS H 13 31.97 3.56 -23.73
CA LYS H 13 33.10 2.74 -24.13
C LYS H 13 33.10 2.54 -25.64
N ARG H 14 34.21 2.86 -26.30
CA ARG H 14 34.31 2.64 -27.73
C ARG H 14 35.71 2.11 -28.09
N TYR H 15 35.76 1.12 -28.99
CA TYR H 15 37.05 0.58 -29.43
C TYR H 15 37.32 0.88 -30.91
N MET H 16 38.53 1.39 -31.18
CA MET H 16 38.88 1.89 -32.50
C MET H 16 39.77 0.94 -33.33
N GLY H 17 39.39 0.73 -34.58
CA GLY H 17 40.25 0.09 -35.57
C GLY H 17 40.89 -1.22 -35.16
N ARG H 18 42.23 -1.23 -35.05
CA ARG H 18 42.97 -2.44 -34.72
C ARG H 18 42.64 -2.96 -33.31
N ASP H 19 42.08 -2.09 -32.46
CA ASP H 19 41.63 -2.48 -31.11
C ASP H 19 40.30 -3.20 -31.15
N ALA H 20 39.38 -2.68 -31.95
CA ALA H 20 38.05 -3.27 -32.07
C ALA H 20 38.10 -4.59 -32.80
N GLN H 21 39.00 -4.71 -33.79
CA GLN H 21 39.16 -5.98 -34.48
C GLN H 21 39.81 -6.96 -33.54
N ARG H 22 40.89 -6.56 -32.87
CA ARG H 22 41.54 -7.46 -31.94
C ARG H 22 40.59 -7.87 -30.82
N MET H 23 39.75 -6.94 -30.37
CA MET H 23 38.74 -7.26 -29.35
C MET H 23 37.84 -8.40 -29.85
N ASN H 24 37.28 -8.27 -31.04
CA ASN H 24 36.32 -9.24 -31.54
C ASN H 24 36.95 -10.55 -31.97
N ILE H 25 38.06 -10.47 -32.68
CA ILE H 25 38.75 -11.67 -33.13
C ILE H 25 39.19 -12.45 -31.92
N LEU H 26 39.54 -11.75 -30.85
CA LEU H 26 39.95 -12.43 -29.64
C LEU H 26 38.76 -13.01 -28.88
N ALA H 27 37.69 -12.22 -28.73
CA ALA H 27 36.48 -12.69 -28.06
C ALA H 27 35.88 -13.89 -28.76
N GLY H 28 36.03 -13.94 -30.07
CA GLY H 28 35.63 -15.11 -30.84
C GLY H 28 36.49 -16.33 -30.52
N ARG H 29 37.81 -16.19 -30.65
CA ARG H 29 38.70 -17.33 -30.42
C ARG H 29 38.51 -17.91 -29.04
N ILE H 30 37.97 -17.12 -28.11
CA ILE H 30 37.85 -17.55 -26.71
C ILE H 30 36.66 -18.45 -26.40
N ILE H 31 35.50 -18.18 -26.99
CA ILE H 31 34.42 -19.15 -26.87
C ILE H 31 34.68 -20.33 -27.79
N ALA H 32 35.50 -20.14 -28.81
CA ALA H 32 35.93 -21.28 -29.57
C ALA H 32 36.81 -22.21 -28.71
N GLU H 33 37.85 -21.65 -28.07
CA GLU H 33 38.79 -22.43 -27.23
C GLU H 33 38.09 -23.02 -26.02
N THR H 34 36.85 -22.59 -25.80
CA THR H 34 36.06 -23.04 -24.67
C THR H 34 35.39 -24.39 -24.93
N VAL H 35 35.30 -24.78 -26.19
CA VAL H 35 34.69 -26.06 -26.53
C VAL H 35 35.65 -26.96 -27.32
N ARG H 36 36.82 -26.42 -27.66
CA ARG H 36 37.88 -27.19 -28.31
C ARG H 36 38.08 -28.52 -27.59
N SER H 37 37.84 -28.52 -26.28
CA SER H 37 38.20 -29.69 -25.48
C SER H 37 37.19 -30.83 -25.54
N THR H 38 36.04 -30.59 -26.15
CA THR H 38 34.99 -31.60 -26.17
C THR H 38 34.99 -32.34 -27.49
N LEU H 39 35.90 -31.93 -28.35
CA LEU H 39 35.87 -32.41 -29.70
C LEU H 39 36.46 -33.80 -29.83
N GLY H 40 35.65 -34.73 -30.34
CA GLY H 40 36.10 -36.09 -30.53
C GLY H 40 35.68 -37.00 -29.39
N PRO H 41 35.91 -38.31 -29.57
CA PRO H 41 35.62 -39.33 -28.56
C PRO H 41 36.56 -39.20 -27.39
N LYS H 42 37.84 -38.91 -27.64
CA LYS H 42 38.80 -38.69 -26.57
C LYS H 42 38.72 -37.25 -26.05
N GLY H 43 37.53 -36.66 -26.16
CA GLY H 43 37.29 -35.32 -25.67
C GLY H 43 36.58 -35.36 -24.33
N MET H 44 36.72 -34.28 -23.57
CA MET H 44 36.19 -34.15 -22.19
C MET H 44 34.88 -33.34 -22.07
N ASP H 45 34.23 -33.49 -20.91
CA ASP H 45 32.95 -32.83 -20.62
C ASP H 45 33.12 -31.61 -19.70
N LYS H 46 32.23 -30.63 -19.88
CA LYS H 46 32.18 -29.43 -19.06
C LYS H 46 31.04 -29.56 -18.04
N MET H 47 31.34 -29.41 -16.75
CA MET H 47 30.26 -29.29 -15.78
C MET H 47 29.96 -27.85 -15.54
N LEU H 48 28.68 -27.55 -15.51
CA LEU H 48 28.29 -26.17 -15.68
C LEU H 48 27.18 -25.72 -14.70
N VAL H 49 27.61 -25.25 -13.53
CA VAL H 49 26.70 -24.75 -12.53
C VAL H 49 26.19 -23.42 -13.00
N ASP H 50 25.11 -22.94 -12.41
CA ASP H 50 24.71 -21.55 -12.62
C ASP H 50 24.80 -20.78 -11.29
N ASP H 51 23.79 -19.98 -10.99
CA ASP H 51 23.80 -19.16 -9.78
C ASP H 51 22.88 -19.78 -8.74
N LEU H 52 22.28 -20.90 -9.11
CA LEU H 52 21.28 -21.58 -8.30
C LEU H 52 21.74 -22.94 -7.83
N GLY H 53 23.04 -23.15 -7.78
CA GLY H 53 23.60 -24.45 -7.47
C GLY H 53 23.20 -25.51 -8.49
N ASP H 54 22.44 -25.11 -9.50
CA ASP H 54 21.94 -26.02 -10.56
C ASP H 54 23.02 -26.49 -11.50
N VAL H 55 23.31 -27.79 -11.48
CA VAL H 55 24.41 -28.28 -12.28
C VAL H 55 23.91 -28.88 -13.59
N VAL H 56 24.78 -28.89 -14.59
CA VAL H 56 24.49 -29.62 -15.82
C VAL H 56 25.78 -29.98 -16.54
N VAL H 57 25.95 -31.27 -16.72
CA VAL H 57 27.15 -31.84 -17.27
C VAL H 57 26.85 -32.21 -18.72
N THR H 58 27.77 -31.83 -19.61
CA THR H 58 27.60 -32.19 -21.02
C THR H 58 28.87 -32.07 -21.85
N ASN H 59 28.85 -32.79 -22.99
CA ASN H 59 29.89 -32.76 -24.02
C ASN H 59 29.28 -32.12 -25.26
N ASP H 60 27.98 -31.86 -25.21
CA ASP H 60 27.28 -31.22 -26.32
C ASP H 60 27.68 -29.74 -26.47
N GLY H 61 28.30 -29.42 -27.60
CA GLY H 61 28.76 -28.06 -27.86
C GLY H 61 27.78 -26.93 -27.56
N VAL H 62 26.65 -26.88 -28.28
CA VAL H 62 25.73 -25.75 -28.18
C VAL H 62 25.16 -25.50 -26.79
N THR H 63 24.68 -26.53 -26.12
CA THR H 63 24.15 -26.35 -24.76
C THR H 63 25.23 -25.76 -23.85
N ILE H 64 26.43 -26.31 -23.88
CA ILE H 64 27.52 -25.64 -23.18
C ILE H 64 27.49 -24.13 -23.49
N LEU H 65 27.58 -23.74 -24.76
CA LEU H 65 27.59 -22.32 -25.10
C LEU H 65 26.32 -21.61 -24.65
N ARG H 66 25.16 -22.03 -25.15
CA ARG H 66 23.90 -21.47 -24.70
C ARG H 66 23.89 -21.25 -23.19
N GLU H 67 23.96 -22.32 -22.42
CA GLU H 67 23.69 -22.19 -20.99
C GLU H 67 24.89 -21.72 -20.16
N MET H 68 25.67 -20.80 -20.71
CA MET H 68 26.61 -20.08 -19.86
C MET H 68 26.44 -18.62 -20.16
N SER H 69 26.64 -17.78 -19.15
CA SER H 69 26.43 -16.35 -19.30
C SER H 69 27.56 -15.74 -20.12
N VAL H 70 27.40 -15.76 -21.45
CA VAL H 70 28.37 -15.10 -22.34
C VAL H 70 27.88 -13.71 -22.66
N GLU H 71 28.71 -12.72 -22.35
CA GLU H 71 28.27 -11.32 -22.38
C GLU H 71 28.80 -10.49 -23.56
N HIS H 72 30.09 -10.65 -23.82
CA HIS H 72 30.74 -9.92 -24.89
C HIS H 72 29.97 -10.09 -26.19
N PRO H 73 29.72 -8.99 -26.89
CA PRO H 73 28.89 -9.00 -28.09
C PRO H 73 29.48 -9.81 -29.25
N ALA H 74 30.79 -9.71 -29.48
CA ALA H 74 31.40 -10.50 -30.56
C ALA H 74 31.04 -11.96 -30.34
N ALA H 75 31.47 -12.51 -29.21
CA ALA H 75 31.20 -13.90 -28.85
C ALA H 75 29.70 -14.26 -28.88
N LYS H 76 28.83 -13.36 -28.45
CA LYS H 76 27.38 -13.58 -28.55
C LYS H 76 27.00 -14.08 -29.95
N MET H 77 27.85 -13.80 -30.92
CA MET H 77 27.52 -14.09 -32.29
C MET H 77 28.17 -15.34 -32.89
N LEU H 78 29.21 -15.87 -32.26
CA LEU H 78 29.67 -17.19 -32.67
C LEU H 78 28.71 -18.18 -32.09
N ILE H 79 28.01 -17.79 -31.04
CA ILE H 79 27.06 -18.68 -30.43
C ILE H 79 25.88 -18.76 -31.34
N GLU H 80 25.79 -17.79 -32.24
CA GLU H 80 24.78 -17.80 -33.30
C GLU H 80 24.98 -19.01 -34.18
N VAL H 81 26.24 -19.21 -34.58
CA VAL H 81 26.65 -20.29 -35.48
C VAL H 81 26.29 -21.65 -34.93
N ALA H 82 26.66 -21.87 -33.66
CA ALA H 82 26.33 -23.10 -32.96
C ALA H 82 24.82 -23.28 -32.82
N LYS H 83 24.10 -22.18 -32.64
CA LYS H 83 22.68 -22.22 -32.30
C LYS H 83 21.87 -22.63 -33.52
N THR H 84 22.42 -22.36 -34.71
CA THR H 84 21.75 -22.73 -35.95
C THR H 84 22.31 -24.03 -36.53
N GLN H 85 23.50 -24.40 -36.11
CA GLN H 85 23.98 -25.69 -36.52
C GLN H 85 23.02 -26.71 -35.91
N GLU H 86 22.79 -26.61 -34.60
CA GLU H 86 21.88 -27.52 -33.90
C GLU H 86 20.50 -27.51 -34.53
N LYS H 87 20.09 -26.35 -35.00
CA LYS H 87 18.77 -26.16 -35.59
C LYS H 87 18.63 -26.88 -36.95
N GLU H 88 19.71 -26.90 -37.72
CA GLU H 88 19.67 -27.40 -39.07
C GLU H 88 20.34 -28.74 -39.26
N VAL H 89 20.94 -29.27 -38.19
CA VAL H 89 21.57 -30.58 -38.28
C VAL H 89 21.32 -31.40 -37.00
N GLY H 90 22.07 -31.12 -35.94
CA GLY H 90 21.85 -31.77 -34.66
C GLY H 90 23.20 -32.10 -34.04
N ASP H 91 24.12 -32.57 -34.89
CA ASP H 91 25.50 -32.84 -34.50
C ASP H 91 26.41 -31.81 -35.15
N GLY H 92 27.65 -31.75 -34.69
CA GLY H 92 28.66 -30.87 -35.26
C GLY H 92 28.41 -29.41 -34.91
N THR H 93 27.90 -29.19 -33.70
CA THR H 93 27.75 -27.84 -33.18
C THR H 93 29.14 -27.35 -32.75
N THR H 94 29.88 -28.18 -32.00
CA THR H 94 31.24 -27.82 -31.65
C THR H 94 32.14 -27.50 -32.86
N THR H 95 32.09 -28.33 -33.90
CA THR H 95 32.99 -28.12 -35.04
C THR H 95 32.69 -26.85 -35.84
N ALA H 96 31.44 -26.42 -35.87
CA ALA H 96 31.08 -25.19 -36.57
C ALA H 96 31.66 -23.99 -35.85
N VAL H 97 31.49 -23.96 -34.53
CA VAL H 97 32.08 -22.94 -33.68
C VAL H 97 33.60 -23.00 -33.75
N VAL H 98 34.16 -24.20 -33.64
CA VAL H 98 35.60 -24.37 -33.61
C VAL H 98 36.29 -23.81 -34.85
N VAL H 99 35.80 -24.19 -36.03
CA VAL H 99 36.27 -23.65 -37.30
C VAL H 99 36.12 -22.13 -37.37
N ALA H 100 34.98 -21.65 -36.89
CA ALA H 100 34.69 -20.23 -36.88
C ALA H 100 35.77 -19.50 -36.10
N GLY H 101 36.29 -20.14 -35.07
CA GLY H 101 37.31 -19.51 -34.27
C GLY H 101 38.58 -19.48 -35.06
N GLU H 102 38.91 -20.62 -35.65
CA GLU H 102 40.16 -20.78 -36.40
C GLU H 102 40.19 -19.97 -37.70
N LEU H 103 39.03 -19.52 -38.19
CA LEU H 103 39.05 -18.59 -39.30
C LEU H 103 39.42 -17.19 -38.79
N LEU H 104 38.93 -16.83 -37.62
CA LEU H 104 39.31 -15.58 -37.01
C LEU H 104 40.80 -15.58 -36.67
N ARG H 105 41.32 -16.71 -36.18
CA ARG H 105 42.73 -16.77 -35.83
C ARG H 105 43.56 -16.50 -37.07
N LYS H 106 43.31 -17.28 -38.13
CA LYS H 106 44.06 -17.08 -39.37
C LYS H 106 43.80 -15.69 -39.97
N ALA H 107 42.63 -15.14 -39.72
CA ALA H 107 42.30 -13.87 -40.32
C ALA H 107 43.21 -12.76 -39.82
N GLU H 108 43.67 -12.84 -38.56
CA GLU H 108 44.48 -11.73 -38.04
C GLU H 108 45.96 -11.83 -38.40
N GLU H 109 46.35 -13.00 -38.92
CA GLU H 109 47.70 -13.15 -39.48
C GLU H 109 47.83 -12.32 -40.76
N LEU H 110 46.70 -12.11 -41.42
CA LEU H 110 46.64 -11.32 -42.64
C LEU H 110 46.41 -9.86 -42.35
N LEU H 111 45.66 -9.58 -41.28
CA LEU H 111 45.37 -8.20 -40.92
C LEU H 111 46.60 -7.54 -40.36
N ASP H 112 47.42 -8.35 -39.69
CA ASP H 112 48.68 -7.89 -39.11
C ASP H 112 49.79 -7.90 -40.15
N GLN H 113 49.40 -8.20 -41.39
CA GLN H 113 50.24 -8.01 -42.57
C GLN H 113 49.64 -6.92 -43.48
N ASN H 114 48.67 -6.18 -42.93
CA ASN H 114 48.06 -5.04 -43.57
C ASN H 114 47.22 -5.38 -44.77
N VAL H 115 46.67 -6.59 -44.78
CA VAL H 115 45.65 -6.94 -45.75
C VAL H 115 44.36 -6.25 -45.31
N HIS H 116 43.66 -5.64 -46.26
CA HIS H 116 42.44 -4.92 -45.95
C HIS H 116 41.40 -5.92 -45.50
N PRO H 117 40.62 -5.59 -44.46
CA PRO H 117 39.57 -6.52 -44.06
C PRO H 117 38.71 -6.96 -45.24
N THR H 118 38.33 -6.03 -46.11
CA THR H 118 37.41 -6.38 -47.19
C THR H 118 38.00 -7.35 -48.20
N ILE H 119 39.32 -7.40 -48.27
CA ILE H 119 40.01 -8.35 -49.16
C ILE H 119 40.00 -9.75 -48.53
N VAL H 120 40.24 -9.79 -47.23
CA VAL H 120 40.18 -11.03 -46.51
C VAL H 120 38.77 -11.60 -46.70
N VAL H 121 37.76 -10.79 -46.37
CA VAL H 121 36.40 -11.29 -46.37
C VAL H 121 35.96 -11.65 -47.79
N LYS H 122 36.62 -11.06 -48.80
CA LYS H 122 36.33 -11.41 -50.18
C LYS H 122 36.84 -12.82 -50.44
N GLY H 123 38.09 -13.06 -50.07
CA GLY H 123 38.74 -14.33 -50.31
C GLY H 123 38.23 -15.49 -49.46
N TYR H 124 37.75 -15.19 -48.26
CA TYR H 124 37.07 -16.19 -47.45
C TYR H 124 35.78 -16.60 -48.09
N GLN H 125 35.02 -15.63 -48.57
CA GLN H 125 33.78 -15.94 -49.25
C GLN H 125 34.10 -16.83 -50.43
N ALA H 126 35.11 -16.45 -51.20
CA ALA H 126 35.52 -17.17 -52.40
C ALA H 126 35.76 -18.65 -52.11
N ALA H 127 36.42 -18.92 -50.99
CA ALA H 127 36.80 -20.28 -50.65
C ALA H 127 35.63 -21.04 -50.02
N ALA H 128 34.78 -20.33 -49.27
CA ALA H 128 33.56 -20.94 -48.74
C ALA H 128 32.68 -21.38 -49.90
N GLN H 129 32.67 -20.57 -50.97
CA GLN H 129 31.91 -20.90 -52.17
C GLN H 129 32.43 -22.21 -52.74
N LYS H 130 33.75 -22.23 -52.99
CA LYS H 130 34.42 -23.40 -53.53
C LYS H 130 34.22 -24.69 -52.70
N ALA H 131 34.47 -24.58 -51.41
CA ALA H 131 34.39 -25.74 -50.56
C ALA H 131 32.97 -26.28 -50.53
N GLN H 132 31.99 -25.47 -50.96
CA GLN H 132 30.61 -25.94 -50.96
C GLN H 132 30.33 -26.91 -52.10
N GLU H 133 30.88 -26.63 -53.28
CA GLU H 133 30.72 -27.52 -54.42
C GLU H 133 31.80 -28.60 -54.43
N LEU H 134 32.89 -28.33 -53.73
CA LEU H 134 33.98 -29.31 -53.53
C LEU H 134 33.56 -30.46 -52.62
N LEU H 135 32.57 -30.20 -51.77
CA LEU H 135 32.02 -31.23 -50.89
C LEU H 135 30.96 -32.00 -51.65
N LYS H 136 30.11 -31.27 -52.38
CA LYS H 136 29.07 -31.89 -53.18
C LYS H 136 29.60 -33.14 -53.92
N THR H 137 30.77 -32.99 -54.53
CA THR H 137 31.39 -34.03 -55.35
C THR H 137 32.09 -35.15 -54.57
N ILE H 138 32.53 -34.89 -53.34
CA ILE H 138 33.25 -35.91 -52.60
C ILE H 138 32.40 -36.57 -51.50
N ALA H 139 31.09 -36.46 -51.67
CA ALA H 139 30.11 -37.06 -50.75
C ALA H 139 29.47 -38.29 -51.39
N CYS H 140 29.72 -39.45 -50.76
CA CYS H 140 29.17 -40.73 -51.21
C CYS H 140 27.63 -40.71 -51.18
N GLU H 141 27.01 -41.42 -52.12
CA GLU H 141 25.55 -41.55 -52.09
C GLU H 141 25.16 -42.69 -51.16
N VAL H 142 23.94 -42.65 -50.65
CA VAL H 142 23.42 -43.70 -49.78
C VAL H 142 21.91 -43.84 -49.89
N GLY H 143 21.40 -45.05 -49.68
CA GLY H 143 19.98 -45.31 -49.72
C GLY H 143 19.31 -44.83 -48.45
N ALA H 144 18.23 -44.06 -48.62
CA ALA H 144 17.43 -43.57 -47.50
C ALA H 144 17.00 -44.67 -46.53
N GLN H 145 17.15 -45.93 -46.94
CA GLN H 145 16.77 -47.05 -46.09
C GLN H 145 17.91 -48.05 -45.98
N ASP H 146 19.09 -47.66 -46.47
CA ASP H 146 20.29 -48.46 -46.24
C ASP H 146 20.47 -48.55 -44.73
N LYS H 147 19.62 -49.38 -44.11
CA LYS H 147 19.49 -49.42 -42.66
C LYS H 147 20.79 -49.86 -41.96
N GLU H 148 21.80 -50.24 -42.75
CA GLU H 148 23.07 -50.64 -42.18
C GLU H 148 23.95 -49.41 -42.04
N ILE H 149 23.99 -48.61 -43.11
CA ILE H 149 24.77 -47.37 -43.12
C ILE H 149 24.18 -46.34 -42.17
N LEU H 150 22.85 -46.23 -42.17
CA LEU H 150 22.14 -45.39 -41.20
C LEU H 150 22.62 -45.63 -39.78
N THR H 151 23.02 -46.86 -39.49
CA THR H 151 23.46 -47.23 -38.14
C THR H 151 24.95 -46.98 -37.87
N LYS H 152 25.74 -46.93 -38.94
CA LYS H 152 27.13 -46.52 -38.83
C LYS H 152 27.16 -45.00 -38.60
N ILE H 153 26.17 -44.30 -39.16
CA ILE H 153 26.04 -42.88 -38.95
C ILE H 153 25.60 -42.54 -37.55
N ALA H 154 24.58 -43.24 -37.05
CA ALA H 154 24.06 -42.97 -35.71
C ALA H 154 25.02 -43.44 -34.64
N MET H 155 25.97 -44.27 -35.03
CA MET H 155 26.97 -44.75 -34.09
C MET H 155 28.16 -43.79 -34.06
N THR H 156 28.46 -43.20 -35.21
CA THR H 156 29.58 -42.27 -35.27
C THR H 156 29.19 -41.00 -34.52
N SER H 157 27.88 -40.75 -34.41
CA SER H 157 27.38 -39.56 -33.72
C SER H 157 27.53 -39.70 -32.20
N ILE H 158 27.06 -40.83 -31.67
CA ILE H 158 27.08 -41.10 -30.23
C ILE H 158 28.51 -41.16 -29.66
N THR H 159 29.41 -41.85 -30.36
CA THR H 159 30.84 -41.70 -30.08
C THR H 159 31.16 -40.22 -30.28
N GLY H 160 32.26 -39.74 -29.73
CA GLY H 160 32.53 -38.31 -29.80
C GLY H 160 31.84 -37.58 -28.64
N LYS H 161 30.75 -38.18 -28.17
CA LYS H 161 30.22 -37.96 -26.83
C LYS H 161 30.80 -39.04 -25.90
N GLY H 162 31.97 -39.55 -26.26
CA GLY H 162 32.59 -40.66 -25.56
C GLY H 162 32.30 -41.99 -26.24
N ALA H 163 33.34 -42.79 -26.45
CA ALA H 163 33.18 -44.10 -27.08
C ALA H 163 32.31 -45.02 -26.22
N GLU H 164 32.19 -44.70 -24.94
CA GLU H 164 31.52 -45.59 -23.99
C GLU H 164 30.00 -45.44 -23.96
N LYS H 165 29.46 -44.43 -24.66
CA LYS H 165 28.01 -44.32 -24.83
C LYS H 165 27.62 -45.07 -26.09
N ALA H 166 28.63 -45.43 -26.89
CA ALA H 166 28.42 -46.02 -28.21
C ALA H 166 27.86 -47.43 -28.19
N LYS H 167 26.94 -47.69 -27.25
CA LYS H 167 26.30 -49.00 -27.14
C LYS H 167 25.67 -49.40 -28.48
N GLU H 168 26.06 -50.56 -29.00
CA GLU H 168 25.62 -51.00 -30.33
C GLU H 168 24.12 -51.07 -30.45
N LYS H 169 23.47 -51.66 -29.45
CA LYS H 169 22.03 -51.87 -29.52
C LYS H 169 21.24 -50.61 -29.22
N LEU H 170 21.95 -49.50 -29.10
CA LEU H 170 21.32 -48.19 -28.93
C LEU H 170 21.20 -47.46 -30.28
N ALA H 171 22.28 -47.52 -31.08
CA ALA H 171 22.26 -46.98 -32.42
C ALA H 171 21.12 -47.61 -33.17
N GLU H 172 21.06 -48.94 -33.11
CA GLU H 172 20.01 -49.70 -33.79
C GLU H 172 18.61 -49.20 -33.41
N ILE H 173 18.38 -49.00 -32.10
CA ILE H 173 17.07 -48.54 -31.66
C ILE H 173 16.69 -47.23 -32.36
N ILE H 174 17.64 -46.28 -32.36
CA ILE H 174 17.44 -44.94 -32.93
C ILE H 174 17.15 -44.93 -34.42
N VAL H 175 17.99 -45.60 -35.21
CA VAL H 175 17.77 -45.80 -36.64
C VAL H 175 16.33 -46.27 -36.89
N GLU H 176 15.97 -47.38 -36.24
CA GLU H 176 14.63 -47.90 -36.35
C GLU H 176 13.55 -46.84 -36.05
N ALA H 177 13.78 -46.07 -34.98
CA ALA H 177 12.81 -45.11 -34.45
C ALA H 177 12.67 -43.82 -35.27
N VAL H 178 13.74 -43.45 -36.00
CA VAL H 178 13.67 -42.33 -36.97
C VAL H 178 13.07 -42.79 -38.31
N SER H 179 13.31 -44.06 -38.65
CA SER H 179 12.80 -44.65 -39.86
C SER H 179 11.30 -44.72 -39.78
N ALA H 180 10.76 -44.95 -38.59
CA ALA H 180 9.31 -45.02 -38.37
C ALA H 180 8.56 -43.72 -38.65
N VAL H 181 9.09 -42.60 -38.13
CA VAL H 181 8.42 -41.30 -38.20
C VAL H 181 8.59 -40.52 -39.52
N VAL H 182 9.10 -41.19 -40.56
CA VAL H 182 9.37 -40.55 -41.84
C VAL H 182 8.04 -40.19 -42.52
N ASP H 183 7.86 -38.90 -42.80
CA ASP H 183 6.63 -38.43 -43.45
C ASP H 183 6.73 -38.40 -44.99
N ASP H 184 6.37 -39.53 -45.59
CA ASP H 184 6.44 -39.72 -47.04
C ASP H 184 5.60 -38.69 -47.82
N GLU H 185 6.26 -37.86 -48.63
CA GLU H 185 7.72 -37.79 -48.64
C GLU H 185 8.14 -36.39 -48.26
N GLY H 186 9.34 -36.29 -47.69
CA GLY H 186 10.19 -37.44 -47.39
C GLY H 186 11.09 -37.11 -46.21
N LYS H 187 10.56 -36.29 -45.31
CA LYS H 187 11.33 -35.63 -44.26
C LYS H 187 11.11 -36.27 -42.91
N VAL H 188 12.02 -35.98 -41.98
CA VAL H 188 11.89 -36.48 -40.63
C VAL H 188 11.52 -35.34 -39.69
N ASP H 189 10.35 -35.47 -39.05
CA ASP H 189 9.99 -34.52 -38.01
C ASP H 189 10.64 -34.92 -36.68
N LYS H 190 11.75 -34.25 -36.33
CA LYS H 190 12.50 -34.58 -35.12
C LYS H 190 11.63 -34.53 -33.84
N ASP H 191 10.43 -33.97 -33.98
CA ASP H 191 9.46 -33.82 -32.88
C ASP H 191 8.39 -34.94 -32.83
N LEU H 192 8.44 -35.86 -33.80
CA LEU H 192 7.51 -36.99 -33.86
C LEU H 192 8.04 -38.15 -33.03
N ILE H 193 9.32 -38.05 -32.69
CA ILE H 193 9.98 -39.01 -31.81
C ILE H 193 10.02 -38.41 -30.39
N LYS H 194 9.10 -38.85 -29.54
CA LYS H 194 9.03 -38.39 -28.16
C LYS H 194 10.13 -39.04 -27.36
N ILE H 195 10.84 -38.21 -26.58
CA ILE H 195 11.92 -38.69 -25.75
C ILE H 195 11.54 -38.56 -24.28
N GLU H 196 11.45 -39.68 -23.58
CA GLU H 196 11.09 -39.70 -22.18
C GLU H 196 12.23 -40.25 -21.31
N LYS H 197 12.43 -39.64 -20.14
CA LYS H 197 13.52 -40.03 -19.23
C LYS H 197 13.04 -40.51 -17.83
N LYS H 198 13.32 -41.77 -17.49
CA LYS H 198 12.90 -42.33 -16.21
C LYS H 198 13.99 -43.23 -15.65
N SER H 199 14.30 -43.07 -14.37
CA SER H 199 15.54 -43.61 -13.77
C SER H 199 15.92 -45.10 -14.03
N GLY H 200 15.44 -46.06 -13.22
CA GLY H 200 15.80 -47.48 -13.38
C GLY H 200 17.29 -47.75 -13.17
N ALA H 201 17.70 -49.01 -13.13
CA ALA H 201 19.13 -49.34 -12.95
C ALA H 201 19.81 -49.61 -14.30
N SER H 202 19.82 -48.61 -15.18
CA SER H 202 19.77 -48.91 -16.61
C SER H 202 20.91 -48.54 -17.58
N ILE H 203 20.77 -47.37 -18.21
CA ILE H 203 21.32 -47.10 -19.54
C ILE H 203 21.10 -48.18 -20.61
N ASP H 204 21.31 -49.44 -20.26
CA ASP H 204 21.08 -50.54 -21.19
C ASP H 204 19.60 -50.85 -21.32
N ASP H 205 18.84 -50.42 -20.32
CA ASP H 205 17.40 -50.63 -20.30
C ASP H 205 16.63 -49.64 -21.17
N THR H 206 17.32 -48.68 -21.77
CA THR H 206 16.60 -47.78 -22.68
C THR H 206 16.06 -48.61 -23.84
N GLU H 207 14.84 -48.32 -24.22
CA GLU H 207 14.15 -49.14 -25.20
C GLU H 207 13.30 -48.27 -26.13
N LEU H 208 12.94 -48.84 -27.29
CA LEU H 208 11.97 -48.23 -28.19
C LEU H 208 10.55 -48.65 -27.82
N ILE H 209 9.70 -47.64 -27.62
CA ILE H 209 8.28 -47.88 -27.42
C ILE H 209 7.54 -47.34 -28.64
N LYS H 210 6.97 -48.23 -29.43
CA LYS H 210 6.22 -47.83 -30.62
C LYS H 210 4.81 -47.40 -30.22
N GLY H 211 4.71 -46.20 -29.66
CA GLY H 211 3.43 -45.66 -29.19
C GLY H 211 3.66 -44.38 -28.42
N VAL H 212 2.91 -44.20 -27.33
CA VAL H 212 3.03 -42.98 -26.54
C VAL H 212 3.07 -43.27 -25.04
N LEU H 213 3.85 -42.49 -24.30
CA LEU H 213 3.87 -42.53 -22.85
C LEU H 213 3.09 -41.34 -22.30
N VAL H 214 2.08 -41.61 -21.49
CA VAL H 214 1.23 -40.54 -20.98
C VAL H 214 1.38 -40.41 -19.47
N ASP H 215 1.72 -39.19 -19.02
CA ASP H 215 1.94 -38.92 -17.61
C ASP H 215 0.61 -38.63 -16.90
N LYS H 216 -0.35 -39.53 -17.09
CA LYS H 216 -1.62 -39.46 -16.38
C LYS H 216 -1.91 -40.84 -15.77
N GLU H 217 -3.05 -40.99 -15.09
CA GLU H 217 -3.48 -42.28 -14.56
C GLU H 217 -5.01 -42.48 -14.65
N ARG H 218 -5.45 -43.74 -14.83
CA ARG H 218 -6.87 -43.99 -14.96
C ARG H 218 -7.62 -43.13 -13.95
N VAL H 219 -8.58 -42.38 -14.42
CA VAL H 219 -9.32 -41.38 -13.63
C VAL H 219 -10.19 -41.99 -12.49
N SER H 220 -10.65 -43.22 -12.71
CA SER H 220 -11.39 -43.96 -11.67
C SER H 220 -10.61 -45.24 -11.34
N ALA H 221 -10.38 -45.49 -10.05
CA ALA H 221 -9.59 -46.65 -9.61
C ALA H 221 -10.27 -47.98 -9.94
N GLN H 222 -11.58 -47.89 -10.21
CA GLN H 222 -12.42 -49.05 -10.50
C GLN H 222 -12.24 -49.53 -11.94
N MET H 223 -11.63 -48.71 -12.79
CA MET H 223 -11.41 -49.04 -14.20
C MET H 223 -10.36 -50.13 -14.36
N PRO H 224 -10.35 -50.80 -15.53
CA PRO H 224 -9.29 -51.77 -15.82
C PRO H 224 -7.92 -51.10 -15.73
N LYS H 225 -6.91 -51.87 -15.33
CA LYS H 225 -5.55 -51.37 -15.30
C LYS H 225 -4.66 -52.12 -16.30
N LYS H 226 -5.33 -52.88 -17.17
CA LYS H 226 -4.72 -53.37 -18.40
C LYS H 226 -5.80 -53.74 -19.44
N VAL H 227 -5.52 -53.41 -20.70
CA VAL H 227 -6.35 -53.80 -21.84
C VAL H 227 -5.41 -54.22 -22.95
N THR H 228 -5.71 -55.31 -23.65
CA THR H 228 -4.88 -55.69 -24.80
C THR H 228 -5.66 -55.53 -26.11
N ASP H 229 -4.94 -55.31 -27.21
CA ASP H 229 -5.55 -55.05 -28.51
C ASP H 229 -6.67 -54.00 -28.43
N ALA H 230 -6.47 -53.00 -27.59
CA ALA H 230 -7.49 -52.01 -27.27
C ALA H 230 -7.87 -51.11 -28.46
N LYS H 231 -9.08 -50.56 -28.42
CA LYS H 231 -9.53 -49.55 -29.38
C LYS H 231 -9.73 -48.17 -28.73
N ILE H 232 -8.97 -47.18 -29.18
CA ILE H 232 -8.80 -45.91 -28.47
C ILE H 232 -9.61 -44.71 -29.01
N ALA H 233 -10.42 -44.11 -28.14
CA ALA H 233 -11.20 -42.91 -28.50
C ALA H 233 -10.64 -41.65 -27.84
N LEU H 234 -10.12 -40.74 -28.66
CA LEU H 234 -9.55 -39.48 -28.18
C LEU H 234 -10.60 -38.36 -28.22
N LEU H 235 -10.94 -37.81 -27.06
CA LEU H 235 -11.93 -36.72 -26.97
C LEU H 235 -11.36 -35.33 -26.73
N ASN H 236 -11.50 -34.47 -27.75
CA ASN H 236 -11.19 -33.06 -27.62
C ASN H 236 -12.34 -32.34 -26.88
N CYS H 237 -13.41 -33.07 -26.58
CA CYS H 237 -14.59 -32.55 -25.90
C CYS H 237 -14.49 -32.64 -24.36
N ALA H 238 -15.49 -32.12 -23.66
CA ALA H 238 -15.57 -32.20 -22.19
C ALA H 238 -16.83 -32.94 -21.75
N ILE H 239 -16.63 -34.12 -21.17
CA ILE H 239 -17.74 -34.96 -20.77
C ILE H 239 -18.31 -34.44 -19.46
N GLU H 240 -19.28 -33.55 -19.56
CA GLU H 240 -19.84 -32.96 -18.35
C GLU H 240 -20.76 -33.91 -17.57
N GLU H 241 -21.19 -33.45 -16.38
CA GLU H 241 -22.36 -33.99 -15.71
C GLU H 241 -23.03 -32.93 -14.81
N THR H 242 -23.99 -33.40 -14.00
CA THR H 242 -24.79 -32.55 -13.10
C THR H 242 -25.29 -33.29 -11.83
N ALA H 243 -26.45 -33.93 -11.89
CA ALA H 243 -27.03 -34.64 -10.74
C ALA H 243 -28.29 -35.42 -11.13
N SER H 244 -28.39 -35.71 -12.43
CA SER H 244 -29.56 -36.37 -13.01
C SER H 244 -29.16 -37.26 -14.20
N GLU H 245 -27.99 -37.89 -14.13
CA GLU H 245 -27.52 -38.79 -15.20
C GLU H 245 -27.79 -38.32 -16.64
N MET H 246 -27.52 -37.05 -16.95
CA MET H 246 -27.49 -36.55 -18.33
C MET H 246 -26.25 -37.12 -19.03
N LEU H 247 -25.70 -38.20 -18.43
CA LEU H 247 -24.37 -38.65 -18.79
C LEU H 247 -24.30 -40.13 -19.21
N LYS H 248 -25.38 -40.85 -19.00
CA LYS H 248 -25.52 -42.21 -19.54
C LYS H 248 -25.61 -42.14 -21.07
N ASP H 249 -26.01 -40.97 -21.55
CA ASP H 249 -26.03 -40.61 -22.96
C ASP H 249 -24.61 -40.57 -23.53
N MET H 250 -23.84 -39.60 -23.05
CA MET H 250 -22.42 -39.43 -23.41
C MET H 250 -21.59 -40.70 -23.18
N VAL H 251 -21.89 -41.42 -22.10
CA VAL H 251 -21.15 -42.63 -21.71
C VAL H 251 -21.48 -43.89 -22.53
N ALA H 252 -22.70 -43.96 -23.07
CA ALA H 252 -23.12 -45.09 -23.87
C ALA H 252 -23.01 -44.83 -25.39
N GLU H 253 -22.78 -43.57 -25.76
CA GLU H 253 -22.51 -43.19 -27.15
C GLU H 253 -21.08 -43.57 -27.52
N ILE H 254 -20.24 -43.62 -26.48
CA ILE H 254 -18.81 -43.99 -26.59
C ILE H 254 -18.65 -45.51 -26.62
N LYS H 255 -19.50 -46.21 -25.85
CA LYS H 255 -19.53 -47.67 -25.87
C LYS H 255 -20.19 -48.13 -27.16
N ALA H 256 -20.82 -47.18 -27.83
CA ALA H 256 -21.48 -47.40 -29.11
C ALA H 256 -20.48 -47.59 -30.26
N SER H 257 -19.33 -46.91 -30.18
CA SER H 257 -18.28 -47.03 -31.20
C SER H 257 -17.36 -48.25 -31.00
N GLY H 258 -17.37 -48.83 -29.80
CA GLY H 258 -16.57 -50.00 -29.48
C GLY H 258 -15.26 -49.72 -28.76
N ALA H 259 -15.17 -48.55 -28.12
CA ALA H 259 -13.93 -48.08 -27.49
C ALA H 259 -13.80 -48.47 -26.00
N ASN H 260 -12.78 -49.27 -25.69
CA ASN H 260 -12.51 -49.71 -24.32
C ASN H 260 -11.41 -48.87 -23.63
N VAL H 261 -11.06 -47.76 -24.28
CA VAL H 261 -10.07 -46.81 -23.77
C VAL H 261 -10.39 -45.41 -24.29
N LEU H 262 -10.27 -44.42 -23.41
CA LEU H 262 -10.63 -43.04 -23.76
C LEU H 262 -9.69 -42.01 -23.13
N PHE H 263 -9.10 -41.16 -23.97
CA PHE H 263 -8.24 -40.08 -23.49
C PHE H 263 -8.90 -38.72 -23.70
N CYS H 264 -9.27 -38.06 -22.61
CA CYS H 264 -9.97 -36.78 -22.70
C CYS H 264 -9.03 -35.62 -22.33
N GLN H 265 -9.03 -34.56 -23.16
CA GLN H 265 -8.20 -33.36 -22.94
C GLN H 265 -8.82 -32.42 -21.90
N LYS H 266 -10.14 -32.36 -21.88
CA LYS H 266 -10.85 -31.54 -20.90
C LYS H 266 -11.22 -32.38 -19.67
N GLY H 267 -12.24 -31.93 -18.95
CA GLY H 267 -12.63 -32.60 -17.71
C GLY H 267 -13.68 -33.68 -17.91
N ILE H 268 -13.61 -34.70 -17.05
CA ILE H 268 -14.62 -35.75 -16.99
C ILE H 268 -15.29 -35.72 -15.62
N ASP H 269 -16.53 -35.23 -15.61
CA ASP H 269 -17.27 -35.05 -14.37
C ASP H 269 -17.36 -36.37 -13.60
N ASP H 270 -17.67 -36.26 -12.30
CA ASP H 270 -17.66 -37.41 -11.40
C ASP H 270 -18.76 -38.46 -11.62
N LEU H 271 -19.84 -38.05 -12.29
CA LEU H 271 -20.91 -38.97 -12.68
C LEU H 271 -20.52 -39.79 -13.91
N ALA H 272 -19.88 -39.14 -14.89
CA ALA H 272 -19.42 -39.82 -16.10
C ALA H 272 -18.06 -40.53 -15.91
N GLN H 273 -17.59 -40.56 -14.66
CA GLN H 273 -16.43 -41.36 -14.26
C GLN H 273 -16.87 -42.73 -13.71
N HIS H 274 -18.06 -42.76 -13.12
CA HIS H 274 -18.63 -43.99 -12.57
C HIS H 274 -19.29 -44.86 -13.65
N TYR H 275 -19.86 -44.22 -14.67
CA TYR H 275 -20.55 -44.89 -15.78
C TYR H 275 -19.55 -45.55 -16.75
N LEU H 276 -18.34 -45.00 -16.80
CA LEU H 276 -17.25 -45.57 -17.59
C LEU H 276 -16.63 -46.76 -16.88
N ALA H 277 -16.31 -46.59 -15.60
CA ALA H 277 -15.79 -47.67 -14.77
C ALA H 277 -16.75 -48.86 -14.84
N LYS H 278 -18.04 -48.54 -14.86
CA LYS H 278 -19.10 -49.54 -14.89
C LYS H 278 -19.14 -50.32 -16.23
N GLU H 279 -18.68 -49.67 -17.29
CA GLU H 279 -18.75 -50.24 -18.63
C GLU H 279 -17.53 -51.09 -18.98
N GLY H 280 -16.40 -50.83 -18.32
CA GLY H 280 -15.15 -51.51 -18.62
C GLY H 280 -14.19 -50.67 -19.45
N ILE H 281 -14.56 -49.40 -19.64
CA ILE H 281 -13.76 -48.45 -20.42
C ILE H 281 -12.77 -47.70 -19.53
N VAL H 282 -11.48 -47.74 -19.88
CA VAL H 282 -10.48 -46.96 -19.15
C VAL H 282 -10.40 -45.53 -19.72
N ALA H 283 -10.22 -44.54 -18.84
CA ALA H 283 -10.20 -43.13 -19.25
C ALA H 283 -9.25 -42.26 -18.41
N ALA H 284 -8.70 -41.23 -19.05
CA ALA H 284 -7.86 -40.26 -18.35
C ALA H 284 -8.32 -38.85 -18.74
N ARG H 285 -8.49 -37.99 -17.73
CA ARG H 285 -8.97 -36.62 -17.95
C ARG H 285 -7.82 -35.61 -17.96
N ARG H 286 -7.99 -34.50 -18.66
CA ARG H 286 -7.00 -33.42 -18.70
C ARG H 286 -5.59 -33.86 -19.16
N VAL H 287 -5.54 -34.56 -20.29
CA VAL H 287 -4.27 -34.94 -20.89
C VAL H 287 -3.72 -33.76 -21.68
N LYS H 288 -2.41 -33.51 -21.56
CA LYS H 288 -1.75 -32.44 -22.31
C LYS H 288 -2.24 -32.43 -23.76
N LYS H 289 -2.44 -31.24 -24.30
CA LYS H 289 -2.83 -31.11 -25.70
C LYS H 289 -1.77 -31.74 -26.61
N SER H 290 -0.50 -31.56 -26.23
CA SER H 290 0.62 -32.16 -26.94
C SER H 290 0.56 -33.69 -26.90
N ASP H 291 0.08 -34.24 -25.79
CA ASP H 291 -0.09 -35.70 -25.60
C ASP H 291 -1.29 -36.23 -26.38
N MET H 292 -2.12 -35.32 -26.87
CA MET H 292 -3.33 -35.67 -27.59
C MET H 292 -3.02 -35.89 -29.06
N GLU H 293 -2.12 -35.05 -29.58
CA GLU H 293 -1.64 -35.17 -30.96
C GLU H 293 -0.68 -36.34 -31.10
N LYS H 294 0.12 -36.57 -30.06
CA LYS H 294 1.01 -37.72 -29.98
C LYS H 294 0.20 -38.99 -30.14
N LEU H 295 -0.95 -39.03 -29.48
CA LEU H 295 -1.85 -40.18 -29.50
C LEU H 295 -2.64 -40.23 -30.81
N ALA H 296 -2.99 -39.06 -31.34
CA ALA H 296 -3.68 -38.98 -32.62
C ALA H 296 -2.88 -39.72 -33.70
N LYS H 297 -1.58 -39.48 -33.73
CA LYS H 297 -0.74 -40.00 -34.81
C LYS H 297 -0.23 -41.44 -34.62
N ALA H 298 0.20 -41.78 -33.40
CA ALA H 298 0.85 -43.08 -33.13
C ALA H 298 -0.05 -44.31 -33.19
N THR H 299 -1.30 -44.14 -32.76
CA THR H 299 -2.26 -45.24 -32.76
C THR H 299 -3.00 -45.34 -34.11
N GLY H 300 -3.22 -44.18 -34.74
CA GLY H 300 -4.02 -44.06 -35.94
C GLY H 300 -5.43 -43.64 -35.58
N ALA H 301 -5.56 -42.70 -34.66
CA ALA H 301 -6.85 -42.27 -34.14
C ALA H 301 -7.32 -40.94 -34.73
N ASN H 302 -8.34 -40.35 -34.13
CA ASN H 302 -8.91 -39.07 -34.59
C ASN H 302 -9.40 -38.19 -33.43
N VAL H 303 -8.98 -36.93 -33.42
CA VAL H 303 -9.37 -35.98 -32.36
C VAL H 303 -10.78 -35.41 -32.56
N ILE H 304 -11.73 -35.94 -31.81
CA ILE H 304 -13.14 -35.57 -31.94
C ILE H 304 -13.58 -34.52 -30.90
N THR H 305 -14.14 -33.40 -31.38
CA THR H 305 -14.68 -32.32 -30.54
C THR H 305 -16.16 -32.55 -30.18
N ASN H 306 -16.90 -33.15 -31.11
CA ASN H 306 -18.31 -33.48 -30.91
C ASN H 306 -18.51 -34.95 -30.52
N ILE H 307 -18.89 -35.19 -29.27
CA ILE H 307 -19.06 -36.57 -28.76
C ILE H 307 -20.13 -37.37 -29.51
N LYS H 308 -21.08 -36.65 -30.11
CA LYS H 308 -22.12 -37.24 -30.93
C LYS H 308 -21.53 -37.79 -32.23
N ASP H 309 -20.62 -37.02 -32.82
CA ASP H 309 -20.00 -37.39 -34.09
C ASP H 309 -18.86 -38.39 -33.90
N LEU H 310 -18.90 -39.12 -32.79
CA LEU H 310 -17.90 -40.12 -32.54
C LEU H 310 -18.20 -41.36 -33.39
N SER H 311 -17.61 -41.39 -34.58
CA SER H 311 -17.71 -42.55 -35.47
C SER H 311 -16.97 -43.77 -34.86
N ALA H 312 -17.15 -44.94 -35.47
CA ALA H 312 -16.48 -46.16 -35.01
C ALA H 312 -15.14 -46.39 -35.73
N GLN H 313 -14.74 -45.42 -36.56
CA GLN H 313 -13.44 -45.43 -37.22
C GLN H 313 -12.54 -44.25 -36.80
N ASP H 314 -12.99 -43.47 -35.81
CA ASP H 314 -12.18 -42.41 -35.20
C ASP H 314 -11.39 -42.96 -34.01
N LEU H 315 -11.35 -44.29 -33.90
CA LEU H 315 -10.62 -44.99 -32.85
C LEU H 315 -9.28 -45.47 -33.36
N GLY H 316 -8.23 -45.27 -32.57
CA GLY H 316 -6.92 -45.79 -32.93
C GLY H 316 -6.77 -47.27 -32.62
N ASP H 317 -5.54 -47.77 -32.67
CA ASP H 317 -5.26 -49.17 -32.32
C ASP H 317 -3.86 -49.38 -31.73
N ALA H 318 -3.84 -49.82 -30.48
CA ALA H 318 -2.61 -50.22 -29.79
C ALA H 318 -2.76 -51.62 -29.19
N GLY H 319 -1.76 -52.47 -29.38
CA GLY H 319 -1.78 -53.84 -28.88
C GLY H 319 -1.57 -54.01 -27.37
N LEU H 320 -1.65 -52.90 -26.64
CA LEU H 320 -1.59 -52.88 -25.18
C LEU H 320 -1.78 -51.46 -24.68
N VAL H 321 -2.67 -51.27 -23.71
CA VAL H 321 -2.77 -50.00 -22.98
C VAL H 321 -2.74 -50.33 -21.48
N GLU H 322 -1.68 -49.94 -20.79
CA GLU H 322 -1.52 -50.35 -19.42
C GLU H 322 -1.04 -49.24 -18.48
N GLU H 323 -1.54 -49.24 -17.26
CA GLU H 323 -1.01 -48.37 -16.21
C GLU H 323 0.09 -49.09 -15.42
N ARG H 324 1.32 -48.61 -15.53
CA ARG H 324 2.47 -49.15 -14.82
C ARG H 324 3.03 -48.13 -13.85
N LYS H 325 3.70 -48.61 -12.81
CA LYS H 325 4.61 -47.79 -12.04
C LYS H 325 6.02 -48.05 -12.54
N ILE H 326 6.64 -47.02 -13.11
CA ILE H 326 8.00 -47.14 -13.62
C ILE H 326 8.84 -46.01 -13.01
N SER H 327 9.80 -46.40 -12.17
CA SER H 327 10.65 -45.45 -11.44
C SER H 327 9.85 -44.63 -10.43
N GLY H 328 8.92 -45.30 -9.74
CA GLY H 328 8.10 -44.65 -8.73
C GLY H 328 6.78 -44.14 -9.25
N ASP H 329 6.84 -43.20 -10.19
CA ASP H 329 5.65 -42.58 -10.82
C ASP H 329 4.84 -43.62 -11.61
N SER H 330 3.51 -43.46 -11.63
CA SER H 330 2.66 -44.38 -12.38
C SER H 330 2.09 -43.73 -13.65
N MET H 331 2.41 -44.31 -14.81
CA MET H 331 1.99 -43.76 -16.10
C MET H 331 1.20 -44.75 -16.98
N ILE H 332 0.53 -44.23 -18.00
CA ILE H 332 -0.27 -45.03 -18.92
C ILE H 332 0.44 -45.32 -20.24
N PHE H 333 0.99 -46.52 -20.35
CA PHE H 333 1.71 -46.94 -21.55
C PHE H 333 0.71 -47.34 -22.65
N VAL H 334 0.88 -46.79 -23.85
CA VAL H 334 0.06 -47.14 -25.00
C VAL H 334 0.96 -47.76 -26.08
N GLU H 335 1.57 -48.87 -25.74
CA GLU H 335 2.69 -49.40 -26.51
C GLU H 335 2.26 -50.35 -27.63
N GLU H 336 3.25 -51.01 -28.22
CA GLU H 336 3.06 -52.04 -29.24
C GLU H 336 1.99 -51.67 -30.28
N CYS H 337 2.06 -50.46 -30.82
CA CYS H 337 1.13 -50.03 -31.88
C CYS H 337 1.45 -50.71 -33.22
N LYS H 338 0.53 -50.54 -34.18
CA LYS H 338 0.65 -51.18 -35.49
C LYS H 338 1.46 -50.34 -36.48
N HIS H 339 0.94 -49.15 -36.79
CA HIS H 339 1.58 -48.27 -37.77
C HIS H 339 1.84 -46.90 -37.15
N PRO H 340 2.92 -46.80 -36.36
CA PRO H 340 3.24 -45.56 -35.65
C PRO H 340 3.77 -44.46 -36.56
N LYS H 341 3.14 -43.30 -36.44
CA LYS H 341 3.62 -42.07 -37.03
C LYS H 341 4.08 -41.17 -35.88
N ALA H 342 4.04 -41.73 -34.67
CA ALA H 342 4.73 -41.19 -33.51
C ALA H 342 5.36 -42.36 -32.75
N VAL H 343 6.49 -42.09 -32.10
CA VAL H 343 7.27 -43.12 -31.46
C VAL H 343 7.86 -42.52 -30.18
N THR H 344 8.10 -43.35 -29.18
CA THR H 344 8.73 -42.88 -27.94
C THR H 344 10.07 -43.57 -27.68
N MET H 345 11.09 -42.78 -27.40
CA MET H 345 12.35 -43.33 -26.95
C MET H 345 12.36 -43.29 -25.44
N LEU H 346 12.28 -44.45 -24.80
CA LEU H 346 12.34 -44.46 -23.36
C LEU H 346 13.81 -44.54 -22.96
N ILE H 347 14.32 -43.43 -22.44
CA ILE H 347 15.71 -43.42 -22.00
C ILE H 347 15.77 -43.75 -20.51
N ARG H 348 16.78 -44.52 -20.11
CA ARG H 348 16.94 -44.91 -18.71
C ARG H 348 18.41 -44.95 -18.25
N GLY H 349 18.67 -44.64 -16.99
CA GLY H 349 20.01 -44.65 -16.47
C GLY H 349 19.94 -44.45 -14.99
N THR H 350 20.98 -44.85 -14.25
CA THR H 350 20.88 -44.86 -12.78
C THR H 350 20.51 -43.51 -12.14
N THR H 351 21.35 -42.48 -12.35
CA THR H 351 21.04 -41.14 -11.81
C THR H 351 20.45 -40.20 -12.87
N GLU H 352 20.16 -38.98 -12.48
CA GLU H 352 19.42 -38.08 -13.37
C GLU H 352 20.24 -37.41 -14.46
N HIS H 353 21.43 -36.93 -14.13
CA HIS H 353 22.29 -36.27 -15.12
C HIS H 353 22.96 -37.30 -16.02
N VAL H 354 23.07 -38.54 -15.52
CA VAL H 354 23.51 -39.67 -16.32
C VAL H 354 22.50 -39.91 -17.45
N ILE H 355 21.22 -39.90 -17.08
CA ILE H 355 20.11 -40.01 -18.02
C ILE H 355 20.05 -38.82 -18.98
N GLU H 356 20.28 -37.63 -18.45
CA GLU H 356 20.06 -36.41 -19.21
C GLU H 356 21.07 -36.24 -20.34
N GLU H 357 22.28 -36.77 -20.14
CA GLU H 357 23.32 -36.69 -21.17
C GLU H 357 23.28 -37.85 -22.21
N VAL H 358 22.73 -38.99 -21.79
CA VAL H 358 22.45 -40.07 -22.72
C VAL H 358 21.40 -39.53 -23.69
N ALA H 359 20.55 -38.68 -23.15
CA ALA H 359 19.44 -38.14 -23.90
C ALA H 359 19.96 -37.17 -24.98
N ARG H 360 20.89 -36.28 -24.59
CA ARG H 360 21.48 -35.32 -25.54
C ARG H 360 22.25 -36.06 -26.61
N ALA H 361 22.70 -37.27 -26.28
CA ALA H 361 23.39 -38.12 -27.24
C ALA H 361 22.40 -38.68 -28.26
N VAL H 362 21.24 -39.11 -27.76
CA VAL H 362 20.19 -39.60 -28.62
C VAL H 362 19.65 -38.52 -29.58
N ASP H 363 19.65 -37.27 -29.14
CA ASP H 363 19.16 -36.17 -29.96
C ASP H 363 20.07 -35.91 -31.13
N ASP H 364 21.35 -36.13 -30.92
CA ASP H 364 22.36 -35.89 -31.94
C ASP H 364 22.29 -36.99 -32.99
N ALA H 365 22.16 -38.21 -32.48
CA ALA H 365 21.91 -39.37 -33.35
C ALA H 365 20.69 -39.10 -34.22
N VAL H 366 19.54 -38.93 -33.59
CA VAL H 366 18.28 -38.67 -34.31
C VAL H 366 18.40 -37.55 -35.35
N GLY H 367 19.38 -36.69 -35.16
CA GLY H 367 19.55 -35.58 -36.07
C GLY H 367 20.27 -36.07 -37.31
N VAL H 368 21.44 -36.67 -37.09
CA VAL H 368 22.30 -37.10 -38.20
C VAL H 368 21.68 -38.25 -39.00
N VAL H 369 20.91 -39.09 -38.33
CA VAL H 369 20.11 -40.11 -39.00
C VAL H 369 19.00 -39.48 -39.87
N GLY H 370 18.17 -38.64 -39.27
CA GLY H 370 17.19 -37.87 -40.03
C GLY H 370 17.85 -37.12 -41.17
N CYS H 371 19.11 -36.73 -40.99
CA CYS H 371 19.84 -35.96 -41.99
C CYS H 371 20.28 -36.78 -43.19
N THR H 372 20.56 -38.07 -42.98
CA THR H 372 21.01 -38.92 -44.07
C THR H 372 19.83 -39.31 -44.93
N ILE H 373 18.83 -39.91 -44.27
CA ILE H 373 17.53 -40.15 -44.88
C ILE H 373 17.08 -38.97 -45.77
N GLU H 374 17.01 -37.78 -45.18
CA GLU H 374 16.61 -36.57 -45.89
C GLU H 374 17.54 -36.27 -47.08
N ASP H 375 18.83 -36.14 -46.78
CA ASP H 375 19.83 -35.77 -47.78
C ASP H 375 20.12 -36.86 -48.80
N GLY H 376 20.57 -38.00 -48.29
CA GLY H 376 20.99 -39.09 -49.15
C GLY H 376 22.49 -39.16 -49.34
N ARG H 377 23.21 -38.06 -49.08
CA ARG H 377 24.68 -38.05 -49.24
C ARG H 377 25.38 -37.99 -47.87
N ILE H 378 26.58 -38.57 -47.80
CA ILE H 378 27.36 -38.57 -46.56
C ILE H 378 28.85 -38.46 -46.85
N VAL H 379 29.65 -38.22 -45.81
CA VAL H 379 31.10 -38.20 -45.95
C VAL H 379 31.78 -38.93 -44.81
N SER H 380 33.11 -38.90 -44.82
CA SER H 380 33.95 -39.66 -43.89
C SER H 380 34.49 -38.82 -42.75
N GLY H 381 34.17 -39.21 -41.52
CA GLY H 381 34.57 -38.43 -40.36
C GLY H 381 36.05 -38.51 -40.05
N GLY H 382 36.38 -38.35 -38.77
CA GLY H 382 37.76 -38.44 -38.30
C GLY H 382 38.64 -37.26 -38.69
N GLY H 383 38.01 -36.24 -39.25
CA GLY H 383 38.73 -35.08 -39.74
C GLY H 383 39.16 -35.34 -41.16
N SER H 384 38.63 -36.42 -41.73
CA SER H 384 39.02 -36.88 -43.07
C SER H 384 38.72 -35.85 -44.19
N THR H 385 37.44 -35.61 -44.44
CA THR H 385 37.05 -34.66 -45.49
C THR H 385 37.42 -33.21 -45.17
N GLU H 386 38.13 -32.97 -44.07
CA GLU H 386 38.65 -31.63 -43.77
C GLU H 386 40.04 -31.50 -44.36
N VAL H 387 40.79 -32.58 -44.29
CA VAL H 387 42.12 -32.59 -44.88
C VAL H 387 42.00 -32.69 -46.39
N GLU H 388 41.05 -33.50 -46.85
CA GLU H 388 40.73 -33.49 -48.26
C GLU H 388 40.34 -32.06 -48.64
N LEU H 389 39.18 -31.63 -48.15
CA LEU H 389 38.63 -30.33 -48.46
C LEU H 389 39.64 -29.17 -48.36
N SER H 390 40.74 -29.40 -47.65
CA SER H 390 41.69 -28.32 -47.36
C SER H 390 42.78 -28.29 -48.40
N MET H 391 43.19 -29.45 -48.87
CA MET H 391 44.26 -29.49 -49.87
C MET H 391 43.69 -29.07 -51.21
N LYS H 392 42.48 -29.56 -51.51
CA LYS H 392 41.78 -29.15 -52.72
C LYS H 392 41.62 -27.63 -52.76
N LEU H 393 41.15 -27.06 -51.66
CA LEU H 393 41.05 -25.61 -51.53
C LEU H 393 42.40 -24.91 -51.68
N ARG H 394 43.47 -25.62 -51.37
CA ARG H 394 44.79 -24.99 -51.38
C ARG H 394 45.28 -24.85 -52.80
N GLU H 395 44.95 -25.81 -53.65
CA GLU H 395 45.31 -25.71 -55.06
C GLU H 395 44.39 -24.72 -55.77
N TYR H 396 43.09 -24.79 -55.50
CA TYR H 396 42.16 -23.78 -56.04
C TYR H 396 42.71 -22.38 -55.75
N ALA H 397 43.56 -22.32 -54.72
CA ALA H 397 44.09 -21.08 -54.18
C ALA H 397 45.17 -20.50 -55.05
N GLU H 398 45.87 -21.35 -55.80
CA GLU H 398 46.93 -20.86 -56.69
C GLU H 398 46.35 -20.20 -57.94
N GLY H 399 45.26 -20.76 -58.43
CA GLY H 399 44.54 -20.19 -59.56
C GLY H 399 43.89 -18.87 -59.20
N ILE H 400 44.44 -18.18 -58.20
CA ILE H 400 43.91 -16.91 -57.75
C ILE H 400 45.00 -15.87 -57.76
N SER H 401 44.76 -14.81 -58.54
CA SER H 401 45.67 -13.67 -58.63
C SER H 401 45.23 -12.61 -57.65
N GLY H 402 46.21 -12.00 -56.98
CA GLY H 402 45.92 -10.90 -56.07
C GLY H 402 46.14 -11.33 -54.64
N ARG H 403 45.95 -10.41 -53.70
CA ARG H 403 46.09 -10.74 -52.29
C ARG H 403 45.08 -11.76 -51.90
N GLU H 404 43.85 -11.61 -52.39
CA GLU H 404 42.74 -12.45 -51.96
C GLU H 404 43.13 -13.93 -51.97
N GLN H 405 44.28 -14.20 -52.57
CA GLN H 405 44.84 -15.55 -52.52
C GLN H 405 45.24 -15.97 -51.10
N LEU H 406 45.96 -15.10 -50.39
CA LEU H 406 46.36 -15.35 -49.01
C LEU H 406 45.16 -15.73 -48.18
N ALA H 407 44.09 -14.98 -48.33
CA ALA H 407 42.83 -15.29 -47.67
C ALA H 407 42.46 -16.75 -47.91
N VAL H 408 42.39 -17.13 -49.18
CA VAL H 408 41.94 -18.48 -49.57
C VAL H 408 42.84 -19.59 -49.02
N ARG H 409 44.15 -19.36 -48.94
CA ARG H 409 45.02 -20.36 -48.33
C ARG H 409 44.72 -20.43 -46.85
N ALA H 410 44.55 -19.27 -46.21
CA ALA H 410 44.22 -19.20 -44.79
C ALA H 410 42.90 -19.92 -44.49
N PHE H 411 41.94 -19.78 -45.40
CA PHE H 411 40.67 -20.48 -45.24
C PHE H 411 40.87 -21.98 -45.37
N ALA H 412 41.81 -22.37 -46.22
CA ALA H 412 42.13 -23.77 -46.44
C ALA H 412 42.86 -24.37 -45.23
N ASP H 413 43.83 -23.63 -44.70
CA ASP H 413 44.57 -24.01 -43.50
C ASP H 413 43.68 -24.04 -42.25
N ALA H 414 42.68 -23.16 -42.24
CA ALA H 414 41.71 -23.13 -41.16
C ALA H 414 41.10 -24.52 -40.90
N LEU H 415 40.61 -25.15 -41.98
CA LEU H 415 39.85 -26.41 -41.83
C LEU H 415 40.65 -27.54 -41.17
N GLU H 416 41.97 -27.39 -41.15
CA GLU H 416 42.81 -28.43 -40.59
C GLU H 416 42.76 -28.38 -39.08
N VAL H 417 41.88 -27.54 -38.54
CA VAL H 417 41.82 -27.38 -37.10
C VAL H 417 41.07 -28.55 -36.50
N ILE H 418 40.21 -29.17 -37.30
CA ILE H 418 39.44 -30.32 -36.84
C ILE H 418 40.28 -31.59 -36.72
N PRO H 419 41.09 -31.87 -37.73
CA PRO H 419 42.00 -33.01 -37.55
C PRO H 419 42.90 -32.66 -36.39
N ARG H 420 43.36 -31.42 -36.34
CA ARG H 420 44.36 -31.06 -35.35
C ARG H 420 43.89 -31.22 -33.91
N THR H 421 42.76 -30.61 -33.57
CA THR H 421 42.28 -30.73 -32.20
C THR H 421 41.80 -32.16 -31.85
N LEU H 422 41.32 -32.92 -32.86
CA LEU H 422 40.94 -34.29 -32.57
C LEU H 422 42.14 -35.08 -32.07
N ALA H 423 43.31 -34.83 -32.69
CA ALA H 423 44.56 -35.43 -32.25
C ALA H 423 44.94 -35.00 -30.83
N GLU H 424 44.83 -33.70 -30.58
CA GLU H 424 45.25 -33.09 -29.33
C GLU H 424 44.65 -33.79 -28.13
N ASN H 425 43.33 -33.79 -28.10
CA ASN H 425 42.56 -34.37 -27.02
C ASN H 425 42.86 -35.85 -26.83
N ALA H 426 43.10 -36.55 -27.94
CA ALA H 426 43.44 -37.96 -27.86
C ALA H 426 44.79 -38.12 -27.15
N GLY H 427 45.60 -37.07 -27.26
CA GLY H 427 46.89 -37.05 -26.61
C GLY H 427 48.01 -37.17 -27.60
N LEU H 428 47.66 -37.48 -28.85
CA LEU H 428 48.67 -37.71 -29.87
C LEU H 428 49.33 -36.40 -30.28
N ASP H 429 50.42 -36.53 -31.03
CA ASP H 429 51.21 -35.41 -31.50
C ASP H 429 50.55 -34.81 -32.75
N ALA H 430 49.81 -33.72 -32.54
CA ALA H 430 48.99 -33.13 -33.57
C ALA H 430 49.75 -32.89 -34.86
N ILE H 431 51.00 -32.44 -34.75
CA ILE H 431 51.76 -31.95 -35.90
C ILE H 431 52.16 -33.06 -36.87
N GLU H 432 52.65 -34.17 -36.31
CA GLU H 432 53.03 -35.34 -37.10
C GLU H 432 51.81 -35.90 -37.81
N ILE H 433 50.88 -36.37 -37.00
CA ILE H 433 49.63 -36.93 -37.47
C ILE H 433 49.02 -36.14 -38.62
N LEU H 434 49.17 -34.83 -38.55
CA LEU H 434 48.63 -33.98 -39.58
C LEU H 434 49.42 -34.17 -40.85
N VAL H 435 50.72 -34.43 -40.74
CA VAL H 435 51.51 -34.68 -41.93
C VAL H 435 51.18 -36.01 -42.58
N LYS H 436 51.06 -37.06 -41.76
CA LYS H 436 50.69 -38.38 -42.27
C LYS H 436 49.40 -38.28 -43.06
N VAL H 437 48.36 -37.78 -42.39
CA VAL H 437 47.07 -37.67 -43.00
C VAL H 437 47.07 -36.75 -44.23
N ARG H 438 48.07 -35.87 -44.34
CA ARG H 438 48.14 -34.96 -45.49
C ARG H 438 48.87 -35.57 -46.68
N ALA H 439 49.75 -36.53 -46.40
CA ALA H 439 50.41 -37.28 -47.46
C ALA H 439 49.44 -38.27 -48.10
N ALA H 440 48.64 -38.91 -47.26
CA ALA H 440 47.66 -39.90 -47.70
C ALA H 440 46.50 -39.31 -48.49
N HIS H 441 46.57 -38.01 -48.80
CA HIS H 441 45.55 -37.36 -49.62
C HIS H 441 46.09 -36.80 -50.92
N ALA H 442 47.31 -37.20 -51.26
CA ALA H 442 48.05 -36.57 -52.36
C ALA H 442 47.55 -36.92 -53.77
N SER H 443 46.34 -36.45 -54.10
CA SER H 443 45.72 -36.65 -55.43
C SER H 443 45.34 -38.11 -55.77
N ASN H 444 45.99 -39.07 -55.12
CA ASN H 444 45.58 -40.47 -55.24
C ASN H 444 44.35 -40.73 -54.36
N GLY H 445 44.46 -41.69 -53.46
CA GLY H 445 43.49 -41.81 -52.39
C GLY H 445 43.88 -40.81 -51.32
N ASN H 446 43.14 -40.78 -50.21
CA ASN H 446 42.01 -41.69 -50.01
C ASN H 446 40.66 -40.95 -50.03
N LYS H 447 40.68 -39.67 -49.62
CA LYS H 447 39.46 -38.83 -49.36
C LYS H 447 38.71 -39.30 -48.12
N CYS H 448 39.15 -40.46 -47.64
CA CYS H 448 38.56 -41.20 -46.55
C CYS H 448 39.69 -41.55 -45.59
N ALA H 449 40.85 -40.96 -45.83
CA ALA H 449 42.02 -41.24 -44.99
C ALA H 449 42.08 -40.30 -43.79
N GLY H 450 41.75 -40.83 -42.60
CA GLY H 450 41.71 -40.00 -41.41
C GLY H 450 42.35 -40.60 -40.17
N LEU H 451 42.54 -39.78 -39.14
CA LEU H 451 43.14 -40.28 -37.91
C LEU H 451 42.14 -41.00 -37.02
N ASN H 452 42.40 -42.27 -36.75
CA ASN H 452 41.64 -42.99 -35.73
C ASN H 452 42.32 -42.76 -34.39
N VAL H 453 41.60 -42.11 -33.47
CA VAL H 453 42.15 -41.74 -32.17
C VAL H 453 42.34 -42.92 -31.19
N PHE H 454 41.84 -44.07 -31.57
CA PHE H 454 42.05 -45.28 -30.81
C PHE H 454 43.25 -46.00 -31.40
N THR H 455 43.16 -46.38 -32.68
CA THR H 455 44.32 -46.86 -33.39
C THR H 455 45.54 -46.05 -32.95
N GLY H 456 45.50 -44.74 -33.22
CA GLY H 456 46.64 -43.89 -33.03
C GLY H 456 47.25 -43.59 -34.39
N ALA H 457 46.98 -44.44 -35.38
CA ALA H 457 47.51 -44.25 -36.72
C ALA H 457 46.41 -43.98 -37.72
N VAL H 458 46.80 -43.46 -38.89
CA VAL H 458 45.83 -43.02 -39.88
C VAL H 458 45.25 -44.19 -40.65
N GLU H 459 43.92 -44.27 -40.71
CA GLU H 459 43.21 -45.42 -41.31
C GLU H 459 42.17 -45.01 -42.37
N ASP H 460 41.42 -45.99 -42.88
CA ASP H 460 40.41 -45.66 -43.88
C ASP H 460 39.06 -45.54 -43.19
N MET H 461 38.63 -44.29 -43.00
CA MET H 461 37.45 -44.00 -42.17
C MET H 461 36.13 -44.52 -42.75
N CYS H 462 36.00 -44.55 -44.07
CA CYS H 462 34.78 -45.09 -44.68
C CYS H 462 34.59 -46.57 -44.31
N GLU H 463 35.70 -47.30 -44.20
CA GLU H 463 35.67 -48.72 -43.88
C GLU H 463 35.58 -49.01 -42.38
N ASN H 464 36.13 -48.11 -41.58
CA ASN H 464 36.02 -48.24 -40.13
C ASN H 464 34.66 -47.78 -39.62
N GLY H 465 33.77 -47.43 -40.54
CA GLY H 465 32.41 -47.02 -40.19
C GLY H 465 32.28 -45.65 -39.52
N VAL H 466 33.15 -44.73 -39.90
CA VAL H 466 33.12 -43.38 -39.38
C VAL H 466 32.54 -42.44 -40.44
N VAL H 467 31.25 -42.16 -40.33
CA VAL H 467 30.55 -41.40 -41.37
C VAL H 467 29.61 -40.33 -40.81
N GLU H 468 29.39 -39.28 -41.60
CA GLU H 468 28.66 -38.09 -41.15
C GLU H 468 27.87 -37.53 -42.29
N PRO H 469 26.60 -37.20 -42.04
CA PRO H 469 25.76 -36.61 -43.10
C PRO H 469 26.55 -35.51 -43.81
N LEU H 470 26.20 -35.16 -45.04
CA LEU H 470 26.95 -34.09 -45.70
C LEU H 470 26.57 -32.79 -45.01
N ARG H 471 25.30 -32.72 -44.60
CA ARG H 471 24.77 -31.50 -43.98
C ARG H 471 25.62 -31.03 -42.80
N VAL H 472 26.36 -31.94 -42.16
CA VAL H 472 27.17 -31.51 -41.03
C VAL H 472 28.34 -30.63 -41.46
N LYS H 473 28.97 -30.96 -42.58
CA LYS H 473 30.16 -30.21 -43.00
C LYS H 473 29.83 -29.01 -43.86
N THR H 474 28.74 -29.10 -44.62
CA THR H 474 28.32 -27.95 -45.41
C THR H 474 27.76 -26.85 -44.52
N GLN H 475 26.72 -27.18 -43.75
CA GLN H 475 26.14 -26.22 -42.84
C GLN H 475 27.23 -25.64 -41.99
N ALA H 476 28.06 -26.48 -41.37
CA ALA H 476 29.11 -25.99 -40.47
C ALA H 476 30.10 -25.04 -41.15
N ILE H 477 30.60 -25.43 -42.32
CA ILE H 477 31.58 -24.62 -43.02
C ILE H 477 31.03 -23.30 -43.51
N GLN H 478 29.75 -23.26 -43.87
CA GLN H 478 29.20 -21.98 -44.31
C GLN H 478 28.74 -21.02 -43.22
N SER H 479 28.12 -21.52 -42.14
CA SER H 479 27.80 -20.64 -41.02
C SER H 479 29.06 -20.12 -40.31
N ALA H 480 30.14 -20.89 -40.39
CA ALA H 480 31.42 -20.44 -39.88
C ALA H 480 31.99 -19.36 -40.78
N ALA H 481 31.76 -19.51 -42.08
CA ALA H 481 32.26 -18.53 -43.03
C ALA H 481 31.46 -17.24 -42.93
N GLU H 482 30.13 -17.37 -43.00
CA GLU H 482 29.25 -16.20 -43.03
C GLU H 482 29.41 -15.31 -41.83
N SER H 483 29.43 -15.90 -40.64
CA SER H 483 29.55 -15.10 -39.44
C SER H 483 30.95 -14.44 -39.28
N THR H 484 32.03 -15.21 -39.41
CA THR H 484 33.35 -14.59 -39.28
C THR H 484 33.59 -13.54 -40.37
N GLU H 485 32.90 -13.70 -41.50
CA GLU H 485 33.00 -12.71 -42.56
C GLU H 485 32.46 -11.43 -42.05
N MET H 486 31.29 -11.50 -41.40
CA MET H 486 30.67 -10.28 -40.90
C MET H 486 31.46 -9.65 -39.75
N LEU H 487 32.10 -10.47 -38.94
CA LEU H 487 32.85 -9.94 -37.82
C LEU H 487 34.01 -9.09 -38.27
N LEU H 488 34.69 -9.59 -39.29
CA LEU H 488 35.91 -8.98 -39.80
C LEU H 488 35.65 -7.63 -40.43
N ARG H 489 34.41 -7.42 -40.85
CA ARG H 489 34.03 -6.17 -41.50
C ARG H 489 33.91 -5.06 -40.47
N ILE H 490 33.96 -5.44 -39.20
CA ILE H 490 33.75 -4.51 -38.11
C ILE H 490 35.03 -3.84 -37.63
N ASP H 491 34.98 -2.51 -37.52
CA ASP H 491 36.14 -1.72 -37.11
C ASP H 491 35.87 -0.77 -35.95
N ASP H 492 34.60 -0.57 -35.62
CA ASP H 492 34.25 0.28 -34.50
C ASP H 492 33.16 -0.44 -33.73
N VAL H 493 33.24 -0.37 -32.40
CA VAL H 493 32.21 -0.92 -31.49
C VAL H 493 31.73 0.15 -30.53
N ILE H 494 30.49 0.06 -30.09
CA ILE H 494 29.98 1.13 -29.24
C ILE H 494 29.23 0.59 -28.01
N ALA H 495 29.98 0.24 -26.95
CA ALA H 495 29.42 -0.43 -25.77
C ALA H 495 28.97 0.52 -24.68
N ALA H 496 27.75 0.30 -24.16
CA ALA H 496 27.20 1.19 -23.14
C ALA H 496 27.07 0.52 -21.76
N GLU H 497 26.65 1.33 -20.78
CA GLU H 497 26.29 0.84 -19.46
C GLU H 497 27.48 0.19 -18.75
MG MG I . 19.67 -50.27 6.85
PB ADP J . 23.23 -49.31 4.11
O1B ADP J . 22.16 -50.29 4.50
O2B ADP J . 24.48 -49.88 3.49
O3B ADP J . 22.74 -48.17 3.28
PA ADP J . 23.68 -49.63 6.89
O1A ADP J . 23.95 -48.88 8.17
O2A ADP J . 22.45 -50.51 6.78
O3A ADP J . 23.74 -48.72 5.55
O5' ADP J . 24.90 -50.63 6.65
C5' ADP J . 24.49 -51.96 6.29
C4' ADP J . 25.67 -52.90 6.09
O4' ADP J . 25.86 -53.67 7.25
C3' ADP J . 25.48 -53.90 4.96
O3' ADP J . 26.70 -53.95 4.20
C2' ADP J . 25.45 -55.26 5.56
O2' ADP J . 26.35 -55.97 4.70
C1' ADP J . 26.12 -55.04 6.90
N9 ADP J . 25.65 -55.95 7.96
C8 ADP J . 24.36 -56.19 8.29
N7 ADP J . 24.29 -57.08 9.32
C5 ADP J . 25.54 -57.39 9.64
C6 ADP J . 26.17 -58.27 10.62
N6 ADP J . 25.38 -58.97 11.46
N1 ADP J . 27.52 -58.33 10.63
C2 ADP J . 28.28 -57.63 9.79
N3 ADP J . 27.75 -56.82 8.86
C4 ADP J . 26.43 -56.66 8.75
S SO4 K . 20.82 -47.24 4.95
O1 SO4 K . 20.22 -47.17 3.62
O2 SO4 K . 20.97 -48.64 5.34
O3 SO4 K . 22.11 -46.56 4.97
O4 SO4 K . 19.92 -46.60 5.89
MG MG L . 3.55 -34.68 41.32
PB ADP M . 7.47 -36.22 39.71
O1B ADP M . 6.11 -36.49 40.28
O2B ADP M . 8.55 -37.25 39.98
O3B ADP M . 7.44 -35.86 38.26
PA ADP M . 7.45 -34.74 42.06
O1A ADP M . 7.81 -33.40 42.63
O2A ADP M . 6.02 -35.23 42.11
O3A ADP M . 7.94 -34.93 40.53
O5' ADP M . 8.32 -35.86 42.80
C5' ADP M . 7.59 -37.00 43.23
C4' ADP M . 8.42 -38.01 43.99
O4' ADP M . 8.19 -37.83 45.39
C3' ADP M . 8.06 -39.46 43.69
O3' ADP M . 9.26 -40.21 43.42
C2' ADP M . 7.59 -40.06 44.99
O2' ADP M . 8.33 -41.29 45.04
C1' ADP M . 8.12 -39.10 46.03
N9 ADP M . 7.29 -39.00 47.25
C8 ADP M . 5.96 -38.79 47.26
N7 ADP M . 5.53 -38.76 48.55
C5 ADP M . 6.57 -38.97 49.35
C6 ADP M . 6.79 -39.06 50.81
N6 ADP M . 5.76 -38.91 51.67
N1 ADP M . 8.05 -39.29 51.26
C2 ADP M . 9.08 -39.45 50.40
N3 ADP M . 8.93 -39.37 49.05
C4 ADP M . 7.74 -39.14 48.48
S SO4 N . 5.68 -33.90 38.41
O1 SO4 N . 5.29 -34.61 37.20
O2 SO4 N . 5.38 -34.65 39.62
O3 SO4 N . 7.10 -33.59 38.36
O4 SO4 N . 4.92 -32.67 38.43
MG MG O . -11.22 2.06 53.69
PB ADP P . -7.73 -0.75 54.33
O1B ADP P . -9.17 -0.34 54.56
O2B ADP P . -7.02 -1.51 55.42
O3B ADP P . -7.48 -1.42 53.02
PA ADP P . -7.56 1.88 55.24
O1A ADP P . -6.87 3.19 54.96
O2A ADP P . -9.07 1.74 55.23
O3A ADP P . -6.98 0.67 54.35
O5' ADP P . -7.12 1.42 56.70
C5' ADP P . -8.19 0.98 57.53
C4' ADP P . -7.77 0.59 58.93
O4' ADP P . -8.06 1.66 59.81
C3' ADP P . -8.51 -0.63 59.49
O3' ADP P . -7.51 -1.48 60.07
C2' ADP P . -9.28 -0.15 60.68
O2' ADP P . -8.95 -1.13 61.66
C1' ADP P . -8.58 1.14 61.03
N9 ADP P . -9.46 2.13 61.67
C8 ADP P . -10.65 2.51 61.21
N7 ADP P . -11.19 3.42 62.04
C5 ADP P . -10.34 3.62 63.06
C6 ADP P . -10.31 4.45 64.27
N6 ADP P . -11.34 5.28 64.55
N1 ADP P . -9.23 4.37 65.09
C2 ADP P . -8.21 3.55 64.79
N3 ADP P . -8.19 2.78 63.69
C4 ADP P . -9.20 2.76 62.79
S SO4 Q . -8.57 0.43 51.50
O1 SO4 Q . -9.04 -0.83 50.93
O2 SO4 Q . -9.20 0.67 52.80
O3 SO4 Q . -7.11 0.41 51.63
O4 SO4 Q . -8.93 1.49 50.58
MG MG R . -15.13 39.24 35.85
PB ADP S . -12.78 37.20 39.20
O1B ADP S . -14.05 37.93 38.77
O2B ADP S . -12.44 37.26 40.66
O3B ADP S . -12.66 35.79 38.70
PA ADP S . -11.89 39.65 38.17
O1A ADP S . -10.83 40.28 37.28
O2A ADP S . -13.36 39.82 37.90
O3A ADP S . -11.64 38.07 38.46
O5' ADP S . -11.75 40.24 39.66
C5' ADP S . -12.98 40.66 40.26
C4' ADP S . -12.77 41.29 41.62
O4' ADP S . -12.77 42.70 41.52
C3' ADP S . -13.89 40.96 42.60
O3' ADP S . -13.26 40.62 43.84
C2' ADP S . -14.57 42.24 42.97
O2' ADP S . -14.65 42.18 44.39
C1' ADP S . -13.51 43.26 42.61
N9 ADP S . -14.10 44.54 42.22
C8 ADP S . -15.07 44.70 41.31
N7 ADP S . -15.37 46.01 41.20
C5 ADP S . -14.59 46.69 42.03
C6 ADP S . -14.39 48.11 42.39
N6 ADP S . -15.15 49.06 41.78
N1 ADP S . -13.45 48.42 43.33
C2 ADP S . -12.70 47.47 43.91
N3 ADP S . -12.84 46.15 43.61
C4 ADP S . -13.74 45.72 42.71
S SO4 T . -13.01 36.22 36.08
O1 SO4 T . -13.78 35.01 36.33
O2 SO4 T . -13.60 37.43 36.67
O3 SO4 T . -11.66 36.06 36.58
O4 SO4 T . -12.95 36.45 34.66
MG MG U . -6.51 53.95 -1.93
PB ADP V . -5.09 54.34 2.43
O1B ADP V . -6.06 54.75 1.35
O2B ADP V . -4.86 55.33 3.55
O3B ADP V . -5.40 52.98 2.95
PA ADP V . -3.47 55.25 0.34
O1A ADP V . -2.20 54.94 -0.41
O2A ADP V . -4.79 55.42 -0.38
O3A ADP V . -3.70 54.29 1.61
O5' ADP V . -3.27 56.66 1.08
C5' ADP V . -4.35 57.61 0.93
C4' ADP V . -4.07 58.94 1.62
O4' ADP V . -3.64 59.89 0.66
C3' ADP V . -5.28 59.55 2.29
O3' ADP V . -4.89 59.98 3.61
C2' ADP V . -5.59 60.83 1.57
O2' ADP V . -5.82 61.77 2.61
C1' ADP V . -4.28 61.14 0.88
N9 ADP V . -4.42 61.88 -0.39
C8 ADP V . -5.20 61.53 -1.44
N7 ADP V . -5.07 62.41 -2.44
C5 ADP V . -4.20 63.34 -2.04
C6 ADP V . -3.64 64.57 -2.61
N6 ADP V . -4.01 64.96 -3.86
N1 ADP V . -2.76 65.28 -1.87
C2 ADP V . -2.39 64.90 -0.63
N3 ADP V . -2.89 63.80 -0.06
C4 ADP V . -3.77 63.00 -0.68
S SO4 W . -5.42 51.56 0.71
O1 SO4 W . -6.54 51.02 1.48
O2 SO4 W . -5.68 52.93 0.22
O3 SO4 W . -4.21 51.57 1.51
O4 SO4 W . -5.21 50.75 -0.46
MG MG X . 9.21 38.22 -37.12
PB ADP Y . 10.21 41.14 -33.81
O1B ADP Y . 9.50 40.88 -35.12
O2B ADP Y . 10.64 42.57 -33.55
O3B ADP Y . 9.49 40.58 -32.61
PA ADP Y . 12.27 40.20 -35.50
O1A ADP Y . 13.47 39.28 -35.55
O2A ADP Y . 11.12 40.07 -36.48
O3A ADP Y . 11.63 40.38 -34.02
O5' ADP Y . 12.78 41.67 -35.77
C5' ADP Y . 11.98 42.42 -36.70
C4' ADP Y . 12.53 43.81 -37.00
O4' ADP Y . 13.28 43.80 -38.21
C3' ADP Y . 11.45 44.88 -37.20
O3' ADP Y . 11.78 46.03 -36.42
C2' ADP Y . 11.60 45.39 -38.61
O2' ADP Y . 11.58 46.80 -38.43
C1' ADP Y . 13.00 44.98 -38.96
N9 ADP Y . 13.19 44.73 -40.40
C8 ADP Y . 12.42 43.92 -41.15
N7 ADP Y . 12.89 43.90 -42.43
C5 ADP Y . 13.94 44.70 -42.49
C6 ADP Y . 14.88 45.12 -43.53
N6 ADP Y . 14.73 44.66 -44.79
N1 ADP Y . 15.87 45.97 -43.19
C2 ADP Y . 16.02 46.45 -41.93
N3 ADP Y . 15.17 46.10 -40.94
C4 ADP Y . 14.16 45.25 -41.16
S SO4 Z . 9.33 38.06 -33.46
O1 SO4 Z . 8.04 38.36 -32.82
O2 SO4 Z . 9.46 38.77 -34.72
O3 SO4 Z . 10.41 38.42 -32.54
O4 SO4 Z . 9.40 36.64 -33.76
MG MG AA . 23.92 1.24 -49.63
PB ADP BA . 25.30 5.38 -48.60
O1B ADP BA . 24.67 4.41 -49.60
O2B ADP BA . 26.06 6.57 -49.14
O3B ADP BA . 24.33 5.83 -47.54
PA ADP BA . 27.20 3.32 -48.69
O1A ADP BA . 28.08 2.46 -47.80
O2A ADP BA . 26.15 2.75 -49.64
O3A ADP BA . 26.46 4.51 -47.88
O5' ADP BA . 28.17 4.15 -49.64
C5' ADP BA . 27.72 4.17 -51.00
C4' ADP BA . 28.66 4.96 -51.91
O4' ADP BA . 29.53 4.06 -52.58
C3' ADP BA . 27.94 5.75 -53.01
O3' ADP BA . 28.52 7.07 -53.04
C2' ADP BA . 28.36 5.19 -54.33
O2' ADP BA . 28.71 6.34 -55.10
C1' ADP BA . 29.64 4.45 -53.96
N9 ADP BA . 29.90 3.27 -54.83
C8 ADP BA . 29.02 2.29 -55.13
N7 ADP BA . 29.59 1.38 -55.94
C5 ADP BA . 30.85 1.77 -56.17
C6 ADP BA . 31.99 1.24 -56.94
N6 ADP BA . 31.84 0.10 -57.62
N1 ADP BA . 33.15 1.96 -56.93
C2 ADP BA . 33.29 3.11 -56.23
N3 ADP BA . 32.27 3.63 -55.51
C4 ADP BA . 31.06 3.03 -55.44
S SO4 CA . 23.50 3.55 -46.64
O1 SO4 CA . 22.27 4.35 -46.74
O2 SO4 CA . 23.98 3.24 -47.99
O3 SO4 CA . 24.54 4.24 -45.87
O4 SO4 CA . 23.24 2.29 -45.94
MG MG DA . 28.10 -35.77 -31.10
PB ADP EA . 30.56 -32.32 -32.76
O1B ADP EA . 29.80 -33.59 -33.02
O2B ADP EA . 31.64 -31.98 -33.78
O3B ADP EA . 29.70 -31.09 -32.52
PA ADP EA . 31.75 -34.15 -30.96
O1A ADP EA . 32.26 -34.29 -29.53
O2A ADP EA . 30.67 -35.04 -31.55
O3A ADP EA . 31.32 -32.63 -31.35
O5' ADP EA . 32.99 -34.42 -31.97
C5' ADP EA . 32.67 -35.24 -33.10
C4' ADP EA . 33.87 -35.45 -34.00
O4' ADP EA . 34.48 -36.68 -33.67
C3' ADP EA . 33.51 -35.52 -35.48
O3' ADP EA . 34.44 -34.71 -36.23
C2' ADP EA . 33.89 -36.89 -35.98
O2' ADP EA . 34.60 -36.64 -37.20
C1' ADP EA . 34.84 -37.35 -34.88
N9 ADP EA . 34.83 -38.82 -34.69
C8 ADP EA . 33.72 -39.57 -34.49
N7 ADP EA . 34.06 -40.88 -34.35
C5 ADP EA . 35.38 -40.96 -34.46
C6 ADP EA . 36.37 -42.06 -34.41
N6 ADP EA . 35.98 -43.33 -34.20
N1 ADP EA . 37.69 -41.72 -34.59
C2 ADP EA . 38.09 -40.46 -34.79
N3 ADP EA . 37.23 -39.43 -34.86
C4 ADP EA . 35.90 -39.61 -34.69
S SO4 FA . 28.13 -31.96 -30.54
O1 SO4 FA . 27.19 -31.26 -31.41
O2 SO4 FA . 28.62 -33.18 -31.17
O3 SO4 FA . 29.28 -31.12 -30.19
O4 SO4 FA . 27.44 -32.34 -29.31
#